data_7V61
#
_entry.id   7V61
#
_cell.length_a   1.00
_cell.length_b   1.00
_cell.length_c   1.00
_cell.angle_alpha   90.00
_cell.angle_beta   90.00
_cell.angle_gamma   90.00
#
_symmetry.space_group_name_H-M   'P 1'
#
loop_
_entity.id
_entity.type
_entity.pdbx_description
1 polymer 'Sodium-dependent neutral amino acid transporter B(0)AT1'
2 polymer 'Angiotensin-converting enzyme 2'
3 polymer 3E8
4 polymer 3E8
5 branched 2-acetamido-2-deoxy-beta-D-glucopyranose-(1-4)-2-acetamido-2-deoxy-beta-D-glucopyranose
6 non-polymer 2-acetamido-2-deoxy-beta-D-glucopyranose
7 non-polymer 'ZINC ION'
8 water water
#
loop_
_entity_poly.entity_id
_entity_poly.type
_entity_poly.pdbx_seq_one_letter_code
_entity_poly.pdbx_strand_id
1 'polypeptide(L)'
;MADYKDDDDKSGPDEVDASGRVRLVLPNPGLDARIPSLAELETIEQEEASSRPKWDNKAQYMLTCLGFCVGLGNVWRFPY
LCQSHGGGAFMIPFLILLVLEGIPLLYLEFAIGQRLRRGSLGVWSSIHPALKGLGLASMLTSFMVGLYYNTIISWIMWYL
FNSFQEPLPWSDCPLNENQTGYVDECARSSPVDYFWYRETLNISTSISDSGSIQWWMLLCLACAWSVLYMCTIRGIETTG
KAVYITSTLPYVVLTIFLIRGLTLKGATNGIVFLFTPNVTELAQPDTWLDAGAQVFFSFSLAFGGLISFSSYNSVHNNCE
KDSVIVSIINGFTSVYVAIVVYSVIGFRATQRYDDCFSTNILTLINGFDLPEGNVTQENFVDMQQRCNASDPAAYAQLVF
QTCDINAFLSEAVEGTGLAFIVFTEAITKMPLSPLWSVLFFIMLFCLGLSSMFGNMEGVVVPLQDLRVIPPKWPKEVLTG
LICLGTFLIGFIFTLNSGQYWLSLLDSYAGSIPLLIIAFCEMFSVVYVYGVDRFNKDIEFMIGHKPNIFWQVTWRVVSPL
LMLIIFLFFFVVEVSQELTYSIWDPGYEEFPKSQKISYPNWVYVVVVIVAGVPSLTIPGYAIYKLIRNHCQKPGDHQGLV
STLSTASMNGDLKY
;
A,C
2 'polypeptide(L)'
;MASGRSSSSWLLLSLVAVTAAWSHPQFEKQSTIEEQAKTFLDKFNHEAEDLFYQSSLASWNYNTNITEENVQNMNNAGDK
WSAFLKEQSTLAQMYPLQEIQNLTVKLQLQALQQNGSSVLSEDKSKRLNTILNTMSTIYSTGKVCNPDNPQECLLLEPGL
NEIMANSLDYNERLWAWESWRSEVGKQLRPLYEEYVVLKNEMARANHYEDYGDYWRGDYEVNGVDGYDYSRGQLIEDVEH
TFEEIKPLYEHLHAYVRAKLMNAYPSYISPIGCLPAHLLGDMWGRFWTNLYSLTVPFGQKPNIDVTDAMVDQAWDAQRIF
KEAEKFFVSVGLPNMTQGFWENSMLTDPGNVQKAVCHPTAWDLGKGDFRILMCTKVTMDDFLTAHHEMGHIQYDMAYAAQ
PFLLRNGANEGFHEAVGEIMSLSAATPKHLKSIGLLSPDFQEDNETEINFLLKQALTIVGTLPFTYMLEKWRWMVFKGEI
PKDQWMKKWWEMKREIVGVVEPVPHDETYCDPASLFHVSNDYSFIRYYTRTLYQFQFQEALCQAAKHEGPLHKCDISNST
EAGQKLFNMLRLGKSEPWTLALENVVGAKNMNVRPLLNYFEPLFTWLKDQNKNSFVGWSTDWSPYADQSIKVRISLKSAL
GDKAYEWNDNEMYLFRSSVAYAMRQYFLKVKNQMILFGEEDVRVANLKPRISFNFFVTAPKNVSDIIPRTEVEKAIRMSR
SRINDAFRLNDNSLEFLGIQPTLGPPNQPPVSIWLIVFGVVMGVIVVGIVILIFTGIRDRKKKNKARSGENPYASIDISK
GENNPGFQNTDDVQTSF
;
B,D
3 'polypeptide(L)'
;EVQLEESGAELVRPGASVKISCKAFGYTFTNHHINWMKQRPGQGLDWIGYVNPYNDYTKYSQNFKGKATLSVDRSSSTAY
MELSSLTSEDSAVYYCARWRDYDRDWYFDVWGAGTTVIVSSASTKGPSVFPLAPSSKSTSGGTAALGCLVKDYFPEPVTV
SWNSGALTSGVHTFPAVLQSSGLYSLSSVVTVPSSSLGTQTYICNVNHKPSNTKVDKKVEPKSCDKTHTCPPCPAPELLG
GPSVFLFPPKPKDTLMISRTPEVTCVVVDVSHEDPEVKFNWYVDGVEVHNAKTKPREEQYNSTYRVVSVLTVLHQDWLNG
KEYKCKVSNKALPAPIEKTISKAKGQPREPQVYTLPPSRDELTKNQVSLTCLVKGFYPSDIAVEWESNGQPENNYKTTPP
VLDSDGSFFLYSKLTVDKSRWQQGNVFSCSVMHEALHNHYTQKSLSLSPGK
;
H,I
4 'polypeptide(L)'
;DIVMTQSPATLSVTPGDRVSLSCRASQSIRDYLYWYQQKSHESPRLLIKYASQSISGIPSRFSGSGSGSDFTLSINSVEP
EDVGVYYCQNGHSFPYTFGGGTKLEIKRTVAAPSVFIFPPSDEQLKSGTASVVCLLNNFYPREAKVQWKVDNALQSGNSQ
ESVTEQDSKDSTYSLSSTLTLSKADYEKHKVYACEVTHQGLSSPVTKSFNRGEC
;
K,M
#
# COMPACT_ATOMS: atom_id res chain seq x y z
N VAL A 25 -45.91 94.33 22.00
CA VAL A 25 -46.31 94.64 23.37
C VAL A 25 -45.19 95.42 24.04
N LEU A 26 -43.94 95.03 23.80
CA LEU A 26 -42.81 95.84 24.25
C LEU A 26 -42.76 97.10 23.40
N PRO A 27 -42.59 98.26 24.01
CA PRO A 27 -42.70 99.52 23.25
C PRO A 27 -41.49 99.85 22.41
N ASN A 28 -41.41 99.30 21.20
CA ASN A 28 -40.40 99.73 20.24
C ASN A 28 -41.02 100.72 19.26
N PRO A 29 -40.40 101.88 19.04
CA PRO A 29 -40.98 102.84 18.08
C PRO A 29 -40.37 102.71 16.70
N GLY A 30 -41.04 103.28 15.70
CA GLY A 30 -40.51 103.27 14.35
C GLY A 30 -40.47 101.93 13.67
N LEU A 31 -41.45 101.07 13.95
CA LEU A 31 -41.50 99.77 13.28
C LEU A 31 -41.84 99.93 11.81
N ASP A 32 -42.83 100.78 11.50
CA ASP A 32 -43.06 101.16 10.12
C ASP A 32 -41.94 102.07 9.63
N ALA A 33 -41.82 102.18 8.30
CA ALA A 33 -40.71 102.80 7.59
C ALA A 33 -39.36 102.16 7.93
N ARG A 34 -39.40 100.89 8.35
CA ARG A 34 -38.22 100.05 8.47
C ARG A 34 -38.45 98.65 7.91
N ILE A 35 -39.70 98.19 7.85
CA ILE A 35 -40.08 96.93 7.22
C ILE A 35 -40.97 97.28 6.04
N PRO A 36 -41.16 96.38 5.05
CA PRO A 36 -42.16 96.66 4.01
C PRO A 36 -43.58 96.67 4.55
N SER A 37 -44.47 97.44 3.92
CA SER A 37 -45.85 97.56 4.36
C SER A 37 -46.74 96.62 3.56
N LEU A 38 -47.95 96.40 4.06
CA LEU A 38 -48.83 95.36 3.55
C LEU A 38 -49.41 95.70 2.19
N ALA A 39 -49.75 96.97 1.96
CA ALA A 39 -50.26 97.38 0.65
C ALA A 39 -49.15 97.48 -0.39
N GLU A 40 -47.89 97.49 0.04
CA GLU A 40 -46.74 97.61 -0.85
C GLU A 40 -46.21 96.24 -1.29
N LEU A 41 -46.68 95.17 -0.65
CA LEU A 41 -46.19 93.82 -0.91
C LEU A 41 -46.68 93.25 -2.22
N GLU A 42 -47.81 93.73 -2.75
CA GLU A 42 -48.27 93.26 -4.06
C GLU A 42 -47.51 93.87 -5.23
N THR A 43 -46.65 94.85 -4.96
CA THR A 43 -45.85 95.41 -6.03
C THR A 43 -44.37 95.04 -5.89
N ILE A 44 -43.99 94.43 -4.77
CA ILE A 44 -42.58 94.21 -4.47
C ILE A 44 -42.07 92.96 -5.17
N GLU A 45 -42.96 92.06 -5.57
CA GLU A 45 -42.50 90.81 -6.15
C GLU A 45 -42.34 90.92 -7.66
N GLN A 46 -42.96 91.93 -8.29
CA GLN A 46 -42.74 92.20 -9.69
C GLN A 46 -41.55 93.13 -9.89
N GLU A 47 -40.81 93.41 -8.82
CA GLU A 47 -39.52 94.07 -8.96
C GLU A 47 -38.37 93.31 -8.31
N GLU A 48 -38.63 92.35 -7.42
CA GLU A 48 -37.58 91.51 -6.87
C GLU A 48 -37.33 90.26 -7.71
N ALA A 49 -37.92 90.18 -8.90
CA ALA A 49 -37.53 89.15 -9.86
C ALA A 49 -36.09 89.36 -10.33
N SER A 50 -35.64 90.61 -10.37
CA SER A 50 -34.23 90.94 -10.46
C SER A 50 -33.70 91.23 -9.07
N SER A 51 -32.38 91.08 -8.92
CA SER A 51 -31.59 91.36 -7.71
C SER A 51 -31.99 90.48 -6.52
N ARG A 52 -32.73 89.39 -6.74
CA ARG A 52 -33.06 88.43 -5.71
C ARG A 52 -33.36 87.11 -6.41
N PRO A 53 -32.85 86.00 -5.90
CA PRO A 53 -33.10 84.70 -6.53
C PRO A 53 -34.52 84.21 -6.23
N LYS A 54 -34.92 83.18 -6.97
CA LYS A 54 -36.28 82.69 -6.90
C LYS A 54 -36.31 81.21 -7.23
N TRP A 55 -37.21 80.48 -6.58
CA TRP A 55 -37.37 79.07 -6.85
C TRP A 55 -38.00 78.85 -8.22
N ASP A 56 -37.73 77.69 -8.81
CA ASP A 56 -38.34 77.34 -10.07
C ASP A 56 -39.69 76.65 -9.87
N ASN A 57 -39.74 75.70 -8.96
CA ASN A 57 -40.95 74.94 -8.65
C ASN A 57 -41.28 75.10 -7.18
N LYS A 58 -42.38 74.48 -6.77
CA LYS A 58 -42.67 74.32 -5.35
C LYS A 58 -41.98 73.09 -4.79
N ALA A 59 -41.83 72.05 -5.60
CA ALA A 59 -41.13 70.85 -5.16
C ALA A 59 -39.63 71.08 -5.01
N GLN A 60 -39.08 72.09 -5.68
CA GLN A 60 -37.69 72.48 -5.47
C GLN A 60 -37.47 73.07 -4.07
N TYR A 61 -38.51 73.62 -3.47
CA TYR A 61 -38.42 74.19 -2.13
C TYR A 61 -38.69 73.17 -1.04
N MET A 62 -39.58 72.21 -1.28
CA MET A 62 -39.85 71.19 -0.29
C MET A 62 -38.73 70.15 -0.22
N LEU A 63 -38.06 69.88 -1.34
CA LEU A 63 -36.98 68.90 -1.35
C LEU A 63 -35.70 69.45 -0.73
N THR A 64 -35.48 70.76 -0.76
CA THR A 64 -34.33 71.35 -0.10
C THR A 64 -34.59 71.67 1.36
N CYS A 65 -35.83 71.55 1.82
CA CYS A 65 -36.15 71.69 3.23
C CYS A 65 -36.22 70.35 3.93
N LEU A 66 -36.58 69.27 3.22
CA LEU A 66 -36.49 67.94 3.78
C LEU A 66 -35.05 67.49 3.93
N GLY A 67 -34.19 67.89 2.98
CA GLY A 67 -32.78 67.56 3.08
C GLY A 67 -32.05 68.32 4.16
N PHE A 68 -32.59 69.44 4.61
CA PHE A 68 -32.01 70.21 5.70
C PHE A 68 -32.46 69.69 7.06
N CYS A 69 -33.60 69.00 7.14
CA CYS A 69 -34.01 68.39 8.38
C CYS A 69 -33.51 66.95 8.53
N VAL A 70 -33.55 66.16 7.46
CA VAL A 70 -33.14 64.77 7.52
C VAL A 70 -31.68 64.67 7.11
N GLY A 71 -30.79 64.46 8.07
CA GLY A 71 -29.45 64.03 7.74
C GLY A 71 -28.58 63.63 8.90
N LEU A 72 -28.05 62.40 8.86
CA LEU A 72 -26.99 61.87 9.71
C LEU A 72 -27.28 61.84 11.22
N GLY A 73 -28.48 62.24 11.63
CA GLY A 73 -28.84 62.20 13.04
C GLY A 73 -29.99 61.22 13.23
N ASN A 74 -30.63 60.90 12.12
CA ASN A 74 -31.62 59.83 12.12
C ASN A 74 -30.99 58.46 12.01
N VAL A 75 -29.68 58.39 11.76
CA VAL A 75 -29.00 57.12 11.54
C VAL A 75 -28.31 56.65 12.81
N TRP A 76 -27.48 57.50 13.42
CA TRP A 76 -26.70 57.07 14.58
C TRP A 76 -27.05 57.81 15.86
N ARG A 77 -28.08 58.65 15.85
CA ARG A 77 -28.40 59.37 17.08
C ARG A 77 -29.81 59.05 17.55
N PHE A 78 -30.78 59.05 16.64
CA PHE A 78 -32.15 58.77 17.04
C PHE A 78 -32.45 57.31 17.40
N PRO A 79 -32.05 56.27 16.64
CA PRO A 79 -32.42 54.91 17.07
C PRO A 79 -31.71 54.42 18.32
N TYR A 80 -30.60 55.04 18.71
CA TYR A 80 -30.03 54.72 20.02
C TYR A 80 -30.87 55.34 21.13
N LEU A 81 -31.26 56.61 20.97
CA LEU A 81 -32.09 57.27 21.97
C LEU A 81 -33.50 56.71 21.99
N CYS A 82 -33.96 56.09 20.90
CA CYS A 82 -35.30 55.51 20.90
C CYS A 82 -35.36 54.24 21.73
N GLN A 83 -34.23 53.55 21.86
CA GLN A 83 -34.17 52.31 22.63
C GLN A 83 -33.56 52.50 24.02
N SER A 84 -32.39 53.11 24.07
CA SER A 84 -31.70 53.35 25.34
C SER A 84 -32.57 54.08 26.36
N HIS A 85 -33.54 54.86 25.88
CA HIS A 85 -34.42 55.60 26.77
C HIS A 85 -35.81 55.00 26.76
N GLY A 86 -35.89 53.71 27.03
CA GLY A 86 -37.17 53.02 27.06
C GLY A 86 -37.89 53.14 25.74
N GLY A 87 -37.31 52.54 24.70
CA GLY A 87 -37.87 52.58 23.36
C GLY A 87 -39.32 52.16 23.36
N GLY A 88 -39.97 52.26 22.22
CA GLY A 88 -41.37 51.88 22.11
C GLY A 88 -42.23 52.88 22.85
N ALA A 89 -41.66 53.47 23.89
CA ALA A 89 -42.36 54.46 24.70
C ALA A 89 -41.76 55.83 24.41
N PHE A 90 -40.44 55.88 24.27
CA PHE A 90 -39.76 57.13 23.97
C PHE A 90 -40.45 57.77 22.77
N MET A 91 -41.12 56.94 22.00
CA MET A 91 -41.87 57.40 20.85
C MET A 91 -42.85 58.40 21.41
N ILE A 92 -43.60 57.98 22.43
CA ILE A 92 -44.56 58.85 23.07
C ILE A 92 -43.89 60.19 23.39
N PRO A 93 -42.92 60.21 24.29
CA PRO A 93 -42.25 61.47 24.64
C PRO A 93 -41.88 62.33 23.41
N PHE A 94 -41.12 61.73 22.50
CA PHE A 94 -40.66 62.40 21.29
C PHE A 94 -41.81 63.00 20.50
N LEU A 95 -42.96 62.33 20.52
CA LEU A 95 -44.12 62.81 19.78
C LEU A 95 -44.71 64.10 20.36
N ILE A 96 -45.21 64.03 21.59
CA ILE A 96 -45.78 65.18 22.25
C ILE A 96 -44.88 66.38 22.07
N LEU A 97 -43.69 66.32 22.68
CA LEU A 97 -42.73 67.42 22.54
C LEU A 97 -42.65 67.97 21.12
N LEU A 98 -42.95 67.12 20.13
CA LEU A 98 -42.92 67.54 18.73
C LEU A 98 -44.05 68.50 18.41
N VAL A 99 -45.28 68.01 18.41
CA VAL A 99 -46.43 68.86 18.12
C VAL A 99 -46.61 69.94 19.17
N LEU A 100 -45.50 70.39 19.77
CA LEU A 100 -45.56 71.42 20.80
C LEU A 100 -44.41 72.40 20.64
N GLU A 101 -43.20 71.89 20.41
CA GLU A 101 -42.05 72.77 20.22
C GLU A 101 -41.88 72.95 18.72
N GLY A 102 -41.48 71.85 18.10
CA GLY A 102 -41.26 71.70 16.68
C GLY A 102 -42.30 72.34 15.78
N ILE A 103 -43.55 71.86 15.82
CA ILE A 103 -44.55 72.43 14.93
C ILE A 103 -44.60 73.94 15.05
N PRO A 104 -45.06 74.46 16.19
CA PRO A 104 -45.12 75.92 16.39
C PRO A 104 -43.88 76.69 15.93
N LEU A 105 -42.67 76.24 16.29
CA LEU A 105 -41.44 76.92 15.91
C LEU A 105 -41.23 76.97 14.41
N LEU A 106 -41.29 75.80 13.78
CA LEU A 106 -41.13 75.70 12.35
C LEU A 106 -42.13 76.59 11.64
N TYR A 107 -43.37 76.59 12.10
CA TYR A 107 -44.39 77.42 11.45
C TYR A 107 -44.05 78.90 11.54
N LEU A 108 -43.68 79.34 12.73
CA LEU A 108 -43.33 80.74 12.94
C LEU A 108 -42.06 81.14 12.21
N GLU A 109 -41.24 80.17 11.83
CA GLU A 109 -40.00 80.48 11.11
C GLU A 109 -40.26 80.60 9.62
N PHE A 110 -41.21 79.81 9.14
CA PHE A 110 -41.59 79.83 7.74
C PHE A 110 -42.39 81.08 7.43
N ALA A 111 -43.18 81.54 8.38
CA ALA A 111 -44.01 82.72 8.16
C ALA A 111 -43.36 84.06 8.48
N ILE A 112 -42.10 84.05 8.91
CA ILE A 112 -41.42 85.31 9.23
C ILE A 112 -40.47 85.73 8.11
N GLY A 113 -40.04 84.77 7.31
CA GLY A 113 -39.12 85.01 6.21
C GLY A 113 -39.89 85.42 4.97
N GLN A 114 -41.09 84.85 4.82
CA GLN A 114 -41.93 85.18 3.67
C GLN A 114 -42.47 86.59 3.75
N ARG A 115 -42.61 87.14 4.96
CA ARG A 115 -43.20 88.45 5.17
C ARG A 115 -42.17 89.57 5.10
N LEU A 116 -41.07 89.45 5.84
CA LEU A 116 -40.10 90.53 5.93
C LEU A 116 -39.06 90.51 4.81
N ARG A 117 -39.06 89.46 3.99
CA ARG A 117 -38.36 89.42 2.70
C ARG A 117 -36.84 89.56 2.83
N ARG A 118 -36.28 89.12 3.95
CA ARG A 118 -34.84 89.21 4.17
C ARG A 118 -34.33 87.84 4.60
N GLY A 119 -33.03 87.77 4.88
CA GLY A 119 -32.40 86.56 5.34
C GLY A 119 -32.64 86.29 6.81
N SER A 120 -31.61 85.84 7.52
CA SER A 120 -31.76 85.64 8.95
C SER A 120 -31.35 86.87 9.75
N LEU A 121 -30.22 87.48 9.40
CA LEU A 121 -29.78 88.67 10.11
C LEU A 121 -30.57 89.91 9.71
N GLY A 122 -31.18 89.92 8.52
CA GLY A 122 -32.00 91.04 8.13
C GLY A 122 -33.37 91.08 8.76
N VAL A 123 -33.88 89.92 9.19
CA VAL A 123 -35.19 89.89 9.83
C VAL A 123 -35.12 90.43 11.26
N TRP A 124 -34.15 89.97 12.05
CA TRP A 124 -34.07 90.41 13.43
C TRP A 124 -33.46 91.79 13.58
N SER A 125 -32.81 92.31 12.55
CA SER A 125 -32.39 93.70 12.56
C SER A 125 -33.42 94.65 11.99
N SER A 126 -34.48 94.12 11.38
CA SER A 126 -35.58 94.99 10.93
C SER A 126 -36.52 95.30 12.08
N ILE A 127 -36.77 94.33 12.95
CA ILE A 127 -37.59 94.54 14.14
C ILE A 127 -36.64 94.81 15.32
N HIS A 128 -36.71 96.03 15.84
CA HIS A 128 -35.86 96.56 16.91
C HIS A 128 -34.37 96.40 16.61
N PRO A 129 -33.76 97.29 15.81
CA PRO A 129 -32.39 97.07 15.31
C PRO A 129 -31.30 97.03 16.37
N ALA A 130 -31.64 97.31 17.62
CA ALA A 130 -30.76 97.04 18.75
C ALA A 130 -30.72 95.57 19.13
N LEU A 131 -31.52 94.72 18.49
CA LEU A 131 -31.47 93.32 18.87
C LEU A 131 -30.29 92.64 18.18
N LYS A 132 -30.42 92.33 16.89
CA LYS A 132 -29.35 92.02 15.92
C LYS A 132 -28.40 90.87 16.30
N GLY A 133 -28.50 90.34 17.52
CA GLY A 133 -27.62 89.29 17.95
C GLY A 133 -28.11 87.92 17.55
N LEU A 134 -29.40 87.80 17.26
CA LEU A 134 -29.94 86.53 16.78
C LEU A 134 -29.43 86.21 15.38
N GLY A 135 -29.08 87.22 14.61
CA GLY A 135 -28.48 86.96 13.31
C GLY A 135 -27.02 86.59 13.41
N LEU A 136 -26.31 87.18 14.39
CA LEU A 136 -24.90 86.86 14.56
C LEU A 136 -24.70 85.60 15.38
N ALA A 137 -25.72 85.19 16.14
CA ALA A 137 -25.63 83.91 16.84
C ALA A 137 -25.97 82.75 15.93
N SER A 138 -26.80 83.01 14.92
CA SER A 138 -27.14 81.96 13.97
C SER A 138 -26.01 81.73 12.97
N MET A 139 -25.22 82.77 12.72
CA MET A 139 -24.10 82.63 11.80
C MET A 139 -22.93 81.91 12.46
N LEU A 140 -22.70 82.19 13.75
CA LEU A 140 -21.63 81.51 14.47
C LEU A 140 -21.99 80.05 14.74
N THR A 141 -23.28 79.75 14.86
CA THR A 141 -23.69 78.36 15.11
C THR A 141 -23.64 77.55 13.81
N SER A 142 -24.02 78.16 12.69
CA SER A 142 -23.95 77.48 11.40
C SER A 142 -22.52 77.30 10.92
N PHE A 143 -21.59 78.14 11.36
CA PHE A 143 -20.18 77.95 11.01
C PHE A 143 -19.57 76.77 11.74
N MET A 144 -19.93 76.56 13.00
CA MET A 144 -19.32 75.50 13.80
C MET A 144 -19.93 74.13 13.55
N VAL A 145 -21.21 74.05 13.23
CA VAL A 145 -21.81 72.75 12.92
C VAL A 145 -21.35 72.28 11.54
N GLY A 146 -21.33 73.19 10.56
CA GLY A 146 -20.86 72.84 9.24
C GLY A 146 -19.37 72.66 9.12
N LEU A 147 -18.60 73.05 10.14
CA LEU A 147 -17.16 72.80 10.13
C LEU A 147 -16.85 71.33 10.43
N TYR A 148 -17.52 70.75 11.42
CA TYR A 148 -17.23 69.36 11.75
C TYR A 148 -18.12 68.37 11.01
N TYR A 149 -19.27 68.79 10.51
CA TYR A 149 -20.04 67.90 9.64
C TYR A 149 -19.43 67.73 8.26
N ASN A 150 -18.48 68.57 7.86
CA ASN A 150 -17.75 68.33 6.63
C ASN A 150 -16.53 67.45 6.85
N THR A 151 -16.23 67.09 8.09
CA THR A 151 -15.21 66.10 8.37
C THR A 151 -15.80 64.70 8.49
N ILE A 152 -17.07 64.60 8.88
CA ILE A 152 -17.75 63.31 8.88
C ILE A 152 -17.98 62.83 7.45
N ILE A 153 -18.34 63.75 6.54
CA ILE A 153 -18.42 63.42 5.12
C ILE A 153 -17.04 63.16 4.53
N SER A 154 -15.99 63.74 5.12
CA SER A 154 -14.63 63.39 4.73
C SER A 154 -14.30 61.96 5.11
N TRP A 155 -14.80 61.49 6.26
CA TRP A 155 -14.59 60.11 6.65
C TRP A 155 -15.45 59.15 5.85
N ILE A 156 -16.62 59.60 5.42
CA ILE A 156 -17.56 58.72 4.71
C ILE A 156 -17.05 58.42 3.31
N MET A 157 -16.54 59.43 2.60
CA MET A 157 -16.01 59.19 1.27
C MET A 157 -14.62 58.55 1.29
N TRP A 158 -14.00 58.39 2.46
CA TRP A 158 -12.82 57.54 2.55
C TRP A 158 -13.20 56.07 2.53
N TYR A 159 -14.33 55.72 3.15
CA TYR A 159 -14.83 54.36 3.09
C TYR A 159 -15.49 54.04 1.76
N LEU A 160 -15.85 55.05 0.98
CA LEU A 160 -16.40 54.85 -0.34
C LEU A 160 -15.30 54.60 -1.37
N PHE A 161 -14.12 55.18 -1.17
CA PHE A 161 -13.00 54.92 -2.08
C PHE A 161 -12.40 53.54 -1.84
N ASN A 162 -12.46 53.05 -0.60
CA ASN A 162 -11.95 51.73 -0.25
C ASN A 162 -12.98 50.64 -0.47
N SER A 163 -14.02 50.90 -1.22
CA SER A 163 -14.88 49.88 -1.79
C SER A 163 -14.33 49.51 -3.17
N PHE A 164 -15.15 48.86 -4.01
CA PHE A 164 -14.79 48.43 -5.37
C PHE A 164 -13.64 47.42 -5.37
N GLN A 165 -13.58 46.59 -4.34
CA GLN A 165 -12.66 45.46 -4.26
C GLN A 165 -13.32 44.39 -3.42
N GLU A 166 -13.25 43.14 -3.89
CA GLU A 166 -14.08 42.08 -3.31
C GLU A 166 -13.62 41.68 -1.90
N PRO A 167 -12.32 41.43 -1.61
CA PRO A 167 -11.96 41.40 -0.19
C PRO A 167 -11.87 42.83 0.32
N LEU A 168 -12.86 43.25 1.10
CA LEU A 168 -12.88 44.60 1.64
C LEU A 168 -11.73 44.78 2.63
N PRO A 169 -11.17 46.00 2.74
CA PRO A 169 -10.01 46.19 3.62
C PRO A 169 -10.30 46.03 5.10
N TRP A 170 -11.56 46.07 5.51
CA TRP A 170 -11.94 45.82 6.91
C TRP A 170 -12.46 44.41 7.12
N SER A 171 -11.93 43.44 6.38
CA SER A 171 -12.42 42.07 6.47
C SER A 171 -11.40 41.09 7.03
N ASP A 172 -10.12 41.44 7.07
CA ASP A 172 -9.09 40.52 7.53
C ASP A 172 -7.91 41.30 8.09
N CYS A 173 -7.16 40.64 8.97
CA CYS A 173 -6.03 41.26 9.64
C CYS A 173 -4.78 41.20 8.76
N PRO A 174 -3.95 42.23 8.81
CA PRO A 174 -2.68 42.20 8.09
C PRO A 174 -1.62 41.41 8.87
N LEU A 175 -0.57 41.02 8.16
CA LEU A 175 0.58 40.35 8.75
C LEU A 175 1.66 41.39 9.04
N ASN A 176 2.57 41.05 9.96
CA ASN A 176 3.41 42.09 10.57
C ASN A 176 4.75 42.31 9.88
N GLU A 177 5.70 41.38 10.08
CA GLU A 177 6.96 41.45 9.34
C GLU A 177 7.41 40.10 8.83
N ASN A 178 7.20 39.05 9.63
CA ASN A 178 7.71 37.73 9.31
C ASN A 178 6.64 36.81 8.74
N GLN A 179 5.42 37.32 8.54
CA GLN A 179 4.28 36.63 7.93
C GLN A 179 3.88 35.37 8.68
N THR A 180 4.17 35.28 9.98
CA THR A 180 3.80 34.13 10.79
C THR A 180 2.59 34.39 11.67
N GLY A 181 2.44 35.62 12.17
CA GLY A 181 1.29 35.95 12.98
C GLY A 181 0.70 37.29 12.55
N TYR A 182 -0.47 37.58 13.10
CA TYR A 182 -1.14 38.83 12.80
C TYR A 182 -0.45 39.99 13.52
N VAL A 183 -0.88 41.21 13.16
CA VAL A 183 -0.53 42.38 13.95
C VAL A 183 -1.19 42.25 15.32
N ASP A 184 -0.50 42.71 16.37
CA ASP A 184 -0.88 42.37 17.73
C ASP A 184 -2.21 42.99 18.14
N GLU A 185 -2.46 44.25 17.76
CA GLU A 185 -3.72 44.87 18.16
C GLU A 185 -4.87 44.55 17.21
N CYS A 186 -4.60 43.90 16.08
CA CYS A 186 -5.68 43.37 15.26
C CYS A 186 -6.21 42.05 15.80
N ALA A 187 -5.40 41.33 16.57
CA ALA A 187 -5.82 40.06 17.14
C ALA A 187 -6.56 40.21 18.46
N ARG A 188 -6.15 41.18 19.30
CA ARG A 188 -6.86 41.40 20.55
C ARG A 188 -8.17 42.12 20.33
N SER A 189 -8.21 43.07 19.40
CA SER A 189 -9.43 43.74 19.00
C SER A 189 -10.03 43.03 17.80
N SER A 190 -10.91 43.74 17.08
CA SER A 190 -11.54 43.23 15.88
C SER A 190 -10.86 43.82 14.63
N PRO A 191 -10.98 43.10 13.44
CA PRO A 191 -10.32 43.73 12.28
C PRO A 191 -10.99 45.04 11.85
N VAL A 192 -12.29 45.13 12.04
CA VAL A 192 -13.02 46.33 11.68
C VAL A 192 -12.65 47.44 12.66
N ASP A 193 -12.48 47.06 13.92
CA ASP A 193 -12.10 48.00 14.96
C ASP A 193 -10.66 48.42 14.77
N TYR A 194 -9.95 47.71 13.91
CA TYR A 194 -8.56 48.02 13.64
C TYR A 194 -8.47 48.90 12.41
N PHE A 195 -9.44 48.80 11.51
CA PHE A 195 -9.39 49.65 10.32
C PHE A 195 -9.74 51.13 10.56
N TRP A 196 -10.50 51.39 11.63
CA TRP A 196 -10.93 52.71 12.04
C TRP A 196 -9.84 53.42 12.82
N TYR A 197 -9.32 52.78 13.86
CA TYR A 197 -8.43 53.48 14.77
C TYR A 197 -6.99 53.52 14.31
N ARG A 198 -6.55 52.60 13.45
CA ARG A 198 -5.16 52.57 13.04
C ARG A 198 -4.93 52.81 11.55
N GLU A 199 -5.85 52.40 10.68
CA GLU A 199 -5.65 52.60 9.25
C GLU A 199 -6.45 53.75 8.66
N THR A 200 -7.46 54.25 9.37
CA THR A 200 -8.13 55.48 8.96
C THR A 200 -7.67 56.67 9.78
N LEU A 201 -7.77 56.59 11.11
CA LEU A 201 -7.51 57.72 11.97
C LEU A 201 -6.05 57.85 12.37
N ASN A 202 -5.39 56.70 12.61
CA ASN A 202 -4.07 56.60 13.23
C ASN A 202 -4.08 57.31 14.58
N ILE A 203 -5.02 56.94 15.45
CA ILE A 203 -5.38 57.72 16.63
C ILE A 203 -4.28 57.63 17.68
N SER A 204 -4.21 58.64 18.55
CA SER A 204 -3.25 58.70 19.64
C SER A 204 -3.92 58.27 20.93
N THR A 205 -3.15 58.27 22.01
CA THR A 205 -3.66 57.81 23.30
C THR A 205 -4.32 58.92 24.11
N SER A 206 -4.19 60.18 23.71
CA SER A 206 -4.75 61.27 24.48
C SER A 206 -5.09 62.43 23.54
N ILE A 207 -5.77 63.44 24.10
CA ILE A 207 -6.00 64.68 23.36
C ILE A 207 -4.81 65.61 23.47
N SER A 208 -3.89 65.33 24.40
CA SER A 208 -2.70 66.16 24.54
C SER A 208 -1.65 65.80 23.49
N ASP A 209 -1.56 64.53 23.12
CA ASP A 209 -0.57 64.05 22.16
C ASP A 209 -1.16 64.18 20.77
N SER A 210 -0.56 65.05 19.96
CA SER A 210 -0.94 65.24 18.56
C SER A 210 0.31 65.14 17.69
N GLY A 211 0.10 64.75 16.44
CA GLY A 211 1.22 64.52 15.54
C GLY A 211 1.20 65.33 14.27
N SER A 212 1.28 64.66 13.13
CA SER A 212 1.33 65.31 11.84
C SER A 212 -0.07 65.40 11.23
N ILE A 213 -0.14 65.77 9.96
CA ILE A 213 -1.42 66.10 9.33
C ILE A 213 -2.13 64.87 8.76
N GLN A 214 -1.44 63.72 8.65
CA GLN A 214 -2.00 62.46 8.16
C GLN A 214 -2.56 62.61 6.74
N TRP A 215 -1.66 62.74 5.78
CA TRP A 215 -1.99 63.00 4.37
C TRP A 215 -3.26 62.44 3.72
N TRP A 216 -3.52 61.15 3.85
CA TRP A 216 -4.72 60.59 3.21
C TRP A 216 -6.00 61.30 3.65
N MET A 217 -6.13 61.53 4.95
CA MET A 217 -7.29 62.20 5.50
C MET A 217 -7.40 63.60 4.91
N LEU A 218 -6.27 64.27 4.76
CA LEU A 218 -6.22 65.61 4.19
C LEU A 218 -6.72 65.63 2.75
N LEU A 219 -6.29 64.65 1.97
CA LEU A 219 -6.74 64.58 0.59
C LEU A 219 -8.24 64.42 0.59
N CYS A 220 -8.75 63.57 1.47
CA CYS A 220 -10.19 63.36 1.54
C CYS A 220 -10.96 64.63 1.91
N LEU A 221 -10.39 65.39 2.84
CA LEU A 221 -10.99 66.64 3.29
C LEU A 221 -11.09 67.58 2.09
N ALA A 222 -10.01 67.65 1.33
CA ALA A 222 -9.98 68.49 0.15
C ALA A 222 -11.14 68.07 -0.73
N CYS A 223 -11.20 66.79 -1.07
CA CYS A 223 -12.29 66.31 -1.91
C CYS A 223 -13.67 66.74 -1.41
N ALA A 224 -13.94 66.56 -0.13
CA ALA A 224 -15.23 66.94 0.43
C ALA A 224 -15.55 68.43 0.21
N TRP A 225 -14.63 69.30 0.61
CA TRP A 225 -14.91 70.74 0.43
C TRP A 225 -15.07 71.10 -1.04
N SER A 226 -14.35 70.41 -1.92
CA SER A 226 -14.44 70.69 -3.34
C SER A 226 -15.80 70.29 -3.87
N VAL A 227 -16.28 69.12 -3.46
CA VAL A 227 -17.59 68.66 -3.90
C VAL A 227 -18.65 69.57 -3.34
N LEU A 228 -18.36 70.25 -2.24
CA LEU A 228 -19.35 71.16 -1.67
C LEU A 228 -19.37 72.49 -2.39
N TYR A 229 -18.22 72.96 -2.89
CA TYR A 229 -18.16 74.22 -3.60
C TYR A 229 -18.77 74.18 -5.00
N MET A 230 -18.80 72.99 -5.60
CA MET A 230 -19.38 72.77 -6.91
C MET A 230 -20.90 72.82 -6.88
N CYS A 231 -21.50 72.41 -5.76
CA CYS A 231 -22.95 72.34 -5.67
C CYS A 231 -23.57 73.66 -5.22
N THR A 232 -22.90 74.43 -4.37
CA THR A 232 -23.42 75.71 -3.88
C THR A 232 -22.68 76.90 -4.47
N ILE A 233 -22.33 76.86 -5.75
CA ILE A 233 -21.51 77.92 -6.32
C ILE A 233 -22.32 79.19 -6.56
N ARG A 234 -23.35 79.12 -7.40
CA ARG A 234 -24.19 80.28 -7.71
C ARG A 234 -25.43 80.34 -6.84
N GLY A 235 -25.25 80.27 -5.53
CA GLY A 235 -26.34 80.48 -4.61
C GLY A 235 -27.40 79.41 -4.60
N ILE A 236 -28.58 79.72 -5.13
CA ILE A 236 -29.73 78.83 -5.05
C ILE A 236 -30.12 78.25 -6.41
N GLU A 237 -29.62 78.80 -7.51
CA GLU A 237 -29.91 78.21 -8.81
C GLU A 237 -28.96 77.08 -9.18
N THR A 238 -28.25 76.51 -8.21
CA THR A 238 -27.45 75.31 -8.48
C THR A 238 -27.95 74.23 -7.52
N THR A 239 -28.08 74.59 -6.24
CA THR A 239 -28.55 73.63 -5.26
C THR A 239 -29.98 73.15 -5.54
N GLY A 240 -30.52 73.48 -6.72
CA GLY A 240 -31.85 73.04 -7.09
C GLY A 240 -31.82 71.62 -7.63
N LYS A 241 -31.11 71.43 -8.72
CA LYS A 241 -30.98 70.12 -9.33
C LYS A 241 -30.27 69.25 -8.29
N ALA A 242 -29.32 69.89 -7.63
CA ALA A 242 -28.56 69.27 -6.58
C ALA A 242 -29.55 68.70 -5.59
N VAL A 243 -30.35 69.55 -4.95
CA VAL A 243 -31.32 69.04 -3.98
C VAL A 243 -32.11 67.88 -4.54
N TYR A 244 -32.66 68.03 -5.74
CA TYR A 244 -33.41 66.94 -6.40
C TYR A 244 -32.74 65.58 -6.19
N ILE A 245 -31.58 65.44 -6.83
CA ILE A 245 -30.88 64.17 -6.69
C ILE A 245 -30.50 63.83 -5.25
N THR A 246 -29.83 64.75 -4.59
CA THR A 246 -29.37 64.56 -3.22
C THR A 246 -30.48 64.49 -2.20
N SER A 247 -31.71 64.32 -2.67
CA SER A 247 -32.83 64.25 -1.76
C SER A 247 -33.71 63.05 -2.06
N THR A 248 -33.69 62.56 -3.30
CA THR A 248 -34.49 61.38 -3.60
C THR A 248 -33.74 60.07 -3.30
N LEU A 249 -32.55 59.98 -3.88
CA LEU A 249 -31.57 58.91 -3.81
C LEU A 249 -31.49 58.28 -2.42
N PRO A 250 -31.27 59.13 -1.42
CA PRO A 250 -31.20 58.69 -0.03
C PRO A 250 -32.43 57.86 0.30
N TYR A 251 -33.61 58.36 -0.07
CA TYR A 251 -34.85 57.62 0.20
C TYR A 251 -34.91 56.22 -0.45
N VAL A 252 -34.66 56.17 -1.75
CA VAL A 252 -34.68 54.91 -2.48
C VAL A 252 -33.72 53.89 -1.89
N VAL A 253 -32.50 54.32 -1.56
CA VAL A 253 -31.54 53.38 -0.99
C VAL A 253 -31.99 52.87 0.37
N LEU A 254 -32.52 53.76 1.18
CA LEU A 254 -33.00 53.38 2.49
C LEU A 254 -34.05 52.32 2.32
N THR A 255 -34.90 52.48 1.30
CA THR A 255 -35.93 51.47 1.06
C THR A 255 -35.26 50.15 0.71
N ILE A 256 -34.44 50.14 -0.34
CA ILE A 256 -33.76 48.91 -0.72
C ILE A 256 -33.12 48.21 0.47
N PHE A 257 -32.73 48.95 1.51
CA PHE A 257 -32.10 48.31 2.67
C PHE A 257 -33.08 47.64 3.66
N LEU A 258 -34.36 47.89 3.46
CA LEU A 258 -35.44 47.35 4.28
C LEU A 258 -35.82 45.95 3.82
N ILE A 259 -35.97 45.74 2.51
CA ILE A 259 -36.35 44.42 2.01
C ILE A 259 -35.17 43.46 1.97
N ARG A 260 -33.95 43.96 2.12
CA ARG A 260 -32.78 43.11 2.33
C ARG A 260 -32.54 42.87 3.81
N GLY A 261 -32.77 43.89 4.63
CA GLY A 261 -32.53 43.76 6.06
C GLY A 261 -33.51 42.82 6.74
N LEU A 262 -34.78 42.83 6.33
CA LEU A 262 -35.82 42.00 6.92
C LEU A 262 -35.82 40.57 6.41
N THR A 263 -34.73 40.10 5.80
CA THR A 263 -34.69 38.78 5.19
C THR A 263 -33.52 37.93 5.68
N LEU A 264 -32.58 38.49 6.46
CA LEU A 264 -31.29 37.83 6.57
C LEU A 264 -31.25 36.67 7.56
N LYS A 265 -31.18 36.96 8.86
CA LYS A 265 -31.27 35.89 9.85
C LYS A 265 -31.96 36.35 11.11
N GLY A 266 -31.81 37.61 11.45
CA GLY A 266 -32.08 38.04 12.81
C GLY A 266 -32.80 39.36 12.91
N ALA A 267 -33.27 39.89 11.80
CA ALA A 267 -34.29 40.91 11.87
C ALA A 267 -35.60 40.26 12.28
N THR A 268 -36.49 41.08 12.85
CA THR A 268 -37.70 40.82 13.64
C THR A 268 -37.30 40.34 15.05
N ASN A 269 -36.02 40.09 15.30
CA ASN A 269 -35.47 39.94 16.64
C ASN A 269 -34.72 41.18 17.10
N GLY A 270 -34.49 42.13 16.20
CA GLY A 270 -33.93 43.42 16.55
C GLY A 270 -34.95 44.53 16.39
N ILE A 271 -36.07 44.20 15.75
CA ILE A 271 -37.20 45.13 15.67
C ILE A 271 -38.01 45.09 16.95
N VAL A 272 -38.27 43.87 17.46
CA VAL A 272 -38.94 43.68 18.74
C VAL A 272 -38.17 44.27 19.90
N PHE A 273 -36.85 44.12 19.91
CA PHE A 273 -35.99 44.70 20.94
C PHE A 273 -36.00 46.22 20.94
N LEU A 274 -36.22 46.85 19.79
CA LEU A 274 -36.35 48.30 19.74
C LEU A 274 -37.65 48.78 20.34
N PHE A 275 -38.73 48.02 20.17
CA PHE A 275 -40.07 48.44 20.58
C PHE A 275 -40.55 47.71 21.83
N THR A 276 -39.66 47.44 22.79
CA THR A 276 -40.07 46.94 24.09
C THR A 276 -40.27 48.11 25.04
N PRO A 277 -41.47 48.33 25.56
CA PRO A 277 -41.70 49.51 26.41
C PRO A 277 -41.16 49.30 27.82
N ASN A 278 -40.45 50.31 28.31
CA ASN A 278 -39.96 50.37 29.69
C ASN A 278 -40.44 51.69 30.26
N VAL A 279 -41.57 51.66 30.97
CA VAL A 279 -42.23 52.90 31.39
C VAL A 279 -41.53 53.60 32.54
N THR A 280 -40.54 52.96 33.17
CA THR A 280 -39.82 53.59 34.26
C THR A 280 -38.93 54.73 33.75
N GLU A 281 -38.44 54.61 32.51
CA GLU A 281 -37.57 55.62 31.91
C GLU A 281 -38.30 56.92 31.56
N LEU A 282 -39.63 56.93 31.57
CA LEU A 282 -40.38 58.16 31.32
C LEU A 282 -40.24 59.16 32.47
N ALA A 283 -40.07 58.65 33.69
CA ALA A 283 -39.95 59.50 34.86
C ALA A 283 -38.51 59.88 35.13
N GLN A 284 -37.83 60.46 34.14
CA GLN A 284 -36.43 60.83 34.25
C GLN A 284 -36.20 62.20 33.65
N PRO A 285 -35.42 63.05 34.32
CA PRO A 285 -35.11 64.36 33.77
C PRO A 285 -34.13 64.34 32.59
N ASP A 286 -33.42 63.23 32.39
CA ASP A 286 -32.50 63.10 31.27
C ASP A 286 -33.18 62.60 30.00
N THR A 287 -34.34 61.94 30.14
CA THR A 287 -35.10 61.50 28.99
C THR A 287 -35.65 62.66 28.18
N TRP A 288 -36.36 63.59 28.84
CA TRP A 288 -37.04 64.68 28.17
C TRP A 288 -36.10 65.76 27.66
N LEU A 289 -34.83 65.76 28.07
CA LEU A 289 -33.87 66.71 27.53
C LEU A 289 -33.41 66.31 26.14
N ASP A 290 -32.87 65.09 26.02
CA ASP A 290 -32.41 64.62 24.72
C ASP A 290 -33.56 64.29 23.78
N ALA A 291 -34.75 64.00 24.31
CA ALA A 291 -35.93 63.97 23.46
C ALA A 291 -36.32 65.37 23.01
N GLY A 292 -36.02 66.38 23.83
CA GLY A 292 -36.30 67.76 23.48
C GLY A 292 -35.23 68.35 22.58
N ALA A 293 -33.98 68.01 22.83
CA ALA A 293 -32.87 68.53 22.03
C ALA A 293 -32.68 67.79 20.72
N GLN A 294 -33.39 66.67 20.52
CA GLN A 294 -33.38 66.03 19.21
C GLN A 294 -34.38 66.70 18.27
N VAL A 295 -35.48 67.23 18.81
CA VAL A 295 -36.49 67.90 18.00
C VAL A 295 -35.92 69.16 17.36
N PHE A 296 -35.09 69.90 18.10
CA PHE A 296 -34.42 71.06 17.52
C PHE A 296 -33.33 70.67 16.53
N PHE A 297 -32.92 69.40 16.50
CA PHE A 297 -31.98 68.93 15.49
C PHE A 297 -32.60 67.95 14.50
N SER A 298 -33.76 67.36 14.80
CA SER A 298 -34.50 66.67 13.76
C SER A 298 -35.02 67.63 12.71
N PHE A 299 -35.42 68.82 13.14
CA PHE A 299 -35.60 69.95 12.25
C PHE A 299 -34.27 70.69 12.14
N SER A 300 -34.29 71.91 11.62
CA SER A 300 -33.08 72.71 11.59
C SER A 300 -33.36 74.09 12.17
N LEU A 301 -34.07 74.10 13.28
CA LEU A 301 -34.50 75.35 13.91
C LEU A 301 -33.32 76.06 14.55
N ALA A 302 -33.44 77.39 14.65
CA ALA A 302 -32.45 78.30 15.23
C ALA A 302 -31.11 78.24 14.49
N PHE A 303 -31.13 77.90 13.21
CA PHE A 303 -29.92 77.86 12.39
C PHE A 303 -29.82 79.03 11.42
N GLY A 304 -30.94 79.58 11.01
CA GLY A 304 -30.94 80.70 10.09
C GLY A 304 -30.97 80.34 8.63
N GLY A 305 -31.28 79.09 8.30
CA GLY A 305 -31.34 78.69 6.91
C GLY A 305 -32.75 78.52 6.42
N LEU A 306 -33.67 78.16 7.32
CA LEU A 306 -35.07 78.00 6.98
C LEU A 306 -35.77 79.34 6.81
N ILE A 307 -35.21 80.42 7.32
CA ILE A 307 -35.77 81.74 7.07
C ILE A 307 -35.31 82.28 5.72
N SER A 308 -34.05 82.03 5.36
CA SER A 308 -33.54 82.45 4.07
C SER A 308 -34.09 81.62 2.91
N PHE A 309 -34.48 80.37 3.15
CA PHE A 309 -35.12 79.58 2.11
C PHE A 309 -36.58 79.97 1.92
N SER A 310 -37.26 80.35 2.99
CA SER A 310 -38.66 80.71 2.92
C SER A 310 -38.86 82.10 2.33
N SER A 311 -37.83 82.95 2.33
CA SER A 311 -37.94 84.31 1.86
C SER A 311 -37.92 84.45 0.35
N TYR A 312 -37.74 83.34 -0.39
CA TYR A 312 -37.75 83.37 -1.84
C TYR A 312 -39.10 83.01 -2.43
N ASN A 313 -40.06 82.62 -1.59
CA ASN A 313 -41.36 82.18 -2.09
C ASN A 313 -42.21 83.37 -2.49
N SER A 314 -43.38 83.08 -3.06
CA SER A 314 -44.34 84.12 -3.37
C SER A 314 -45.01 84.60 -2.09
N VAL A 315 -45.63 85.77 -2.16
CA VAL A 315 -46.23 86.38 -0.98
C VAL A 315 -47.50 85.66 -0.56
N HIS A 316 -48.25 85.08 -1.50
CA HIS A 316 -49.47 84.36 -1.19
C HIS A 316 -49.25 82.85 -1.12
N ASN A 317 -48.02 82.41 -0.88
CA ASN A 317 -47.73 81.01 -0.69
C ASN A 317 -48.21 80.55 0.68
N ASN A 318 -48.83 79.37 0.72
CA ASN A 318 -49.36 78.83 1.97
C ASN A 318 -48.21 78.27 2.79
N CYS A 319 -47.87 78.95 3.89
CA CYS A 319 -46.83 78.50 4.79
C CYS A 319 -47.37 77.72 5.97
N GLU A 320 -48.69 77.65 6.13
CA GLU A 320 -49.29 76.82 7.17
C GLU A 320 -49.36 75.37 6.73
N LYS A 321 -49.64 75.13 5.45
CA LYS A 321 -49.66 73.77 4.92
C LYS A 321 -48.26 73.20 4.71
N ASP A 322 -47.25 74.07 4.56
CA ASP A 322 -45.89 73.57 4.37
C ASP A 322 -45.28 73.07 5.67
N SER A 323 -45.56 73.74 6.79
CA SER A 323 -44.96 73.34 8.05
C SER A 323 -45.56 72.08 8.64
N VAL A 324 -46.76 71.69 8.21
CA VAL A 324 -47.34 70.42 8.64
C VAL A 324 -46.84 69.27 7.77
N ILE A 325 -46.70 69.50 6.47
CA ILE A 325 -46.20 68.46 5.57
C ILE A 325 -44.73 68.15 5.85
N VAL A 326 -43.93 69.18 6.15
CA VAL A 326 -42.51 68.99 6.43
C VAL A 326 -42.33 68.25 7.75
N SER A 327 -43.16 68.55 8.74
CA SER A 327 -43.02 67.92 10.05
C SER A 327 -43.61 66.51 10.09
N ILE A 328 -44.58 66.20 9.24
CA ILE A 328 -45.11 64.84 9.17
C ILE A 328 -44.10 63.90 8.55
N ILE A 329 -43.42 64.34 7.49
CA ILE A 329 -42.41 63.52 6.84
C ILE A 329 -41.17 63.38 7.73
N ASN A 330 -40.84 64.40 8.52
CA ASN A 330 -39.73 64.28 9.46
C ASN A 330 -40.03 63.38 10.64
N GLY A 331 -41.30 63.26 11.03
CA GLY A 331 -41.65 62.37 12.12
C GLY A 331 -41.83 60.94 11.66
N PHE A 332 -42.15 60.77 10.38
CA PHE A 332 -42.29 59.44 9.80
C PHE A 332 -40.95 58.86 9.40
N THR A 333 -40.00 59.71 8.98
CA THR A 333 -38.70 59.21 8.55
C THR A 333 -37.87 58.73 9.73
N SER A 334 -37.97 59.39 10.88
CA SER A 334 -37.17 59.03 12.05
C SER A 334 -37.55 57.66 12.61
N VAL A 335 -38.82 57.27 12.46
CA VAL A 335 -39.19 55.90 12.78
C VAL A 335 -38.68 54.96 11.69
N TYR A 336 -38.70 55.42 10.43
CA TYR A 336 -38.38 54.57 9.29
C TYR A 336 -36.90 54.22 9.21
N VAL A 337 -36.02 55.12 9.61
CA VAL A 337 -34.60 54.78 9.64
C VAL A 337 -34.29 53.88 10.83
N ALA A 338 -35.04 54.00 11.92
CA ALA A 338 -34.79 53.14 13.09
C ALA A 338 -35.21 51.70 12.83
N ILE A 339 -36.17 51.47 11.93
CA ILE A 339 -36.51 50.11 11.52
C ILE A 339 -35.38 49.50 10.69
N VAL A 340 -34.77 50.30 9.83
CA VAL A 340 -33.70 49.81 8.96
C VAL A 340 -32.42 49.57 9.76
N VAL A 341 -32.14 50.44 10.74
CA VAL A 341 -30.90 50.33 11.50
C VAL A 341 -30.95 49.13 12.44
N TYR A 342 -32.05 48.96 13.18
CA TYR A 342 -32.12 47.87 14.13
C TYR A 342 -32.46 46.53 13.49
N SER A 343 -32.72 46.49 12.19
CA SER A 343 -32.75 45.21 11.49
C SER A 343 -31.35 44.68 11.26
N VAL A 344 -30.37 45.58 11.11
CA VAL A 344 -28.99 45.18 10.87
C VAL A 344 -28.29 44.86 12.20
N ILE A 345 -28.63 45.56 13.28
CA ILE A 345 -28.15 45.20 14.60
C ILE A 345 -28.72 43.86 15.03
N GLY A 346 -29.97 43.55 14.64
CA GLY A 346 -30.52 42.25 14.94
C GLY A 346 -29.91 41.13 14.12
N PHE A 347 -29.36 41.44 12.95
CA PHE A 347 -28.69 40.43 12.15
C PHE A 347 -27.26 40.21 12.65
N ARG A 348 -26.59 41.26 13.12
CA ARG A 348 -25.24 41.12 13.63
C ARG A 348 -25.21 40.42 14.98
N ALA A 349 -26.26 40.60 15.79
CA ALA A 349 -26.28 40.00 17.11
C ALA A 349 -26.67 38.53 17.04
N THR A 350 -27.47 38.16 16.03
CA THR A 350 -27.81 36.76 15.85
C THR A 350 -26.63 36.00 15.26
N GLN A 351 -25.82 36.67 14.45
CA GLN A 351 -24.63 36.03 13.86
C GLN A 351 -23.56 35.81 14.92
N ARG A 352 -23.35 36.81 15.79
CA ARG A 352 -22.33 36.68 16.82
C ARG A 352 -22.74 35.69 17.89
N TYR A 353 -24.04 35.47 18.05
CA TYR A 353 -24.52 34.46 18.98
C TYR A 353 -24.34 33.07 18.42
N ASP A 354 -24.34 32.95 17.08
CA ASP A 354 -24.16 31.64 16.47
C ASP A 354 -22.69 31.29 16.27
N ASP A 355 -21.85 32.29 16.01
CA ASP A 355 -20.41 32.03 15.98
C ASP A 355 -19.78 32.06 17.36
N CYS A 356 -20.55 32.32 18.42
CA CYS A 356 -20.12 32.01 19.79
C CYS A 356 -20.59 30.65 20.25
N PHE A 357 -21.84 30.29 19.96
CA PHE A 357 -22.39 29.03 20.46
C PHE A 357 -21.82 27.83 19.73
N SER A 358 -21.30 28.03 18.53
CA SER A 358 -20.64 26.94 17.82
C SER A 358 -19.23 26.67 18.31
N THR A 359 -18.63 27.62 19.05
CA THR A 359 -17.34 27.36 19.67
C THR A 359 -17.49 26.67 21.02
N ASN A 360 -18.60 26.90 21.73
CA ASN A 360 -18.88 26.10 22.91
C ASN A 360 -19.21 24.67 22.55
N ILE A 361 -19.79 24.46 21.36
CA ILE A 361 -19.95 23.11 20.83
C ILE A 361 -18.59 22.49 20.52
N LEU A 362 -17.71 23.26 19.87
CA LEU A 362 -16.43 22.75 19.38
C LEU A 362 -15.45 22.40 20.50
N THR A 363 -15.65 22.92 21.71
CA THR A 363 -14.74 22.62 22.81
C THR A 363 -14.90 21.20 23.33
N LEU A 364 -16.13 20.73 23.49
CA LEU A 364 -16.34 19.41 24.10
C LEU A 364 -16.17 18.29 23.07
N ILE A 365 -16.44 18.59 21.80
CA ILE A 365 -16.16 17.64 20.72
C ILE A 365 -14.66 17.38 20.59
N ASN A 366 -13.87 18.42 20.84
CA ASN A 366 -12.42 18.28 20.80
C ASN A 366 -11.86 17.69 22.12
N GLY A 367 -12.73 17.47 23.11
CA GLY A 367 -12.29 16.93 24.37
C GLY A 367 -12.92 15.62 24.81
N PHE A 368 -14.02 15.21 24.15
CA PHE A 368 -14.74 14.01 24.58
C PHE A 368 -15.01 13.02 23.45
N ASP A 369 -14.42 13.27 22.28
CA ASP A 369 -14.54 12.37 21.14
C ASP A 369 -15.95 11.96 20.77
N LEU A 370 -16.71 12.93 20.27
CA LEU A 370 -18.08 12.67 19.83
C LEU A 370 -18.22 12.90 18.33
N PRO A 371 -19.25 12.21 17.70
CA PRO A 371 -19.34 12.46 16.24
C PRO A 371 -19.45 13.95 15.91
N GLU A 372 -19.44 14.28 14.62
CA GLU A 372 -19.54 15.65 14.17
C GLU A 372 -20.87 16.28 14.56
N GLY A 373 -21.90 16.03 13.77
CA GLY A 373 -23.22 16.58 14.03
C GLY A 373 -23.79 16.12 15.36
N ASN A 374 -22.90 15.94 16.34
CA ASN A 374 -23.30 15.50 17.67
C ASN A 374 -23.24 16.64 18.68
N VAL A 375 -24.35 16.85 19.39
CA VAL A 375 -24.43 17.91 20.40
C VAL A 375 -24.66 19.28 19.77
N THR A 376 -25.83 19.47 19.17
CA THR A 376 -26.17 20.73 18.53
C THR A 376 -26.66 21.75 19.56
N GLN A 377 -27.49 22.69 19.11
CA GLN A 377 -28.02 23.71 20.00
C GLN A 377 -29.19 23.20 20.84
N GLU A 378 -29.98 22.30 20.28
CA GLU A 378 -31.11 21.76 21.02
C GLU A 378 -30.67 20.90 22.20
N ASN A 379 -29.48 20.33 22.14
CA ASN A 379 -29.00 19.42 23.18
C ASN A 379 -27.66 19.86 23.72
N PHE A 380 -27.57 21.10 24.20
CA PHE A 380 -26.30 21.56 24.78
C PHE A 380 -26.22 21.18 26.25
N VAL A 381 -27.20 21.61 27.05
CA VAL A 381 -27.12 21.51 28.51
C VAL A 381 -27.23 20.08 29.01
N ASP A 382 -28.03 19.24 28.36
CA ASP A 382 -28.14 17.84 28.76
C ASP A 382 -26.88 17.07 28.39
N MET A 383 -26.21 17.47 27.31
CA MET A 383 -24.93 16.87 26.97
C MET A 383 -23.76 17.48 27.73
N GLN A 384 -23.99 18.58 28.46
CA GLN A 384 -22.99 19.04 29.41
C GLN A 384 -22.88 18.09 30.59
N GLN A 385 -24.00 17.60 31.11
CA GLN A 385 -24.01 16.76 32.29
C GLN A 385 -23.85 15.27 31.97
N ARG A 386 -24.05 14.87 30.71
CA ARG A 386 -23.75 13.49 30.34
C ARG A 386 -22.24 13.25 30.35
N CYS A 387 -21.46 14.28 30.01
CA CYS A 387 -20.00 14.14 30.01
C CYS A 387 -19.42 14.16 31.43
N ASN A 388 -19.89 15.07 32.28
CA ASN A 388 -19.33 15.14 33.63
C ASN A 388 -19.81 14.01 34.53
N ALA A 389 -20.90 13.34 34.19
CA ALA A 389 -21.28 12.12 34.88
C ALA A 389 -20.59 10.89 34.31
N SER A 390 -20.07 10.98 33.08
CA SER A 390 -19.32 9.89 32.49
C SER A 390 -17.93 9.79 33.11
N ASP A 391 -17.22 10.91 33.18
CA ASP A 391 -15.87 10.95 33.74
C ASP A 391 -15.57 12.34 34.30
N PRO A 392 -15.38 12.45 35.60
CA PRO A 392 -14.96 13.73 36.19
C PRO A 392 -13.48 13.99 35.91
N ALA A 393 -13.02 15.17 36.31
CA ALA A 393 -11.68 15.74 36.14
C ALA A 393 -11.28 15.96 34.68
N ALA A 394 -12.19 15.77 33.72
CA ALA A 394 -11.99 16.17 32.33
C ALA A 394 -12.89 17.32 31.93
N TYR A 395 -13.81 17.69 32.81
CA TYR A 395 -14.68 18.85 32.59
C TYR A 395 -14.09 20.11 33.20
N ALA A 396 -13.13 19.95 34.11
CA ALA A 396 -12.57 21.07 34.88
C ALA A 396 -11.63 21.95 34.07
N GLN A 397 -11.08 21.45 32.96
CA GLN A 397 -10.24 22.27 32.10
C GLN A 397 -11.01 22.89 30.95
N LEU A 398 -12.31 22.62 30.85
CA LEU A 398 -13.12 23.12 29.75
C LEU A 398 -13.56 24.55 30.02
N VAL A 399 -13.31 25.43 29.05
CA VAL A 399 -13.69 26.84 29.14
C VAL A 399 -14.91 27.07 28.26
N PHE A 400 -16.05 27.36 28.88
CA PHE A 400 -17.28 27.64 28.15
C PHE A 400 -17.59 29.12 28.24
N GLN A 401 -18.54 29.55 27.40
CA GLN A 401 -18.92 30.95 27.32
C GLN A 401 -20.33 31.13 27.84
N THR A 402 -20.61 32.32 28.35
CA THR A 402 -21.93 32.63 28.88
C THR A 402 -22.65 33.58 27.94
N CYS A 403 -22.46 33.38 26.64
CA CYS A 403 -23.00 34.31 25.66
C CYS A 403 -24.48 34.04 25.38
N ASP A 404 -25.24 35.13 25.26
CA ASP A 404 -26.70 35.09 25.16
C ASP A 404 -27.15 36.40 24.54
N ILE A 405 -28.22 36.33 23.74
CA ILE A 405 -28.81 37.56 23.21
C ILE A 405 -29.47 38.35 24.33
N ASN A 406 -29.72 39.64 24.04
CA ASN A 406 -29.98 40.80 24.91
C ASN A 406 -28.69 41.27 25.59
N ALA A 407 -27.58 40.56 25.40
CA ALA A 407 -26.25 41.08 25.70
C ALA A 407 -25.46 41.40 24.45
N PHE A 408 -25.81 40.79 23.32
CA PHE A 408 -25.24 41.16 22.03
C PHE A 408 -26.06 42.22 21.33
N LEU A 409 -27.32 42.40 21.71
CA LEU A 409 -28.15 43.48 21.19
C LEU A 409 -27.98 44.77 21.98
N SER A 410 -27.21 44.75 23.08
CA SER A 410 -27.24 45.85 24.02
C SER A 410 -25.88 46.52 24.19
N GLU A 411 -25.18 46.80 23.09
CA GLU A 411 -24.04 47.70 23.16
C GLU A 411 -24.49 49.14 22.96
N ALA A 412 -23.79 50.06 23.62
CA ALA A 412 -24.18 51.47 23.66
C ALA A 412 -23.40 52.30 22.67
N VAL A 413 -23.11 51.76 21.49
CA VAL A 413 -22.33 52.49 20.49
C VAL A 413 -23.21 53.57 19.87
N GLU A 414 -22.61 54.73 19.58
CA GLU A 414 -23.37 55.92 19.21
C GLU A 414 -22.44 56.95 18.60
N GLY A 415 -22.87 57.53 17.48
CA GLY A 415 -22.34 58.79 17.00
C GLY A 415 -21.44 58.70 15.79
N THR A 416 -20.49 57.75 15.80
CA THR A 416 -19.77 57.38 14.60
C THR A 416 -19.60 55.87 14.48
N GLY A 417 -19.71 55.12 15.56
CA GLY A 417 -19.51 53.70 15.52
C GLY A 417 -20.65 52.91 14.96
N LEU A 418 -21.83 53.51 14.83
CA LEU A 418 -22.96 52.80 14.23
C LEU A 418 -22.84 52.70 12.72
N ALA A 419 -21.87 53.36 12.09
CA ALA A 419 -21.64 53.24 10.67
C ALA A 419 -20.27 52.71 10.31
N PHE A 420 -19.28 52.84 11.18
CA PHE A 420 -17.90 52.51 10.84
C PHE A 420 -17.36 51.26 11.52
N ILE A 421 -17.97 50.80 12.62
CA ILE A 421 -17.54 49.57 13.27
C ILE A 421 -18.70 48.63 13.57
N VAL A 422 -19.93 48.96 13.19
CA VAL A 422 -21.07 48.11 13.49
C VAL A 422 -21.82 47.78 12.21
N PHE A 423 -22.15 48.80 11.42
CA PHE A 423 -22.88 48.58 10.19
C PHE A 423 -22.01 47.96 9.11
N THR A 424 -20.73 48.34 9.05
CA THR A 424 -19.86 47.83 8.01
C THR A 424 -19.28 46.46 8.35
N GLU A 425 -19.48 45.96 9.57
CA GLU A 425 -19.12 44.59 9.88
C GLU A 425 -20.22 43.62 9.43
N ALA A 426 -21.48 44.05 9.54
CA ALA A 426 -22.59 43.22 9.09
C ALA A 426 -22.70 43.17 7.57
N ILE A 427 -22.09 44.13 6.87
CA ILE A 427 -22.11 44.11 5.41
C ILE A 427 -21.18 43.04 4.86
N THR A 428 -20.04 42.81 5.52
CA THR A 428 -19.07 41.82 5.06
C THR A 428 -19.57 40.39 5.16
N LYS A 429 -20.58 40.12 5.99
CA LYS A 429 -21.13 38.79 6.13
C LYS A 429 -22.37 38.58 5.27
N MET A 430 -22.69 39.51 4.39
CA MET A 430 -23.80 39.34 3.46
C MET A 430 -23.30 38.69 2.19
N PRO A 431 -24.21 38.40 1.25
CA PRO A 431 -23.80 37.72 0.01
C PRO A 431 -22.89 38.52 -0.90
N LEU A 432 -23.32 39.71 -1.31
CA LEU A 432 -22.55 40.56 -2.23
C LEU A 432 -21.96 41.72 -1.43
N SER A 433 -20.78 41.48 -0.85
CA SER A 433 -20.19 42.46 0.07
C SER A 433 -19.78 43.78 -0.57
N PRO A 434 -19.05 43.84 -1.70
CA PRO A 434 -18.66 45.17 -2.21
C PRO A 434 -19.75 45.90 -2.99
N LEU A 435 -21.00 45.47 -2.93
CA LEU A 435 -22.11 46.23 -3.52
C LEU A 435 -23.02 46.84 -2.48
N TRP A 436 -23.26 46.15 -1.37
CA TRP A 436 -24.00 46.75 -0.28
C TRP A 436 -23.19 47.78 0.50
N SER A 437 -21.87 47.83 0.28
CA SER A 437 -21.05 48.87 0.89
C SER A 437 -20.93 50.11 0.03
N VAL A 438 -21.07 49.98 -1.29
CA VAL A 438 -21.12 51.18 -2.14
C VAL A 438 -22.46 51.88 -1.99
N LEU A 439 -23.54 51.09 -1.92
CA LEU A 439 -24.88 51.66 -1.76
C LEU A 439 -25.07 52.27 -0.39
N PHE A 440 -24.37 51.78 0.63
CA PHE A 440 -24.55 52.31 1.97
C PHE A 440 -23.81 53.62 2.16
N PHE A 441 -22.63 53.76 1.56
CA PHE A 441 -21.82 54.95 1.78
C PHE A 441 -22.11 56.07 0.79
N ILE A 442 -22.91 55.82 -0.25
CA ILE A 442 -23.27 56.93 -1.14
C ILE A 442 -24.51 57.60 -0.55
N MET A 443 -25.29 56.83 0.20
CA MET A 443 -26.51 57.33 0.84
C MET A 443 -26.16 58.30 1.97
N LEU A 444 -25.21 57.91 2.80
CA LEU A 444 -24.77 58.73 3.89
C LEU A 444 -24.18 60.00 3.28
N PHE A 445 -23.45 59.83 2.19
CA PHE A 445 -22.86 60.95 1.51
C PHE A 445 -23.96 61.95 1.13
N CYS A 446 -25.00 61.46 0.48
CA CYS A 446 -26.12 62.32 0.09
C CYS A 446 -26.72 63.07 1.27
N LEU A 447 -26.97 62.36 2.37
CA LEU A 447 -27.53 63.01 3.55
C LEU A 447 -26.64 64.17 4.00
N GLY A 448 -25.36 63.86 4.15
CA GLY A 448 -24.39 64.86 4.56
C GLY A 448 -24.44 66.06 3.65
N LEU A 449 -24.44 65.80 2.35
CA LEU A 449 -24.50 66.87 1.35
C LEU A 449 -25.70 67.80 1.51
N SER A 450 -26.89 67.25 1.69
CA SER A 450 -28.05 68.12 1.87
C SER A 450 -27.91 68.98 3.14
N SER A 451 -27.45 68.35 4.22
CA SER A 451 -27.28 69.14 5.44
C SER A 451 -26.28 70.27 5.23
N MET A 452 -25.24 69.97 4.44
CA MET A 452 -24.20 70.93 4.11
C MET A 452 -24.79 72.10 3.35
N PHE A 453 -25.64 71.81 2.36
CA PHE A 453 -26.29 72.87 1.59
C PHE A 453 -26.95 73.80 2.60
N GLY A 454 -27.73 73.21 3.49
CA GLY A 454 -28.38 74.03 4.52
C GLY A 454 -27.45 74.95 5.30
N ASN A 455 -26.41 74.38 5.90
CA ASN A 455 -25.47 75.20 6.68
C ASN A 455 -24.71 76.27 5.89
N MET A 456 -24.47 75.99 4.61
CA MET A 456 -23.78 76.91 3.75
C MET A 456 -24.71 78.08 3.47
N GLU A 457 -25.99 77.79 3.26
CA GLU A 457 -26.94 78.86 3.03
C GLU A 457 -26.94 79.70 4.29
N GLY A 458 -26.75 79.02 5.42
CA GLY A 458 -26.69 79.69 6.71
C GLY A 458 -25.52 80.63 6.97
N VAL A 459 -24.35 80.38 6.37
CA VAL A 459 -23.18 81.26 6.61
C VAL A 459 -22.85 82.36 5.57
N VAL A 460 -23.32 82.20 4.34
CA VAL A 460 -23.13 83.09 3.20
C VAL A 460 -24.09 84.27 3.20
N VAL A 461 -25.38 84.04 3.42
CA VAL A 461 -26.40 85.10 3.39
C VAL A 461 -26.24 86.12 4.52
N PRO A 462 -25.94 85.78 5.78
CA PRO A 462 -25.60 86.85 6.75
C PRO A 462 -24.28 87.54 6.48
N LEU A 463 -23.40 86.96 5.67
CA LEU A 463 -22.14 87.62 5.34
C LEU A 463 -22.26 88.56 4.15
N GLN A 464 -23.44 88.61 3.52
CA GLN A 464 -23.73 89.62 2.51
C GLN A 464 -24.44 90.83 3.09
N ASP A 465 -25.28 90.65 4.10
CA ASP A 465 -25.95 91.76 4.76
C ASP A 465 -25.01 92.53 5.67
N LEU A 466 -23.88 91.94 6.04
CA LEU A 466 -22.82 92.67 6.75
C LEU A 466 -21.98 93.50 5.80
N ARG A 467 -21.95 93.14 4.52
CA ARG A 467 -21.17 93.79 3.46
C ARG A 467 -19.68 93.83 3.81
N VAL A 468 -19.09 92.64 3.92
CA VAL A 468 -17.66 92.56 4.18
C VAL A 468 -16.88 92.74 2.88
N ILE A 469 -17.50 92.52 1.73
CA ILE A 469 -16.85 92.68 0.44
C ILE A 469 -17.62 93.75 -0.33
N PRO A 470 -17.02 94.43 -1.30
CA PRO A 470 -17.76 95.44 -2.10
C PRO A 470 -18.86 94.81 -2.93
N PRO A 471 -19.81 95.62 -3.43
CA PRO A 471 -20.88 95.08 -4.29
C PRO A 471 -20.45 94.67 -5.69
N LYS A 472 -19.14 94.69 -6.00
CA LYS A 472 -18.54 93.89 -7.06
C LYS A 472 -18.32 92.48 -6.52
N TRP A 473 -17.43 91.70 -7.18
CA TRP A 473 -17.00 90.37 -6.72
C TRP A 473 -18.17 89.41 -6.61
N PRO A 474 -18.64 88.84 -7.75
CA PRO A 474 -19.91 88.09 -7.76
C PRO A 474 -19.95 86.83 -6.90
N LYS A 475 -21.09 86.14 -6.95
CA LYS A 475 -21.45 85.08 -6.01
C LYS A 475 -20.48 83.89 -6.05
N GLU A 476 -19.70 83.73 -7.13
CA GLU A 476 -18.67 82.72 -7.16
C GLU A 476 -17.52 83.04 -6.21
N VAL A 477 -17.29 84.32 -5.92
CA VAL A 477 -16.08 84.70 -5.18
C VAL A 477 -16.29 84.62 -3.67
N LEU A 478 -17.49 84.93 -3.17
CA LEU A 478 -17.70 84.89 -1.73
C LEU A 478 -17.82 83.45 -1.24
N THR A 479 -18.46 82.59 -2.03
CA THR A 479 -18.56 81.19 -1.64
C THR A 479 -17.21 80.49 -1.74
N GLY A 480 -16.34 80.97 -2.62
CA GLY A 480 -15.03 80.35 -2.76
C GLY A 480 -14.10 80.67 -1.62
N LEU A 481 -14.31 81.81 -0.95
CA LEU A 481 -13.47 82.17 0.18
C LEU A 481 -14.01 81.59 1.49
N ILE A 482 -15.25 81.11 1.48
CA ILE A 482 -15.79 80.41 2.64
C ILE A 482 -15.37 78.94 2.59
N CYS A 483 -15.41 78.35 1.39
CA CYS A 483 -15.03 76.95 1.24
C CYS A 483 -13.53 76.76 1.37
N LEU A 484 -12.75 77.80 1.08
CA LEU A 484 -11.31 77.72 1.27
C LEU A 484 -10.92 78.12 2.69
N GLY A 485 -11.70 78.99 3.32
CA GLY A 485 -11.36 79.43 4.66
C GLY A 485 -11.74 78.41 5.71
N THR A 486 -12.84 77.68 5.50
CA THR A 486 -13.22 76.63 6.42
C THR A 486 -12.43 75.36 6.18
N PHE A 487 -11.73 75.26 5.05
CA PHE A 487 -10.85 74.13 4.79
C PHE A 487 -9.60 74.19 5.65
N LEU A 488 -9.03 75.37 5.83
CA LEU A 488 -7.77 75.48 6.58
C LEU A 488 -7.99 75.34 8.08
N ILE A 489 -9.17 75.70 8.59
CA ILE A 489 -9.50 75.47 9.99
C ILE A 489 -9.78 73.99 10.24
N GLY A 490 -10.21 73.25 9.22
CA GLY A 490 -10.44 71.83 9.31
C GLY A 490 -9.20 70.95 9.34
N PHE A 491 -8.01 71.53 9.53
CA PHE A 491 -6.79 70.76 9.71
C PHE A 491 -6.67 70.17 11.10
N ILE A 492 -7.51 70.61 12.04
CA ILE A 492 -7.46 70.13 13.41
C ILE A 492 -7.89 68.67 13.49
N PHE A 493 -8.92 68.31 12.73
CA PHE A 493 -9.48 66.96 12.78
C PHE A 493 -8.75 65.99 11.87
N THR A 494 -7.68 66.41 11.22
CA THR A 494 -6.83 65.50 10.45
C THR A 494 -5.60 65.06 11.21
N LEU A 495 -5.38 65.59 12.41
CA LEU A 495 -4.22 65.21 13.20
C LEU A 495 -4.39 63.81 13.77
N ASN A 496 -3.41 63.38 14.58
CA ASN A 496 -3.51 62.08 15.21
C ASN A 496 -4.59 62.06 16.28
N SER A 497 -4.73 63.16 17.03
CA SER A 497 -5.78 63.30 18.03
C SER A 497 -7.01 63.99 17.48
N GLY A 498 -7.25 63.90 16.18
CA GLY A 498 -8.33 64.62 15.55
C GLY A 498 -9.72 64.09 15.80
N GLN A 499 -9.85 62.87 16.30
CA GLN A 499 -11.15 62.33 16.63
C GLN A 499 -11.58 62.67 18.05
N TYR A 500 -10.64 63.01 18.92
CA TYR A 500 -11.00 63.52 20.24
C TYR A 500 -11.45 64.97 20.17
N TRP A 501 -10.99 65.71 19.16
CA TRP A 501 -11.44 67.09 18.98
C TRP A 501 -12.85 67.14 18.42
N LEU A 502 -13.19 66.21 17.53
CA LEU A 502 -14.51 66.23 16.92
C LEU A 502 -15.58 65.72 17.86
N SER A 503 -15.25 64.78 18.74
CA SER A 503 -16.22 64.31 19.73
C SER A 503 -16.44 65.32 20.83
N LEU A 504 -15.50 66.25 21.02
CA LEU A 504 -15.65 67.29 22.03
C LEU A 504 -16.72 68.29 21.64
N LEU A 505 -16.46 69.05 20.58
CA LEU A 505 -17.33 70.16 20.16
C LEU A 505 -18.80 69.92 19.82
N ASP A 506 -19.05 68.87 19.05
CA ASP A 506 -20.39 68.48 18.61
C ASP A 506 -21.53 68.84 19.59
N SER A 507 -21.83 67.85 20.44
CA SER A 507 -22.86 67.92 21.47
C SER A 507 -23.03 69.33 22.01
N TYR A 508 -22.09 69.69 22.88
CA TYR A 508 -22.02 70.98 23.53
C TYR A 508 -22.53 72.07 22.63
N ALA A 509 -21.68 72.40 21.65
CA ALA A 509 -21.95 73.43 20.66
C ALA A 509 -23.42 73.47 20.31
N GLY A 510 -23.78 72.46 19.50
CA GLY A 510 -25.16 72.30 19.04
C GLY A 510 -26.13 72.66 20.12
N SER A 511 -26.31 71.74 21.06
CA SER A 511 -27.22 71.92 22.18
C SER A 511 -27.39 73.34 22.67
N ILE A 512 -26.33 73.85 23.31
CA ILE A 512 -26.44 75.19 23.88
C ILE A 512 -26.98 76.21 22.90
N PRO A 513 -26.08 76.59 21.89
CA PRO A 513 -26.64 77.58 20.97
C PRO A 513 -28.07 77.33 20.48
N LEU A 514 -28.36 76.14 20.00
CA LEU A 514 -29.69 75.84 19.50
C LEU A 514 -30.76 76.30 20.49
N LEU A 515 -30.79 75.67 21.66
CA LEU A 515 -31.81 76.06 22.63
C LEU A 515 -31.92 77.57 22.86
N ILE A 516 -30.79 78.21 23.18
CA ILE A 516 -30.88 79.64 23.47
C ILE A 516 -31.40 80.49 22.30
N ILE A 517 -30.90 80.26 21.10
CA ILE A 517 -31.35 81.05 19.95
C ILE A 517 -32.82 80.76 19.64
N ALA A 518 -33.24 79.53 19.90
CA ALA A 518 -34.62 79.14 19.65
C ALA A 518 -35.59 79.83 20.59
N PHE A 519 -35.16 80.16 21.80
CA PHE A 519 -36.10 80.83 22.72
C PHE A 519 -36.42 82.31 22.41
N CYS A 520 -35.43 83.06 21.93
CA CYS A 520 -35.51 84.47 21.60
C CYS A 520 -36.14 84.73 20.23
N GLU A 521 -36.27 83.69 19.38
CA GLU A 521 -37.08 83.84 18.18
C GLU A 521 -38.56 83.80 18.50
N MET A 522 -38.97 82.89 19.39
CA MET A 522 -40.34 82.84 19.87
C MET A 522 -40.69 84.05 20.74
N PHE A 523 -39.70 84.68 21.37
CA PHE A 523 -39.98 85.83 22.21
C PHE A 523 -40.13 87.09 21.38
N SER A 524 -39.19 87.36 20.47
CA SER A 524 -39.13 88.63 19.77
C SER A 524 -40.08 88.74 18.60
N VAL A 525 -40.95 87.75 18.38
CA VAL A 525 -42.00 87.86 17.37
C VAL A 525 -43.30 88.13 18.10
N VAL A 526 -43.50 87.46 19.23
CA VAL A 526 -44.74 87.60 19.98
C VAL A 526 -44.78 88.87 20.82
N TYR A 527 -43.67 89.25 21.45
CA TYR A 527 -43.69 90.35 22.40
C TYR A 527 -42.94 91.61 21.95
N VAL A 528 -42.15 91.55 20.89
CA VAL A 528 -41.45 92.71 20.36
C VAL A 528 -42.05 93.16 19.04
N TYR A 529 -42.24 92.24 18.10
CA TYR A 529 -42.95 92.54 16.87
C TYR A 529 -44.44 92.71 17.13
N GLY A 530 -45.00 91.87 17.98
CA GLY A 530 -46.42 91.91 18.29
C GLY A 530 -47.17 90.78 17.62
N VAL A 531 -47.81 89.93 18.41
CA VAL A 531 -48.53 88.80 17.85
C VAL A 531 -49.85 89.23 17.22
N ASP A 532 -50.31 90.45 17.49
CA ASP A 532 -51.49 90.97 16.81
C ASP A 532 -51.16 91.58 15.46
N ARG A 533 -49.95 92.08 15.28
CA ARG A 533 -49.58 92.60 13.97
C ARG A 533 -49.33 91.38 13.10
N PHE A 534 -48.71 90.38 13.72
CA PHE A 534 -48.38 89.14 13.06
C PHE A 534 -49.61 88.47 12.49
N ASN A 535 -50.63 88.28 13.32
CA ASN A 535 -51.86 87.64 12.85
C ASN A 535 -52.41 88.31 11.60
N LYS A 536 -52.55 89.63 11.66
CA LYS A 536 -53.06 90.37 10.52
C LYS A 536 -52.23 90.11 9.29
N ASP A 537 -50.91 90.31 9.41
CA ASP A 537 -50.05 90.10 8.25
C ASP A 537 -50.15 88.67 7.68
N ILE A 538 -50.28 87.67 8.55
CA ILE A 538 -50.41 86.30 8.07
C ILE A 538 -51.70 86.22 7.27
N GLU A 539 -52.82 86.58 7.90
CA GLU A 539 -54.10 86.54 7.22
C GLU A 539 -54.02 87.20 5.85
N PHE A 540 -53.20 88.24 5.71
CA PHE A 540 -53.10 88.91 4.42
C PHE A 540 -52.54 87.99 3.33
N MET A 541 -51.77 86.99 3.73
CA MET A 541 -51.14 86.07 2.79
C MET A 541 -52.02 84.89 2.43
N ILE A 542 -52.70 84.30 3.41
CA ILE A 542 -53.44 83.06 3.22
C ILE A 542 -54.94 83.28 3.34
N GLY A 543 -55.37 84.22 4.19
CA GLY A 543 -56.69 84.16 4.77
C GLY A 543 -56.69 83.25 5.99
N HIS A 544 -57.83 83.23 6.68
CA HIS A 544 -58.12 82.38 7.85
C HIS A 544 -57.05 82.46 8.94
N LYS A 545 -57.05 83.59 9.70
CA LYS A 545 -56.27 83.83 10.92
C LYS A 545 -56.16 82.58 11.79
N PRO A 546 -54.97 82.25 12.27
CA PRO A 546 -54.71 80.88 12.76
C PRO A 546 -55.52 80.53 14.00
N ASN A 547 -55.55 79.22 14.28
CA ASN A 547 -56.54 78.61 15.15
C ASN A 547 -56.26 78.94 16.61
N ILE A 548 -57.06 78.35 17.50
CA ILE A 548 -56.80 78.48 18.93
C ILE A 548 -55.57 77.67 19.31
N PHE A 549 -55.27 76.61 18.55
CA PHE A 549 -54.07 75.81 18.80
C PHE A 549 -52.80 76.58 18.49
N TRP A 550 -52.81 77.41 17.45
CA TRP A 550 -51.63 78.21 17.14
C TRP A 550 -51.46 79.37 18.11
N GLN A 551 -52.57 79.95 18.58
CA GLN A 551 -52.48 81.08 19.49
C GLN A 551 -52.05 80.66 20.89
N VAL A 552 -52.37 79.44 21.29
CA VAL A 552 -52.02 78.97 22.63
C VAL A 552 -50.54 78.60 22.70
N THR A 553 -50.05 77.84 21.70
CA THR A 553 -48.66 77.39 21.73
C THR A 553 -47.69 78.52 21.46
N TRP A 554 -48.08 79.54 20.69
CA TRP A 554 -47.18 80.67 20.46
C TRP A 554 -47.02 81.51 21.71
N ARG A 555 -48.10 81.69 22.46
CA ARG A 555 -48.10 82.65 23.56
C ARG A 555 -47.57 82.07 24.86
N VAL A 556 -48.14 80.94 25.31
CA VAL A 556 -47.89 80.45 26.65
C VAL A 556 -47.17 79.10 26.68
N VAL A 557 -47.49 78.18 25.78
CA VAL A 557 -47.06 76.79 25.96
C VAL A 557 -45.61 76.60 25.54
N SER A 558 -45.27 76.97 24.31
CA SER A 558 -43.91 76.70 23.82
C SER A 558 -42.81 77.59 24.41
N PRO A 559 -43.03 78.87 24.77
CA PRO A 559 -42.01 79.54 25.58
C PRO A 559 -41.84 78.94 26.97
N LEU A 560 -42.89 78.41 27.57
CA LEU A 560 -42.74 77.76 28.88
C LEU A 560 -42.07 76.40 28.74
N LEU A 561 -42.42 75.65 27.70
CA LEU A 561 -41.86 74.33 27.50
C LEU A 561 -40.40 74.37 27.08
N MET A 562 -39.94 75.47 26.50
CA MET A 562 -38.54 75.64 26.15
C MET A 562 -37.70 76.19 27.30
N LEU A 563 -38.32 76.51 28.44
CA LEU A 563 -37.55 76.88 29.61
C LEU A 563 -37.17 75.68 30.47
N ILE A 564 -38.05 74.67 30.56
CA ILE A 564 -37.71 73.50 31.35
C ILE A 564 -36.72 72.59 30.63
N ILE A 565 -36.55 72.75 29.30
CA ILE A 565 -35.43 72.11 28.63
C ILE A 565 -34.14 72.85 28.96
N PHE A 566 -34.21 74.18 29.07
CA PHE A 566 -33.07 74.98 29.48
C PHE A 566 -32.76 74.83 30.95
N LEU A 567 -33.74 74.48 31.78
CA LEU A 567 -33.48 74.25 33.19
C LEU A 567 -32.90 72.87 33.43
N PHE A 568 -33.29 71.88 32.62
CA PHE A 568 -32.76 70.53 32.75
C PHE A 568 -31.33 70.42 32.24
N PHE A 569 -30.85 71.42 31.49
CA PHE A 569 -29.47 71.38 31.02
C PHE A 569 -28.49 71.57 32.15
N PHE A 570 -28.75 72.54 33.03
CA PHE A 570 -27.86 72.80 34.15
C PHE A 570 -28.10 71.86 35.33
N VAL A 571 -29.06 70.95 35.21
CA VAL A 571 -29.21 69.85 36.16
C VAL A 571 -28.37 68.66 35.74
N VAL A 572 -28.37 68.31 34.45
CA VAL A 572 -27.57 67.18 33.97
C VAL A 572 -26.13 67.57 33.66
N GLU A 573 -25.80 68.86 33.62
CA GLU A 573 -24.40 69.21 33.40
C GLU A 573 -23.60 69.16 34.68
N VAL A 574 -24.21 69.49 35.83
CA VAL A 574 -23.47 69.56 37.08
C VAL A 574 -23.21 68.20 37.70
N SER A 575 -23.92 67.15 37.28
CA SER A 575 -23.57 65.79 37.71
C SER A 575 -23.66 64.82 36.54
N GLN A 576 -22.60 64.75 35.74
CA GLN A 576 -22.36 63.60 34.86
C GLN A 576 -20.91 63.15 34.80
N GLU A 577 -19.98 63.86 35.47
CA GLU A 577 -18.55 63.53 35.54
C GLU A 577 -17.92 63.44 34.14
N LEU A 578 -17.80 64.62 33.51
CA LEU A 578 -17.36 64.81 32.13
C LEU A 578 -16.03 64.12 31.80
N THR A 579 -16.10 63.13 30.92
CA THR A 579 -14.96 62.31 30.54
C THR A 579 -15.00 62.07 29.04
N TYR A 580 -14.02 61.33 28.53
CA TYR A 580 -14.01 60.96 27.11
C TYR A 580 -13.31 59.62 26.94
N SER A 581 -13.56 58.99 25.80
CA SER A 581 -13.08 57.65 25.52
C SER A 581 -11.82 57.70 24.65
N ILE A 582 -10.79 56.94 25.05
CA ILE A 582 -9.57 56.82 24.26
C ILE A 582 -9.41 55.38 23.78
N TRP A 583 -8.39 55.13 22.96
CA TRP A 583 -8.14 53.80 22.42
C TRP A 583 -7.05 53.06 23.20
N ASP A 584 -5.82 53.64 23.25
CA ASP A 584 -4.69 53.18 24.07
C ASP A 584 -4.34 51.70 23.87
N PRO A 585 -3.68 51.34 22.77
CA PRO A 585 -3.43 49.91 22.49
C PRO A 585 -2.47 49.25 23.45
N GLY A 586 -1.47 49.96 23.94
CA GLY A 586 -0.55 49.41 24.92
C GLY A 586 -1.04 49.67 26.34
N TYR A 587 -2.08 48.95 26.75
CA TYR A 587 -2.74 49.20 28.03
C TYR A 587 -3.29 47.89 28.57
N GLU A 588 -3.15 47.70 29.88
CA GLU A 588 -3.58 46.46 30.52
C GLU A 588 -5.09 46.35 30.48
N GLU A 589 -5.59 45.11 30.26
CA GLU A 589 -6.98 44.77 29.92
C GLU A 589 -7.54 45.74 28.86
N PHE A 590 -6.98 45.56 27.65
CA PHE A 590 -7.11 46.59 26.60
C PHE A 590 -8.54 46.74 26.08
N PRO A 591 -9.17 45.75 25.41
CA PRO A 591 -10.35 46.09 24.59
C PRO A 591 -11.67 46.11 25.37
N LYS A 592 -11.77 46.99 26.36
CA LYS A 592 -13.02 47.17 27.08
C LYS A 592 -13.67 48.53 26.90
N SER A 593 -13.04 49.60 27.38
CA SER A 593 -13.44 51.01 27.35
C SER A 593 -12.35 51.76 28.12
N GLN A 594 -12.47 53.09 28.13
CA GLN A 594 -11.60 53.93 28.94
C GLN A 594 -12.28 55.28 29.09
N LYS A 595 -12.13 55.90 30.26
CA LYS A 595 -12.59 57.26 30.52
C LYS A 595 -11.51 57.96 31.33
N ILE A 596 -10.87 59.00 30.77
CA ILE A 596 -9.74 59.58 31.48
C ILE A 596 -9.80 61.10 31.70
N SER A 597 -11.01 61.67 31.80
CA SER A 597 -11.21 62.93 32.53
C SER A 597 -10.45 64.15 32.00
N TYR A 598 -10.96 64.80 30.93
CA TYR A 598 -10.40 65.90 30.12
C TYR A 598 -9.54 66.89 30.88
N PRO A 599 -8.46 67.41 30.29
CA PRO A 599 -7.57 68.34 31.01
C PRO A 599 -8.26 69.65 31.35
N ASN A 600 -7.60 70.43 32.21
CA ASN A 600 -8.24 71.64 32.71
C ASN A 600 -8.25 72.79 31.72
N TRP A 601 -7.42 72.75 30.67
CA TRP A 601 -7.47 73.79 29.64
C TRP A 601 -8.57 73.55 28.62
N VAL A 602 -9.33 72.46 28.71
CA VAL A 602 -10.38 72.21 27.72
C VAL A 602 -11.63 72.99 28.04
N TYR A 603 -11.74 73.56 29.25
CA TYR A 603 -12.85 74.43 29.56
C TYR A 603 -12.76 75.76 28.83
N VAL A 604 -11.56 76.14 28.38
CA VAL A 604 -11.41 77.28 27.49
C VAL A 604 -12.12 77.02 26.16
N VAL A 605 -11.99 75.80 25.64
CA VAL A 605 -12.62 75.44 24.38
C VAL A 605 -14.14 75.29 24.56
N VAL A 606 -14.59 74.82 25.72
CA VAL A 606 -16.02 74.63 25.96
C VAL A 606 -16.72 75.99 26.10
N VAL A 607 -16.09 76.93 26.77
CA VAL A 607 -16.61 78.29 26.93
C VAL A 607 -16.66 79.00 25.58
N ILE A 608 -15.65 78.77 24.73
CA ILE A 608 -15.58 79.45 23.44
C ILE A 608 -16.65 78.94 22.47
N VAL A 609 -16.85 77.63 22.37
CA VAL A 609 -17.74 77.11 21.33
C VAL A 609 -19.20 77.16 21.76
N ALA A 610 -19.46 77.21 23.07
CA ALA A 610 -20.84 77.13 23.54
C ALA A 610 -21.30 78.44 24.16
N GLY A 611 -20.37 79.23 24.66
CA GLY A 611 -20.72 80.46 25.34
C GLY A 611 -20.88 81.67 24.45
N VAL A 612 -19.89 81.97 23.61
CA VAL A 612 -19.95 83.19 22.81
C VAL A 612 -21.01 83.19 21.71
N PRO A 613 -21.54 82.04 21.15
CA PRO A 613 -22.78 82.20 20.38
C PRO A 613 -23.99 82.49 21.27
N SER A 614 -23.93 82.10 22.54
CA SER A 614 -25.04 82.38 23.44
C SER A 614 -24.98 83.80 23.99
N LEU A 615 -23.78 84.37 24.07
CA LEU A 615 -23.60 85.65 24.74
C LEU A 615 -23.62 86.84 23.79
N THR A 616 -23.60 86.61 22.48
CA THR A 616 -23.74 87.73 21.56
C THR A 616 -25.18 88.23 21.48
N ILE A 617 -26.14 87.44 21.95
CA ILE A 617 -27.53 87.88 22.00
C ILE A 617 -27.73 88.92 23.10
N PRO A 618 -27.20 88.76 24.34
CA PRO A 618 -27.20 89.94 25.23
C PRO A 618 -26.09 90.91 24.95
N GLY A 619 -24.94 90.44 24.47
CA GLY A 619 -23.75 91.26 24.29
C GLY A 619 -23.89 92.41 23.30
N TYR A 620 -24.60 92.18 22.20
CA TYR A 620 -24.87 93.28 21.28
C TYR A 620 -26.00 94.16 21.81
N ALA A 621 -26.91 93.58 22.60
CA ALA A 621 -28.04 94.34 23.14
C ALA A 621 -27.60 95.28 24.24
N ILE A 622 -26.47 95.02 24.88
CA ILE A 622 -25.93 95.96 25.86
C ILE A 622 -25.10 97.03 25.16
N TYR A 623 -24.47 96.67 24.05
CA TYR A 623 -23.62 97.63 23.35
C TYR A 623 -24.46 98.68 22.63
N LYS A 624 -25.58 98.28 22.03
CA LYS A 624 -26.38 99.23 21.26
C LYS A 624 -27.17 100.16 22.18
N LEU A 625 -27.55 99.67 23.35
CA LEU A 625 -28.30 100.51 24.30
C LEU A 625 -27.44 101.50 25.05
N ILE A 626 -26.11 101.38 24.99
CA ILE A 626 -25.22 102.36 25.60
C ILE A 626 -24.44 103.17 24.58
N ARG A 627 -24.62 102.91 23.28
CA ARG A 627 -23.99 103.77 22.28
C ARG A 627 -24.86 104.99 22.01
N ASN A 628 -26.19 104.82 22.03
CA ASN A 628 -27.08 105.96 21.83
C ASN A 628 -27.20 106.78 23.11
N HIS A 629 -27.70 106.15 24.18
CA HIS A 629 -27.93 106.83 25.43
C HIS A 629 -26.64 107.04 26.21
N GLN B 30 -35.29 -48.86 48.45
CA GLN B 30 -34.16 -49.17 47.57
C GLN B 30 -34.45 -48.73 46.14
N SER B 31 -35.65 -49.02 45.66
CA SER B 31 -36.04 -48.66 44.30
C SER B 31 -35.17 -49.37 43.29
N THR B 32 -35.81 -50.08 42.36
CA THR B 32 -35.09 -50.81 41.32
C THR B 32 -34.01 -49.94 40.70
N ILE B 33 -34.35 -48.72 40.35
CA ILE B 33 -33.38 -47.80 39.75
C ILE B 33 -32.02 -47.84 40.42
N GLU B 34 -31.98 -47.53 41.71
CA GLU B 34 -30.72 -47.53 42.44
C GLU B 34 -29.98 -48.85 42.29
N GLU B 35 -30.67 -49.96 42.52
CA GLU B 35 -30.04 -51.26 42.39
C GLU B 35 -29.40 -51.43 41.01
N GLN B 36 -30.18 -51.18 39.98
CA GLN B 36 -29.70 -51.29 38.61
C GLN B 36 -28.42 -50.50 38.43
N ALA B 37 -28.45 -49.22 38.81
CA ALA B 37 -27.26 -48.38 38.70
C ALA B 37 -26.06 -49.01 39.38
N LYS B 38 -26.22 -49.33 40.66
CA LYS B 38 -25.16 -49.95 41.44
C LYS B 38 -24.54 -51.14 40.72
N THR B 39 -25.39 -52.05 40.26
CA THR B 39 -24.91 -53.24 39.55
C THR B 39 -24.11 -52.82 38.32
N PHE B 40 -24.75 -52.09 37.43
CA PHE B 40 -24.12 -51.61 36.20
C PHE B 40 -22.73 -51.08 36.49
N LEU B 41 -22.56 -50.42 37.62
CA LEU B 41 -21.26 -49.87 38.00
C LEU B 41 -20.29 -50.96 38.47
N ASP B 42 -20.84 -52.05 39.01
CA ASP B 42 -20.02 -53.14 39.50
C ASP B 42 -19.42 -53.95 38.36
N LYS B 43 -20.23 -54.14 37.31
CA LYS B 43 -19.78 -54.84 36.12
C LYS B 43 -18.93 -53.86 35.29
N PHE B 44 -19.09 -52.55 35.51
CA PHE B 44 -18.31 -51.58 34.76
C PHE B 44 -16.88 -51.52 35.27
N ASN B 45 -16.71 -51.41 36.59
CA ASN B 45 -15.38 -51.26 37.19
C ASN B 45 -14.52 -52.51 37.03
N HIS B 46 -15.13 -53.68 36.91
CA HIS B 46 -14.37 -54.89 36.61
C HIS B 46 -13.80 -54.83 35.20
N GLU B 47 -14.63 -54.48 34.23
CA GLU B 47 -14.20 -54.45 32.83
C GLU B 47 -13.49 -53.16 32.46
N ALA B 48 -13.48 -52.15 33.32
CA ALA B 48 -12.73 -50.94 33.02
C ALA B 48 -11.29 -51.03 33.51
N GLU B 49 -11.06 -51.70 34.63
CA GLU B 49 -9.71 -51.69 35.21
C GLU B 49 -8.76 -52.59 34.43
N ASP B 50 -9.23 -53.73 33.95
CA ASP B 50 -8.35 -54.60 33.17
C ASP B 50 -8.13 -54.06 31.77
N LEU B 51 -9.01 -53.17 31.31
CA LEU B 51 -8.88 -52.61 29.97
C LEU B 51 -8.13 -51.28 29.97
N PHE B 52 -8.23 -50.51 31.04
CA PHE B 52 -7.42 -49.30 31.18
C PHE B 52 -5.97 -49.64 31.46
N TYR B 53 -5.73 -50.77 32.13
CA TYR B 53 -4.36 -51.23 32.39
C TYR B 53 -3.64 -51.55 31.08
N GLN B 54 -4.38 -52.06 30.08
CA GLN B 54 -3.76 -52.38 28.81
C GLN B 54 -3.50 -51.13 27.98
N SER B 55 -4.34 -50.12 28.10
CA SER B 55 -4.11 -48.90 27.33
C SER B 55 -3.01 -48.06 27.93
N SER B 56 -2.76 -48.19 29.23
CA SER B 56 -1.71 -47.44 29.88
C SER B 56 -0.36 -48.12 29.80
N LEU B 57 -0.33 -49.46 29.90
CA LEU B 57 0.92 -50.20 29.76
C LEU B 57 1.43 -50.15 28.33
N ALA B 58 0.52 -50.06 27.35
CA ALA B 58 0.96 -49.91 25.97
C ALA B 58 1.49 -48.50 25.71
N SER B 59 1.00 -47.51 26.45
CA SER B 59 1.56 -46.17 26.33
C SER B 59 2.84 -46.01 27.13
N TRP B 60 3.01 -46.79 28.20
CA TRP B 60 4.27 -46.79 28.93
C TRP B 60 5.37 -47.41 28.09
N ASN B 61 5.06 -48.50 27.40
CA ASN B 61 6.05 -49.17 26.56
C ASN B 61 6.43 -48.35 25.35
N TYR B 62 5.56 -47.43 24.94
CA TYR B 62 5.92 -46.51 23.87
C TYR B 62 6.90 -45.46 24.37
N ASN B 63 6.63 -44.87 25.54
CA ASN B 63 7.40 -43.71 25.97
C ASN B 63 8.78 -44.06 26.50
N THR B 64 8.97 -45.26 27.06
CA THR B 64 10.32 -45.68 27.41
C THR B 64 11.07 -46.22 26.20
N ASN B 65 10.35 -46.70 25.20
CA ASN B 65 10.96 -47.40 24.07
C ASN B 65 10.33 -46.86 22.79
N ILE B 66 10.91 -45.80 22.24
CA ILE B 66 10.35 -45.14 21.06
C ILE B 66 10.65 -46.00 19.84
N THR B 67 9.69 -46.84 19.45
CA THR B 67 9.74 -47.54 18.18
C THR B 67 8.44 -47.26 17.43
N GLU B 68 8.53 -47.28 16.11
CA GLU B 68 7.33 -47.14 15.29
C GLU B 68 6.50 -48.40 15.25
N GLU B 69 7.04 -49.52 15.73
CA GLU B 69 6.20 -50.64 16.12
C GLU B 69 5.32 -50.27 17.30
N ASN B 70 5.85 -49.49 18.25
CA ASN B 70 5.12 -49.17 19.47
C ASN B 70 4.13 -48.02 19.31
N VAL B 71 4.08 -47.39 18.14
CA VAL B 71 3.15 -46.29 17.93
C VAL B 71 1.72 -46.81 17.86
N GLN B 72 1.45 -47.72 16.93
CA GLN B 72 0.14 -48.34 16.82
C GLN B 72 -0.05 -49.49 17.79
N ASN B 73 0.96 -49.82 18.59
CA ASN B 73 0.75 -50.77 19.67
C ASN B 73 -0.15 -50.17 20.75
N MET B 74 -0.03 -48.87 20.98
CA MET B 74 -0.90 -48.17 21.92
C MET B 74 -2.08 -47.49 21.24
N ASN B 75 -2.10 -47.43 19.91
CA ASN B 75 -3.19 -46.74 19.23
C ASN B 75 -4.39 -47.66 19.00
N ASN B 76 -4.15 -48.96 18.78
CA ASN B 76 -5.27 -49.87 18.75
C ASN B 76 -5.74 -50.23 20.15
N ALA B 77 -4.84 -50.16 21.14
CA ALA B 77 -5.22 -50.34 22.53
C ALA B 77 -5.83 -49.09 23.13
N GLY B 78 -5.44 -47.91 22.63
CA GLY B 78 -6.06 -46.68 23.08
C GLY B 78 -7.47 -46.51 22.53
N ASP B 79 -7.67 -46.91 21.27
CA ASP B 79 -9.00 -46.82 20.68
C ASP B 79 -9.92 -47.93 21.19
N LYS B 80 -9.37 -48.99 21.76
CA LYS B 80 -10.21 -49.95 22.47
C LYS B 80 -10.73 -49.34 23.77
N TRP B 81 -10.00 -48.40 24.36
CA TRP B 81 -10.45 -47.68 25.54
C TRP B 81 -11.41 -46.55 25.19
N SER B 82 -11.11 -45.79 24.14
CA SER B 82 -11.94 -44.65 23.78
C SER B 82 -13.28 -45.08 23.23
N ALA B 83 -13.34 -46.26 22.60
CA ALA B 83 -14.64 -46.77 22.17
C ALA B 83 -15.40 -47.41 23.32
N PHE B 84 -14.70 -47.97 24.31
CA PHE B 84 -15.35 -48.59 25.45
C PHE B 84 -16.09 -47.57 26.31
N LEU B 85 -15.57 -46.33 26.38
CA LEU B 85 -16.26 -45.30 27.14
C LEU B 85 -17.53 -44.85 26.44
N LYS B 86 -17.52 -44.81 25.12
CA LYS B 86 -18.70 -44.35 24.39
C LYS B 86 -19.80 -45.39 24.34
N GLU B 87 -19.47 -46.68 24.41
CA GLU B 87 -20.51 -47.68 24.62
C GLU B 87 -21.12 -47.55 26.00
N GLN B 88 -20.28 -47.46 27.03
CA GLN B 88 -20.77 -47.42 28.39
C GLN B 88 -21.32 -46.06 28.79
N SER B 89 -21.14 -45.03 27.97
CA SER B 89 -21.80 -43.75 28.24
C SER B 89 -23.27 -43.80 27.89
N THR B 90 -23.60 -44.42 26.76
CA THR B 90 -24.99 -44.51 26.35
C THR B 90 -25.78 -45.49 27.20
N LEU B 91 -25.10 -46.47 27.80
CA LEU B 91 -25.78 -47.38 28.72
C LEU B 91 -26.08 -46.73 30.05
N ALA B 92 -25.38 -45.64 30.40
CA ALA B 92 -25.62 -44.98 31.66
C ALA B 92 -26.76 -43.96 31.59
N GLN B 93 -27.34 -43.74 30.41
CA GLN B 93 -28.43 -42.78 30.29
C GLN B 93 -29.75 -43.33 30.81
N MET B 94 -29.83 -44.65 31.03
CA MET B 94 -31.05 -45.27 31.52
C MET B 94 -31.28 -45.08 33.03
N TYR B 95 -30.35 -44.40 33.69
CA TYR B 95 -30.45 -44.15 35.13
C TYR B 95 -30.41 -42.66 35.39
N PRO B 96 -31.55 -42.00 35.51
CA PRO B 96 -31.54 -40.57 35.86
C PRO B 96 -31.15 -40.36 37.31
N LEU B 97 -30.81 -39.11 37.63
CA LEU B 97 -30.13 -38.77 38.86
C LEU B 97 -31.07 -38.36 39.99
N GLN B 98 -32.33 -38.05 39.69
CA GLN B 98 -33.23 -37.47 40.67
C GLN B 98 -33.69 -38.46 41.74
N GLU B 99 -33.44 -39.75 41.55
CA GLU B 99 -33.88 -40.76 42.50
C GLU B 99 -32.75 -41.53 43.14
N ILE B 100 -31.50 -41.26 42.77
CA ILE B 100 -30.37 -41.92 43.41
C ILE B 100 -30.10 -41.24 44.74
N GLN B 101 -30.16 -42.01 45.82
CA GLN B 101 -29.88 -41.47 47.15
C GLN B 101 -28.45 -41.66 47.58
N ASN B 102 -27.75 -42.65 47.02
CA ASN B 102 -26.34 -42.85 47.33
C ASN B 102 -25.51 -41.83 46.57
N LEU B 103 -24.58 -41.19 47.28
CA LEU B 103 -23.76 -40.15 46.69
C LEU B 103 -22.52 -40.69 45.99
N THR B 104 -21.98 -41.82 46.45
CA THR B 104 -20.86 -42.44 45.75
C THR B 104 -21.30 -42.95 44.39
N VAL B 105 -22.50 -43.52 44.30
CA VAL B 105 -23.03 -43.98 43.02
C VAL B 105 -23.38 -42.82 42.11
N LYS B 106 -23.92 -41.73 42.66
CA LYS B 106 -24.32 -40.58 41.86
C LYS B 106 -23.11 -39.85 41.28
N LEU B 107 -21.99 -39.84 42.00
CA LEU B 107 -20.81 -39.14 41.52
C LEU B 107 -20.15 -39.85 40.34
N GLN B 108 -20.22 -41.18 40.30
CA GLN B 108 -19.68 -41.89 39.15
C GLN B 108 -20.59 -41.80 37.94
N LEU B 109 -21.88 -41.55 38.17
CA LEU B 109 -22.80 -41.45 37.04
C LEU B 109 -22.66 -40.11 36.33
N GLN B 110 -22.33 -39.04 37.06
CA GLN B 110 -22.15 -37.73 36.43
C GLN B 110 -20.94 -37.72 35.52
N ALA B 111 -19.88 -38.44 35.91
CA ALA B 111 -18.69 -38.51 35.08
C ALA B 111 -18.90 -39.35 33.83
N LEU B 112 -19.92 -40.21 33.83
CA LEU B 112 -20.14 -41.13 32.74
C LEU B 112 -21.30 -40.74 31.84
N GLN B 113 -22.27 -39.99 32.36
CA GLN B 113 -23.42 -39.58 31.57
C GLN B 113 -23.17 -38.32 30.76
N GLN B 114 -22.07 -37.62 30.98
CA GLN B 114 -21.84 -36.36 30.29
C GLN B 114 -21.51 -36.61 28.82
N ASN B 115 -22.24 -35.94 27.95
CA ASN B 115 -22.20 -36.20 26.52
C ASN B 115 -20.90 -35.73 25.88
N GLY B 116 -20.45 -34.52 26.22
CA GLY B 116 -19.22 -34.01 25.64
C GLY B 116 -19.44 -33.48 24.23
N SER B 117 -18.53 -33.81 23.33
CA SER B 117 -18.64 -33.39 21.93
C SER B 117 -19.48 -34.34 21.10
N SER B 118 -20.10 -35.35 21.72
CA SER B 118 -21.01 -36.24 21.01
C SER B 118 -22.37 -35.63 20.80
N VAL B 119 -22.65 -34.46 21.38
CA VAL B 119 -23.95 -33.84 21.27
C VAL B 119 -24.04 -32.94 20.04
N LEU B 120 -22.93 -32.69 19.35
CA LEU B 120 -22.93 -31.87 18.17
C LEU B 120 -23.48 -32.63 16.98
N SER B 121 -23.57 -31.94 15.84
CA SER B 121 -23.92 -32.59 14.59
C SER B 121 -22.76 -33.45 14.09
N GLU B 122 -23.00 -34.16 12.99
CA GLU B 122 -21.95 -35.00 12.44
C GLU B 122 -20.89 -34.17 11.70
N ASP B 123 -21.32 -33.22 10.88
CA ASP B 123 -20.40 -32.37 10.15
C ASP B 123 -19.82 -31.25 11.00
N LYS B 124 -20.45 -30.93 12.13
CA LYS B 124 -19.87 -29.95 13.03
C LYS B 124 -18.84 -30.57 13.96
N SER B 125 -19.04 -31.83 14.37
CA SER B 125 -18.04 -32.51 15.16
C SER B 125 -16.78 -32.83 14.38
N LYS B 126 -16.87 -32.96 13.06
CA LYS B 126 -15.69 -33.09 12.22
C LYS B 126 -15.10 -31.74 11.84
N ARG B 127 -15.90 -30.68 11.88
CA ARG B 127 -15.36 -29.34 11.67
C ARG B 127 -14.60 -28.86 12.91
N LEU B 128 -15.04 -29.26 14.10
CA LEU B 128 -14.38 -28.83 15.32
C LEU B 128 -13.02 -29.49 15.48
N ASN B 129 -12.93 -30.76 15.12
CA ASN B 129 -11.65 -31.47 15.25
C ASN B 129 -10.64 -31.02 14.20
N THR B 130 -11.10 -30.41 13.11
CA THR B 130 -10.16 -29.90 12.12
C THR B 130 -9.58 -28.56 12.57
N ILE B 131 -10.40 -27.74 13.23
CA ILE B 131 -9.93 -26.45 13.73
C ILE B 131 -8.94 -26.66 14.87
N LEU B 132 -9.21 -27.61 15.76
CA LEU B 132 -8.29 -27.90 16.86
C LEU B 132 -6.98 -28.49 16.37
N ASN B 133 -7.01 -29.28 15.30
CA ASN B 133 -5.77 -29.81 14.76
C ASN B 133 -5.04 -28.79 13.91
N THR B 134 -5.74 -27.78 13.40
CA THR B 134 -5.06 -26.74 12.65
C THR B 134 -4.35 -25.77 13.57
N MET B 135 -5.00 -25.39 14.68
CA MET B 135 -4.41 -24.43 15.60
C MET B 135 -3.21 -25.00 16.33
N SER B 136 -3.25 -26.28 16.69
CA SER B 136 -2.11 -26.89 17.37
C SER B 136 -0.94 -27.14 16.43
N THR B 137 -1.18 -27.16 15.11
CA THR B 137 -0.11 -27.33 14.14
C THR B 137 0.51 -26.00 13.75
N ILE B 138 -0.28 -24.93 13.73
CA ILE B 138 0.26 -23.59 13.48
C ILE B 138 1.16 -23.16 14.63
N TYR B 139 0.80 -23.54 15.85
CA TYR B 139 1.59 -23.16 17.02
C TYR B 139 2.93 -23.88 17.04
N SER B 140 2.94 -25.17 16.72
CA SER B 140 4.15 -25.96 16.88
C SER B 140 5.07 -25.91 15.66
N THR B 141 4.52 -25.68 14.47
CA THR B 141 5.32 -25.69 13.26
C THR B 141 5.45 -24.33 12.60
N GLY B 142 4.81 -23.30 13.13
CA GLY B 142 4.96 -21.97 12.56
C GLY B 142 6.31 -21.38 12.94
N LYS B 143 6.92 -20.69 11.99
CA LYS B 143 8.26 -20.15 12.18
C LYS B 143 8.30 -18.67 11.79
N VAL B 144 9.39 -18.03 12.20
CA VAL B 144 9.61 -16.60 12.05
C VAL B 144 10.98 -16.38 11.45
N CYS B 145 11.04 -15.66 10.33
CA CYS B 145 12.28 -15.48 9.57
C CYS B 145 12.89 -14.10 9.83
N ASN B 146 14.21 -14.08 9.73
CA ASN B 146 14.98 -12.85 9.98
C ASN B 146 14.70 -11.85 8.86
N PRO B 147 14.63 -10.55 9.13
CA PRO B 147 14.34 -9.62 8.03
C PRO B 147 15.51 -9.36 7.10
N ASP B 148 16.75 -9.36 7.61
CA ASP B 148 17.87 -9.06 6.75
C ASP B 148 18.45 -10.31 6.10
N ASN B 149 18.23 -11.47 6.70
CA ASN B 149 18.62 -12.75 6.11
C ASN B 149 17.40 -13.66 6.12
N PRO B 150 16.57 -13.64 5.08
CA PRO B 150 15.31 -14.40 5.12
C PRO B 150 15.47 -15.90 4.91
N GLN B 151 16.68 -16.46 4.93
CA GLN B 151 16.83 -17.90 4.85
C GLN B 151 16.93 -18.58 6.21
N GLU B 152 17.13 -17.83 7.28
CA GLU B 152 17.17 -18.40 8.63
C GLU B 152 15.85 -18.11 9.33
N CYS B 153 15.07 -19.15 9.57
CA CYS B 153 13.76 -19.01 10.19
C CYS B 153 13.71 -19.82 11.48
N LEU B 154 13.17 -19.20 12.53
CA LEU B 154 13.21 -19.76 13.87
C LEU B 154 11.83 -20.28 14.26
N LEU B 155 11.78 -21.53 14.73
CA LEU B 155 10.60 -22.04 15.40
C LEU B 155 10.49 -21.42 16.79
N LEU B 156 9.37 -21.67 17.45
CA LEU B 156 9.16 -21.05 18.76
C LEU B 156 9.98 -21.74 19.84
N GLU B 157 9.90 -23.06 19.93
CA GLU B 157 10.38 -23.75 21.14
C GLU B 157 11.91 -23.82 21.21
N PRO B 158 12.66 -24.08 20.11
CA PRO B 158 14.06 -23.66 20.14
C PRO B 158 14.29 -22.36 19.38
N GLY B 159 15.15 -21.51 19.91
CA GLY B 159 15.50 -20.29 19.18
C GLY B 159 14.71 -19.06 19.51
N LEU B 160 13.39 -19.12 19.45
CA LEU B 160 12.58 -17.95 19.76
C LEU B 160 12.28 -17.85 21.25
N ASN B 161 12.21 -18.97 21.96
CA ASN B 161 12.12 -18.92 23.40
C ASN B 161 13.46 -18.57 24.03
N GLU B 162 14.56 -18.94 23.39
CA GLU B 162 15.86 -18.62 23.95
C GLU B 162 16.31 -17.20 23.63
N ILE B 163 15.61 -16.50 22.75
CA ILE B 163 15.84 -15.06 22.60
C ILE B 163 15.21 -14.32 23.78
N MET B 164 13.93 -14.58 24.04
CA MET B 164 13.20 -13.86 25.07
C MET B 164 13.65 -14.22 26.48
N ALA B 165 14.33 -15.34 26.67
CA ALA B 165 14.80 -15.73 27.99
C ALA B 165 16.24 -15.31 28.26
N ASN B 166 17.03 -15.03 27.24
CA ASN B 166 18.45 -14.76 27.41
C ASN B 166 18.89 -13.38 26.97
N SER B 167 18.26 -12.80 25.96
CA SER B 167 18.79 -11.58 25.37
C SER B 167 18.52 -10.37 26.25
N LEU B 168 19.43 -9.39 26.18
CA LEU B 168 19.27 -8.12 26.87
C LEU B 168 19.17 -6.97 25.89
N ASP B 169 19.10 -7.25 24.60
CA ASP B 169 19.00 -6.25 23.55
C ASP B 169 17.53 -5.88 23.40
N TYR B 170 17.24 -4.58 23.41
CA TYR B 170 15.87 -4.12 23.28
C TYR B 170 15.32 -4.41 21.88
N ASN B 171 16.14 -4.20 20.86
CA ASN B 171 15.64 -4.33 19.49
C ASN B 171 15.49 -5.79 19.08
N GLU B 172 16.26 -6.69 19.68
CA GLU B 172 16.11 -8.10 19.35
C GLU B 172 14.91 -8.71 20.05
N ARG B 173 14.58 -8.22 21.24
CA ARG B 173 13.41 -8.70 21.94
C ARG B 173 12.13 -8.18 21.32
N LEU B 174 12.15 -6.94 20.84
CA LEU B 174 10.97 -6.35 20.21
C LEU B 174 10.70 -6.99 18.85
N TRP B 175 11.74 -7.47 18.19
CA TRP B 175 11.57 -8.11 16.90
C TRP B 175 10.81 -9.42 17.08
N ALA B 176 11.42 -10.35 17.81
CA ALA B 176 10.83 -11.66 18.05
C ALA B 176 9.36 -11.52 18.40
N TRP B 177 9.11 -10.87 19.53
CA TRP B 177 7.76 -10.60 20.04
C TRP B 177 6.82 -10.27 18.91
N GLU B 178 6.88 -9.03 18.45
CA GLU B 178 6.05 -8.56 17.35
C GLU B 178 5.88 -9.58 16.23
N SER B 179 6.97 -10.00 15.62
CA SER B 179 6.91 -10.95 14.50
C SER B 179 6.02 -12.17 14.79
N TRP B 180 6.49 -13.03 15.69
CA TRP B 180 5.79 -14.24 16.10
C TRP B 180 4.34 -13.87 16.31
N ARG B 181 4.15 -12.87 17.17
CA ARG B 181 2.84 -12.31 17.51
C ARG B 181 2.04 -12.22 16.25
N SER B 182 2.26 -11.15 15.48
CA SER B 182 1.58 -10.94 14.20
C SER B 182 1.22 -12.21 13.44
N GLU B 183 2.23 -12.99 13.07
CA GLU B 183 1.94 -14.22 12.31
C GLU B 183 0.93 -15.19 12.97
N VAL B 184 1.35 -15.78 14.09
CA VAL B 184 0.50 -16.74 14.75
C VAL B 184 -0.85 -16.10 15.01
N GLY B 185 -0.78 -14.80 15.30
CA GLY B 185 -1.93 -13.98 15.59
C GLY B 185 -2.91 -14.21 14.48
N LYS B 186 -2.66 -13.60 13.33
CA LYS B 186 -3.53 -13.75 12.17
C LYS B 186 -4.06 -15.17 12.01
N GLN B 187 -3.16 -16.16 12.01
CA GLN B 187 -3.65 -17.53 11.86
C GLN B 187 -4.75 -17.91 12.88
N LEU B 188 -4.32 -18.09 14.12
CA LEU B 188 -5.21 -18.48 15.20
C LEU B 188 -6.44 -17.58 15.24
N ARG B 189 -6.33 -16.38 14.67
CA ARG B 189 -7.46 -15.47 14.63
C ARG B 189 -8.74 -16.10 14.05
N PRO B 190 -8.81 -16.20 12.73
CA PRO B 190 -9.99 -16.78 12.08
C PRO B 190 -10.43 -18.11 12.68
N LEU B 191 -9.48 -19.01 12.86
CA LEU B 191 -9.73 -20.33 13.41
C LEU B 191 -10.27 -20.16 14.83
N TYR B 192 -9.64 -19.30 15.61
CA TYR B 192 -10.10 -19.08 16.97
C TYR B 192 -11.56 -18.65 17.01
N GLU B 193 -11.92 -17.69 16.16
CA GLU B 193 -13.29 -17.22 16.10
C GLU B 193 -14.24 -18.38 15.83
N GLU B 194 -13.95 -19.15 14.79
CA GLU B 194 -14.80 -20.28 14.46
C GLU B 194 -14.95 -21.24 15.64
N TYR B 195 -13.83 -21.54 16.27
CA TYR B 195 -13.78 -22.44 17.42
C TYR B 195 -14.64 -21.94 18.57
N VAL B 196 -14.55 -20.64 18.87
CA VAL B 196 -15.33 -20.05 19.93
C VAL B 196 -16.80 -20.21 19.59
N VAL B 197 -17.15 -19.91 18.35
CA VAL B 197 -18.53 -20.05 17.91
C VAL B 197 -19.07 -21.46 18.09
N LEU B 198 -18.25 -22.46 17.80
CA LEU B 198 -18.67 -23.85 17.92
C LEU B 198 -18.77 -24.36 19.37
N LYS B 199 -17.66 -24.27 20.10
CA LYS B 199 -17.58 -24.74 21.47
C LYS B 199 -18.72 -24.22 22.32
N ASN B 200 -19.34 -23.10 21.93
CA ASN B 200 -20.51 -22.63 22.65
C ASN B 200 -21.74 -23.48 22.36
N GLU B 201 -21.87 -23.97 21.12
CA GLU B 201 -22.98 -24.86 20.79
C GLU B 201 -22.84 -26.20 21.49
N MET B 202 -21.60 -26.65 21.70
CA MET B 202 -21.39 -27.90 22.43
C MET B 202 -21.73 -27.73 23.90
N ALA B 203 -21.55 -26.53 24.44
CA ALA B 203 -21.83 -26.31 25.85
C ALA B 203 -23.30 -26.01 26.10
N ARG B 204 -23.95 -25.30 25.18
CA ARG B 204 -25.37 -25.02 25.35
C ARG B 204 -26.24 -26.25 25.13
N ALA B 205 -25.78 -27.18 24.30
CA ALA B 205 -26.48 -28.44 24.16
C ALA B 205 -26.18 -29.42 25.28
N ASN B 206 -25.27 -29.07 26.19
CA ASN B 206 -25.07 -29.80 27.43
C ASN B 206 -25.66 -29.06 28.63
N HIS B 207 -26.59 -28.14 28.37
CA HIS B 207 -27.33 -27.38 29.39
C HIS B 207 -26.41 -26.53 30.26
N TYR B 208 -25.42 -25.90 29.64
CA TYR B 208 -24.63 -24.86 30.24
C TYR B 208 -24.95 -23.53 29.54
N GLU B 209 -24.51 -22.43 30.14
CA GLU B 209 -24.76 -21.13 29.53
C GLU B 209 -23.85 -20.91 28.33
N ASP B 210 -22.56 -21.18 28.49
CA ASP B 210 -21.58 -21.05 27.42
C ASP B 210 -20.41 -21.96 27.75
N TYR B 211 -19.33 -21.83 27.00
CA TYR B 211 -18.17 -22.68 27.22
C TYR B 211 -17.39 -22.29 28.47
N GLY B 212 -17.46 -21.03 28.89
CA GLY B 212 -16.86 -20.66 30.15
C GLY B 212 -17.55 -21.28 31.34
N ASP B 213 -18.87 -21.48 31.24
CA ASP B 213 -19.59 -22.17 32.31
C ASP B 213 -19.29 -23.66 32.29
N TYR B 214 -18.90 -24.20 31.13
CA TYR B 214 -18.51 -25.60 31.04
C TYR B 214 -17.20 -25.84 31.78
N TRP B 215 -16.29 -24.87 31.76
CA TRP B 215 -14.98 -25.05 32.36
C TRP B 215 -15.05 -24.92 33.88
N ARG B 216 -15.96 -24.09 34.38
CA ARG B 216 -16.12 -23.92 35.82
C ARG B 216 -16.90 -25.04 36.47
N GLY B 217 -17.39 -26.01 35.70
CA GLY B 217 -18.07 -27.15 36.25
C GLY B 217 -17.21 -28.13 36.99
N ASP B 218 -15.89 -27.96 36.96
CA ASP B 218 -15.00 -28.79 37.75
C ASP B 218 -15.06 -28.43 39.22
N TYR B 219 -15.49 -27.21 39.55
CA TYR B 219 -15.53 -26.74 40.93
C TYR B 219 -16.94 -26.78 41.51
N GLU B 220 -17.91 -27.27 40.76
CA GLU B 220 -19.30 -27.23 41.20
C GLU B 220 -19.62 -28.38 42.14
N VAL B 221 -20.26 -28.06 43.26
CA VAL B 221 -20.69 -29.04 44.24
C VAL B 221 -22.18 -28.83 44.46
N ASN B 222 -22.96 -29.91 44.37
CA ASN B 222 -24.42 -29.81 44.38
C ASN B 222 -25.00 -30.68 45.49
N GLY B 223 -25.54 -30.04 46.52
CA GLY B 223 -26.36 -30.69 47.53
C GLY B 223 -25.68 -31.65 48.46
N VAL B 224 -24.65 -31.18 49.18
CA VAL B 224 -23.99 -32.04 50.18
C VAL B 224 -24.13 -31.31 51.52
N ASP B 225 -25.26 -30.61 51.69
CA ASP B 225 -25.76 -30.10 52.96
C ASP B 225 -24.79 -29.11 53.62
N GLY B 226 -24.62 -27.98 52.95
CA GLY B 226 -23.79 -26.90 53.46
C GLY B 226 -22.39 -26.83 52.90
N TYR B 227 -22.03 -27.76 52.01
CA TYR B 227 -20.73 -27.71 51.33
C TYR B 227 -20.90 -27.38 49.86
N ASP B 228 -22.02 -26.78 49.48
CA ASP B 228 -22.33 -26.54 48.09
C ASP B 228 -21.45 -25.44 47.51
N TYR B 229 -21.36 -25.42 46.19
CA TYR B 229 -20.52 -24.45 45.49
C TYR B 229 -21.08 -24.25 44.09
N SER B 230 -21.50 -23.04 43.78
CA SER B 230 -22.07 -22.75 42.48
C SER B 230 -20.96 -22.56 41.45
N ARG B 231 -21.35 -22.59 40.18
CA ARG B 231 -20.40 -22.32 39.11
C ARG B 231 -20.14 -20.83 38.95
N GLY B 232 -21.05 -19.98 39.42
CA GLY B 232 -20.82 -18.55 39.39
C GLY B 232 -20.17 -18.00 40.63
N GLN B 233 -20.07 -18.83 41.68
CA GLN B 233 -19.36 -18.43 42.88
C GLN B 233 -17.85 -18.44 42.68
N LEU B 234 -17.36 -19.15 41.65
CA LEU B 234 -15.94 -19.16 41.38
C LEU B 234 -15.46 -17.81 40.87
N ILE B 235 -16.27 -17.13 40.06
CA ILE B 235 -15.90 -15.81 39.57
C ILE B 235 -15.88 -14.81 40.72
N GLU B 236 -16.75 -14.99 41.72
CA GLU B 236 -16.73 -14.11 42.87
C GLU B 236 -15.56 -14.41 43.80
N ASP B 237 -15.24 -15.69 44.00
CA ASP B 237 -14.13 -16.05 44.88
C ASP B 237 -12.77 -15.77 44.26
N VAL B 238 -12.68 -15.69 42.93
CA VAL B 238 -11.42 -15.35 42.30
C VAL B 238 -11.20 -13.84 42.34
N GLU B 239 -12.23 -13.06 42.07
CA GLU B 239 -12.10 -11.61 42.11
C GLU B 239 -12.01 -11.07 43.53
N HIS B 240 -12.49 -11.80 44.53
CA HIS B 240 -12.35 -11.35 45.90
C HIS B 240 -10.95 -11.61 46.42
N THR B 241 -10.37 -12.77 46.10
CA THR B 241 -9.03 -13.09 46.56
C THR B 241 -7.95 -12.40 45.75
N PHE B 242 -8.30 -11.87 44.57
CA PHE B 242 -7.28 -11.17 43.79
C PHE B 242 -7.02 -9.77 44.33
N GLU B 243 -8.02 -9.15 44.95
CA GLU B 243 -7.85 -7.79 45.45
C GLU B 243 -7.00 -7.71 46.71
N GLU B 244 -6.62 -8.86 47.30
CA GLU B 244 -5.66 -8.87 48.39
C GLU B 244 -4.25 -9.17 47.92
N ILE B 245 -4.08 -9.72 46.72
CA ILE B 245 -2.75 -9.86 46.15
C ILE B 245 -2.28 -8.54 45.56
N LYS B 246 -3.23 -7.68 45.19
CA LYS B 246 -2.90 -6.43 44.52
C LYS B 246 -2.03 -5.44 45.32
N PRO B 247 -2.06 -5.36 46.66
CA PRO B 247 -1.00 -4.60 47.34
C PRO B 247 0.38 -5.24 47.23
N LEU B 248 0.49 -6.56 47.30
CA LEU B 248 1.80 -7.18 47.20
C LEU B 248 2.33 -7.13 45.77
N TYR B 249 1.44 -7.24 44.78
CA TYR B 249 1.88 -7.24 43.40
C TYR B 249 2.34 -5.85 42.96
N GLU B 250 1.74 -4.79 43.50
CA GLU B 250 2.14 -3.44 43.12
C GLU B 250 3.52 -3.08 43.62
N HIS B 251 3.90 -3.58 44.80
CA HIS B 251 5.25 -3.34 45.29
C HIS B 251 6.28 -4.18 44.55
N LEU B 252 5.89 -5.35 44.06
CA LEU B 252 6.79 -6.14 43.25
C LEU B 252 6.88 -5.58 41.84
N HIS B 253 5.78 -5.04 41.32
CA HIS B 253 5.80 -4.42 40.00
C HIS B 253 6.61 -3.14 40.01
N ALA B 254 6.57 -2.39 41.12
CA ALA B 254 7.33 -1.15 41.20
C ALA B 254 8.80 -1.40 41.45
N TYR B 255 9.14 -2.50 42.15
CA TYR B 255 10.55 -2.79 42.39
C TYR B 255 11.21 -3.32 41.12
N VAL B 256 10.48 -4.09 40.32
CA VAL B 256 11.02 -4.60 39.06
C VAL B 256 11.19 -3.48 38.06
N ARG B 257 10.26 -2.52 38.06
CA ARG B 257 10.35 -1.37 37.15
C ARG B 257 11.55 -0.49 37.48
N ALA B 258 11.89 -0.38 38.76
CA ALA B 258 13.07 0.40 39.14
C ALA B 258 14.35 -0.30 38.75
N LYS B 259 14.39 -1.62 38.86
CA LYS B 259 15.60 -2.35 38.49
C LYS B 259 15.69 -2.60 36.99
N LEU B 260 14.59 -2.45 36.27
CA LEU B 260 14.64 -2.57 34.82
C LEU B 260 15.06 -1.27 34.15
N MET B 261 14.91 -0.13 34.81
CA MET B 261 15.35 1.13 34.25
C MET B 261 16.86 1.26 34.22
N ASN B 262 17.58 0.49 35.02
CA ASN B 262 19.03 0.48 34.97
C ASN B 262 19.56 -0.42 33.86
N ALA B 263 18.76 -1.38 33.39
CA ALA B 263 19.17 -2.24 32.29
C ALA B 263 18.67 -1.77 30.94
N TYR B 264 17.53 -1.09 30.90
CA TYR B 264 17.02 -0.46 29.68
C TYR B 264 16.75 1.01 30.00
N PRO B 265 17.77 1.85 29.95
CA PRO B 265 17.55 3.28 30.18
C PRO B 265 16.90 3.93 28.97
N SER B 266 16.17 5.01 29.23
CA SER B 266 15.43 5.81 28.24
C SER B 266 14.39 4.98 27.49
N TYR B 267 13.89 3.91 28.10
CA TYR B 267 12.87 3.07 27.50
C TYR B 267 11.66 2.83 28.40
N ILE B 268 11.80 2.94 29.72
CA ILE B 268 10.74 2.63 30.65
C ILE B 268 10.45 3.86 31.49
N SER B 269 9.22 4.32 31.46
CA SER B 269 8.83 5.45 32.28
C SER B 269 8.71 5.03 33.75
N PRO B 270 9.19 5.85 34.68
CA PRO B 270 9.17 5.47 36.10
C PRO B 270 7.81 5.61 36.77
N ILE B 271 6.76 6.01 36.03
CA ILE B 271 5.40 6.04 36.57
C ILE B 271 4.42 5.25 35.72
N GLY B 272 4.87 4.66 34.61
CA GLY B 272 3.99 3.97 33.70
C GLY B 272 4.05 2.47 33.87
N CYS B 273 3.50 1.78 32.87
CA CYS B 273 3.50 0.32 32.87
C CYS B 273 4.84 -0.20 32.37
N LEU B 274 4.95 -1.52 32.32
CA LEU B 274 6.14 -2.13 31.75
C LEU B 274 5.88 -2.56 30.32
N PRO B 275 6.86 -2.47 29.43
CA PRO B 275 6.67 -2.98 28.07
C PRO B 275 6.56 -4.50 28.07
N ALA B 276 5.78 -5.02 27.13
CA ALA B 276 5.41 -6.42 27.18
C ALA B 276 6.54 -7.35 26.77
N HIS B 277 7.53 -6.86 26.05
CA HIS B 277 8.58 -7.72 25.52
C HIS B 277 9.80 -7.80 26.41
N LEU B 278 9.75 -7.17 27.58
CA LEU B 278 10.90 -7.10 28.48
C LEU B 278 10.67 -7.90 29.75
N LEU B 279 9.86 -8.94 29.68
CA LEU B 279 9.38 -9.61 30.89
C LEU B 279 9.93 -11.01 31.10
N GLY B 280 10.97 -11.41 30.37
CA GLY B 280 11.66 -12.65 30.65
C GLY B 280 11.27 -13.80 29.76
N ASP B 281 10.07 -13.79 29.18
CA ASP B 281 9.69 -14.79 28.19
C ASP B 281 8.72 -14.14 27.21
N MET B 282 8.14 -14.98 26.35
CA MET B 282 7.42 -14.49 25.19
C MET B 282 6.11 -13.80 25.55
N TRP B 283 5.40 -14.30 26.56
CA TRP B 283 4.12 -13.72 26.93
C TRP B 283 4.15 -12.98 28.26
N GLY B 284 5.18 -13.17 29.07
CA GLY B 284 5.17 -12.59 30.39
C GLY B 284 4.42 -13.41 31.40
N ARG B 285 4.31 -14.72 31.19
CA ARG B 285 3.60 -15.57 32.14
C ARG B 285 4.38 -15.72 33.43
N PHE B 286 5.66 -16.01 33.36
CA PHE B 286 6.53 -16.06 34.52
C PHE B 286 7.60 -14.98 34.39
N TRP B 287 7.86 -14.29 35.50
CA TRP B 287 8.91 -13.28 35.55
C TRP B 287 10.23 -13.86 36.03
N THR B 288 10.41 -15.18 35.93
CA THR B 288 11.54 -15.83 36.58
C THR B 288 12.85 -15.60 35.86
N ASN B 289 12.83 -15.07 34.64
CA ASN B 289 14.06 -14.79 33.92
C ASN B 289 14.53 -13.36 34.10
N LEU B 290 13.90 -12.60 34.98
CA LEU B 290 14.38 -11.28 35.37
C LEU B 290 15.14 -11.32 36.69
N TYR B 291 15.52 -12.51 37.16
CA TYR B 291 16.22 -12.59 38.42
C TYR B 291 17.66 -12.10 38.32
N SER B 292 18.29 -12.29 37.17
CA SER B 292 19.66 -11.83 36.99
C SER B 292 19.77 -10.32 36.91
N LEU B 293 18.68 -9.63 36.60
CA LEU B 293 18.67 -8.17 36.58
C LEU B 293 18.15 -7.55 37.87
N THR B 294 17.39 -8.30 38.66
CA THR B 294 16.67 -7.73 39.80
C THR B 294 17.09 -8.35 41.12
N VAL B 295 18.22 -9.04 41.16
CA VAL B 295 18.65 -9.74 42.39
C VAL B 295 19.03 -8.72 43.45
N PRO B 296 18.51 -8.86 44.69
CA PRO B 296 18.73 -7.79 45.68
C PRO B 296 20.14 -7.71 46.21
N PHE B 297 20.79 -8.85 46.41
CA PHE B 297 22.17 -8.90 46.89
C PHE B 297 22.91 -9.86 45.97
N GLY B 298 23.48 -9.32 44.90
CA GLY B 298 24.07 -10.15 43.86
C GLY B 298 25.37 -10.80 44.25
N GLN B 299 26.05 -10.28 45.27
CA GLN B 299 27.34 -10.84 45.67
C GLN B 299 27.18 -12.13 46.48
N LYS B 300 26.01 -12.38 47.03
CA LYS B 300 25.80 -13.58 47.82
C LYS B 300 25.16 -14.66 46.95
N PRO B 301 25.80 -15.81 46.77
CA PRO B 301 25.22 -16.86 45.94
C PRO B 301 24.09 -17.57 46.66
N ASN B 302 23.19 -18.13 45.86
CA ASN B 302 22.06 -18.87 46.40
C ASN B 302 22.52 -20.24 46.88
N ILE B 303 21.71 -20.85 47.74
CA ILE B 303 22.08 -22.14 48.32
C ILE B 303 21.98 -23.22 47.24
N ASP B 304 23.12 -23.81 46.90
CA ASP B 304 23.18 -24.82 45.86
C ASP B 304 23.93 -26.03 46.39
N VAL B 305 23.36 -27.22 46.18
CA VAL B 305 23.94 -28.44 46.70
C VAL B 305 24.29 -29.37 45.55
N THR B 306 24.43 -28.80 44.34
CA THR B 306 24.69 -29.62 43.17
C THR B 306 26.11 -30.16 43.11
N ASP B 307 27.03 -29.64 43.92
CA ASP B 307 28.40 -30.12 43.93
C ASP B 307 28.69 -31.08 45.07
N ALA B 308 28.01 -30.92 46.21
CA ALA B 308 28.14 -31.88 47.29
C ALA B 308 27.51 -33.22 46.94
N MET B 309 26.53 -33.24 46.05
CA MET B 309 25.99 -34.51 45.57
C MET B 309 26.97 -35.22 44.66
N VAL B 310 27.85 -34.48 44.00
CA VAL B 310 28.96 -35.08 43.27
C VAL B 310 30.06 -35.56 44.21
N ASP B 311 30.39 -34.76 45.24
CA ASP B 311 31.47 -35.11 46.14
C ASP B 311 31.09 -36.24 47.08
N GLN B 312 29.81 -36.48 47.28
CA GLN B 312 29.34 -37.65 48.02
C GLN B 312 28.93 -38.78 47.09
N ALA B 313 29.11 -38.61 45.78
CA ALA B 313 28.87 -39.61 44.74
C ALA B 313 27.41 -40.10 44.78
N TRP B 314 26.49 -39.17 44.62
CA TRP B 314 25.07 -39.49 44.64
C TRP B 314 24.60 -39.77 43.22
N ASP B 315 24.31 -41.03 42.93
CA ASP B 315 23.79 -41.46 41.65
C ASP B 315 22.29 -41.19 41.59
N ALA B 316 21.65 -41.63 40.50
CA ALA B 316 20.20 -41.47 40.38
C ALA B 316 19.46 -42.68 40.92
N GLN B 317 19.88 -43.13 42.11
CA GLN B 317 19.14 -44.04 42.96
C GLN B 317 19.17 -43.62 44.42
N ARG B 318 20.20 -42.90 44.86
CA ARG B 318 20.27 -42.44 46.24
C ARG B 318 19.27 -41.33 46.50
N ILE B 319 19.11 -40.40 45.54
CA ILE B 319 18.22 -39.27 45.76
C ILE B 319 16.76 -39.68 45.69
N PHE B 320 16.45 -40.81 45.05
CA PHE B 320 15.12 -41.38 45.17
C PHE B 320 14.95 -42.16 46.46
N LYS B 321 16.04 -42.71 47.00
CA LYS B 321 15.98 -43.32 48.31
C LYS B 321 15.99 -42.27 49.42
N GLU B 322 16.57 -41.10 49.17
CA GLU B 322 16.43 -40.01 50.12
C GLU B 322 15.06 -39.37 50.03
N ALA B 323 14.45 -39.41 48.85
CA ALA B 323 13.09 -38.91 48.72
C ALA B 323 12.08 -39.87 49.30
N GLU B 324 12.31 -41.18 49.18
CA GLU B 324 11.40 -42.15 49.77
C GLU B 324 11.44 -42.10 51.30
N LYS B 325 12.62 -41.89 51.88
CA LYS B 325 12.70 -41.78 53.33
C LYS B 325 12.22 -40.42 53.83
N PHE B 326 12.02 -39.45 52.93
CA PHE B 326 11.36 -38.21 53.32
C PHE B 326 9.88 -38.46 53.62
N PHE B 327 9.26 -39.37 52.88
CA PHE B 327 7.83 -39.59 53.05
C PHE B 327 7.52 -40.57 54.18
N VAL B 328 8.45 -41.47 54.51
CA VAL B 328 8.19 -42.37 55.62
C VAL B 328 8.43 -41.66 56.95
N SER B 329 9.07 -40.48 56.92
CA SER B 329 9.26 -39.73 58.14
C SER B 329 7.98 -39.03 58.59
N VAL B 330 7.08 -38.72 57.67
CA VAL B 330 5.81 -38.09 58.03
C VAL B 330 4.68 -39.08 58.20
N GLY B 331 4.91 -40.37 57.95
CA GLY B 331 3.91 -41.39 58.17
C GLY B 331 3.34 -42.00 56.90
N LEU B 332 3.68 -41.45 55.74
CA LEU B 332 3.27 -42.05 54.48
C LEU B 332 4.01 -43.37 54.29
N PRO B 333 3.40 -44.34 53.59
CA PRO B 333 4.02 -45.66 53.47
C PRO B 333 5.25 -45.71 52.58
N ASN B 334 5.85 -46.90 52.51
CA ASN B 334 6.96 -47.19 51.60
C ASN B 334 6.47 -47.19 50.16
N MET B 335 7.40 -47.38 49.23
CA MET B 335 7.05 -47.62 47.85
C MET B 335 6.49 -49.03 47.70
N THR B 336 5.92 -49.31 46.54
CA THR B 336 5.08 -50.49 46.37
C THR B 336 5.84 -51.75 45.99
N GLN B 337 7.17 -51.75 46.09
CA GLN B 337 8.07 -52.90 45.93
C GLN B 337 8.13 -53.43 44.50
N GLY B 338 7.36 -52.83 43.58
CA GLY B 338 7.48 -53.11 42.18
C GLY B 338 7.77 -51.81 41.47
N PHE B 339 7.83 -50.75 42.27
CA PHE B 339 8.17 -49.43 41.76
C PHE B 339 9.64 -49.36 41.36
N TRP B 340 10.51 -50.04 42.10
CA TRP B 340 11.94 -50.01 41.81
C TRP B 340 12.29 -50.83 40.58
N GLU B 341 11.60 -51.96 40.35
CA GLU B 341 11.88 -52.78 39.19
C GLU B 341 11.35 -52.15 37.91
N ASN B 342 10.09 -51.74 37.91
CA ASN B 342 9.46 -51.12 36.76
C ASN B 342 9.54 -49.61 36.97
N SER B 343 10.56 -48.99 36.41
CA SER B 343 10.71 -47.55 36.48
C SER B 343 11.64 -47.10 35.36
N MET B 344 11.77 -45.79 35.22
CA MET B 344 12.69 -45.21 34.25
C MET B 344 13.55 -44.17 34.94
N LEU B 345 14.15 -44.51 36.08
CA LEU B 345 14.84 -43.53 36.90
C LEU B 345 16.13 -43.00 36.30
N THR B 346 16.66 -43.63 35.25
CA THR B 346 17.94 -43.24 34.68
C THR B 346 17.85 -43.40 33.17
N ASP B 347 18.47 -42.47 32.45
CA ASP B 347 18.48 -42.47 30.99
C ASP B 347 19.26 -43.67 30.47
N PRO B 348 18.83 -44.27 29.35
CA PRO B 348 19.64 -45.31 28.72
C PRO B 348 20.93 -44.75 28.12
N GLY B 349 20.81 -43.68 27.33
CA GLY B 349 21.93 -43.02 26.70
C GLY B 349 22.20 -43.46 25.29
N ASN B 350 22.00 -44.74 25.01
CA ASN B 350 22.24 -45.32 23.68
C ASN B 350 21.08 -45.06 22.72
N VAL B 351 21.06 -45.83 21.63
CA VAL B 351 20.11 -45.69 20.52
C VAL B 351 18.68 -45.97 21.01
N GLN B 352 18.55 -46.76 22.07
CA GLN B 352 17.29 -46.98 22.77
C GLN B 352 16.76 -45.65 23.27
N LYS B 353 15.66 -45.19 22.68
CA LYS B 353 15.23 -43.81 22.84
C LYS B 353 13.99 -43.73 23.73
N ALA B 354 13.83 -42.57 24.38
CA ALA B 354 12.73 -42.31 25.30
C ALA B 354 12.46 -40.83 25.42
N VAL B 355 11.27 -40.46 25.90
CA VAL B 355 10.90 -39.07 26.16
C VAL B 355 11.12 -38.76 27.63
N CYS B 356 11.67 -37.57 27.91
CA CYS B 356 12.16 -37.26 29.25
C CYS B 356 11.29 -36.28 30.02
N HIS B 357 10.01 -36.15 29.70
CA HIS B 357 9.19 -35.27 30.52
C HIS B 357 8.83 -35.98 31.83
N PRO B 358 9.09 -35.36 32.98
CA PRO B 358 8.90 -36.06 34.27
C PRO B 358 7.43 -36.26 34.59
N THR B 359 6.97 -37.49 34.46
CA THR B 359 5.58 -37.83 34.70
C THR B 359 5.50 -38.95 35.73
N ALA B 360 4.43 -38.92 36.52
CA ALA B 360 4.08 -40.03 37.37
C ALA B 360 3.03 -40.86 36.65
N TRP B 361 3.00 -42.17 36.93
CA TRP B 361 2.11 -43.06 36.23
C TRP B 361 1.26 -43.86 37.20
N ASP B 362 0.01 -44.07 36.80
CA ASP B 362 -1.03 -44.70 37.61
C ASP B 362 -1.72 -45.76 36.75
N LEU B 363 -0.90 -46.70 36.25
CA LEU B 363 -1.31 -47.72 35.29
C LEU B 363 -2.51 -48.55 35.76
N GLY B 364 -2.64 -48.78 37.06
CA GLY B 364 -3.75 -49.53 37.58
C GLY B 364 -3.31 -50.80 38.27
N LYS B 365 -4.15 -51.31 39.16
CA LYS B 365 -3.94 -52.56 39.90
C LYS B 365 -2.64 -52.56 40.69
N GLY B 366 -2.30 -51.44 41.31
CA GLY B 366 -1.10 -51.36 42.11
C GLY B 366 0.18 -51.23 41.33
N ASP B 367 0.16 -50.46 40.23
CA ASP B 367 1.33 -50.25 39.40
C ASP B 367 1.57 -48.75 39.30
N PHE B 368 2.62 -48.27 39.95
CA PHE B 368 2.98 -46.86 39.98
C PHE B 368 4.42 -46.71 39.53
N ARG B 369 4.64 -45.92 38.47
CA ARG B 369 5.94 -45.82 37.85
C ARG B 369 6.32 -44.34 37.64
N ILE B 370 7.60 -44.05 37.75
CA ILE B 370 8.14 -42.71 37.60
C ILE B 370 9.08 -42.71 36.40
N LEU B 371 8.90 -41.74 35.50
CA LEU B 371 9.66 -41.67 34.25
C LEU B 371 10.35 -40.31 34.18
N MET B 372 11.67 -40.30 34.39
CA MET B 372 12.48 -39.11 34.21
C MET B 372 13.95 -39.51 34.08
N CYS B 373 14.65 -38.88 33.14
CA CYS B 373 16.10 -39.05 33.00
C CYS B 373 16.79 -38.13 33.99
N THR B 374 17.16 -38.69 35.14
CA THR B 374 17.57 -37.90 36.29
C THR B 374 19.06 -37.59 36.22
N LYS B 375 19.40 -36.30 36.28
CA LYS B 375 20.79 -35.87 36.37
C LYS B 375 21.18 -35.77 37.85
N VAL B 376 22.39 -35.30 38.13
CA VAL B 376 22.77 -35.03 39.50
C VAL B 376 22.84 -33.53 39.66
N THR B 377 21.71 -32.92 40.02
CA THR B 377 21.59 -31.48 40.12
C THR B 377 20.74 -31.20 41.36
N MET B 378 20.56 -29.92 41.67
CA MET B 378 19.70 -29.57 42.79
C MET B 378 18.23 -29.70 42.43
N ASP B 379 17.85 -29.26 41.24
CA ASP B 379 16.45 -29.27 40.87
C ASP B 379 15.92 -30.66 40.55
N ASP B 380 16.76 -31.55 40.03
CA ASP B 380 16.36 -32.94 39.88
C ASP B 380 16.28 -33.66 41.20
N PHE B 381 16.96 -33.17 42.23
CA PHE B 381 16.66 -33.62 43.59
C PHE B 381 15.31 -33.10 44.04
N LEU B 382 14.92 -31.92 43.57
CA LEU B 382 13.62 -31.36 43.95
C LEU B 382 12.49 -31.93 43.10
N THR B 383 12.74 -32.17 41.81
CA THR B 383 11.73 -32.77 40.96
C THR B 383 11.46 -34.22 41.34
N ALA B 384 12.46 -34.90 41.92
CA ALA B 384 12.22 -36.22 42.49
C ALA B 384 11.28 -36.15 43.68
N HIS B 385 11.36 -35.08 44.46
CA HIS B 385 10.39 -34.89 45.53
C HIS B 385 9.04 -34.45 44.99
N HIS B 386 9.03 -33.77 43.84
CA HIS B 386 7.77 -33.32 43.25
C HIS B 386 7.01 -34.47 42.63
N GLU B 387 7.69 -35.31 41.84
CA GLU B 387 7.02 -36.39 41.14
C GLU B 387 6.63 -37.52 42.08
N MET B 388 7.37 -37.72 43.17
CA MET B 388 6.95 -38.71 44.15
C MET B 388 5.77 -38.22 44.98
N GLY B 389 5.48 -36.92 44.96
CA GLY B 389 4.27 -36.43 45.58
C GLY B 389 3.02 -36.87 44.84
N HIS B 390 3.11 -37.00 43.51
CA HIS B 390 1.98 -37.52 42.74
C HIS B 390 1.78 -39.01 42.98
N ILE B 391 2.88 -39.74 43.18
CA ILE B 391 2.79 -41.17 43.40
C ILE B 391 2.19 -41.46 44.78
N GLN B 392 2.59 -40.68 45.79
CA GLN B 392 1.98 -40.81 47.11
C GLN B 392 0.54 -40.33 47.12
N TYR B 393 0.16 -39.47 46.17
CA TYR B 393 -1.25 -39.14 46.00
C TYR B 393 -2.00 -40.28 45.33
N ASP B 394 -1.40 -40.91 44.33
CA ASP B 394 -2.06 -42.00 43.63
C ASP B 394 -2.10 -43.27 44.46
N MET B 395 -1.13 -43.45 45.36
CA MET B 395 -1.14 -44.64 46.20
C MET B 395 -2.15 -44.55 47.33
N ALA B 396 -2.73 -43.37 47.56
CA ALA B 396 -3.66 -43.20 48.66
C ALA B 396 -5.09 -43.56 48.27
N TYR B 397 -5.55 -43.15 47.10
CA TYR B 397 -6.91 -43.43 46.68
C TYR B 397 -7.01 -44.67 45.79
N ALA B 398 -6.12 -45.64 45.98
CA ALA B 398 -6.20 -46.88 45.22
C ALA B 398 -7.38 -47.75 45.62
N ALA B 399 -7.97 -47.52 46.80
CA ALA B 399 -9.14 -48.25 47.24
C ALA B 399 -10.44 -47.64 46.73
N GLN B 400 -10.38 -46.50 46.06
CA GLN B 400 -11.56 -45.86 45.53
C GLN B 400 -12.04 -46.57 44.27
N PRO B 401 -13.29 -46.35 43.86
CA PRO B 401 -13.72 -46.78 42.53
C PRO B 401 -12.96 -46.05 41.43
N PHE B 402 -13.10 -46.58 40.21
CA PHE B 402 -12.21 -46.18 39.12
C PHE B 402 -12.46 -44.74 38.68
N LEU B 403 -13.72 -44.32 38.61
CA LEU B 403 -14.02 -42.97 38.16
C LEU B 403 -13.72 -41.92 39.22
N LEU B 404 -13.45 -42.33 40.46
CA LEU B 404 -13.12 -41.42 41.54
C LEU B 404 -11.65 -41.49 41.92
N ARG B 405 -10.79 -41.90 40.98
CA ARG B 405 -9.36 -41.92 41.19
C ARG B 405 -8.76 -40.70 40.48
N ASN B 406 -8.85 -39.56 41.16
CA ASN B 406 -8.33 -38.29 40.67
C ASN B 406 -8.21 -37.35 41.85
N GLY B 407 -7.73 -36.14 41.59
CA GLY B 407 -7.75 -35.11 42.60
C GLY B 407 -9.15 -34.61 42.83
N ALA B 408 -9.34 -33.91 43.96
CA ALA B 408 -10.68 -33.47 44.35
C ALA B 408 -11.21 -32.40 43.40
N ASN B 409 -10.31 -31.60 42.83
CA ASN B 409 -10.60 -30.84 41.62
C ASN B 409 -9.30 -30.74 40.84
N GLU B 410 -9.26 -29.82 39.87
CA GLU B 410 -8.11 -29.77 38.98
C GLU B 410 -6.91 -29.06 39.61
N GLY B 411 -7.07 -28.48 40.80
CA GLY B 411 -5.96 -27.80 41.43
C GLY B 411 -5.27 -28.59 42.51
N PHE B 412 -5.92 -29.62 43.05
CA PHE B 412 -5.37 -30.36 44.18
C PHE B 412 -4.20 -31.23 43.79
N HIS B 413 -4.18 -31.73 42.56
CA HIS B 413 -3.12 -32.67 42.19
C HIS B 413 -1.74 -32.06 42.14
N GLU B 414 -1.61 -30.93 41.46
CA GLU B 414 -0.32 -30.28 41.36
C GLU B 414 -0.02 -29.35 42.51
N ALA B 415 -0.90 -29.28 43.51
CA ALA B 415 -0.60 -28.53 44.72
C ALA B 415 0.02 -29.39 45.80
N VAL B 416 -0.35 -30.66 45.87
CA VAL B 416 0.30 -31.58 46.79
C VAL B 416 1.72 -31.87 46.32
N GLY B 417 1.93 -31.92 45.01
CA GLY B 417 3.25 -32.17 44.48
C GLY B 417 4.21 -31.00 44.62
N GLU B 418 3.71 -29.81 44.95
CA GLU B 418 4.60 -28.67 45.10
C GLU B 418 4.84 -28.28 46.55
N ILE B 419 4.10 -28.84 47.51
CA ILE B 419 4.49 -28.68 48.90
C ILE B 419 5.50 -29.72 49.34
N MET B 420 5.76 -30.73 48.51
CA MET B 420 6.82 -31.67 48.81
C MET B 420 8.17 -31.10 48.41
N SER B 421 8.24 -30.44 47.25
CA SER B 421 9.47 -29.78 46.85
C SER B 421 9.70 -28.48 47.58
N LEU B 422 8.67 -27.92 48.20
CA LEU B 422 8.83 -26.68 48.94
C LEU B 422 9.55 -26.93 50.25
N SER B 423 9.20 -27.99 50.96
CA SER B 423 9.84 -28.34 52.21
C SER B 423 11.20 -28.98 52.02
N ALA B 424 11.43 -29.67 50.91
CA ALA B 424 12.68 -30.37 50.69
C ALA B 424 13.81 -29.45 50.26
N ALA B 425 13.52 -28.21 49.88
CA ALA B 425 14.53 -27.26 49.46
C ALA B 425 14.91 -26.28 50.55
N THR B 426 14.43 -26.48 51.77
CA THR B 426 14.80 -25.61 52.87
C THR B 426 16.19 -25.96 53.36
N PRO B 427 16.97 -24.97 53.82
CA PRO B 427 18.31 -25.27 54.35
C PRO B 427 18.28 -26.04 55.66
N LYS B 428 17.18 -26.02 56.40
CA LYS B 428 17.05 -26.86 57.59
C LYS B 428 16.96 -28.33 57.20
N HIS B 429 16.34 -28.63 56.07
CA HIS B 429 16.24 -30.01 55.60
C HIS B 429 17.52 -30.45 54.91
N LEU B 430 18.20 -29.53 54.22
CA LEU B 430 19.40 -29.90 53.47
C LEU B 430 20.58 -30.19 54.39
N LYS B 431 20.68 -29.46 55.50
CA LYS B 431 21.82 -29.65 56.40
C LYS B 431 21.69 -30.91 57.25
N SER B 432 20.51 -31.52 57.30
CA SER B 432 20.29 -32.75 58.04
C SER B 432 20.19 -33.98 57.16
N ILE B 433 20.30 -33.81 55.84
CA ILE B 433 20.27 -34.95 54.93
C ILE B 433 21.67 -35.45 54.60
N GLY B 434 22.72 -34.68 54.92
CA GLY B 434 24.07 -35.07 54.59
C GLY B 434 24.82 -33.96 53.90
N LEU B 435 24.14 -33.22 53.04
CA LEU B 435 24.72 -32.05 52.39
C LEU B 435 24.74 -30.88 53.36
N LEU B 436 25.35 -29.77 52.93
CA LEU B 436 25.25 -28.45 53.57
C LEU B 436 25.74 -28.48 55.02
N SER B 437 27.07 -28.63 55.15
CA SER B 437 27.89 -28.87 56.36
C SER B 437 27.38 -28.14 57.59
N PRO B 438 27.33 -28.81 58.76
CA PRO B 438 26.38 -28.41 59.82
C PRO B 438 26.68 -27.08 60.50
N ASP B 439 27.88 -26.53 60.37
CA ASP B 439 28.20 -25.22 60.93
C ASP B 439 27.97 -24.20 59.82
N PHE B 440 26.70 -23.95 59.51
CA PHE B 440 26.34 -23.08 58.40
C PHE B 440 25.13 -22.26 58.85
N GLN B 441 25.37 -21.00 59.19
CA GLN B 441 24.32 -20.06 59.55
C GLN B 441 23.91 -19.32 58.28
N GLU B 442 22.62 -19.34 57.97
CA GLU B 442 22.13 -18.63 56.80
C GLU B 442 22.01 -17.15 57.10
N ASP B 443 22.20 -16.34 56.07
CA ASP B 443 22.13 -14.90 56.22
C ASP B 443 20.69 -14.42 56.03
N ASN B 444 20.38 -13.25 56.59
CA ASN B 444 19.08 -12.67 56.31
C ASN B 444 19.06 -11.86 55.03
N GLU B 445 20.16 -11.88 54.27
CA GLU B 445 20.16 -11.38 52.90
C GLU B 445 20.07 -12.49 51.88
N THR B 446 20.37 -13.73 52.27
CA THR B 446 20.09 -14.89 51.44
C THR B 446 18.61 -15.22 51.42
N GLU B 447 17.91 -15.03 52.53
CA GLU B 447 16.48 -15.28 52.59
C GLU B 447 15.69 -14.29 51.72
N ILE B 448 16.18 -13.07 51.57
CA ILE B 448 15.54 -12.14 50.65
C ILE B 448 15.89 -12.49 49.21
N ASN B 449 17.09 -13.03 48.98
CA ASN B 449 17.43 -13.53 47.65
C ASN B 449 16.60 -14.75 47.29
N PHE B 450 16.16 -15.52 48.28
CA PHE B 450 15.32 -16.68 48.01
C PHE B 450 13.87 -16.27 47.81
N LEU B 451 13.40 -15.30 48.59
CA LEU B 451 11.99 -14.94 48.53
C LEU B 451 11.66 -14.15 47.27
N LEU B 452 12.64 -13.46 46.69
CA LEU B 452 12.35 -12.76 45.44
C LEU B 452 12.36 -13.70 44.25
N LYS B 453 13.20 -14.74 44.27
CA LYS B 453 13.16 -15.73 43.22
C LYS B 453 11.89 -16.54 43.26
N GLN B 454 11.28 -16.69 44.43
CA GLN B 454 9.97 -17.33 44.51
C GLN B 454 8.88 -16.39 44.02
N ALA B 455 8.95 -15.11 44.39
CA ALA B 455 7.90 -14.18 44.04
C ALA B 455 7.90 -13.80 42.57
N LEU B 456 9.01 -14.01 41.87
CA LEU B 456 9.01 -13.74 40.44
C LEU B 456 8.28 -14.82 39.67
N THR B 457 8.13 -16.01 40.24
CA THR B 457 7.40 -17.10 39.63
C THR B 457 6.01 -17.28 40.22
N ILE B 458 5.88 -17.15 41.54
CA ILE B 458 4.59 -17.39 42.19
C ILE B 458 3.69 -16.17 42.05
N VAL B 459 4.13 -15.02 42.55
CA VAL B 459 3.28 -13.83 42.54
C VAL B 459 3.26 -13.21 41.15
N GLY B 460 4.32 -13.37 40.36
CA GLY B 460 4.38 -12.74 39.05
C GLY B 460 3.44 -13.36 38.04
N THR B 461 2.93 -14.55 38.29
CA THR B 461 2.04 -15.23 37.36
C THR B 461 0.58 -15.10 37.72
N LEU B 462 0.25 -14.60 38.90
CA LEU B 462 -1.14 -14.53 39.33
C LEU B 462 -1.96 -13.42 38.66
N PRO B 463 -1.44 -12.22 38.38
CA PRO B 463 -2.24 -11.31 37.55
C PRO B 463 -2.32 -11.74 36.10
N PHE B 464 -1.36 -12.50 35.60
CA PHE B 464 -1.45 -12.99 34.23
C PHE B 464 -2.48 -14.11 34.13
N THR B 465 -2.50 -15.01 35.12
CA THR B 465 -3.46 -16.10 35.11
C THR B 465 -4.88 -15.61 35.33
N TYR B 466 -5.04 -14.56 36.14
CA TYR B 466 -6.37 -14.03 36.41
C TYR B 466 -6.91 -13.30 35.21
N MET B 467 -6.08 -12.51 34.53
CA MET B 467 -6.54 -11.70 33.41
C MET B 467 -6.88 -12.57 32.21
N LEU B 468 -6.15 -13.67 32.01
CA LEU B 468 -6.37 -14.48 30.83
C LEU B 468 -7.68 -15.26 30.91
N GLU B 469 -7.98 -15.83 32.08
CA GLU B 469 -9.25 -16.51 32.23
C GLU B 469 -10.40 -15.53 32.32
N LYS B 470 -10.17 -14.32 32.84
CA LYS B 470 -11.23 -13.33 32.84
C LYS B 470 -11.51 -12.81 31.44
N TRP B 471 -10.50 -12.82 30.58
CA TRP B 471 -10.75 -12.45 29.18
C TRP B 471 -11.50 -13.55 28.46
N ARG B 472 -11.16 -14.81 28.72
CA ARG B 472 -11.80 -15.91 28.01
C ARG B 472 -13.22 -16.15 28.50
N TRP B 473 -13.49 -15.90 29.79
CA TRP B 473 -14.84 -16.06 30.30
C TRP B 473 -15.78 -15.01 29.72
N MET B 474 -15.28 -13.81 29.44
CA MET B 474 -16.10 -12.76 28.86
C MET B 474 -16.26 -12.89 27.36
N VAL B 475 -15.31 -13.52 26.69
CA VAL B 475 -15.45 -13.77 25.26
C VAL B 475 -16.47 -14.87 25.00
N PHE B 476 -16.46 -15.92 25.84
CA PHE B 476 -17.34 -17.06 25.61
C PHE B 476 -18.80 -16.74 25.88
N LYS B 477 -19.08 -15.87 26.86
CA LYS B 477 -20.46 -15.51 27.15
C LYS B 477 -20.92 -14.27 26.40
N GLY B 478 -20.12 -13.73 25.51
CA GLY B 478 -20.54 -12.64 24.67
C GLY B 478 -20.49 -11.27 25.31
N GLU B 479 -19.83 -11.12 26.45
CA GLU B 479 -19.69 -9.79 27.03
C GLU B 479 -18.68 -8.93 26.27
N ILE B 480 -17.84 -9.54 25.45
CA ILE B 480 -16.90 -8.84 24.59
C ILE B 480 -17.27 -9.17 23.16
N PRO B 481 -17.72 -8.20 22.35
CA PRO B 481 -18.06 -8.50 20.96
C PRO B 481 -16.82 -8.77 20.12
N LYS B 482 -17.06 -9.33 18.93
CA LYS B 482 -15.97 -9.83 18.10
C LYS B 482 -15.13 -8.72 17.48
N ASP B 483 -15.62 -7.49 17.48
CA ASP B 483 -14.84 -6.36 16.99
C ASP B 483 -14.08 -5.65 18.10
N GLN B 484 -14.13 -6.18 19.33
CA GLN B 484 -13.42 -5.58 20.46
C GLN B 484 -12.62 -6.61 21.24
N TRP B 485 -12.16 -7.68 20.58
CA TRP B 485 -11.36 -8.69 21.25
C TRP B 485 -9.99 -8.15 21.62
N MET B 486 -9.30 -7.53 20.66
CA MET B 486 -7.97 -7.03 20.92
C MET B 486 -7.97 -5.64 21.54
N LYS B 487 -9.10 -4.96 21.54
CA LYS B 487 -9.20 -3.72 22.32
C LYS B 487 -9.33 -4.04 23.80
N LYS B 488 -10.10 -5.07 24.14
CA LYS B 488 -10.30 -5.43 25.52
C LYS B 488 -9.14 -6.24 26.07
N TRP B 489 -8.30 -6.82 25.20
CA TRP B 489 -7.16 -7.57 25.70
C TRP B 489 -6.10 -6.64 26.27
N TRP B 490 -5.77 -5.58 25.55
CA TRP B 490 -4.77 -4.64 26.03
C TRP B 490 -5.34 -3.59 26.96
N GLU B 491 -6.67 -3.43 27.02
CA GLU B 491 -7.23 -2.63 28.10
C GLU B 491 -7.13 -3.34 29.44
N MET B 492 -7.29 -4.66 29.44
CA MET B 492 -7.17 -5.43 30.67
C MET B 492 -5.72 -5.68 31.06
N LYS B 493 -4.78 -5.56 30.14
CA LYS B 493 -3.39 -5.77 30.51
C LYS B 493 -2.79 -4.52 31.13
N ARG B 494 -3.24 -3.34 30.71
CA ARG B 494 -2.76 -2.12 31.35
C ARG B 494 -3.35 -1.94 32.73
N GLU B 495 -4.58 -2.43 32.95
CA GLU B 495 -5.27 -2.20 34.19
C GLU B 495 -5.00 -3.27 35.23
N ILE B 496 -5.10 -4.54 34.86
CA ILE B 496 -4.92 -5.63 35.81
C ILE B 496 -3.46 -6.02 35.93
N VAL B 497 -2.82 -6.35 34.82
CA VAL B 497 -1.45 -6.83 34.86
C VAL B 497 -0.45 -5.69 35.00
N GLY B 498 -0.72 -4.54 34.40
CA GLY B 498 0.22 -3.46 34.44
C GLY B 498 1.28 -3.56 33.37
N VAL B 499 0.90 -4.00 32.18
CA VAL B 499 1.83 -4.31 31.10
C VAL B 499 1.28 -3.68 29.83
N VAL B 500 2.11 -2.89 29.15
CA VAL B 500 1.70 -2.13 27.98
C VAL B 500 2.30 -2.78 26.73
N GLU B 501 1.58 -2.68 25.62
CA GLU B 501 2.11 -3.22 24.37
C GLU B 501 3.12 -2.25 23.78
N PRO B 502 4.12 -2.72 23.06
CA PRO B 502 5.07 -1.80 22.44
C PRO B 502 4.65 -1.37 21.04
N VAL B 503 3.74 -2.13 20.44
CA VAL B 503 3.22 -1.84 19.10
C VAL B 503 1.72 -2.04 19.11
N PRO B 504 0.97 -1.04 18.62
CA PRO B 504 -0.49 -1.13 18.67
C PRO B 504 -1.03 -2.21 17.75
N HIS B 505 -1.97 -2.99 18.30
CA HIS B 505 -2.48 -4.19 17.66
C HIS B 505 -3.97 -4.02 17.44
N ASP B 506 -4.38 -4.08 16.18
CA ASP B 506 -5.78 -3.93 15.80
C ASP B 506 -6.47 -5.29 15.83
N GLU B 507 -7.67 -5.36 15.25
CA GLU B 507 -8.49 -6.57 15.31
C GLU B 507 -8.13 -7.61 14.27
N THR B 508 -6.96 -7.52 13.65
CA THR B 508 -6.48 -8.60 12.81
C THR B 508 -5.58 -9.58 13.54
N TYR B 509 -5.20 -9.25 14.78
CA TYR B 509 -4.34 -10.09 15.60
C TYR B 509 -5.18 -10.94 16.55
N CYS B 510 -4.56 -11.99 17.06
CA CYS B 510 -5.17 -12.83 18.10
C CYS B 510 -4.14 -13.18 19.15
N ASP B 511 -3.48 -12.14 19.70
CA ASP B 511 -2.43 -12.29 20.70
C ASP B 511 -2.71 -13.19 21.90
N PRO B 512 -3.95 -13.37 22.39
CA PRO B 512 -4.14 -14.45 23.37
C PRO B 512 -3.94 -15.84 22.79
N ALA B 513 -4.28 -16.07 21.52
CA ALA B 513 -4.13 -17.40 20.93
C ALA B 513 -2.70 -17.76 20.60
N SER B 514 -1.76 -16.84 20.77
CA SER B 514 -0.35 -17.19 20.60
C SER B 514 0.23 -17.86 21.83
N LEU B 515 -0.55 -18.07 22.88
CA LEU B 515 -0.14 -18.88 24.01
C LEU B 515 -0.61 -20.31 23.80
N PHE B 516 0.11 -21.26 24.40
CA PHE B 516 -0.13 -22.68 24.17
C PHE B 516 -1.47 -23.12 24.71
N HIS B 517 -1.85 -22.63 25.88
CA HIS B 517 -3.07 -23.10 26.53
C HIS B 517 -4.32 -22.55 25.87
N VAL B 518 -4.21 -21.46 25.12
CA VAL B 518 -5.39 -20.89 24.49
C VAL B 518 -5.68 -21.58 23.17
N SER B 519 -4.65 -21.79 22.36
CA SER B 519 -4.83 -22.40 21.05
C SER B 519 -4.93 -23.92 21.10
N ASN B 520 -4.64 -24.54 22.23
CA ASN B 520 -4.75 -25.99 22.36
C ASN B 520 -5.85 -26.40 23.32
N ASP B 521 -6.77 -25.48 23.64
CA ASP B 521 -8.01 -25.75 24.36
C ASP B 521 -7.76 -26.32 25.76
N TYR B 522 -7.12 -25.52 26.59
CA TYR B 522 -6.84 -25.92 27.97
C TYR B 522 -7.41 -24.90 28.93
N SER B 523 -7.93 -25.39 30.05
CA SER B 523 -8.39 -24.50 31.11
C SER B 523 -7.20 -23.89 31.82
N PHE B 524 -7.27 -22.59 32.07
CA PHE B 524 -6.17 -21.86 32.65
C PHE B 524 -6.40 -21.43 34.08
N ILE B 525 -7.61 -21.63 34.63
CA ILE B 525 -7.86 -21.25 36.01
C ILE B 525 -7.26 -22.24 36.99
N ARG B 526 -6.81 -23.40 36.50
CA ARG B 526 -6.22 -24.40 37.38
C ARG B 526 -4.84 -23.99 37.87
N TYR B 527 -4.24 -22.95 37.30
CA TYR B 527 -2.98 -22.44 37.80
C TYR B 527 -3.15 -21.34 38.83
N TYR B 528 -4.31 -20.69 38.86
CA TYR B 528 -4.58 -19.72 39.92
C TYR B 528 -4.90 -20.42 41.22
N THR B 529 -5.82 -21.38 41.18
CA THR B 529 -6.27 -22.05 42.39
C THR B 529 -5.21 -23.01 42.93
N ARG B 530 -4.34 -23.53 42.07
CA ARG B 530 -3.23 -24.35 42.55
C ARG B 530 -2.26 -23.53 43.37
N THR B 531 -2.09 -22.26 43.05
CA THR B 531 -1.19 -21.41 43.80
C THR B 531 -1.77 -21.09 45.17
N LEU B 532 -3.08 -20.98 45.27
CA LEU B 532 -3.70 -20.62 46.54
C LEU B 532 -3.83 -21.82 47.47
N TYR B 533 -4.08 -23.02 46.91
CA TYR B 533 -4.13 -24.21 47.74
C TYR B 533 -2.76 -24.62 48.23
N GLN B 534 -1.72 -24.24 47.50
CA GLN B 534 -0.36 -24.69 47.81
C GLN B 534 0.14 -24.10 49.12
N PHE B 535 -0.14 -22.82 49.36
CA PHE B 535 0.27 -22.20 50.61
C PHE B 535 -0.76 -22.38 51.72
N GLN B 536 -2.01 -22.68 51.37
CA GLN B 536 -2.96 -23.08 52.39
C GLN B 536 -2.62 -24.46 52.95
N PHE B 537 -2.11 -25.34 52.11
CA PHE B 537 -1.68 -26.65 52.58
C PHE B 537 -0.40 -26.53 53.41
N GLN B 538 0.47 -25.60 53.04
CA GLN B 538 1.74 -25.47 53.75
C GLN B 538 1.55 -24.87 55.13
N GLU B 539 0.71 -23.84 55.25
CA GLU B 539 0.47 -23.23 56.55
C GLU B 539 -0.29 -24.17 57.47
N ALA B 540 -1.17 -25.01 56.92
CA ALA B 540 -1.92 -25.93 57.75
C ALA B 540 -1.07 -27.10 58.20
N LEU B 541 0.00 -27.40 57.47
CA LEU B 541 0.89 -28.50 57.87
C LEU B 541 1.98 -28.04 58.82
N CYS B 542 2.43 -26.79 58.72
CA CYS B 542 3.46 -26.30 59.62
C CYS B 542 2.93 -26.02 61.02
N GLN B 543 1.64 -25.72 61.16
CA GLN B 543 1.05 -25.63 62.49
C GLN B 543 0.94 -26.98 63.15
N ALA B 544 0.70 -28.04 62.36
CA ALA B 544 0.65 -29.37 62.91
C ALA B 544 2.02 -29.88 63.32
N ALA B 545 3.06 -29.46 62.60
CA ALA B 545 4.42 -29.87 62.91
C ALA B 545 5.09 -28.98 63.95
N LYS B 546 4.34 -28.05 64.55
CA LYS B 546 4.80 -27.14 65.61
C LYS B 546 5.99 -26.30 65.15
N HIS B 547 5.77 -25.55 64.08
CA HIS B 547 6.80 -24.67 63.54
C HIS B 547 6.74 -23.32 64.23
N GLU B 548 7.91 -22.73 64.46
CA GLU B 548 8.03 -21.54 65.28
C GLU B 548 8.37 -20.28 64.49
N GLY B 549 9.31 -20.36 63.55
CA GLY B 549 9.78 -19.19 62.85
C GLY B 549 8.84 -18.74 61.75
N PRO B 550 9.41 -18.15 60.69
CA PRO B 550 8.59 -17.77 59.54
C PRO B 550 8.14 -18.99 58.75
N LEU B 551 7.22 -18.75 57.82
CA LEU B 551 6.62 -19.85 57.07
C LEU B 551 7.57 -20.41 56.03
N HIS B 552 8.43 -19.56 55.45
CA HIS B 552 9.25 -20.01 54.33
C HIS B 552 10.46 -20.81 54.77
N LYS B 553 10.67 -21.02 56.07
CA LYS B 553 11.74 -21.88 56.56
C LYS B 553 11.21 -23.14 57.20
N CYS B 554 10.05 -23.62 56.77
CA CYS B 554 9.37 -24.70 57.48
C CYS B 554 9.68 -26.06 56.88
N ASP B 555 9.71 -27.06 57.73
CA ASP B 555 9.86 -28.46 57.31
C ASP B 555 8.74 -29.27 57.95
N ILE B 556 8.17 -30.19 57.18
CA ILE B 556 7.16 -31.09 57.70
C ILE B 556 7.72 -32.47 57.99
N SER B 557 8.99 -32.71 57.69
CA SER B 557 9.61 -34.00 57.94
C SER B 557 9.77 -34.23 59.43
N ASN B 558 9.85 -35.53 59.79
CA ASN B 558 9.86 -36.01 61.18
C ASN B 558 8.65 -35.53 61.96
N SER B 559 7.48 -35.51 61.32
CA SER B 559 6.25 -35.08 61.97
C SER B 559 5.11 -35.96 61.47
N THR B 560 4.77 -36.98 62.24
CA THR B 560 3.72 -37.91 61.85
C THR B 560 2.34 -37.26 61.91
N GLU B 561 2.13 -36.36 62.87
CA GLU B 561 0.84 -35.69 63.02
C GLU B 561 0.57 -34.67 61.94
N ALA B 562 1.56 -34.32 61.12
CA ALA B 562 1.29 -33.53 59.91
C ALA B 562 0.98 -34.42 58.72
N GLY B 563 1.62 -35.58 58.62
CA GLY B 563 1.25 -36.52 57.59
C GLY B 563 -0.10 -37.16 57.79
N GLN B 564 -0.61 -37.18 59.02
CA GLN B 564 -1.97 -37.63 59.27
C GLN B 564 -3.00 -36.65 58.77
N LYS B 565 -2.73 -35.35 58.87
CA LYS B 565 -3.65 -34.35 58.35
C LYS B 565 -3.63 -34.33 56.83
N LEU B 566 -2.54 -34.78 56.22
CA LEU B 566 -2.47 -34.81 54.76
C LEU B 566 -3.10 -36.07 54.20
N PHE B 567 -2.85 -37.21 54.84
CA PHE B 567 -3.37 -38.49 54.36
C PHE B 567 -4.88 -38.58 54.45
N ASN B 568 -5.50 -37.87 55.39
CA ASN B 568 -6.95 -37.86 55.51
C ASN B 568 -7.64 -37.15 54.34
N MET B 569 -6.92 -36.30 53.61
CA MET B 569 -7.42 -35.73 52.36
C MET B 569 -6.96 -36.53 51.16
N LEU B 570 -5.80 -37.17 51.27
CA LEU B 570 -5.21 -37.90 50.15
C LEU B 570 -6.05 -39.12 49.79
N ARG B 571 -6.58 -39.83 50.78
CA ARG B 571 -7.30 -41.06 50.56
C ARG B 571 -8.72 -40.86 50.05
N LEU B 572 -9.18 -39.62 49.91
CA LEU B 572 -10.56 -39.40 49.50
C LEU B 572 -10.74 -39.55 47.99
N GLY B 573 -9.85 -38.95 47.21
CA GLY B 573 -10.05 -38.89 45.79
C GLY B 573 -11.14 -37.88 45.49
N LYS B 574 -12.12 -38.26 44.68
CA LYS B 574 -13.30 -37.44 44.47
C LYS B 574 -14.53 -38.02 45.14
N SER B 575 -14.35 -38.85 46.16
CA SER B 575 -15.49 -39.44 46.86
C SER B 575 -16.21 -38.39 47.70
N GLU B 576 -15.51 -37.37 48.16
CA GLU B 576 -16.07 -36.25 48.87
C GLU B 576 -15.84 -34.98 48.06
N PRO B 577 -16.65 -33.94 48.26
CA PRO B 577 -16.41 -32.68 47.54
C PRO B 577 -15.12 -32.01 47.98
N TRP B 578 -14.61 -31.13 47.11
CA TRP B 578 -13.35 -30.48 47.40
C TRP B 578 -13.47 -29.46 48.51
N THR B 579 -14.67 -28.94 48.76
CA THR B 579 -14.86 -28.06 49.91
C THR B 579 -14.78 -28.83 51.21
N LEU B 580 -15.17 -30.11 51.20
CA LEU B 580 -14.99 -30.97 52.34
C LEU B 580 -13.57 -31.51 52.44
N ALA B 581 -12.88 -31.65 51.30
CA ALA B 581 -11.49 -32.07 51.34
C ALA B 581 -10.58 -30.97 51.87
N LEU B 582 -10.96 -29.70 51.70
CA LEU B 582 -10.16 -28.62 52.27
C LEU B 582 -10.28 -28.58 53.79
N GLU B 583 -11.46 -28.89 54.31
CA GLU B 583 -11.67 -28.84 55.75
C GLU B 583 -10.97 -29.99 56.47
N ASN B 584 -10.61 -31.04 55.75
CA ASN B 584 -9.79 -32.09 56.33
C ASN B 584 -8.33 -31.69 56.49
N VAL B 585 -7.92 -30.55 55.95
CA VAL B 585 -6.55 -30.08 56.09
C VAL B 585 -6.52 -28.72 56.77
N VAL B 586 -7.13 -27.72 56.14
CA VAL B 586 -6.96 -26.35 56.58
C VAL B 586 -8.04 -25.86 57.53
N GLY B 587 -9.12 -26.63 57.69
CA GLY B 587 -10.20 -26.18 58.56
C GLY B 587 -11.09 -25.12 57.99
N ALA B 588 -11.14 -24.97 56.66
CA ALA B 588 -12.00 -24.00 56.01
C ALA B 588 -12.71 -24.68 54.85
N LYS B 589 -13.60 -23.92 54.20
CA LYS B 589 -14.39 -24.46 53.11
C LYS B 589 -14.15 -23.77 51.77
N ASN B 590 -13.60 -22.57 51.77
CA ASN B 590 -13.27 -21.85 50.55
C ASN B 590 -11.77 -21.66 50.46
N MET B 591 -11.30 -21.14 49.34
CA MET B 591 -9.88 -20.88 49.19
C MET B 591 -9.54 -19.53 49.78
N ASN B 592 -8.40 -19.47 50.47
CA ASN B 592 -7.99 -18.30 51.23
C ASN B 592 -6.65 -17.82 50.71
N VAL B 593 -6.43 -16.52 50.81
CA VAL B 593 -5.21 -15.91 50.30
C VAL B 593 -4.32 -15.38 51.41
N ARG B 594 -4.81 -15.35 52.65
CA ARG B 594 -3.95 -14.99 53.78
C ARG B 594 -2.79 -15.94 54.04
N PRO B 595 -2.83 -17.26 53.76
CA PRO B 595 -1.58 -18.03 53.83
C PRO B 595 -0.56 -17.67 52.77
N LEU B 596 -0.97 -17.09 51.64
CA LEU B 596 0.01 -16.70 50.64
C LEU B 596 0.76 -15.45 51.08
N LEU B 597 0.07 -14.52 51.73
CA LEU B 597 0.70 -13.29 52.14
C LEU B 597 1.55 -13.47 53.38
N ASN B 598 1.30 -14.50 54.18
CA ASN B 598 2.19 -14.83 55.27
C ASN B 598 3.48 -15.46 54.80
N TYR B 599 3.49 -16.06 53.61
CA TYR B 599 4.72 -16.61 53.06
C TYR B 599 5.66 -15.49 52.62
N PHE B 600 5.13 -14.51 51.90
CA PHE B 600 5.93 -13.40 51.41
C PHE B 600 5.87 -12.19 52.33
N GLU B 601 5.70 -12.44 53.63
CA GLU B 601 5.73 -11.34 54.60
C GLU B 601 7.14 -10.78 54.87
N PRO B 602 8.22 -11.56 54.97
CA PRO B 602 9.55 -10.93 55.04
C PRO B 602 9.96 -10.19 53.78
N LEU B 603 9.39 -10.52 52.62
CA LEU B 603 9.66 -9.76 51.42
C LEU B 603 8.82 -8.50 51.32
N PHE B 604 7.58 -8.54 51.83
CA PHE B 604 6.69 -7.40 51.69
C PHE B 604 7.12 -6.24 52.58
N THR B 605 7.66 -6.53 53.76
CA THR B 605 8.19 -5.44 54.60
C THR B 605 9.49 -4.91 54.02
N TRP B 606 10.25 -5.74 53.33
CA TRP B 606 11.48 -5.29 52.70
C TRP B 606 11.21 -4.47 51.45
N LEU B 607 10.14 -4.77 50.73
CA LEU B 607 9.82 -4.02 49.53
C LEU B 607 9.27 -2.64 49.86
N LYS B 608 8.59 -2.50 51.00
CA LYS B 608 8.07 -1.20 51.39
C LYS B 608 9.18 -0.27 51.87
N ASP B 609 10.35 -0.79 52.23
CA ASP B 609 11.51 0.03 52.50
C ASP B 609 12.25 0.41 51.23
N GLN B 610 12.22 -0.44 50.21
CA GLN B 610 12.91 -0.13 48.96
C GLN B 610 12.10 0.79 48.07
N ASN B 611 10.81 0.93 48.32
CA ASN B 611 9.93 1.81 47.55
C ASN B 611 9.50 3.01 48.37
N LYS B 612 10.42 3.54 49.19
CA LYS B 612 10.14 4.76 49.93
C LYS B 612 10.09 5.96 49.00
N ASN B 613 11.05 6.05 48.10
CA ASN B 613 11.14 7.17 47.16
C ASN B 613 10.45 6.89 45.84
N SER B 614 10.35 5.62 45.44
CA SER B 614 9.79 5.30 44.14
C SER B 614 8.27 5.39 44.18
N PHE B 615 7.66 5.23 43.01
CA PHE B 615 6.22 5.35 42.85
C PHE B 615 5.59 3.97 42.72
N VAL B 616 4.69 3.65 43.64
CA VAL B 616 4.02 2.36 43.68
C VAL B 616 2.71 2.50 42.93
N GLY B 617 2.56 1.73 41.86
CA GLY B 617 1.41 1.84 40.98
C GLY B 617 1.84 2.16 39.56
N TRP B 618 0.85 2.15 38.68
CA TRP B 618 1.09 2.45 37.27
C TRP B 618 -0.07 3.23 36.70
N SER B 619 0.22 4.01 35.68
CA SER B 619 -0.78 4.77 34.95
C SER B 619 -1.00 4.12 33.60
N THR B 620 -2.26 3.99 33.20
CA THR B 620 -2.62 3.27 31.98
C THR B 620 -2.68 4.19 30.77
N ASP B 621 -1.92 5.29 30.78
CA ASP B 621 -1.91 6.25 29.68
C ASP B 621 -0.58 6.32 28.95
N TRP B 622 0.53 6.08 29.65
CA TRP B 622 1.83 6.09 29.01
C TRP B 622 1.95 4.88 28.09
N SER B 623 2.67 5.07 26.99
CA SER B 623 2.84 4.04 25.97
C SER B 623 4.23 4.21 25.37
N PRO B 624 4.87 3.12 24.94
CA PRO B 624 6.23 3.24 24.39
C PRO B 624 6.30 3.96 23.06
N TYR B 625 5.17 4.10 22.36
CA TYR B 625 5.12 4.81 21.09
C TYR B 625 4.44 6.16 21.21
N ALA B 626 4.23 6.65 22.42
CA ALA B 626 3.34 7.79 22.63
C ALA B 626 4.02 9.14 22.41
N ASP B 627 5.33 9.23 22.66
CA ASP B 627 6.04 10.48 22.48
C ASP B 627 6.47 10.74 21.04
N GLN B 628 6.23 9.80 20.14
CA GLN B 628 6.51 9.98 18.72
C GLN B 628 5.25 9.92 17.88
N SER B 629 4.08 10.05 18.49
CA SER B 629 2.82 9.95 17.79
C SER B 629 2.34 11.32 17.34
N ILE B 630 1.53 11.33 16.29
CA ILE B 630 0.91 12.54 15.75
C ILE B 630 -0.59 12.32 15.71
N LYS B 631 -1.34 13.16 16.41
CA LYS B 631 -2.78 12.99 16.46
C LYS B 631 -3.44 13.67 15.27
N VAL B 632 -4.31 12.94 14.59
CA VAL B 632 -5.02 13.43 13.43
C VAL B 632 -6.49 13.55 13.78
N ARG B 633 -7.10 14.69 13.45
CA ARG B 633 -8.51 14.92 13.76
C ARG B 633 -9.21 15.35 12.49
N ILE B 634 -10.25 14.61 12.11
CA ILE B 634 -10.92 14.79 10.83
C ILE B 634 -12.39 15.12 11.07
N SER B 635 -12.83 16.24 10.51
CA SER B 635 -14.22 16.69 10.62
C SER B 635 -14.83 16.65 9.22
N LEU B 636 -15.55 15.57 8.92
CA LEU B 636 -16.03 15.37 7.56
C LEU B 636 -17.25 16.22 7.25
N LYS B 637 -18.18 16.34 8.18
CA LYS B 637 -19.44 17.01 7.91
C LYS B 637 -19.37 18.53 8.03
N SER B 638 -18.18 19.10 8.18
CA SER B 638 -18.02 20.54 8.11
C SER B 638 -17.36 20.99 6.81
N ALA B 639 -16.45 20.18 6.26
CA ALA B 639 -15.85 20.52 4.98
C ALA B 639 -16.79 20.19 3.82
N LEU B 640 -17.66 19.20 4.00
CA LEU B 640 -18.60 18.80 2.98
C LEU B 640 -20.04 18.99 3.39
N GLY B 641 -20.42 18.55 4.59
CA GLY B 641 -21.80 18.64 5.02
C GLY B 641 -22.63 17.58 4.35
N ASP B 642 -23.44 17.97 3.39
CA ASP B 642 -24.00 17.00 2.46
C ASP B 642 -22.93 16.62 1.43
N LYS B 643 -23.22 15.58 0.66
CA LYS B 643 -22.26 14.92 -0.24
C LYS B 643 -20.98 14.51 0.50
N ALA B 644 -21.13 14.05 1.74
CA ALA B 644 -20.01 13.64 2.56
C ALA B 644 -19.98 12.11 2.64
N TYR B 645 -18.84 11.53 2.34
CA TYR B 645 -18.70 10.10 2.30
C TYR B 645 -18.59 9.53 3.71
N GLU B 646 -18.75 8.21 3.82
CA GLU B 646 -18.64 7.51 5.08
C GLU B 646 -17.19 7.07 5.27
N TRP B 647 -16.72 7.13 6.51
CA TRP B 647 -15.34 6.80 6.84
C TRP B 647 -15.29 5.36 7.35
N ASN B 648 -15.12 4.42 6.43
CA ASN B 648 -14.96 3.02 6.76
C ASN B 648 -13.47 2.65 6.78
N ASP B 649 -13.18 1.35 6.86
CA ASP B 649 -11.81 0.87 6.90
C ASP B 649 -11.07 1.05 5.59
N ASN B 650 -11.77 1.24 4.48
CA ASN B 650 -11.09 1.52 3.22
C ASN B 650 -10.54 2.93 3.16
N GLU B 651 -11.18 3.88 3.84
CA GLU B 651 -10.64 5.22 3.90
C GLU B 651 -9.42 5.30 4.79
N MET B 652 -9.34 4.44 5.82
CA MET B 652 -8.14 4.37 6.62
C MET B 652 -7.00 3.72 5.87
N TYR B 653 -7.30 2.90 4.87
CA TYR B 653 -6.24 2.37 4.01
C TYR B 653 -5.67 3.46 3.12
N LEU B 654 -6.52 4.35 2.62
CA LEU B 654 -6.06 5.42 1.76
C LEU B 654 -5.27 6.46 2.54
N PHE B 655 -5.59 6.64 3.83
CA PHE B 655 -4.81 7.56 4.65
C PHE B 655 -3.44 7.01 4.93
N ARG B 656 -3.33 5.71 5.19
CA ARG B 656 -2.03 5.12 5.47
C ARG B 656 -1.15 5.06 4.24
N SER B 657 -1.75 4.99 3.05
CA SER B 657 -0.95 5.05 1.83
C SER B 657 -0.59 6.48 1.45
N SER B 658 -1.35 7.46 1.93
CA SER B 658 -0.99 8.85 1.65
C SER B 658 0.13 9.32 2.56
N VAL B 659 0.15 8.87 3.81
CA VAL B 659 1.26 9.17 4.69
C VAL B 659 2.52 8.45 4.23
N ALA B 660 2.37 7.21 3.75
CA ALA B 660 3.51 6.48 3.22
C ALA B 660 4.01 7.09 1.92
N TYR B 661 3.13 7.74 1.17
CA TYR B 661 3.58 8.52 0.02
C TYR B 661 4.34 9.76 0.45
N ALA B 662 3.90 10.39 1.54
CA ALA B 662 4.53 11.62 2.00
C ALA B 662 5.90 11.36 2.58
N MET B 663 6.10 10.20 3.22
CA MET B 663 7.42 9.86 3.74
C MET B 663 8.38 9.48 2.61
N ARG B 664 7.86 8.91 1.53
CA ARG B 664 8.72 8.54 0.41
C ARG B 664 9.25 9.77 -0.32
N GLN B 665 8.45 10.81 -0.42
CA GLN B 665 8.89 12.00 -1.14
C GLN B 665 9.86 12.84 -0.31
N TYR B 666 9.71 12.83 1.01
CA TYR B 666 10.59 13.63 1.86
C TYR B 666 11.98 13.04 1.93
N PHE B 667 12.09 11.72 1.95
CA PHE B 667 13.40 11.09 2.01
C PHE B 667 14.12 11.13 0.67
N LEU B 668 13.40 11.37 -0.43
CA LEU B 668 14.01 11.47 -1.74
C LEU B 668 14.45 12.89 -2.07
N LYS B 669 13.64 13.89 -1.72
CA LYS B 669 13.89 15.26 -2.12
C LYS B 669 14.67 16.06 -1.09
N VAL B 670 14.87 15.54 0.11
CA VAL B 670 15.64 16.22 1.14
C VAL B 670 16.90 15.44 1.49
N LYS B 671 16.79 14.13 1.69
CA LYS B 671 17.90 13.33 2.15
C LYS B 671 18.51 12.42 1.09
N ASN B 672 17.94 12.40 -0.12
CA ASN B 672 18.43 11.65 -1.28
C ASN B 672 18.53 10.14 -0.99
N GLN B 673 17.66 9.62 -0.15
CA GLN B 673 17.57 8.19 0.10
C GLN B 673 16.30 7.64 -0.52
N MET B 674 16.35 6.38 -0.92
CA MET B 674 15.19 5.69 -1.48
C MET B 674 14.76 4.63 -0.46
N ILE B 675 13.77 4.97 0.35
CA ILE B 675 13.27 4.09 1.39
C ILE B 675 11.83 3.76 1.06
N LEU B 676 11.54 2.48 0.87
CA LEU B 676 10.22 2.06 0.38
C LEU B 676 9.29 1.88 1.57
N PHE B 677 8.72 2.99 2.03
CA PHE B 677 7.68 2.93 3.03
C PHE B 677 6.41 2.36 2.42
N GLY B 678 5.75 1.47 3.16
CA GLY B 678 4.47 0.91 2.76
C GLY B 678 3.38 1.36 3.72
N GLU B 679 2.17 0.90 3.44
CA GLU B 679 1.05 1.24 4.31
C GLU B 679 1.06 0.44 5.60
N GLU B 680 1.85 -0.62 5.67
CA GLU B 680 1.98 -1.38 6.91
C GLU B 680 2.96 -0.76 7.89
N ASP B 681 3.72 0.25 7.46
CA ASP B 681 4.65 0.95 8.34
C ASP B 681 4.00 2.12 9.06
N VAL B 682 2.75 2.42 8.76
CA VAL B 682 2.01 3.48 9.42
C VAL B 682 1.09 2.81 10.43
N ARG B 683 1.41 2.96 11.71
CA ARG B 683 0.72 2.25 12.79
C ARG B 683 -0.30 3.18 13.43
N VAL B 684 -1.58 2.82 13.32
CA VAL B 684 -2.68 3.66 13.76
C VAL B 684 -3.22 3.11 15.07
N ALA B 685 -3.33 3.98 16.08
CA ALA B 685 -3.90 3.62 17.36
C ALA B 685 -5.01 4.60 17.74
N ASN B 686 -5.88 4.15 18.65
CA ASN B 686 -6.89 4.96 19.33
C ASN B 686 -7.91 5.57 18.36
N LEU B 687 -8.50 4.72 17.54
CA LEU B 687 -9.49 5.20 16.58
C LEU B 687 -10.80 5.53 17.28
N LYS B 688 -11.28 6.75 17.10
CA LYS B 688 -12.53 7.20 17.71
C LYS B 688 -13.59 7.54 16.67
N PRO B 689 -14.83 7.73 17.10
CA PRO B 689 -15.93 8.05 16.18
C PRO B 689 -15.78 9.42 15.52
N ARG B 690 -15.31 10.39 16.29
CA ARG B 690 -15.12 11.75 15.81
C ARG B 690 -14.01 11.79 14.77
N ILE B 691 -13.50 10.61 14.43
CA ILE B 691 -12.40 10.49 13.47
C ILE B 691 -11.17 11.14 14.09
N SER B 692 -10.50 10.33 14.90
CA SER B 692 -9.32 10.69 15.66
C SER B 692 -8.47 9.45 15.83
N PHE B 693 -7.17 9.60 15.63
CA PHE B 693 -6.23 8.52 15.86
C PHE B 693 -4.86 9.13 16.01
N ASN B 694 -3.98 8.38 16.66
CA ASN B 694 -2.56 8.69 16.70
C ASN B 694 -1.86 7.77 15.70
N PHE B 695 -0.81 8.27 15.08
CA PHE B 695 -0.05 7.40 14.20
C PHE B 695 1.43 7.68 14.37
N PHE B 696 2.23 6.70 13.97
CA PHE B 696 3.67 6.85 13.93
C PHE B 696 4.21 5.94 12.84
N VAL B 697 5.34 6.33 12.27
CA VAL B 697 5.90 5.68 11.09
C VAL B 697 7.19 4.98 11.50
N THR B 698 7.32 3.72 11.13
CA THR B 698 8.52 2.95 11.39
C THR B 698 9.26 2.69 10.09
N ALA B 699 10.44 2.09 10.22
CA ALA B 699 11.22 1.64 9.07
C ALA B 699 10.46 0.50 8.36
N PRO B 700 10.73 0.28 7.05
CA PRO B 700 9.91 -0.70 6.30
C PRO B 700 9.94 -2.13 6.80
N LYS B 701 11.08 -2.63 7.24
CA LYS B 701 11.14 -4.00 7.76
C LYS B 701 11.96 -4.01 9.05
N ASN B 702 11.77 -2.99 9.87
CA ASN B 702 12.47 -2.89 11.15
C ASN B 702 11.51 -2.20 12.11
N VAL B 703 10.80 -3.00 12.91
CA VAL B 703 9.78 -2.46 13.81
C VAL B 703 10.39 -1.68 14.97
N SER B 704 11.67 -1.88 15.25
CA SER B 704 12.31 -1.14 16.33
C SER B 704 12.67 0.28 15.93
N ASP B 705 12.65 0.61 14.65
CA ASP B 705 13.19 1.87 14.14
C ASP B 705 12.03 2.82 13.87
N ILE B 706 11.58 3.50 14.91
CA ILE B 706 10.56 4.53 14.75
C ILE B 706 11.20 5.78 14.20
N ILE B 707 10.65 6.31 13.11
CA ILE B 707 11.07 7.62 12.60
C ILE B 707 10.73 8.68 13.64
N PRO B 708 11.63 9.60 13.97
CA PRO B 708 11.32 10.62 14.96
C PRO B 708 10.24 11.58 14.49
N ARG B 709 9.55 12.17 15.47
CA ARG B 709 8.36 12.96 15.17
C ARG B 709 8.70 14.24 14.42
N THR B 710 9.89 14.79 14.64
CA THR B 710 10.27 16.03 13.99
C THR B 710 10.51 15.86 12.50
N GLU B 711 10.80 14.64 12.04
CA GLU B 711 10.96 14.40 10.61
C GLU B 711 9.68 13.95 9.95
N VAL B 712 8.73 13.39 10.71
CA VAL B 712 7.42 13.14 10.14
C VAL B 712 6.65 14.45 10.01
N GLU B 713 6.90 15.40 10.90
CA GLU B 713 6.27 16.71 10.79
C GLU B 713 6.78 17.48 9.58
N LYS B 714 8.04 17.31 9.22
CA LYS B 714 8.57 17.95 8.03
C LYS B 714 8.10 17.24 6.76
N ALA B 715 7.79 15.95 6.86
CA ALA B 715 7.31 15.23 5.69
C ALA B 715 5.87 15.58 5.37
N ILE B 716 5.06 15.79 6.40
CA ILE B 716 3.66 16.15 6.18
C ILE B 716 3.56 17.61 5.75
N ARG B 717 4.44 18.47 6.26
CA ARG B 717 4.44 19.88 5.89
C ARG B 717 4.76 20.08 4.41
N MET B 718 5.56 19.19 3.83
CA MET B 718 5.86 19.28 2.41
C MET B 718 4.65 18.87 1.57
N SER B 719 3.93 17.82 1.97
CA SER B 719 2.89 17.24 1.14
C SER B 719 1.50 17.39 1.77
N ARG B 720 1.27 18.44 2.55
CA ARG B 720 -0.05 18.62 3.16
C ARG B 720 -1.06 19.05 2.12
N SER B 721 -0.62 19.73 1.07
CA SER B 721 -1.53 20.11 0.00
C SER B 721 -1.96 18.90 -0.83
N ARG B 722 -1.16 17.84 -0.81
CA ARG B 722 -1.47 16.65 -1.59
C ARG B 722 -2.34 15.66 -0.82
N ILE B 723 -2.11 15.54 0.49
CA ILE B 723 -2.95 14.68 1.32
C ILE B 723 -4.36 15.28 1.45
N ASN B 724 -4.46 16.61 1.47
CA ASN B 724 -5.75 17.27 1.60
C ASN B 724 -6.63 17.04 0.38
N ASP B 725 -6.03 16.96 -0.80
CA ASP B 725 -6.81 16.85 -2.02
C ASP B 725 -7.34 15.43 -2.22
N ALA B 726 -6.71 14.44 -1.60
CA ALA B 726 -7.19 13.06 -1.75
C ALA B 726 -8.45 12.81 -0.95
N PHE B 727 -8.76 13.64 0.04
CA PHE B 727 -9.92 13.45 0.88
C PHE B 727 -10.91 14.60 0.82
N ARG B 728 -10.67 15.58 -0.06
CA ARG B 728 -11.52 16.77 -0.24
C ARG B 728 -11.65 17.60 1.04
N LEU B 729 -10.60 17.63 1.85
CA LEU B 729 -10.55 18.47 3.03
C LEU B 729 -9.55 19.59 2.79
N ASN B 730 -9.67 20.68 3.57
CA ASN B 730 -8.77 21.82 3.38
C ASN B 730 -8.30 22.38 4.73
N ASP B 731 -7.26 21.76 5.29
CA ASP B 731 -6.35 22.35 6.27
C ASP B 731 -6.97 22.74 7.62
N ASN B 732 -8.28 22.63 7.76
CA ASN B 732 -8.99 22.90 8.99
C ASN B 732 -9.92 21.78 9.39
N SER B 733 -10.36 20.98 8.43
CA SER B 733 -11.06 19.74 8.68
C SER B 733 -10.13 18.54 8.68
N LEU B 734 -8.85 18.74 8.39
CA LEU B 734 -7.82 17.72 8.50
C LEU B 734 -6.64 18.39 9.20
N GLU B 735 -6.63 18.32 10.52
CA GLU B 735 -5.62 18.97 11.33
C GLU B 735 -4.76 17.94 12.02
N PHE B 736 -3.48 18.26 12.17
CA PHE B 736 -2.50 17.30 12.66
C PHE B 736 -1.99 17.59 14.07
N LEU B 737 -2.50 18.64 14.71
CA LEU B 737 -2.34 18.92 16.15
C LEU B 737 -0.87 19.02 16.56
N GLY B 738 -0.23 20.07 16.04
CA GLY B 738 1.17 20.30 16.29
C GLY B 738 1.83 20.78 15.01
N ILE B 739 1.08 20.66 13.93
CA ILE B 739 1.50 21.15 12.61
C ILE B 739 0.47 22.21 12.21
N GLN B 740 0.90 23.45 12.16
CA GLN B 740 0.00 24.52 11.83
C GLN B 740 0.40 25.18 10.51
N PRO B 741 -0.57 25.63 9.71
CA PRO B 741 -0.22 26.33 8.47
C PRO B 741 0.32 27.73 8.77
N THR B 742 1.41 28.09 8.10
CA THR B 742 2.13 29.33 8.37
C THR B 742 2.15 30.27 7.18
N LEU B 743 2.44 29.77 5.98
CA LEU B 743 2.88 30.60 4.87
C LEU B 743 1.72 31.39 4.26
N GLY B 744 2.08 32.34 3.41
CA GLY B 744 1.14 33.11 2.63
C GLY B 744 1.07 34.57 3.00
N PRO B 745 1.79 35.42 2.28
CA PRO B 745 1.66 36.87 2.47
C PRO B 745 0.60 37.46 1.56
N PRO B 746 -0.31 38.29 2.10
CA PRO B 746 -1.36 38.89 1.28
C PRO B 746 -0.96 40.24 0.67
N ASN B 747 -0.12 40.21 -0.36
CA ASN B 747 0.25 41.42 -1.07
C ASN B 747 -0.58 41.49 -2.35
N GLN B 748 -1.79 42.07 -2.21
CA GLN B 748 -2.65 42.24 -3.38
C GLN B 748 -2.23 43.41 -4.27
N PRO B 749 -2.22 44.67 -3.81
CA PRO B 749 -2.25 45.77 -4.79
C PRO B 749 -0.87 46.15 -5.29
N PRO B 750 -0.71 46.26 -6.61
CA PRO B 750 0.40 47.04 -7.17
C PRO B 750 0.04 48.49 -7.47
N VAL B 751 -1.22 48.86 -7.29
CA VAL B 751 -1.72 50.17 -7.71
C VAL B 751 -2.24 51.01 -6.54
N SER B 752 -2.42 50.44 -5.35
CA SER B 752 -3.06 51.08 -4.19
C SER B 752 -4.45 51.60 -4.55
N ILE B 753 -5.35 50.62 -4.75
CA ILE B 753 -6.66 50.73 -5.39
C ILE B 753 -7.53 51.90 -4.89
N TRP B 754 -7.34 52.33 -3.64
CA TRP B 754 -8.08 53.49 -3.17
C TRP B 754 -7.60 54.80 -3.78
N LEU B 755 -6.38 54.83 -4.34
CA LEU B 755 -5.93 56.02 -5.05
C LEU B 755 -6.63 56.24 -6.39
N ILE B 756 -6.90 55.16 -7.14
CA ILE B 756 -7.42 55.35 -8.48
C ILE B 756 -8.91 55.66 -8.46
N VAL B 757 -9.62 55.25 -7.41
CA VAL B 757 -11.02 55.65 -7.29
C VAL B 757 -11.11 57.10 -6.84
N PHE B 758 -10.13 57.55 -6.06
CA PHE B 758 -10.00 58.97 -5.74
C PHE B 758 -9.74 59.78 -7.01
N GLY B 759 -8.93 59.24 -7.92
CA GLY B 759 -8.52 59.97 -9.11
C GLY B 759 -9.64 60.23 -10.09
N VAL B 760 -10.51 59.24 -10.29
CA VAL B 760 -11.61 59.42 -11.23
C VAL B 760 -12.75 60.21 -10.60
N VAL B 761 -12.73 60.35 -9.27
CA VAL B 761 -13.69 61.23 -8.60
C VAL B 761 -13.16 62.65 -8.57
N MET B 762 -11.90 62.83 -8.18
CA MET B 762 -11.28 64.15 -8.15
C MET B 762 -11.09 64.72 -9.55
N GLY B 763 -11.12 63.87 -10.57
CA GLY B 763 -11.13 64.34 -11.93
C GLY B 763 -12.44 65.01 -12.32
N VAL B 764 -13.55 64.42 -11.89
CA VAL B 764 -14.87 64.90 -12.31
C VAL B 764 -15.19 66.24 -11.64
N ILE B 765 -14.71 66.43 -10.42
CA ILE B 765 -15.11 67.58 -9.62
C ILE B 765 -14.44 68.86 -10.13
N VAL B 766 -13.17 68.76 -10.51
CA VAL B 766 -12.45 69.97 -10.96
C VAL B 766 -12.88 70.35 -12.37
N VAL B 767 -13.24 69.38 -13.19
CA VAL B 767 -13.80 69.70 -14.50
C VAL B 767 -15.28 70.02 -14.36
N GLY B 768 -15.89 69.60 -13.25
CA GLY B 768 -17.24 70.05 -12.95
C GLY B 768 -17.26 71.48 -12.44
N ILE B 769 -16.15 71.91 -11.84
CA ILE B 769 -16.04 73.25 -11.31
C ILE B 769 -15.68 74.23 -12.43
N VAL B 770 -14.68 73.84 -13.21
CA VAL B 770 -14.23 74.66 -14.32
C VAL B 770 -15.42 75.12 -15.15
N ILE B 771 -16.09 74.16 -15.80
CA ILE B 771 -17.25 74.49 -16.62
C ILE B 771 -18.21 75.39 -15.86
N LEU B 772 -18.38 75.11 -14.57
CA LEU B 772 -19.26 75.90 -13.73
C LEU B 772 -18.90 77.37 -13.82
N ILE B 773 -17.76 77.73 -13.22
CA ILE B 773 -17.29 79.11 -13.26
C ILE B 773 -17.38 79.68 -14.67
N PHE B 774 -17.05 78.85 -15.65
CA PHE B 774 -17.11 79.25 -17.05
C PHE B 774 -18.48 79.82 -17.38
N THR B 775 -19.46 78.93 -17.52
CA THR B 775 -20.82 79.34 -17.85
C THR B 775 -21.24 80.52 -16.98
N GLY B 776 -20.81 80.49 -15.72
CA GLY B 776 -21.12 81.55 -14.78
C GLY B 776 -20.72 82.89 -15.37
N ILE B 777 -19.42 83.19 -15.30
CA ILE B 777 -18.89 84.44 -15.83
C ILE B 777 -19.48 84.74 -17.20
N ARG B 778 -19.75 83.68 -17.96
CA ARG B 778 -20.31 83.82 -19.29
C ARG B 778 -21.64 84.57 -19.24
N ASP B 779 -22.70 83.87 -18.83
CA ASP B 779 -24.02 84.48 -18.74
C ASP B 779 -24.00 85.66 -17.77
N ARG B 780 -22.84 85.89 -17.18
CA ARG B 780 -22.66 86.98 -16.22
C ARG B 780 -22.48 88.31 -16.95
N GLU C 1 -33.32 -73.02 22.07
CA GLU C 1 -33.83 -71.69 22.41
C GLU C 1 -33.66 -71.40 23.89
N VAL C 2 -34.07 -70.22 24.30
CA VAL C 2 -33.93 -69.81 25.69
C VAL C 2 -34.94 -70.56 26.56
N GLN C 3 -34.43 -71.43 27.42
CA GLN C 3 -35.24 -72.17 28.38
C GLN C 3 -34.50 -72.17 29.70
N LEU C 4 -35.23 -72.37 30.78
CA LEU C 4 -34.62 -72.68 32.07
C LEU C 4 -35.06 -74.08 32.47
N GLU C 5 -34.17 -74.82 33.09
CA GLU C 5 -34.43 -76.19 33.47
C GLU C 5 -34.47 -76.30 34.99
N GLU C 6 -35.44 -77.05 35.49
CA GLU C 6 -35.61 -77.27 36.91
C GLU C 6 -35.17 -78.70 37.23
N SER C 7 -35.24 -79.09 38.50
CA SER C 7 -34.77 -80.40 38.88
C SER C 7 -35.46 -80.88 40.15
N GLY C 8 -36.23 -81.95 40.04
CA GLY C 8 -36.61 -82.73 41.20
C GLY C 8 -37.83 -82.26 41.95
N ALA C 9 -38.79 -83.16 42.17
CA ALA C 9 -39.92 -82.91 43.05
C ALA C 9 -39.59 -83.55 44.40
N GLU C 10 -38.75 -82.87 45.15
CA GLU C 10 -38.06 -83.50 46.27
C GLU C 10 -38.93 -83.55 47.52
N LEU C 11 -38.98 -84.74 48.11
CA LEU C 11 -39.69 -84.99 49.36
C LEU C 11 -38.57 -85.04 50.37
N VAL C 12 -38.60 -84.16 51.37
CA VAL C 12 -37.54 -84.08 52.36
C VAL C 12 -38.15 -84.27 53.75
N ARG C 13 -37.41 -84.97 54.62
CA ARG C 13 -37.76 -85.00 56.02
C ARG C 13 -37.57 -83.62 56.62
N PRO C 14 -38.52 -83.14 57.43
CA PRO C 14 -38.39 -81.81 58.02
C PRO C 14 -37.21 -81.69 58.97
N GLY C 15 -36.66 -80.47 59.04
CA GLY C 15 -35.46 -80.20 59.81
C GLY C 15 -34.16 -80.30 59.05
N ALA C 16 -34.17 -80.90 57.88
CA ALA C 16 -32.97 -81.12 57.08
C ALA C 16 -32.71 -79.93 56.17
N SER C 17 -31.83 -80.12 55.19
CA SER C 17 -31.54 -79.11 54.19
C SER C 17 -31.84 -79.68 52.81
N VAL C 18 -32.02 -78.79 51.83
CA VAL C 18 -32.45 -79.17 50.49
C VAL C 18 -31.52 -78.51 49.48
N LYS C 19 -31.55 -79.01 48.24
CA LYS C 19 -30.74 -78.45 47.16
C LYS C 19 -31.59 -78.35 45.91
N ILE C 20 -32.00 -77.13 45.55
CA ILE C 20 -32.78 -76.87 44.35
C ILE C 20 -31.85 -76.31 43.29
N SER C 21 -31.85 -76.94 42.12
CA SER C 21 -30.94 -76.58 41.03
C SER C 21 -31.76 -76.02 39.88
N CYS C 22 -31.28 -74.94 39.28
CA CYS C 22 -31.91 -74.36 38.09
C CYS C 22 -30.87 -74.29 36.99
N LYS C 23 -31.07 -75.08 35.94
CA LYS C 23 -30.13 -75.16 34.83
C LYS C 23 -30.59 -74.24 33.70
N ALA C 24 -29.63 -73.58 33.06
CA ALA C 24 -29.92 -72.62 32.00
C ALA C 24 -29.67 -73.23 30.62
N PHE C 25 -30.30 -72.61 29.61
CA PHE C 25 -30.21 -73.03 28.23
C PHE C 25 -30.54 -71.86 27.30
N GLY C 26 -29.82 -71.77 26.19
CA GLY C 26 -30.05 -70.70 25.23
C GLY C 26 -29.16 -69.51 25.46
N TYR C 27 -29.72 -68.45 26.04
CA TYR C 27 -28.96 -67.24 26.32
C TYR C 27 -27.63 -67.59 26.97
N THR C 28 -26.71 -66.65 26.96
CA THR C 28 -25.39 -66.85 27.55
C THR C 28 -25.49 -67.49 28.93
N PHE C 29 -25.60 -66.64 29.95
CA PHE C 29 -25.70 -67.08 31.33
C PHE C 29 -25.33 -65.93 32.26
N THR C 30 -24.04 -65.70 32.46
CA THR C 30 -23.55 -64.63 33.30
C THR C 30 -23.95 -63.27 32.75
N ASN C 31 -25.19 -63.17 32.26
CA ASN C 31 -25.69 -61.92 31.70
C ASN C 31 -27.17 -61.71 32.01
N HIS C 32 -27.66 -62.38 33.06
CA HIS C 32 -29.05 -62.27 33.46
C HIS C 32 -29.18 -62.76 34.90
N HIS C 33 -29.61 -61.88 35.80
CA HIS C 33 -29.76 -62.29 37.19
C HIS C 33 -30.75 -63.42 37.28
N ILE C 34 -30.58 -64.27 38.28
CA ILE C 34 -31.49 -65.38 38.51
C ILE C 34 -32.19 -65.17 39.83
N ASN C 35 -33.50 -65.07 39.80
CA ASN C 35 -34.33 -64.85 40.97
C ASN C 35 -34.95 -66.16 41.42
N TRP C 36 -35.62 -66.11 42.56
CA TRP C 36 -36.36 -67.25 43.05
C TRP C 36 -37.61 -66.73 43.72
N MET C 37 -38.73 -67.44 43.52
CA MET C 37 -39.98 -67.07 44.17
C MET C 37 -40.60 -68.31 44.79
N LYS C 38 -41.44 -68.07 45.80
CA LYS C 38 -42.18 -69.10 46.49
C LYS C 38 -43.65 -68.89 46.21
N GLN C 39 -44.37 -69.99 45.97
CA GLN C 39 -45.82 -69.91 45.78
C GLN C 39 -46.46 -71.04 46.57
N ARG C 40 -47.08 -70.67 47.69
CA ARG C 40 -47.88 -71.63 48.42
C ARG C 40 -49.11 -72.01 47.59
N PRO C 41 -49.53 -73.27 47.62
CA PRO C 41 -50.66 -73.70 46.79
C PRO C 41 -51.96 -73.08 47.28
N GLY C 42 -52.67 -72.42 46.37
CA GLY C 42 -53.83 -71.65 46.77
C GLY C 42 -53.50 -70.33 47.41
N GLN C 43 -52.31 -69.80 47.18
CA GLN C 43 -51.92 -68.50 47.72
C GLN C 43 -51.13 -67.75 46.65
N GLY C 44 -50.87 -66.48 46.94
CA GLY C 44 -50.13 -65.63 46.02
C GLY C 44 -48.64 -65.86 46.13
N LEU C 45 -47.92 -65.23 45.20
CA LEU C 45 -46.47 -65.36 45.14
C LEU C 45 -45.81 -64.35 46.06
N ASP C 46 -44.58 -64.66 46.45
CA ASP C 46 -43.74 -63.69 47.15
C ASP C 46 -42.30 -63.97 46.77
N TRP C 47 -41.40 -63.09 47.19
CA TRP C 47 -40.05 -63.02 46.65
C TRP C 47 -39.06 -63.59 47.65
N ILE C 48 -38.07 -64.33 47.13
CA ILE C 48 -37.00 -64.86 47.96
C ILE C 48 -35.82 -63.90 47.89
N GLY C 49 -35.29 -63.71 46.70
CA GLY C 49 -34.10 -62.93 46.51
C GLY C 49 -33.52 -63.22 45.13
N TYR C 50 -32.24 -62.92 44.96
CA TYR C 50 -31.59 -63.27 43.72
C TYR C 50 -30.10 -63.46 43.94
N VAL C 51 -29.49 -64.21 43.04
CA VAL C 51 -28.04 -64.33 42.98
C VAL C 51 -27.58 -63.85 41.61
N ASN C 52 -26.67 -62.91 41.60
CA ASN C 52 -26.06 -62.45 40.38
C ASN C 52 -25.04 -63.49 39.96
N PRO C 53 -25.08 -64.03 38.74
CA PRO C 53 -24.05 -65.02 38.36
C PRO C 53 -22.69 -64.39 38.23
N TYR C 54 -22.59 -63.25 37.57
CA TYR C 54 -21.43 -62.38 37.69
C TYR C 54 -21.33 -61.94 39.14
N ASN C 55 -20.10 -61.83 39.66
CA ASN C 55 -19.84 -61.36 41.04
C ASN C 55 -20.45 -62.10 42.24
N ASP C 56 -21.19 -63.17 41.99
CA ASP C 56 -21.84 -63.98 43.03
C ASP C 56 -22.51 -63.14 44.13
N TYR C 57 -23.04 -61.98 43.78
CA TYR C 57 -23.69 -61.14 44.77
C TYR C 57 -25.12 -61.59 45.00
N THR C 58 -25.53 -61.59 46.27
CA THR C 58 -26.87 -62.03 46.65
C THR C 58 -27.61 -60.89 47.35
N LYS C 59 -28.93 -60.98 47.31
CA LYS C 59 -29.85 -60.06 47.95
C LYS C 59 -31.02 -60.90 48.48
N TYR C 60 -31.61 -60.52 49.60
CA TYR C 60 -32.70 -61.32 50.14
C TYR C 60 -33.82 -60.41 50.63
N SER C 61 -35.02 -60.95 50.65
CA SER C 61 -36.08 -60.32 51.39
C SER C 61 -35.92 -60.62 52.88
N GLN C 62 -36.62 -59.85 53.71
CA GLN C 62 -36.39 -59.93 55.15
C GLN C 62 -36.94 -61.21 55.76
N ASN C 63 -37.92 -61.84 55.11
CA ASN C 63 -38.47 -63.08 55.64
C ASN C 63 -37.62 -64.31 55.30
N PHE C 64 -36.48 -64.14 54.65
CA PHE C 64 -35.70 -65.29 54.22
C PHE C 64 -34.21 -65.13 54.49
N LYS C 65 -33.78 -64.05 55.13
CA LYS C 65 -32.38 -63.90 55.50
C LYS C 65 -32.04 -64.90 56.59
N GLY C 66 -31.02 -65.72 56.33
CA GLY C 66 -30.66 -66.79 57.24
C GLY C 66 -31.48 -68.05 57.07
N LYS C 67 -32.42 -68.07 56.12
CA LYS C 67 -33.20 -69.25 55.82
C LYS C 67 -32.67 -70.01 54.62
N ALA C 68 -32.40 -69.31 53.51
CA ALA C 68 -31.97 -69.94 52.29
C ALA C 68 -30.71 -69.25 51.79
N THR C 69 -29.82 -70.03 51.18
CA THR C 69 -28.65 -69.50 50.52
C THR C 69 -28.75 -69.72 49.02
N LEU C 70 -28.03 -68.89 48.28
CA LEU C 70 -28.07 -68.91 46.82
C LEU C 70 -26.65 -69.01 46.28
N SER C 71 -26.40 -70.01 45.45
CA SER C 71 -25.08 -70.23 44.87
C SER C 71 -25.24 -70.43 43.37
N VAL C 72 -24.10 -70.43 42.67
CA VAL C 72 -24.09 -70.48 41.21
C VAL C 72 -22.77 -71.06 40.75
N ASP C 73 -22.82 -71.87 39.69
CA ASP C 73 -21.63 -72.45 39.08
C ASP C 73 -21.51 -71.93 37.65
N ARG C 74 -20.52 -71.07 37.41
CA ARG C 74 -20.32 -70.52 36.08
C ARG C 74 -19.87 -71.56 35.07
N SER C 75 -19.16 -72.60 35.52
CA SER C 75 -18.60 -73.60 34.62
C SER C 75 -19.63 -74.59 34.11
N SER C 76 -20.81 -74.64 34.72
CA SER C 76 -21.83 -75.60 34.33
C SER C 76 -23.19 -74.97 34.06
N SER C 77 -23.31 -73.65 34.22
CA SER C 77 -24.52 -72.87 33.96
C SER C 77 -25.71 -73.35 34.80
N THR C 78 -25.43 -73.70 36.06
CA THR C 78 -26.47 -74.08 37.00
C THR C 78 -26.48 -73.10 38.16
N ALA C 79 -27.68 -72.72 38.59
CA ALA C 79 -27.87 -71.91 39.77
C ALA C 79 -28.48 -72.75 40.88
N TYR C 80 -28.06 -72.49 42.11
CA TYR C 80 -28.47 -73.30 43.25
C TYR C 80 -29.27 -72.47 44.22
N MET C 81 -30.37 -73.03 44.68
CA MET C 81 -31.07 -72.54 45.86
C MET C 81 -31.04 -73.63 46.91
N GLU C 82 -30.57 -73.31 48.10
CA GLU C 82 -30.47 -74.27 49.19
C GLU C 82 -31.13 -73.65 50.41
N LEU C 83 -32.25 -74.22 50.82
CA LEU C 83 -32.85 -73.85 52.10
C LEU C 83 -32.33 -74.76 53.20
N SER C 84 -32.35 -74.24 54.43
CA SER C 84 -31.92 -74.98 55.59
C SER C 84 -32.92 -74.75 56.72
N SER C 85 -32.85 -75.63 57.72
CA SER C 85 -33.78 -75.71 58.85
C SER C 85 -35.23 -75.74 58.37
N LEU C 86 -35.53 -76.77 57.59
CA LEU C 86 -36.83 -76.89 56.93
C LEU C 86 -37.91 -77.25 57.94
N THR C 87 -38.87 -76.35 58.12
CA THR C 87 -40.03 -76.63 58.95
C THR C 87 -41.09 -77.31 58.09
N SER C 88 -42.30 -77.42 58.64
CA SER C 88 -43.42 -77.90 57.84
C SER C 88 -44.01 -76.82 56.96
N GLU C 89 -43.65 -75.56 57.20
CA GLU C 89 -44.20 -74.44 56.45
C GLU C 89 -43.61 -74.29 55.07
N ASP C 90 -42.31 -74.54 54.90
CA ASP C 90 -41.66 -74.38 53.60
C ASP C 90 -42.00 -75.58 52.72
N SER C 91 -43.25 -75.58 52.25
CA SER C 91 -43.80 -76.64 51.43
C SER C 91 -44.58 -75.97 50.31
N ALA C 92 -43.89 -75.65 49.22
CA ALA C 92 -44.48 -74.84 48.17
C ALA C 92 -43.78 -75.13 46.87
N VAL C 93 -44.31 -74.54 45.80
CA VAL C 93 -43.67 -74.60 44.50
C VAL C 93 -42.66 -73.48 44.42
N TYR C 94 -41.41 -73.81 44.09
CA TYR C 94 -40.33 -72.84 44.03
C TYR C 94 -39.95 -72.61 42.57
N TYR C 95 -40.17 -71.39 42.11
CA TYR C 95 -39.86 -71.01 40.73
C TYR C 95 -38.50 -70.36 40.66
N CYS C 96 -37.75 -70.66 39.60
CA CYS C 96 -36.55 -69.93 39.26
C CYS C 96 -36.80 -69.17 37.97
N ALA C 97 -36.62 -67.86 38.03
CA ALA C 97 -36.91 -67.03 36.87
C ALA C 97 -35.85 -65.97 36.75
N ARG C 98 -35.57 -65.59 35.52
CA ARG C 98 -34.59 -64.55 35.23
C ARG C 98 -35.30 -63.33 34.70
N TRP C 99 -34.63 -62.21 34.77
CA TRP C 99 -35.02 -61.06 33.96
C TRP C 99 -33.91 -60.74 32.97
N ARG C 100 -34.29 -60.15 31.85
CA ARG C 100 -33.33 -59.89 30.79
C ARG C 100 -32.45 -58.70 31.15
N ASP C 101 -31.47 -58.44 30.29
CA ASP C 101 -30.55 -57.32 30.48
C ASP C 101 -29.47 -57.64 31.51
N TYR C 102 -29.50 -56.95 32.63
CA TYR C 102 -28.51 -57.13 33.70
C TYR C 102 -28.60 -55.95 34.64
N ASP C 103 -29.08 -54.83 34.10
CA ASP C 103 -29.24 -53.60 34.86
C ASP C 103 -30.27 -52.72 34.17
N ARG C 104 -30.52 -53.02 32.90
CA ARG C 104 -31.49 -52.27 32.10
C ARG C 104 -32.92 -52.55 32.56
N ASP C 105 -33.59 -53.46 31.88
CA ASP C 105 -34.96 -53.82 32.21
C ASP C 105 -35.05 -54.86 33.33
N TRP C 106 -35.63 -54.45 34.45
CA TRP C 106 -35.80 -55.33 35.58
C TRP C 106 -37.14 -56.01 35.71
N TYR C 107 -37.62 -56.62 34.63
CA TYR C 107 -38.85 -57.41 34.72
C TYR C 107 -38.60 -58.81 34.19
N PHE C 108 -39.25 -59.80 34.82
CA PHE C 108 -39.04 -61.20 34.50
C PHE C 108 -39.42 -61.51 33.05
N ASP C 109 -38.73 -62.47 32.45
CA ASP C 109 -39.09 -62.94 31.11
C ASP C 109 -39.45 -64.41 31.08
N VAL C 110 -38.54 -65.28 31.46
CA VAL C 110 -38.71 -66.71 31.28
C VAL C 110 -38.55 -67.40 32.62
N TRP C 111 -39.30 -68.47 32.80
CA TRP C 111 -39.49 -69.08 34.10
C TRP C 111 -39.12 -70.54 34.01
N GLY C 112 -39.01 -71.18 35.18
CA GLY C 112 -38.86 -72.62 35.20
C GLY C 112 -40.22 -73.28 35.17
N ALA C 113 -40.32 -74.48 35.72
CA ALA C 113 -41.62 -75.11 35.89
C ALA C 113 -41.94 -75.38 37.34
N GLY C 114 -41.08 -74.98 38.27
CA GLY C 114 -41.37 -75.15 39.67
C GLY C 114 -40.99 -76.51 40.18
N THR C 115 -40.24 -76.55 41.27
CA THR C 115 -39.85 -77.79 41.91
C THR C 115 -40.68 -77.94 43.18
N THR C 116 -41.57 -78.93 43.19
CA THR C 116 -42.46 -79.14 44.32
C THR C 116 -41.67 -79.70 45.48
N VAL C 117 -41.57 -78.94 46.56
CA VAL C 117 -40.82 -79.33 47.74
C VAL C 117 -41.82 -79.67 48.83
N ILE C 118 -41.82 -80.91 49.28
CA ILE C 118 -42.74 -81.39 50.31
C ILE C 118 -41.93 -81.77 51.53
N VAL C 119 -42.39 -81.37 52.70
CA VAL C 119 -41.66 -81.62 53.95
C VAL C 119 -42.52 -82.53 54.83
N SER C 120 -42.17 -83.82 54.83
CA SER C 120 -42.89 -84.80 55.63
C SER C 120 -42.09 -86.10 55.76
N SER C 121 -42.21 -86.74 56.91
CA SER C 121 -41.50 -87.99 57.16
C SER C 121 -42.43 -89.19 57.01
N ALA C 122 -42.13 -90.26 57.72
CA ALA C 122 -42.94 -91.48 57.67
C ALA C 122 -42.76 -92.20 56.34
N SER C 123 -41.74 -91.78 55.58
CA SER C 123 -41.47 -92.40 54.29
C SER C 123 -42.72 -92.47 53.42
N THR C 124 -42.73 -93.40 52.48
CA THR C 124 -43.87 -93.59 51.59
C THR C 124 -44.87 -94.57 52.17
N LYS C 125 -46.12 -94.48 51.73
CA LYS C 125 -47.17 -95.36 52.21
C LYS C 125 -48.20 -95.64 51.11
N GLY C 126 -48.77 -96.85 51.14
CA GLY C 126 -49.76 -97.22 50.16
C GLY C 126 -51.15 -96.77 50.55
N PRO C 127 -52.04 -96.68 49.56
CA PRO C 127 -53.38 -96.17 49.84
C PRO C 127 -54.30 -97.23 50.42
N SER C 128 -55.25 -96.78 51.24
CA SER C 128 -56.33 -97.62 51.73
C SER C 128 -57.60 -97.22 51.00
N VAL C 129 -58.31 -98.20 50.45
CA VAL C 129 -59.44 -97.94 49.56
C VAL C 129 -60.71 -98.45 50.20
N PHE C 130 -61.78 -97.66 50.09
CA PHE C 130 -63.14 -98.04 50.41
C PHE C 130 -64.07 -97.68 49.26
N PRO C 131 -65.13 -98.45 49.01
CA PRO C 131 -66.13 -98.03 48.02
C PRO C 131 -67.26 -97.27 48.69
N LEU C 132 -67.59 -96.12 48.10
CA LEU C 132 -68.68 -95.27 48.52
C LEU C 132 -69.83 -95.80 47.66
N ALA C 133 -70.79 -96.45 48.30
CA ALA C 133 -71.92 -97.09 47.64
C ALA C 133 -72.90 -96.05 47.12
N PRO C 134 -73.58 -96.34 46.01
CA PRO C 134 -74.70 -95.50 45.60
C PRO C 134 -75.87 -95.71 46.55
N SER C 135 -76.48 -94.61 46.97
CA SER C 135 -77.59 -94.69 47.90
C SER C 135 -78.66 -93.68 47.56
N SER C 136 -79.85 -93.90 48.11
CA SER C 136 -80.98 -93.01 47.86
C SER C 136 -80.69 -91.60 48.36
N LYS C 137 -79.80 -91.49 49.33
CA LYS C 137 -79.39 -90.18 49.84
C LYS C 137 -78.68 -89.50 48.66
N SER C 138 -77.90 -90.28 47.92
CA SER C 138 -77.18 -89.77 46.76
C SER C 138 -78.04 -89.81 45.50
N THR C 139 -79.10 -90.61 45.51
CA THR C 139 -79.98 -90.72 44.35
C THR C 139 -80.94 -89.54 44.30
N SER C 140 -81.20 -89.06 43.08
CA SER C 140 -82.16 -87.98 42.84
C SER C 140 -82.72 -88.15 41.42
N GLY C 141 -83.93 -88.68 41.34
CA GLY C 141 -84.61 -88.76 40.05
C GLY C 141 -83.94 -89.78 39.14
N GLY C 142 -83.34 -89.29 38.05
CA GLY C 142 -82.85 -90.16 37.00
C GLY C 142 -81.45 -90.70 37.24
N THR C 143 -80.69 -90.12 38.16
CA THR C 143 -79.29 -90.48 38.33
C THR C 143 -78.97 -90.71 39.81
N ALA C 144 -77.89 -91.45 40.05
CA ALA C 144 -77.37 -91.70 41.39
C ALA C 144 -75.85 -91.83 41.29
N ALA C 145 -75.17 -91.40 42.34
CA ALA C 145 -73.71 -91.28 42.32
C ALA C 145 -73.08 -92.35 43.21
N LEU C 146 -71.93 -92.88 42.76
CA LEU C 146 -71.13 -93.83 43.51
C LEU C 146 -69.65 -93.54 43.27
N GLY C 147 -68.80 -93.98 44.19
CA GLY C 147 -67.41 -93.65 44.04
C GLY C 147 -66.48 -94.50 44.87
N CYS C 148 -65.22 -94.07 44.92
CA CYS C 148 -64.18 -94.79 45.66
C CYS C 148 -63.34 -93.78 46.43
N LEU C 149 -63.11 -94.09 47.71
CA LEU C 149 -62.33 -93.26 48.61
C LEU C 149 -60.97 -93.90 48.80
N VAL C 150 -59.92 -93.23 48.35
CA VAL C 150 -58.56 -93.73 48.45
C VAL C 150 -57.80 -92.76 49.35
N LYS C 151 -57.37 -93.24 50.52
CA LYS C 151 -56.88 -92.35 51.56
C LYS C 151 -55.53 -92.82 52.10
N ASP C 152 -54.94 -91.96 52.95
CA ASP C 152 -53.71 -92.24 53.68
C ASP C 152 -52.58 -92.76 52.82
N TYR C 153 -52.04 -91.91 51.96
CA TYR C 153 -50.83 -92.23 51.21
C TYR C 153 -49.93 -91.01 51.15
N PHE C 154 -48.63 -91.20 51.27
CA PHE C 154 -47.70 -90.09 51.08
C PHE C 154 -47.35 -89.80 49.62
N PRO C 155 -46.99 -90.81 48.81
CA PRO C 155 -46.38 -90.50 47.51
C PRO C 155 -47.37 -89.93 46.52
N GLU C 156 -47.46 -88.61 46.52
CA GLU C 156 -48.49 -87.75 45.93
C GLU C 156 -49.11 -88.28 44.63
N PRO C 157 -48.34 -88.64 43.60
CA PRO C 157 -48.99 -89.10 42.37
C PRO C 157 -49.67 -90.44 42.54
N VAL C 158 -51.00 -90.44 42.53
CA VAL C 158 -51.81 -91.64 42.64
C VAL C 158 -52.96 -91.50 41.66
N THR C 159 -53.46 -92.60 41.12
CA THR C 159 -54.53 -92.48 40.14
C THR C 159 -55.60 -93.51 40.44
N VAL C 160 -56.85 -93.12 40.19
CA VAL C 160 -58.00 -94.01 40.26
C VAL C 160 -58.79 -93.84 38.97
N SER C 161 -59.00 -94.94 38.26
CA SER C 161 -59.80 -94.95 37.06
C SER C 161 -61.09 -95.70 37.33
N TRP C 162 -62.04 -95.56 36.42
CA TRP C 162 -63.30 -96.28 36.52
C TRP C 162 -63.41 -97.29 35.39
N ASN C 163 -63.50 -98.56 35.77
CA ASN C 163 -63.66 -99.67 34.82
C ASN C 163 -62.55 -99.66 33.78
N SER C 164 -61.31 -99.67 34.28
CA SER C 164 -60.11 -99.76 33.44
C SER C 164 -60.05 -98.61 32.42
N GLY C 165 -60.68 -97.48 32.73
CA GLY C 165 -60.71 -96.36 31.82
C GLY C 165 -61.91 -96.28 30.93
N ALA C 166 -62.96 -97.06 31.20
CA ALA C 166 -64.14 -97.09 30.33
C ALA C 166 -65.04 -95.87 30.50
N LEU C 167 -65.49 -95.58 31.72
CA LEU C 167 -66.47 -94.53 31.95
C LEU C 167 -65.74 -93.19 32.03
N THR C 168 -66.15 -92.26 31.17
CA THR C 168 -65.61 -90.91 31.18
C THR C 168 -66.71 -89.90 31.47
N SER C 169 -67.95 -90.38 31.56
CA SER C 169 -69.09 -89.55 31.87
C SER C 169 -69.34 -89.53 33.38
N GLY C 170 -69.34 -88.33 33.95
CA GLY C 170 -69.58 -88.15 35.37
C GLY C 170 -68.42 -88.48 36.27
N VAL C 171 -67.38 -89.15 35.75
CA VAL C 171 -66.21 -89.49 36.53
C VAL C 171 -65.45 -88.21 36.87
N HIS C 172 -65.36 -87.90 38.16
CA HIS C 172 -64.63 -86.71 38.61
C HIS C 172 -63.81 -87.00 39.87
N THR C 173 -62.49 -86.96 39.73
CA THR C 173 -61.59 -87.20 40.86
C THR C 173 -61.29 -85.86 41.50
N PHE C 174 -61.50 -85.78 42.79
CA PHE C 174 -61.33 -84.51 43.45
C PHE C 174 -59.89 -84.33 43.94
N PRO C 175 -59.43 -83.10 44.07
CA PRO C 175 -58.04 -82.89 44.50
C PRO C 175 -57.77 -83.57 45.83
N ALA C 176 -56.61 -84.20 45.91
CA ALA C 176 -56.23 -84.87 47.14
C ALA C 176 -56.10 -83.85 48.26
N VAL C 177 -56.39 -84.31 49.47
CA VAL C 177 -56.30 -83.44 50.64
C VAL C 177 -55.17 -83.95 51.52
N LEU C 178 -54.46 -83.00 52.11
CA LEU C 178 -53.33 -83.29 52.98
C LEU C 178 -53.76 -83.14 54.43
N GLN C 179 -53.77 -84.24 55.16
CA GLN C 179 -54.26 -84.26 56.53
C GLN C 179 -53.17 -83.76 57.48
N SER C 180 -53.56 -83.64 58.76
CA SER C 180 -52.58 -83.31 59.79
C SER C 180 -51.61 -84.45 60.01
N SER C 181 -52.05 -85.69 59.77
CA SER C 181 -51.16 -86.84 59.90
C SER C 181 -50.00 -86.77 58.93
N GLY C 182 -50.08 -85.93 57.90
CA GLY C 182 -49.05 -85.82 56.90
C GLY C 182 -49.29 -86.65 55.65
N LEU C 183 -50.37 -87.42 55.60
CA LEU C 183 -50.67 -88.26 54.46
C LEU C 183 -51.81 -87.69 53.65
N TYR C 184 -51.81 -87.98 52.37
CA TYR C 184 -52.84 -87.47 51.47
C TYR C 184 -54.07 -88.37 51.50
N SER C 185 -55.15 -87.86 50.92
CA SER C 185 -56.39 -88.61 50.78
C SER C 185 -57.23 -87.94 49.71
N LEU C 186 -58.01 -88.75 49.00
CA LEU C 186 -58.91 -88.22 47.98
C LEU C 186 -60.05 -89.20 47.78
N SER C 187 -61.04 -88.76 47.00
CA SER C 187 -62.22 -89.55 46.67
C SER C 187 -62.69 -89.19 45.26
N SER C 188 -62.92 -90.20 44.43
CA SER C 188 -63.36 -89.97 43.05
C SER C 188 -64.76 -90.54 42.90
N VAL C 189 -65.67 -89.75 42.34
CA VAL C 189 -67.08 -90.12 42.28
C VAL C 189 -67.59 -89.96 40.85
N VAL C 190 -68.56 -90.79 40.50
CA VAL C 190 -69.19 -90.76 39.18
C VAL C 190 -70.68 -91.02 39.36
N THR C 191 -71.49 -90.29 38.60
CA THR C 191 -72.94 -90.47 38.58
C THR C 191 -73.31 -91.37 37.41
N VAL C 192 -74.40 -92.11 37.58
CA VAL C 192 -74.83 -93.14 36.64
C VAL C 192 -76.34 -93.27 36.81
N PRO C 193 -77.12 -93.51 35.75
CA PRO C 193 -78.58 -93.55 35.89
C PRO C 193 -79.05 -94.43 37.04
N SER C 194 -80.04 -93.94 37.78
CA SER C 194 -80.51 -94.65 38.96
C SER C 194 -81.17 -95.97 38.59
N SER C 195 -81.58 -96.14 37.33
CA SER C 195 -82.03 -97.45 36.88
C SER C 195 -80.88 -98.45 36.84
N SER C 196 -79.65 -97.94 36.85
CA SER C 196 -78.45 -98.76 36.71
C SER C 196 -77.60 -98.80 37.98
N LEU C 197 -78.24 -98.93 39.15
CA LEU C 197 -77.48 -98.97 40.40
C LEU C 197 -76.45 -100.09 40.42
N GLY C 198 -76.91 -101.34 40.38
CA GLY C 198 -75.98 -102.46 40.39
C GLY C 198 -75.81 -103.11 39.03
N THR C 199 -76.58 -102.67 38.04
CA THR C 199 -76.75 -103.41 36.80
C THR C 199 -75.42 -103.68 36.08
N GLN C 200 -74.63 -102.64 35.82
CA GLN C 200 -73.42 -102.81 35.04
C GLN C 200 -72.21 -102.82 35.97
N THR C 201 -71.01 -102.85 35.36
CA THR C 201 -69.76 -102.90 36.11
C THR C 201 -69.28 -101.51 36.45
N TYR C 202 -68.96 -101.28 37.73
CA TYR C 202 -68.36 -100.05 38.17
C TYR C 202 -67.25 -100.42 39.14
N ILE C 203 -66.05 -100.66 38.61
CA ILE C 203 -64.91 -101.06 39.41
C ILE C 203 -63.83 -99.99 39.29
N CYS C 204 -63.45 -99.41 40.41
CA CYS C 204 -62.39 -98.41 40.45
C CYS C 204 -61.05 -99.11 40.51
N ASN C 205 -60.16 -98.72 39.60
CA ASN C 205 -58.83 -99.28 39.45
C ASN C 205 -57.87 -98.27 40.09
N VAL C 206 -57.31 -98.66 41.22
CA VAL C 206 -56.41 -97.82 42.00
C VAL C 206 -54.99 -98.23 41.69
N ASN C 207 -54.19 -97.29 41.19
CA ASN C 207 -52.78 -97.52 40.92
C ASN C 207 -51.93 -96.45 41.59
N HIS C 208 -50.91 -96.91 42.31
CA HIS C 208 -49.97 -96.07 43.06
C HIS C 208 -48.60 -96.30 42.42
N LYS C 209 -48.12 -95.31 41.67
CA LYS C 209 -46.94 -95.46 40.84
C LYS C 209 -45.61 -95.39 41.58
N PRO C 210 -45.43 -94.53 42.60
CA PRO C 210 -44.19 -94.62 43.38
C PRO C 210 -44.03 -95.96 44.07
N SER C 211 -45.10 -96.48 44.68
CA SER C 211 -45.15 -97.87 45.08
C SER C 211 -45.61 -98.69 43.87
N ASN C 212 -46.02 -99.93 44.08
CA ASN C 212 -46.55 -100.76 43.01
C ASN C 212 -47.90 -101.34 43.37
N THR C 213 -48.79 -100.49 43.88
CA THR C 213 -50.12 -100.92 44.31
C THR C 213 -51.11 -100.82 43.15
N LYS C 214 -51.85 -101.90 42.95
CA LYS C 214 -52.88 -101.98 41.92
C LYS C 214 -54.03 -102.82 42.46
N VAL C 215 -55.17 -102.20 42.73
CA VAL C 215 -56.32 -102.89 43.31
C VAL C 215 -57.60 -102.41 42.63
N ASP C 216 -58.48 -103.34 42.31
CA ASP C 216 -59.78 -103.03 41.71
C ASP C 216 -60.87 -103.27 42.76
N LYS C 217 -61.69 -102.24 43.01
CA LYS C 217 -62.75 -102.31 44.00
C LYS C 217 -64.10 -102.03 43.34
N LYS C 218 -65.06 -102.93 43.58
CA LYS C 218 -66.40 -102.78 43.02
C LYS C 218 -67.28 -102.00 43.99
N VAL C 219 -68.11 -101.10 43.46
CA VAL C 219 -69.03 -100.31 44.25
C VAL C 219 -70.44 -100.74 43.93
N GLU C 220 -71.19 -101.14 44.96
CA GLU C 220 -72.54 -101.64 44.82
C GLU C 220 -73.45 -100.91 45.80
N PRO C 221 -74.75 -100.84 45.51
CA PRO C 221 -75.67 -100.17 46.45
C PRO C 221 -75.59 -100.76 47.84
N LYS C 222 -75.98 -99.97 48.83
CA LYS C 222 -75.96 -100.40 50.22
C LYS C 222 -76.61 -101.77 50.38
N SER C 223 -75.84 -102.82 50.17
CA SER C 223 -76.33 -104.19 50.29
C SER C 223 -77.69 -104.34 49.60
N ASP D 1 -43.37 -54.75 52.50
CA ASP D 1 -43.27 -53.30 52.43
C ASP D 1 -44.50 -52.72 51.74
N ILE D 2 -44.39 -52.53 50.42
CA ILE D 2 -45.51 -52.01 49.64
C ILE D 2 -46.58 -53.10 49.54
N VAL D 3 -47.81 -52.75 49.88
CA VAL D 3 -48.93 -53.68 49.79
C VAL D 3 -49.68 -53.47 48.47
N MET D 4 -49.58 -54.45 47.60
CA MET D 4 -50.23 -54.40 46.30
C MET D 4 -51.55 -55.13 46.41
N THR D 5 -52.65 -54.42 46.22
CA THR D 5 -53.98 -55.00 46.29
C THR D 5 -54.64 -54.98 44.92
N GLN D 6 -55.48 -55.96 44.67
CA GLN D 6 -56.25 -56.06 43.44
C GLN D 6 -57.71 -55.74 43.75
N SER D 7 -58.28 -54.81 42.97
CA SER D 7 -59.62 -54.30 43.24
C SER D 7 -60.72 -55.35 43.09
N PRO D 8 -60.73 -56.26 42.08
CA PRO D 8 -61.63 -57.41 42.22
C PRO D 8 -60.92 -58.57 42.88
N ALA D 9 -61.63 -59.67 43.11
CA ALA D 9 -61.00 -60.84 43.69
C ALA D 9 -61.30 -62.07 42.84
N THR D 10 -62.50 -62.12 42.26
CA THR D 10 -62.86 -63.20 41.34
C THR D 10 -63.86 -62.65 40.35
N LEU D 11 -63.64 -62.93 39.07
CA LEU D 11 -64.58 -62.59 38.02
C LEU D 11 -65.01 -63.87 37.31
N SER D 12 -66.25 -63.88 36.81
CA SER D 12 -66.80 -65.04 36.13
C SER D 12 -67.49 -64.61 34.85
N VAL D 13 -66.82 -63.78 34.07
CA VAL D 13 -67.46 -63.09 32.97
C VAL D 13 -67.58 -64.02 31.78
N THR D 14 -68.66 -63.86 31.01
CA THR D 14 -68.90 -64.62 29.80
C THR D 14 -67.93 -64.21 28.70
N PRO D 15 -67.72 -65.06 27.69
CA PRO D 15 -66.89 -64.65 26.55
C PRO D 15 -67.51 -63.54 25.73
N GLY D 16 -66.68 -62.94 24.89
CA GLY D 16 -67.11 -61.83 24.07
C GLY D 16 -67.36 -60.55 24.81
N ASP D 17 -66.73 -60.37 25.97
CA ASP D 17 -67.00 -59.23 26.83
C ASP D 17 -65.72 -58.44 27.08
N ARG D 18 -65.85 -57.11 27.07
CA ARG D 18 -64.75 -56.23 27.39
C ARG D 18 -64.72 -55.95 28.89
N VAL D 19 -63.65 -56.36 29.56
CA VAL D 19 -63.56 -56.27 31.01
C VAL D 19 -62.39 -55.39 31.39
N SER D 20 -62.24 -55.19 32.69
CA SER D 20 -61.17 -54.37 33.25
C SER D 20 -60.79 -54.88 34.62
N LEU D 21 -59.50 -55.09 34.85
CA LEU D 21 -58.98 -55.61 36.10
C LEU D 21 -58.02 -54.59 36.69
N SER D 22 -58.24 -54.21 37.94
CA SER D 22 -57.53 -53.10 38.55
C SER D 22 -56.68 -53.56 39.73
N CYS D 23 -55.39 -53.24 39.66
CA CYS D 23 -54.50 -53.34 40.82
C CYS D 23 -54.26 -51.95 41.36
N ARG D 24 -54.68 -51.73 42.59
CA ARG D 24 -54.37 -50.47 43.26
C ARG D 24 -53.04 -50.60 43.99
N ALA D 25 -52.37 -49.46 44.13
CA ALA D 25 -51.03 -49.40 44.67
C ALA D 25 -51.08 -49.26 46.18
N SER D 26 -49.89 -49.04 46.76
CA SER D 26 -49.77 -48.66 48.15
C SER D 26 -49.23 -47.25 48.30
N GLN D 27 -48.07 -46.95 47.71
CA GLN D 27 -47.42 -45.68 47.99
C GLN D 27 -47.31 -44.77 46.78
N SER D 28 -46.45 -45.06 45.79
CA SER D 28 -46.28 -44.11 44.68
C SER D 28 -45.77 -44.74 43.40
N ILE D 29 -46.10 -46.00 43.12
CA ILE D 29 -45.30 -46.80 42.19
C ILE D 29 -45.46 -46.27 40.76
N ARG D 30 -44.40 -45.62 40.28
CA ARG D 30 -44.42 -44.83 39.05
C ARG D 30 -44.20 -45.76 37.87
N ASP D 31 -45.32 -46.20 37.26
CA ASP D 31 -45.43 -47.03 36.06
C ASP D 31 -44.51 -48.24 35.99
N TYR D 32 -44.15 -48.80 37.14
CA TYR D 32 -43.28 -49.96 37.19
C TYR D 32 -43.98 -51.20 37.69
N LEU D 33 -45.20 -51.46 37.25
CA LEU D 33 -45.83 -52.73 37.55
C LEU D 33 -45.84 -53.59 36.30
N TYR D 34 -45.92 -54.90 36.48
CA TYR D 34 -45.96 -55.83 35.37
C TYR D 34 -47.08 -56.82 35.63
N TRP D 35 -47.83 -57.14 34.59
CA TRP D 35 -48.96 -58.04 34.71
C TRP D 35 -48.57 -59.44 34.26
N TYR D 36 -48.98 -60.44 35.03
CA TYR D 36 -48.58 -61.82 34.77
C TYR D 36 -49.81 -62.68 34.62
N GLN D 37 -49.86 -63.45 33.55
CA GLN D 37 -50.91 -64.44 33.35
C GLN D 37 -50.34 -65.80 33.69
N GLN D 38 -50.91 -66.45 34.70
CA GLN D 38 -50.50 -67.79 35.09
C GLN D 38 -51.68 -68.72 34.92
N LYS D 39 -51.56 -69.67 34.01
CA LYS D 39 -52.60 -70.67 33.86
C LYS D 39 -52.42 -71.76 34.91
N SER D 40 -53.33 -72.74 34.89
CA SER D 40 -53.33 -73.78 35.89
C SER D 40 -52.17 -74.75 35.66
N HIS D 41 -51.44 -75.05 36.74
CA HIS D 41 -50.30 -75.96 36.76
C HIS D 41 -49.21 -75.56 35.77
N GLU D 42 -48.98 -74.26 35.64
CA GLU D 42 -47.92 -73.76 34.78
C GLU D 42 -47.20 -72.64 35.49
N SER D 43 -46.25 -72.04 34.78
CA SER D 43 -45.45 -70.89 35.11
C SER D 43 -46.03 -69.65 34.46
N PRO D 44 -46.06 -68.53 35.16
CA PRO D 44 -46.66 -67.32 34.60
C PRO D 44 -45.87 -66.75 33.43
N ARG D 45 -46.58 -66.04 32.57
CA ARG D 45 -46.05 -65.36 31.41
C ARG D 45 -46.18 -63.86 31.62
N LEU D 46 -45.90 -63.09 30.58
CA LEU D 46 -45.95 -61.64 30.68
C LEU D 46 -47.17 -61.10 29.96
N LEU D 47 -47.63 -59.96 30.42
CA LEU D 47 -48.76 -59.34 29.75
C LEU D 47 -48.53 -57.88 29.40
N ILE D 48 -47.87 -57.11 30.26
CA ILE D 48 -47.70 -55.68 30.05
C ILE D 48 -46.28 -55.31 30.47
N LYS D 49 -45.55 -54.63 29.58
CA LYS D 49 -44.17 -54.26 29.84
C LYS D 49 -44.01 -53.29 31.00
N TYR D 50 -44.50 -52.05 30.89
CA TYR D 50 -44.36 -51.12 32.00
C TYR D 50 -45.70 -50.58 32.49
N ALA D 51 -46.48 -49.96 31.63
CA ALA D 51 -47.86 -49.69 31.98
C ALA D 51 -48.84 -49.96 30.85
N SER D 52 -48.44 -49.80 29.61
CA SER D 52 -49.29 -50.10 28.46
C SER D 52 -48.56 -50.81 27.34
N GLN D 53 -47.25 -50.90 27.38
CA GLN D 53 -46.49 -51.55 26.33
C GLN D 53 -46.66 -53.05 26.42
N SER D 54 -46.75 -53.71 25.28
CA SER D 54 -47.04 -55.14 25.25
C SER D 54 -45.83 -55.94 24.81
N ILE D 55 -45.79 -57.19 25.24
CA ILE D 55 -44.77 -58.15 24.85
C ILE D 55 -45.21 -58.79 23.54
N SER D 56 -44.29 -58.86 22.57
CA SER D 56 -44.57 -59.54 21.32
C SER D 56 -44.75 -61.04 21.57
N GLY D 57 -45.75 -61.60 20.90
CA GLY D 57 -46.16 -62.98 21.11
C GLY D 57 -47.50 -63.11 21.79
N ILE D 58 -47.87 -62.13 22.61
CA ILE D 58 -49.22 -62.04 23.16
C ILE D 58 -50.20 -61.78 22.02
N PRO D 59 -51.43 -62.29 22.07
CA PRO D 59 -52.47 -61.83 21.16
C PRO D 59 -52.89 -60.39 21.43
N SER D 60 -53.90 -59.90 20.72
CA SER D 60 -54.38 -58.56 20.91
C SER D 60 -55.25 -58.50 22.18
N ARG D 61 -55.97 -57.38 22.33
CA ARG D 61 -56.99 -57.09 23.35
C ARG D 61 -56.41 -56.91 24.76
N PHE D 62 -55.13 -57.20 24.93
CA PHE D 62 -54.45 -57.08 26.22
C PHE D 62 -53.80 -55.71 26.29
N SER D 63 -54.37 -54.83 27.10
CA SER D 63 -53.89 -53.47 27.19
C SER D 63 -53.95 -53.01 28.64
N GLY D 64 -52.89 -52.34 29.08
CA GLY D 64 -52.88 -51.74 30.38
C GLY D 64 -53.04 -50.24 30.28
N SER D 65 -53.37 -49.58 31.39
CA SER D 65 -53.51 -48.14 31.40
C SER D 65 -53.16 -47.63 32.79
N GLY D 66 -53.13 -46.31 32.93
CA GLY D 66 -52.93 -45.68 34.22
C GLY D 66 -51.46 -45.59 34.61
N SER D 67 -51.20 -44.74 35.60
CA SER D 67 -49.86 -44.58 36.14
C SER D 67 -49.98 -44.02 37.56
N GLY D 68 -48.83 -43.92 38.22
CA GLY D 68 -48.78 -43.29 39.52
C GLY D 68 -49.21 -44.19 40.67
N SER D 69 -50.52 -44.39 40.81
CA SER D 69 -51.00 -45.34 41.80
C SER D 69 -52.24 -46.11 41.38
N ASP D 70 -52.75 -45.91 40.16
CA ASP D 70 -53.95 -46.60 39.69
C ASP D 70 -53.67 -47.20 38.33
N PHE D 71 -53.85 -48.51 38.23
CA PHE D 71 -53.59 -49.22 36.99
C PHE D 71 -54.78 -50.11 36.68
N THR D 72 -54.94 -50.42 35.40
CA THR D 72 -56.06 -51.23 34.94
C THR D 72 -55.59 -52.12 33.82
N LEU D 73 -55.69 -53.42 34.01
CA LEU D 73 -55.54 -54.36 32.90
C LEU D 73 -56.88 -54.49 32.21
N SER D 74 -56.89 -54.25 30.91
CA SER D 74 -58.12 -54.26 30.13
C SER D 74 -58.05 -55.40 29.13
N ILE D 75 -59.07 -56.25 29.14
CA ILE D 75 -59.24 -57.32 28.17
C ILE D 75 -60.53 -57.04 27.42
N ASN D 76 -60.47 -57.09 26.09
CA ASN D 76 -61.62 -56.75 25.25
C ASN D 76 -62.08 -57.98 24.49
N SER D 77 -63.33 -58.40 24.74
CA SER D 77 -63.97 -59.55 24.09
C SER D 77 -63.17 -60.82 24.31
N VAL D 78 -63.20 -61.26 25.59
CA VAL D 78 -62.26 -62.26 26.10
C VAL D 78 -62.40 -63.60 25.40
N GLU D 79 -61.33 -64.36 25.44
CA GLU D 79 -61.22 -65.71 24.91
C GLU D 79 -61.84 -66.69 25.90
N PRO D 80 -62.19 -67.90 25.45
CA PRO D 80 -62.54 -68.94 26.43
C PRO D 80 -61.34 -69.51 27.15
N GLU D 81 -60.14 -69.37 26.59
CA GLU D 81 -58.93 -69.88 27.20
C GLU D 81 -58.16 -68.80 27.94
N ASP D 82 -58.78 -67.64 28.19
CA ASP D 82 -58.16 -66.58 28.97
C ASP D 82 -58.61 -66.76 30.41
N VAL D 83 -58.21 -67.88 31.01
CA VAL D 83 -58.46 -68.15 32.41
C VAL D 83 -57.11 -68.08 33.12
N GLY D 84 -57.15 -67.98 34.43
CA GLY D 84 -55.92 -67.96 35.18
C GLY D 84 -55.93 -66.88 36.22
N VAL D 85 -54.89 -66.87 37.03
CA VAL D 85 -54.74 -65.92 38.12
C VAL D 85 -53.85 -64.79 37.62
N TYR D 86 -54.39 -63.59 37.57
CA TYR D 86 -53.72 -62.46 36.92
C TYR D 86 -53.08 -61.59 37.99
N TYR D 87 -51.77 -61.63 38.07
CA TYR D 87 -51.02 -60.94 39.11
C TYR D 87 -50.54 -59.58 38.63
N CYS D 88 -50.03 -58.79 39.57
CA CYS D 88 -49.39 -57.53 39.26
C CYS D 88 -48.16 -57.37 40.14
N GLN D 89 -47.02 -57.13 39.53
CA GLN D 89 -45.77 -57.09 40.26
C GLN D 89 -45.47 -55.65 40.66
N ASN D 90 -44.36 -55.43 41.35
CA ASN D 90 -43.96 -54.14 41.84
C ASN D 90 -42.64 -53.72 41.21
N GLY D 91 -42.35 -52.43 41.29
CA GLY D 91 -41.10 -51.87 40.84
C GLY D 91 -40.23 -51.37 41.97
N HIS D 92 -40.37 -50.09 42.27
CA HIS D 92 -39.60 -49.42 43.31
C HIS D 92 -38.95 -50.38 44.31
N SER D 93 -39.50 -50.44 45.52
CA SER D 93 -38.97 -51.32 46.56
C SER D 93 -38.49 -52.64 45.97
N PHE D 94 -37.39 -53.16 46.49
CA PHE D 94 -36.82 -54.42 46.02
C PHE D 94 -37.78 -55.57 46.29
N PRO D 95 -38.10 -55.81 47.62
CA PRO D 95 -39.02 -56.93 47.84
C PRO D 95 -40.29 -56.79 47.01
N TYR D 96 -40.24 -57.23 45.76
CA TYR D 96 -41.40 -57.15 44.87
C TYR D 96 -42.53 -58.05 45.35
N THR D 97 -43.44 -57.48 46.13
CA THR D 97 -44.58 -58.22 46.65
C THR D 97 -45.64 -58.43 45.59
N PHE D 98 -45.82 -59.68 45.17
CA PHE D 98 -46.81 -60.00 44.14
C PHE D 98 -48.23 -59.71 44.63
N GLY D 99 -49.05 -59.18 43.73
CA GLY D 99 -50.43 -58.84 44.07
C GLY D 99 -51.19 -60.03 44.61
N GLY D 100 -52.48 -59.82 44.88
CA GLY D 100 -53.33 -60.88 45.39
C GLY D 100 -53.61 -61.95 44.36
N GLY D 101 -54.63 -61.73 43.54
CA GLY D 101 -55.00 -62.68 42.51
C GLY D 101 -56.43 -62.48 42.08
N THR D 102 -56.71 -62.66 40.79
CA THR D 102 -58.04 -62.47 40.24
C THR D 102 -58.33 -63.62 39.28
N LYS D 103 -59.04 -64.63 39.78
CA LYS D 103 -59.40 -65.77 38.94
C LYS D 103 -60.45 -65.36 37.92
N LEU D 104 -60.48 -66.06 36.81
CA LEU D 104 -61.39 -65.77 35.70
C LEU D 104 -62.21 -67.01 35.39
N GLU D 105 -63.50 -66.94 35.69
CA GLU D 105 -64.43 -68.01 35.39
C GLU D 105 -65.31 -67.53 34.24
N ILE D 106 -66.31 -68.34 33.86
CA ILE D 106 -67.22 -67.99 32.78
C ILE D 106 -68.64 -68.43 33.11
N LYS D 107 -69.44 -68.64 32.07
CA LYS D 107 -70.83 -69.07 32.25
C LYS D 107 -71.71 -67.89 32.66
N ARG D 108 -73.01 -68.01 32.42
CA ARG D 108 -73.96 -66.96 32.77
C ARG D 108 -75.09 -67.51 33.63
N THR D 109 -75.59 -68.68 33.28
CA THR D 109 -76.66 -69.32 34.03
C THR D 109 -76.12 -70.27 35.09
N VAL D 110 -76.78 -70.30 36.24
CA VAL D 110 -76.36 -71.16 37.34
C VAL D 110 -77.27 -72.39 37.46
N ALA D 111 -76.67 -73.57 37.44
CA ALA D 111 -77.42 -74.81 37.54
C ALA D 111 -77.18 -75.49 38.89
N ALA D 112 -78.23 -75.62 39.68
CA ALA D 112 -78.13 -76.26 40.98
C ALA D 112 -77.42 -77.60 40.89
N PRO D 113 -76.55 -77.87 41.87
CA PRO D 113 -75.79 -79.12 41.90
C PRO D 113 -76.71 -80.34 41.99
N SER D 114 -76.29 -81.42 41.35
CA SER D 114 -76.81 -82.72 41.75
C SER D 114 -76.11 -83.09 43.06
N VAL D 115 -76.88 -83.49 44.07
CA VAL D 115 -76.31 -83.87 45.36
C VAL D 115 -76.42 -85.38 45.52
N PHE D 116 -75.45 -85.97 46.22
CA PHE D 116 -75.45 -87.41 46.48
C PHE D 116 -74.64 -87.73 47.73
N ILE D 117 -75.22 -88.55 48.61
CA ILE D 117 -74.58 -88.95 49.85
C ILE D 117 -74.20 -90.43 49.78
N PHE D 118 -72.98 -90.76 50.22
CA PHE D 118 -72.54 -92.15 50.19
C PHE D 118 -72.10 -92.62 51.57
N PRO D 119 -72.78 -93.62 52.10
CA PRO D 119 -72.43 -94.14 53.43
C PRO D 119 -71.08 -94.85 53.39
N PRO D 120 -70.47 -95.14 54.55
CA PRO D 120 -69.18 -95.82 54.52
C PRO D 120 -69.31 -97.28 54.10
N SER D 121 -68.32 -97.74 53.34
CA SER D 121 -68.33 -99.13 52.88
C SER D 121 -68.07 -100.09 54.03
N ASP D 122 -68.66 -101.28 53.92
CA ASP D 122 -68.51 -102.28 54.98
C ASP D 122 -67.06 -102.64 55.22
N GLU D 123 -66.22 -102.54 54.18
CA GLU D 123 -64.80 -102.86 54.34
C GLU D 123 -64.13 -101.89 55.31
N GLN D 124 -64.49 -100.63 55.20
CA GLN D 124 -63.93 -99.58 56.04
C GLN D 124 -64.30 -99.74 57.52
N LEU D 125 -65.54 -100.11 57.79
CA LEU D 125 -65.98 -100.28 59.17
C LEU D 125 -65.26 -101.44 59.85
N LYS D 126 -64.77 -102.40 59.08
CA LYS D 126 -63.87 -103.41 59.65
C LYS D 126 -62.60 -102.73 60.17
N SER D 127 -62.00 -101.89 59.34
CA SER D 127 -60.75 -101.21 59.68
C SER D 127 -60.89 -100.36 60.95
N GLY D 128 -62.08 -99.85 61.22
CA GLY D 128 -62.33 -99.09 62.42
C GLY D 128 -62.54 -97.61 62.23
N THR D 129 -62.88 -97.17 61.03
CA THR D 129 -63.12 -95.76 60.72
C THR D 129 -64.23 -95.66 59.67
N ALA D 130 -64.96 -94.55 59.68
CA ALA D 130 -66.09 -94.33 58.77
C ALA D 130 -65.93 -93.02 58.01
N SER D 131 -65.72 -93.09 56.69
CA SER D 131 -65.82 -91.89 55.86
C SER D 131 -67.21 -91.79 55.26
N VAL D 132 -67.80 -90.61 55.35
CA VAL D 132 -69.13 -90.35 54.83
C VAL D 132 -68.98 -89.28 53.77
N VAL D 133 -69.13 -89.64 52.51
CA VAL D 133 -68.86 -88.71 51.42
C VAL D 133 -70.17 -88.11 50.96
N CYS D 134 -70.12 -86.84 50.61
CA CYS D 134 -71.25 -86.14 50.02
C CYS D 134 -70.74 -85.42 48.80
N LEU D 135 -71.40 -85.64 47.66
CA LEU D 135 -70.94 -85.12 46.38
C LEU D 135 -71.91 -84.06 45.87
N LEU D 136 -71.37 -82.96 45.31
CA LEU D 136 -72.15 -81.91 44.67
C LEU D 136 -71.67 -81.82 43.23
N ASN D 137 -72.53 -82.17 42.29
CA ASN D 137 -72.10 -82.37 40.91
C ASN D 137 -72.47 -81.18 40.04
N ASN D 138 -71.56 -80.76 39.16
CA ASN D 138 -71.80 -79.64 38.28
C ASN D 138 -72.51 -78.48 38.99
N PHE D 139 -71.96 -77.28 38.85
CA PHE D 139 -72.54 -76.11 39.49
C PHE D 139 -71.66 -74.88 39.26
N TYR D 140 -72.28 -73.79 38.79
CA TYR D 140 -71.56 -72.56 38.53
C TYR D 140 -71.09 -71.91 39.83
N PRO D 141 -72.05 -71.17 40.51
CA PRO D 141 -71.56 -70.56 41.77
C PRO D 141 -70.91 -71.58 42.69
N ARG D 142 -69.61 -71.46 42.91
CA ARG D 142 -68.87 -72.38 43.77
C ARG D 142 -69.10 -72.05 45.25
N GLU D 143 -69.67 -70.87 45.51
CA GLU D 143 -69.94 -70.44 46.87
C GLU D 143 -71.02 -71.29 47.51
N ALA D 144 -70.89 -72.60 47.38
CA ALA D 144 -71.85 -73.54 47.95
C ALA D 144 -71.48 -73.83 49.39
N LYS D 145 -72.49 -74.12 50.21
CA LYS D 145 -72.30 -74.53 51.61
C LYS D 145 -72.70 -75.99 51.79
N VAL D 146 -71.83 -76.76 52.46
CA VAL D 146 -72.12 -78.15 52.81
C VAL D 146 -72.20 -78.23 54.32
N GLN D 147 -73.40 -78.43 54.84
CA GLN D 147 -73.62 -78.64 56.26
C GLN D 147 -73.88 -80.12 56.50
N TRP D 148 -72.98 -80.78 57.21
CA TRP D 148 -73.24 -82.13 57.72
C TRP D 148 -74.09 -82.04 58.96
N LYS D 149 -74.98 -83.01 59.12
CA LYS D 149 -75.77 -83.12 60.33
C LYS D 149 -75.77 -84.59 60.71
N VAL D 150 -75.58 -84.87 61.99
CA VAL D 150 -75.66 -86.23 62.49
C VAL D 150 -76.74 -86.26 63.54
N ASP D 151 -77.82 -86.99 63.27
CA ASP D 151 -79.01 -86.98 64.11
C ASP D 151 -79.49 -85.56 64.35
N ASN D 152 -79.39 -84.72 63.33
CA ASN D 152 -79.84 -83.33 63.34
C ASN D 152 -78.95 -82.41 64.15
N ALA D 153 -77.71 -82.81 64.42
CA ALA D 153 -76.73 -81.96 65.09
C ALA D 153 -75.75 -81.47 64.05
N LEU D 154 -75.63 -80.16 63.90
CA LEU D 154 -74.71 -79.66 62.89
C LEU D 154 -73.29 -80.02 63.32
N GLN D 155 -72.54 -80.65 62.41
CA GLN D 155 -71.21 -81.21 62.68
C GLN D 155 -70.14 -80.21 62.27
N SER D 156 -69.28 -79.85 63.21
CA SER D 156 -68.24 -78.87 62.93
C SER D 156 -66.87 -79.46 63.24
N GLY D 157 -65.99 -79.42 62.25
CA GLY D 157 -64.59 -79.72 62.49
C GLY D 157 -64.16 -81.15 62.28
N ASN D 158 -64.96 -81.95 61.58
CA ASN D 158 -64.54 -83.28 61.19
C ASN D 158 -64.80 -83.54 59.72
N SER D 159 -64.85 -82.48 58.90
CA SER D 159 -65.08 -82.62 57.48
C SER D 159 -63.94 -81.97 56.71
N GLN D 160 -63.80 -82.38 55.45
CA GLN D 160 -62.89 -81.75 54.50
C GLN D 160 -63.55 -81.71 53.13
N GLU D 161 -63.35 -80.62 52.40
CA GLU D 161 -63.87 -80.45 51.06
C GLU D 161 -62.73 -80.32 50.08
N SER D 162 -63.00 -80.66 48.81
CA SER D 162 -62.20 -80.13 47.72
C SER D 162 -63.10 -79.96 46.50
N VAL D 163 -62.63 -79.13 45.57
CA VAL D 163 -63.41 -78.62 44.47
C VAL D 163 -62.58 -78.75 43.21
N THR D 164 -63.25 -78.97 42.08
CA THR D 164 -62.52 -79.19 40.85
C THR D 164 -62.30 -77.87 40.13
N GLU D 165 -61.37 -77.89 39.18
CA GLU D 165 -61.21 -76.74 38.32
C GLU D 165 -62.45 -76.56 37.45
N GLN D 166 -62.76 -75.30 37.16
CA GLN D 166 -63.91 -75.00 36.30
C GLN D 166 -63.83 -75.82 35.02
N ASP D 167 -64.91 -76.54 34.74
CA ASP D 167 -64.93 -77.51 33.64
C ASP D 167 -64.80 -76.85 32.27
N SER D 168 -63.89 -77.37 31.45
CA SER D 168 -63.64 -76.77 30.13
C SER D 168 -64.82 -76.92 29.17
N LYS D 169 -65.73 -77.87 29.40
CA LYS D 169 -66.90 -77.99 28.55
C LYS D 169 -68.06 -77.10 29.00
N ASP D 170 -68.60 -77.34 30.20
CA ASP D 170 -69.79 -76.65 30.64
C ASP D 170 -69.54 -75.62 31.72
N SER D 171 -68.27 -75.31 32.02
CA SER D 171 -67.90 -74.20 32.91
C SER D 171 -68.50 -74.33 34.31
N THR D 172 -68.67 -75.55 34.81
CA THR D 172 -69.24 -75.81 36.13
C THR D 172 -68.17 -76.24 37.11
N TYR D 173 -68.55 -76.34 38.38
CA TYR D 173 -67.67 -76.84 39.40
C TYR D 173 -68.28 -78.12 40.00
N SER D 174 -67.45 -78.91 40.67
CA SER D 174 -67.94 -80.07 41.39
C SER D 174 -67.20 -80.16 42.71
N LEU D 175 -67.89 -80.58 43.77
CA LEU D 175 -67.36 -80.50 45.12
C LEU D 175 -67.61 -81.78 45.87
N SER D 176 -66.62 -82.21 46.64
CA SER D 176 -66.71 -83.44 47.42
C SER D 176 -66.35 -83.11 48.87
N SER D 177 -67.29 -83.36 49.78
CA SER D 177 -67.03 -83.17 51.21
C SER D 177 -67.01 -84.51 51.91
N THR D 178 -65.97 -84.76 52.70
CA THR D 178 -65.82 -86.03 53.41
C THR D 178 -65.90 -85.82 54.92
N LEU D 179 -66.79 -86.53 55.57
CA LEU D 179 -66.94 -86.51 57.02
C LEU D 179 -66.27 -87.74 57.59
N THR D 180 -65.36 -87.58 58.56
CA THR D 180 -64.60 -88.72 59.06
C THR D 180 -64.88 -88.95 60.54
N LEU D 181 -65.29 -90.18 60.85
CA LEU D 181 -65.67 -90.62 62.19
C LEU D 181 -64.97 -91.93 62.53
N SER D 182 -64.95 -92.26 63.81
CA SER D 182 -64.50 -93.58 64.19
C SER D 182 -65.63 -94.58 64.01
N LYS D 183 -65.29 -95.86 63.89
CA LYS D 183 -66.35 -96.87 63.86
C LYS D 183 -67.21 -96.76 65.11
N ALA D 184 -66.57 -96.67 66.28
CA ALA D 184 -67.28 -96.54 67.54
C ALA D 184 -68.26 -95.37 67.53
N ASP D 185 -67.79 -94.17 67.19
CA ASP D 185 -68.67 -93.00 67.18
C ASP D 185 -69.69 -93.08 66.06
N TYR D 186 -69.35 -93.71 64.94
CA TYR D 186 -70.31 -93.88 63.86
C TYR D 186 -71.54 -94.65 64.34
N GLU D 187 -71.31 -95.81 64.96
CA GLU D 187 -72.30 -96.70 65.53
C GLU D 187 -73.10 -96.10 66.70
N LYS D 188 -72.89 -94.83 67.07
CA LYS D 188 -73.64 -94.19 68.15
C LYS D 188 -74.79 -93.34 67.66
N HIS D 189 -74.94 -93.14 66.35
CA HIS D 189 -75.98 -92.28 65.79
C HIS D 189 -76.66 -92.99 64.62
N LYS D 190 -77.80 -92.43 64.16
CA LYS D 190 -78.60 -93.08 63.12
C LYS D 190 -78.61 -92.32 61.80
N VAL D 191 -79.19 -91.12 61.75
CA VAL D 191 -79.36 -90.39 60.50
C VAL D 191 -78.09 -89.62 60.18
N TYR D 192 -77.52 -89.85 59.00
CA TYR D 192 -76.45 -89.02 58.48
C TYR D 192 -77.01 -88.24 57.30
N ALA D 193 -76.86 -86.92 57.36
CA ALA D 193 -77.47 -86.01 56.42
C ALA D 193 -76.41 -85.04 55.92
N CYS D 194 -76.63 -84.54 54.71
CA CYS D 194 -75.73 -83.60 54.05
C CYS D 194 -76.64 -82.54 53.45
N GLU D 195 -76.59 -81.32 53.94
CA GLU D 195 -77.52 -80.27 53.50
C GLU D 195 -76.75 -79.24 52.70
N VAL D 196 -77.08 -79.12 51.41
CA VAL D 196 -76.37 -78.24 50.49
C VAL D 196 -77.17 -76.97 50.23
N THR D 197 -76.52 -75.83 50.39
CA THR D 197 -77.10 -74.51 50.10
C THR D 197 -76.43 -73.94 48.85
N HIS D 198 -77.23 -73.34 47.96
CA HIS D 198 -76.67 -72.86 46.69
C HIS D 198 -77.69 -71.96 46.02
N GLN D 199 -77.18 -71.06 45.19
CA GLN D 199 -78.01 -70.03 44.58
C GLN D 199 -79.04 -70.60 43.62
N GLY D 200 -78.71 -71.71 42.97
CA GLY D 200 -79.66 -72.37 42.09
C GLY D 200 -80.72 -73.20 42.80
N LEU D 201 -80.62 -73.31 44.13
CA LEU D 201 -81.64 -73.96 44.96
C LEU D 201 -82.48 -72.91 45.67
N SER D 202 -83.80 -73.03 45.55
CA SER D 202 -84.69 -72.09 46.25
C SER D 202 -84.64 -72.30 47.76
N SER D 203 -84.53 -73.55 48.21
CA SER D 203 -84.24 -73.85 49.60
C SER D 203 -83.31 -75.05 49.63
N PRO D 204 -82.53 -75.21 50.70
CA PRO D 204 -81.43 -76.16 50.66
C PRO D 204 -81.91 -77.60 50.46
N VAL D 205 -81.04 -78.38 49.86
CA VAL D 205 -81.33 -79.77 49.56
C VAL D 205 -80.58 -80.59 50.58
N THR D 206 -81.25 -81.58 51.15
CA THR D 206 -80.62 -82.53 52.06
C THR D 206 -80.72 -83.91 51.46
N LYS D 207 -79.58 -84.58 51.30
CA LYS D 207 -79.54 -86.00 51.01
C LYS D 207 -79.09 -86.73 52.28
N SER D 208 -79.77 -87.82 52.63
CA SER D 208 -79.50 -88.46 53.90
C SER D 208 -79.76 -89.95 53.81
N PHE D 209 -79.10 -90.70 54.67
CA PHE D 209 -79.34 -92.12 54.84
C PHE D 209 -79.44 -92.45 56.32
N ASN D 210 -79.83 -93.68 56.60
CA ASN D 210 -80.02 -94.15 57.96
C ASN D 210 -79.08 -95.33 58.16
N ARG D 211 -78.05 -95.14 58.99
CA ARG D 211 -77.06 -96.19 59.22
C ARG D 211 -77.72 -97.52 59.49
N GLY D 212 -77.40 -98.50 58.65
CA GLY D 212 -77.84 -99.85 58.89
C GLY D 212 -79.15 -100.23 58.25
N GLU D 213 -79.59 -99.48 57.23
CA GLU D 213 -80.84 -99.79 56.53
C GLU D 213 -80.53 -100.07 55.06
N CYS D 214 -80.49 -101.35 54.69
CA CYS D 214 -80.32 -101.77 53.30
C CYS D 214 -81.32 -101.03 52.40
N VAL E 25 -36.67 72.55 -69.87
CA VAL E 25 -36.36 72.42 -71.27
C VAL E 25 -37.50 71.68 -71.98
N LEU E 26 -38.05 70.66 -71.33
CA LEU E 26 -39.27 70.03 -71.83
C LEU E 26 -40.43 71.00 -71.62
N PRO E 27 -41.27 71.20 -72.62
CA PRO E 27 -42.29 72.25 -72.52
C PRO E 27 -43.50 71.87 -71.66
N ASN E 28 -43.39 72.06 -70.35
CA ASN E 28 -44.56 71.93 -69.48
C ASN E 28 -45.11 73.32 -69.18
N PRO E 29 -46.41 73.55 -69.36
CA PRO E 29 -46.98 74.88 -69.06
C PRO E 29 -47.55 74.97 -67.65
N GLY E 30 -47.77 76.18 -67.18
CA GLY E 30 -48.39 76.36 -65.88
C GLY E 30 -47.55 75.95 -64.69
N LEU E 31 -46.23 76.12 -64.77
CA LEU E 31 -45.38 75.79 -63.64
C LEU E 31 -45.59 76.76 -62.49
N ASP E 32 -45.68 78.06 -62.79
CA ASP E 32 -46.11 79.02 -61.80
C ASP E 32 -47.60 78.86 -61.53
N ALA E 33 -48.03 79.40 -60.39
CA ALA E 33 -49.36 79.19 -59.79
C ALA E 33 -49.65 77.72 -59.53
N ARG E 34 -48.60 76.92 -59.36
CA ARG E 34 -48.69 75.56 -58.84
C ARG E 34 -47.62 75.27 -57.80
N ILE E 35 -46.51 75.99 -57.81
CA ILE E 35 -45.45 75.91 -56.79
C ILE E 35 -45.40 77.26 -56.10
N PRO E 36 -44.81 77.38 -54.89
CA PRO E 36 -44.62 78.71 -54.30
C PRO E 36 -43.62 79.55 -55.08
N SER E 37 -43.77 80.87 -55.06
CA SER E 37 -42.89 81.76 -55.80
C SER E 37 -41.80 82.30 -54.88
N LEU E 38 -40.77 82.87 -55.49
CA LEU E 38 -39.55 83.22 -54.77
C LEU E 38 -39.73 84.42 -53.84
N ALA E 39 -40.51 85.41 -54.27
CA ALA E 39 -40.77 86.56 -53.41
C ALA E 39 -41.76 86.24 -52.31
N GLU E 40 -42.47 85.12 -52.42
CA GLU E 40 -43.48 84.70 -51.45
C GLU E 40 -42.89 83.81 -50.36
N LEU E 41 -41.66 83.34 -50.55
CA LEU E 41 -41.02 82.40 -49.64
C LEU E 41 -40.56 83.06 -48.34
N GLU E 42 -40.32 84.36 -48.34
CA GLU E 42 -39.95 85.04 -47.08
C GLU E 42 -41.14 85.28 -46.16
N THR E 43 -42.37 85.02 -46.63
CA THR E 43 -43.52 85.16 -45.76
C THR E 43 -44.14 83.82 -45.41
N ILE E 44 -43.69 82.74 -46.05
CA ILE E 44 -44.35 81.45 -45.92
C ILE E 44 -43.90 80.73 -44.65
N GLU E 45 -42.74 81.12 -44.11
CA GLU E 45 -42.22 80.39 -42.96
C GLU E 45 -42.73 80.98 -41.64
N GLN E 46 -43.22 82.23 -41.67
CA GLN E 46 -43.87 82.80 -40.50
C GLN E 46 -45.35 82.48 -40.47
N GLU E 47 -45.80 81.61 -41.38
CA GLU E 47 -47.14 81.04 -41.26
C GLU E 47 -47.16 79.51 -41.26
N GLU E 48 -46.08 78.84 -41.67
CA GLU E 48 -46.01 77.38 -41.57
C GLU E 48 -45.40 76.93 -40.25
N ALA E 49 -45.22 77.85 -39.29
CA ALA E 49 -44.92 77.45 -37.92
C ALA E 49 -46.08 76.68 -37.31
N SER E 50 -47.30 77.00 -37.70
CA SER E 50 -48.46 76.16 -37.46
C SER E 50 -48.71 75.30 -38.70
N SER E 51 -49.41 74.18 -38.49
CA SER E 51 -49.84 73.21 -39.49
C SER E 51 -48.69 72.54 -40.25
N ARG E 52 -47.46 72.64 -39.73
CA ARG E 52 -46.31 71.95 -40.30
C ARG E 52 -45.29 71.81 -39.18
N PRO E 53 -44.67 70.65 -39.04
CA PRO E 53 -43.68 70.45 -37.97
C PRO E 53 -42.36 71.13 -38.32
N LYS E 54 -41.49 71.22 -37.32
CA LYS E 54 -40.25 71.96 -37.46
C LYS E 54 -39.20 71.37 -36.54
N TRP E 55 -37.94 71.40 -36.99
CA TRP E 55 -36.84 70.92 -36.17
C TRP E 55 -36.58 71.86 -35.01
N ASP E 56 -36.01 71.33 -33.94
CA ASP E 56 -35.64 72.16 -32.80
C ASP E 56 -34.23 72.73 -32.97
N ASN E 57 -33.29 71.89 -33.37
CA ASN E 57 -31.90 72.27 -33.56
C ASN E 57 -31.50 71.96 -35.00
N LYS E 58 -30.25 72.29 -35.33
CA LYS E 58 -29.65 71.81 -36.57
C LYS E 58 -29.04 70.43 -36.39
N ALA E 59 -28.53 70.14 -35.19
CA ALA E 59 -27.99 68.82 -34.89
C ALA E 59 -29.07 67.76 -34.81
N GLN E 60 -30.32 68.15 -34.55
CA GLN E 60 -31.44 67.21 -34.60
C GLN E 60 -31.72 66.75 -36.02
N TYR E 61 -31.35 67.54 -37.02
CA TYR E 61 -31.55 67.18 -38.43
C TYR E 61 -30.38 66.40 -38.99
N MET E 62 -29.15 66.68 -38.56
CA MET E 62 -28.00 65.93 -39.05
C MET E 62 -27.92 64.54 -38.42
N LEU E 63 -28.38 64.39 -37.17
CA LEU E 63 -28.34 63.09 -36.51
C LEU E 63 -29.42 62.15 -37.01
N THR E 64 -30.54 62.66 -37.51
CA THR E 64 -31.57 61.81 -38.09
C THR E 64 -31.33 61.54 -39.57
N CYS E 65 -30.37 62.21 -40.18
CA CYS E 65 -29.96 61.91 -41.54
C CYS E 65 -28.77 60.97 -41.60
N LEU E 66 -27.89 61.01 -40.58
CA LEU E 66 -26.82 60.02 -40.49
C LEU E 66 -27.39 58.65 -40.11
N GLY E 67 -28.42 58.62 -39.28
CA GLY E 67 -29.04 57.37 -38.92
C GLY E 67 -29.84 56.74 -40.04
N PHE E 68 -30.23 57.52 -41.03
CA PHE E 68 -30.94 57.00 -42.19
C PHE E 68 -29.98 56.48 -43.25
N CYS E 69 -28.74 56.95 -43.27
CA CYS E 69 -27.75 56.41 -44.18
C CYS E 69 -26.96 55.24 -43.58
N VAL E 70 -26.57 55.33 -42.32
CA VAL E 70 -25.77 54.30 -41.67
C VAL E 70 -26.73 53.33 -40.95
N GLY E 71 -26.92 52.15 -41.53
CA GLY E 71 -27.51 51.08 -40.76
C GLY E 71 -27.52 49.72 -41.42
N LEU E 72 -26.94 48.73 -40.74
CA LEU E 72 -27.03 47.30 -41.03
C LEU E 72 -26.50 46.85 -42.40
N GLY E 73 -25.95 47.76 -43.19
CA GLY E 73 -25.40 47.41 -44.48
C GLY E 73 -23.91 47.68 -44.46
N ASN E 74 -23.49 48.48 -43.49
CA ASN E 74 -22.07 48.68 -43.24
C ASN E 74 -21.47 47.55 -42.42
N VAL E 75 -22.30 46.65 -41.89
CA VAL E 75 -21.83 45.59 -41.00
C VAL E 75 -21.65 44.29 -41.76
N TRP E 76 -22.67 43.84 -42.49
CA TRP E 76 -22.60 42.54 -43.15
C TRP E 76 -22.66 42.62 -44.67
N ARG E 77 -22.63 43.82 -45.24
CA ARG E 77 -22.71 43.90 -46.70
C ARG E 77 -21.48 44.58 -47.28
N PHE E 78 -21.06 45.69 -46.69
CA PHE E 78 -19.90 46.40 -47.22
C PHE E 78 -18.54 45.73 -46.96
N PRO E 79 -18.18 45.23 -45.76
CA PRO E 79 -16.84 44.64 -45.62
C PRO E 79 -16.66 43.33 -46.35
N TYR E 80 -17.73 42.64 -46.73
CA TYR E 80 -17.57 41.48 -47.61
C TYR E 80 -17.28 41.94 -49.03
N LEU E 81 -18.01 42.94 -49.53
CA LEU E 81 -17.76 43.47 -50.86
C LEU E 81 -16.45 44.23 -50.95
N CYS E 82 -15.93 44.73 -49.82
CA CYS E 82 -14.65 45.43 -49.84
C CYS E 82 -13.49 44.48 -50.04
N GLN E 83 -13.65 43.23 -49.62
CA GLN E 83 -12.60 42.23 -49.75
C GLN E 83 -12.83 41.26 -50.91
N SER E 84 -14.03 40.67 -50.98
CA SER E 84 -14.36 39.73 -52.04
C SER E 84 -14.14 40.31 -53.44
N HIS E 85 -14.22 41.63 -53.56
CA HIS E 85 -14.02 42.28 -54.85
C HIS E 85 -12.70 43.02 -54.88
N GLY E 86 -11.62 42.32 -54.57
CA GLY E 86 -10.30 42.90 -54.57
C GLY E 86 -10.22 44.07 -53.61
N GLY E 87 -10.37 43.78 -52.32
CA GLY E 87 -10.31 44.80 -51.30
C GLY E 87 -9.08 45.67 -51.43
N GLY E 88 -9.00 46.70 -50.59
CA GLY E 88 -7.86 47.60 -50.63
C GLY E 88 -7.90 48.42 -51.91
N ALA E 89 -8.48 47.85 -52.96
CA ALA E 89 -8.60 48.53 -54.24
C ALA E 89 -10.07 48.89 -54.44
N PHE E 90 -10.96 48.00 -54.06
CA PHE E 90 -12.39 48.26 -54.20
C PHE E 90 -12.69 49.61 -53.58
N MET E 91 -11.80 50.03 -52.68
CA MET E 91 -11.92 51.32 -52.03
C MET E 91 -11.93 52.31 -53.17
N ILE E 92 -10.93 52.22 -54.03
CA ILE E 92 -10.84 53.09 -55.19
C ILE E 92 -12.19 53.14 -55.90
N PRO E 93 -12.62 52.03 -56.49
CA PRO E 93 -13.92 52.02 -57.19
C PRO E 93 -15.04 52.71 -56.40
N PHE E 94 -15.28 52.23 -55.19
CA PHE E 94 -16.32 52.76 -54.32
C PHE E 94 -16.22 54.26 -54.13
N LEU E 95 -15.00 54.77 -54.11
CA LEU E 95 -14.77 56.20 -53.92
C LEU E 95 -15.24 57.03 -55.11
N ILE E 96 -14.61 56.84 -56.26
CA ILE E 96 -14.96 57.57 -57.47
C ILE E 96 -16.47 57.58 -57.63
N LEU E 97 -17.05 56.40 -57.88
CA LEU E 97 -18.49 56.30 -58.03
C LEU E 97 -19.25 57.14 -56.99
N LEU E 98 -18.64 57.36 -55.84
CA LEU E 98 -19.27 58.16 -54.78
C LEU E 98 -19.35 59.62 -55.17
N VAL E 99 -18.22 60.29 -55.21
CA VAL E 99 -18.18 61.70 -55.57
C VAL E 99 -18.65 61.92 -57.00
N LEU E 100 -19.54 61.08 -57.48
CA LEU E 100 -20.07 61.20 -58.84
C LEU E 100 -21.56 60.90 -58.88
N GLU E 101 -21.98 59.85 -58.20
CA GLU E 101 -23.40 59.51 -58.16
C GLU E 101 -23.98 60.12 -56.89
N GLY E 102 -23.53 59.54 -55.79
CA GLY E 102 -23.86 59.92 -54.43
C GLY E 102 -23.88 61.40 -54.15
N ILE E 103 -22.73 62.07 -54.23
CA ILE E 103 -22.72 63.49 -53.92
C ILE E 103 -23.78 64.24 -54.69
N PRO E 104 -23.64 64.36 -56.01
CA PRO E 104 -24.64 65.05 -56.83
C PRO E 104 -26.10 64.71 -56.49
N LEU E 105 -26.44 63.44 -56.35
CA LEU E 105 -27.81 63.03 -56.06
C LEU E 105 -28.30 63.54 -54.70
N LEU E 106 -27.53 63.26 -53.67
CA LEU E 106 -27.87 63.71 -52.33
C LEU E 106 -28.04 65.22 -52.32
N TYR E 107 -27.16 65.95 -52.99
CA TYR E 107 -27.28 67.40 -53.00
C TYR E 107 -28.58 67.86 -53.63
N LEU E 108 -28.89 67.29 -54.78
CA LEU E 108 -30.11 67.65 -55.50
C LEU E 108 -31.37 67.22 -54.77
N GLU E 109 -31.25 66.28 -53.83
CA GLU E 109 -32.41 65.82 -53.08
C GLU E 109 -32.64 66.73 -51.88
N PHE E 110 -31.56 67.24 -51.32
CA PHE E 110 -31.63 68.14 -50.18
C PHE E 110 -32.12 69.51 -50.62
N ALA E 111 -31.77 69.92 -51.83
CA ALA E 111 -32.17 71.24 -52.32
C ALA E 111 -33.51 71.29 -53.04
N ILE E 112 -34.21 70.15 -53.14
CA ILE E 112 -35.51 70.16 -53.81
C ILE E 112 -36.66 70.14 -52.82
N GLY E 113 -36.39 69.67 -51.61
CA GLY E 113 -37.38 69.59 -50.56
C GLY E 113 -37.47 70.90 -49.82
N GLN E 114 -36.33 71.57 -49.69
CA GLN E 114 -36.28 72.86 -49.01
C GLN E 114 -36.98 73.95 -49.80
N ARG E 115 -37.04 73.80 -51.13
CA ARG E 115 -37.59 74.82 -52.00
C ARG E 115 -39.09 74.65 -52.20
N LEU E 116 -39.54 73.45 -52.56
CA LEU E 116 -40.94 73.24 -52.91
C LEU E 116 -41.82 72.95 -51.69
N ARG E 117 -41.22 72.76 -50.52
CA ARG E 117 -41.90 72.77 -49.21
C ARG E 117 -42.93 71.66 -49.07
N ARG E 118 -42.74 70.53 -49.74
CA ARG E 118 -43.65 69.41 -49.67
C ARG E 118 -42.87 68.14 -49.34
N GLY E 119 -43.58 67.02 -49.28
CA GLY E 119 -42.96 65.74 -49.01
C GLY E 119 -42.30 65.15 -50.25
N SER E 120 -42.47 63.84 -50.45
CA SER E 120 -41.91 63.24 -51.65
C SER E 120 -42.92 63.21 -52.79
N LEU E 121 -44.16 62.83 -52.52
CA LEU E 121 -45.18 62.79 -53.56
C LEU E 121 -45.69 64.18 -53.91
N GLY E 122 -45.57 65.15 -53.00
CA GLY E 122 -45.97 66.51 -53.31
C GLY E 122 -44.99 67.27 -54.17
N VAL E 123 -43.72 66.88 -54.17
CA VAL E 123 -42.72 67.57 -54.99
C VAL E 123 -42.87 67.18 -56.45
N TRP E 124 -42.96 65.87 -56.74
CA TRP E 124 -43.05 65.44 -58.14
C TRP E 124 -44.43 65.62 -58.73
N SER E 125 -45.45 65.85 -57.92
CA SER E 125 -46.76 66.23 -58.43
C SER E 125 -46.93 67.73 -58.57
N SER E 126 -46.00 68.51 -58.03
CA SER E 126 -46.05 69.96 -58.25
C SER E 126 -45.44 70.33 -59.58
N ILE E 127 -44.38 69.64 -59.99
CA ILE E 127 -43.77 69.85 -61.29
C ILE E 127 -44.30 68.77 -62.24
N HIS E 128 -45.07 69.21 -63.25
CA HIS E 128 -45.77 68.38 -64.23
C HIS E 128 -46.64 67.32 -63.57
N PRO E 129 -47.87 67.66 -63.12
CA PRO E 129 -48.68 66.75 -62.30
C PRO E 129 -49.12 65.45 -62.98
N ALA E 130 -48.83 65.31 -64.27
CA ALA E 130 -48.96 64.03 -64.95
C ALA E 130 -47.80 63.09 -64.65
N LEU E 131 -46.79 63.53 -63.88
CA LEU E 131 -45.70 62.62 -63.59
C LEU E 131 -46.10 61.70 -62.45
N LYS E 132 -46.04 62.19 -61.21
CA LYS E 132 -46.70 61.66 -60.01
C LYS E 132 -46.36 60.20 -59.64
N GLY E 133 -45.64 59.48 -60.50
CA GLY E 133 -45.32 58.11 -60.23
C GLY E 133 -44.08 57.95 -59.40
N LEU E 134 -43.24 58.97 -59.35
CA LEU E 134 -42.06 58.94 -58.50
C LEU E 134 -42.43 59.01 -57.03
N GLY E 135 -43.58 59.59 -56.71
CA GLY E 135 -44.04 59.57 -55.33
C GLY E 135 -44.66 58.25 -54.96
N LEU E 136 -45.33 57.60 -55.92
CA LEU E 136 -45.95 56.31 -55.63
C LEU E 136 -44.96 55.17 -55.75
N ALA E 137 -43.85 55.39 -56.45
CA ALA E 137 -42.80 54.37 -56.51
C ALA E 137 -41.93 54.43 -55.27
N SER E 138 -41.80 55.62 -54.69
CA SER E 138 -41.00 55.76 -53.47
C SER E 138 -41.77 55.23 -52.26
N MET E 139 -43.09 55.27 -52.30
CA MET E 139 -43.90 54.76 -51.21
C MET E 139 -43.95 53.25 -51.22
N LEU E 140 -44.04 52.65 -52.42
CA LEU E 140 -44.05 51.20 -52.53
C LEU E 140 -42.67 50.61 -52.22
N THR E 141 -41.60 51.37 -52.47
CA THR E 141 -40.26 50.86 -52.17
C THR E 141 -39.97 50.97 -50.68
N SER E 142 -40.41 52.05 -50.04
CA SER E 142 -40.23 52.21 -48.60
C SER E 142 -41.10 51.27 -47.79
N PHE E 143 -42.22 50.80 -48.35
CA PHE E 143 -43.04 49.81 -47.66
C PHE E 143 -42.40 48.44 -47.65
N MET E 144 -41.73 48.06 -48.75
CA MET E 144 -41.16 46.72 -48.86
C MET E 144 -39.82 46.58 -48.17
N VAL E 145 -39.01 47.64 -48.14
CA VAL E 145 -37.73 47.57 -47.43
C VAL E 145 -37.96 47.58 -45.92
N GLY E 146 -38.86 48.45 -45.45
CA GLY E 146 -39.19 48.49 -44.04
C GLY E 146 -40.02 47.34 -43.54
N LEU E 147 -40.57 46.52 -44.44
CA LEU E 147 -41.29 45.33 -44.01
C LEU E 147 -40.34 44.22 -43.58
N TYR E 148 -39.26 44.00 -44.33
CA TYR E 148 -38.33 42.94 -43.96
C TYR E 148 -37.20 43.42 -43.08
N TYR E 149 -36.89 44.71 -43.06
CA TYR E 149 -35.93 45.19 -42.09
C TYR E 149 -36.48 45.26 -40.67
N ASN E 150 -37.80 45.15 -40.48
CA ASN E 150 -38.34 45.02 -39.14
C ASN E 150 -38.40 43.57 -38.68
N THR E 151 -38.07 42.62 -39.55
CA THR E 151 -37.91 41.23 -39.16
C THR E 151 -36.46 40.91 -38.79
N ILE E 152 -35.50 41.64 -39.35
CA ILE E 152 -34.12 41.50 -38.93
C ILE E 152 -33.93 42.05 -37.53
N ILE E 153 -34.56 43.17 -37.21
CA ILE E 153 -34.57 43.68 -35.84
C ILE E 153 -35.38 42.77 -34.92
N SER E 154 -36.35 42.03 -35.46
CA SER E 154 -37.03 41.01 -34.67
C SER E 154 -36.09 39.86 -34.32
N TRP E 155 -35.18 39.50 -35.22
CA TRP E 155 -34.20 38.47 -34.93
C TRP E 155 -33.11 38.98 -33.99
N ILE E 156 -32.80 40.27 -34.07
CA ILE E 156 -31.70 40.83 -33.27
C ILE E 156 -32.10 40.90 -31.80
N MET E 157 -33.32 41.34 -31.51
CA MET E 157 -33.77 41.40 -30.12
C MET E 157 -34.15 40.03 -29.57
N TRP E 158 -34.18 38.98 -30.38
CA TRP E 158 -34.28 37.64 -29.84
C TRP E 158 -32.94 37.18 -29.27
N TYR E 159 -31.84 37.57 -29.91
CA TYR E 159 -30.51 37.28 -29.37
C TYR E 159 -30.16 38.18 -28.21
N LEU E 160 -30.85 39.30 -28.05
CA LEU E 160 -30.63 40.19 -26.91
C LEU E 160 -31.35 39.68 -25.67
N PHE E 161 -32.49 39.01 -25.85
CA PHE E 161 -33.19 38.44 -24.70
C PHE E 161 -32.50 37.19 -24.19
N ASN E 162 -31.83 36.45 -25.06
CA ASN E 162 -31.09 35.25 -24.71
C ASN E 162 -29.67 35.55 -24.25
N SER E 163 -29.37 36.80 -23.92
CA SER E 163 -28.18 37.16 -23.17
C SER E 163 -28.56 37.16 -21.70
N PHE E 164 -27.73 37.80 -20.85
CA PHE E 164 -27.94 37.91 -19.39
C PHE E 164 -27.90 36.54 -18.71
N GLN E 165 -27.09 35.63 -19.24
CA GLN E 165 -26.83 34.33 -18.62
C GLN E 165 -25.44 33.91 -19.03
N GLU E 166 -24.65 33.43 -18.07
CA GLU E 166 -23.21 33.26 -18.31
C GLU E 166 -22.88 32.12 -19.26
N PRO E 167 -23.46 30.89 -19.13
CA PRO E 167 -23.37 29.99 -20.28
C PRO E 167 -24.38 30.42 -21.34
N LEU E 168 -23.91 31.04 -22.41
CA LEU E 168 -24.79 31.51 -23.46
C LEU E 168 -25.43 30.31 -24.16
N PRO E 169 -26.66 30.47 -24.67
CA PRO E 169 -27.36 29.31 -25.28
C PRO E 169 -26.74 28.81 -26.57
N TRP E 170 -25.88 29.59 -27.22
CA TRP E 170 -25.16 29.15 -28.40
C TRP E 170 -23.73 28.74 -28.09
N SER E 171 -23.50 28.17 -26.91
CA SER E 171 -22.16 27.79 -26.51
C SER E 171 -21.94 26.29 -26.37
N ASP E 172 -23.01 25.51 -26.26
CA ASP E 172 -22.86 24.07 -26.06
C ASP E 172 -24.08 23.34 -26.62
N CYS E 173 -23.87 22.07 -26.96
CA CYS E 173 -24.90 21.25 -27.57
C CYS E 173 -25.84 20.66 -26.50
N PRO E 174 -27.12 20.55 -26.82
CA PRO E 174 -28.05 19.89 -25.90
C PRO E 174 -27.96 18.37 -26.02
N LEU E 175 -28.48 17.70 -25.00
CA LEU E 175 -28.59 16.25 -24.98
C LEU E 175 -29.99 15.84 -25.45
N ASN E 176 -30.11 14.59 -25.92
CA ASN E 176 -31.28 14.23 -26.73
C ASN E 176 -32.44 13.63 -25.93
N GLU E 177 -32.30 12.38 -25.49
CA GLU E 177 -33.31 11.78 -24.62
C GLU E 177 -32.69 10.98 -23.49
N ASN E 178 -31.60 10.26 -23.77
CA ASN E 178 -31.00 9.36 -22.81
C ASN E 178 -29.77 9.93 -22.15
N GLN E 179 -29.43 11.19 -22.46
CA GLN E 179 -28.32 11.95 -21.87
C GLN E 179 -26.96 11.29 -22.06
N THR E 180 -26.81 10.46 -23.11
CA THR E 180 -25.55 9.80 -23.39
C THR E 180 -24.79 10.46 -24.53
N GLY E 181 -25.49 10.98 -25.54
CA GLY E 181 -24.85 11.65 -26.64
C GLY E 181 -25.56 12.96 -26.96
N TYR E 182 -24.92 13.74 -27.82
CA TYR E 182 -25.51 15.00 -28.24
C TYR E 182 -26.66 14.76 -29.22
N VAL E 183 -27.37 15.86 -29.53
CA VAL E 183 -28.29 15.85 -30.65
C VAL E 183 -27.48 15.69 -31.93
N ASP E 184 -28.04 14.95 -32.90
CA ASP E 184 -27.25 14.47 -34.04
C ASP E 184 -26.79 15.60 -34.95
N GLU E 185 -27.65 16.59 -35.21
CA GLU E 185 -27.23 17.67 -36.10
C GLU E 185 -26.47 18.77 -35.38
N CYS E 186 -26.39 18.74 -34.05
CA CYS E 186 -25.49 19.64 -33.33
C CYS E 186 -24.07 19.12 -33.34
N ALA E 187 -23.87 17.82 -33.55
CA ALA E 187 -22.54 17.24 -33.58
C ALA E 187 -21.91 17.29 -34.95
N ARG E 188 -22.70 17.13 -36.01
CA ARG E 188 -22.16 17.22 -37.36
C ARG E 188 -21.90 18.66 -37.76
N SER E 189 -22.78 19.57 -37.37
CA SER E 189 -22.61 21.00 -37.57
C SER E 189 -21.95 21.61 -36.33
N SER E 190 -22.09 22.92 -36.21
CA SER E 190 -21.57 23.66 -35.06
C SER E 190 -22.69 24.00 -34.08
N PRO E 191 -22.34 24.23 -32.76
CA PRO E 191 -23.48 24.56 -31.86
C PRO E 191 -24.13 25.90 -32.19
N VAL E 192 -23.32 26.84 -32.68
CA VAL E 192 -23.85 28.15 -33.04
C VAL E 192 -24.69 28.01 -34.30
N ASP E 193 -24.25 27.15 -35.20
CA ASP E 193 -24.96 26.90 -36.44
C ASP E 193 -26.22 26.11 -36.16
N TYR E 194 -26.32 25.59 -34.94
CA TYR E 194 -27.48 24.84 -34.53
C TYR E 194 -28.47 25.74 -33.82
N PHE E 195 -27.98 26.80 -33.20
CA PHE E 195 -28.89 27.72 -32.50
C PHE E 195 -29.72 28.62 -33.44
N TRP E 196 -29.22 28.85 -34.64
CA TRP E 196 -29.83 29.67 -35.67
C TRP E 196 -30.88 28.88 -36.43
N TYR E 197 -30.52 27.71 -36.95
CA TYR E 197 -31.40 27.01 -37.86
C TYR E 197 -32.44 26.16 -37.16
N ARG E 198 -32.22 25.74 -35.92
CA ARG E 198 -33.17 24.86 -35.24
C ARG E 198 -33.80 25.46 -34.00
N GLU E 199 -33.10 26.32 -33.26
CA GLU E 199 -33.69 26.88 -32.05
C GLU E 199 -34.16 28.31 -32.21
N THR E 200 -33.75 29.01 -33.26
CA THR E 200 -34.33 30.32 -33.58
C THR E 200 -35.34 30.22 -34.71
N LEU E 201 -34.92 29.68 -35.84
CA LEU E 201 -35.75 29.69 -37.04
C LEU E 201 -36.67 28.49 -37.14
N ASN E 202 -36.19 27.31 -36.71
CA ASN E 202 -36.81 26.01 -36.93
C ASN E 202 -37.05 25.80 -38.42
N ILE E 203 -36.00 25.93 -39.22
CA ILE E 203 -36.10 26.08 -40.67
C ILE E 203 -36.51 24.76 -41.31
N SER E 204 -37.11 24.85 -42.50
CA SER E 204 -37.53 23.69 -43.28
C SER E 204 -36.50 23.42 -44.36
N THR E 205 -36.76 22.37 -45.15
CA THR E 205 -35.82 21.96 -46.18
C THR E 205 -36.06 22.66 -47.52
N SER E 206 -37.17 23.38 -47.68
CA SER E 206 -37.46 24.03 -48.94
C SER E 206 -38.30 25.27 -48.70
N ILE E 207 -38.52 26.05 -49.76
CA ILE E 207 -39.45 27.17 -49.71
C ILE E 207 -40.87 26.70 -49.95
N SER E 208 -41.05 25.47 -50.45
CA SER E 208 -42.39 24.94 -50.67
C SER E 208 -43.00 24.43 -49.38
N ASP E 209 -42.19 23.88 -48.48
CA ASP E 209 -42.67 23.31 -47.22
C ASP E 209 -42.69 24.42 -46.18
N SER E 210 -43.89 24.78 -45.72
CA SER E 210 -44.09 25.75 -44.67
C SER E 210 -44.98 25.15 -43.59
N GLY E 211 -44.83 25.65 -42.37
CA GLY E 211 -45.56 25.09 -41.24
C GLY E 211 -46.43 26.06 -40.49
N SER E 212 -46.22 26.16 -39.18
CA SER E 212 -47.01 27.00 -38.31
C SER E 212 -46.33 28.35 -38.13
N ILE E 213 -46.83 29.15 -37.17
CA ILE E 213 -46.40 30.54 -37.04
C ILE E 213 -45.16 30.69 -36.17
N GLN E 214 -44.76 29.64 -35.42
CA GLN E 214 -43.57 29.63 -34.57
C GLN E 214 -43.63 30.74 -33.52
N TRP E 215 -44.50 30.54 -32.54
CA TRP E 215 -44.80 31.53 -31.49
C TRP E 215 -43.72 32.47 -30.95
N TRP E 216 -42.55 31.97 -30.55
CA TRP E 216 -41.52 32.85 -30.02
C TRP E 216 -41.15 33.98 -30.98
N MET E 217 -40.96 33.63 -32.25
CA MET E 217 -40.61 34.59 -33.27
C MET E 217 -41.71 35.64 -33.38
N LEU E 218 -42.96 35.20 -33.28
CA LEU E 218 -44.11 36.09 -33.36
C LEU E 218 -44.12 37.09 -32.22
N LEU E 219 -43.83 36.62 -31.01
CA LEU E 219 -43.78 37.51 -29.87
C LEU E 219 -42.71 38.55 -30.13
N CYS E 220 -41.57 38.12 -30.63
CA CYS E 220 -40.49 39.06 -30.91
C CYS E 220 -40.88 40.11 -31.95
N LEU E 221 -41.60 39.68 -32.98
CA LEU E 221 -42.06 40.57 -34.03
C LEU E 221 -42.94 41.63 -33.41
N ALA E 222 -43.86 41.18 -32.55
CA ALA E 222 -44.74 42.10 -31.87
C ALA E 222 -43.89 43.13 -31.16
N CYS E 223 -42.97 42.67 -30.34
CA CYS E 223 -42.10 43.61 -29.62
C CYS E 223 -41.45 44.64 -30.53
N ALA E 224 -40.86 44.19 -31.64
CA ALA E 224 -40.22 45.11 -32.57
C ALA E 224 -41.16 46.20 -33.09
N TRP E 225 -42.31 45.79 -33.62
CA TRP E 225 -43.24 46.80 -34.14
C TRP E 225 -43.74 47.74 -33.04
N SER E 226 -43.87 47.23 -31.83
CA SER E 226 -44.33 48.05 -30.71
C SER E 226 -43.28 49.09 -30.37
N VAL E 227 -42.01 48.68 -30.33
CA VAL E 227 -40.95 49.61 -30.01
C VAL E 227 -40.82 50.63 -31.14
N LEU E 228 -41.29 50.27 -32.33
CA LEU E 228 -41.21 51.23 -33.43
C LEU E 228 -42.36 52.23 -33.38
N TYR E 229 -43.52 51.82 -32.90
CA TYR E 229 -44.67 52.72 -32.81
C TYR E 229 -44.55 53.77 -31.70
N MET E 230 -43.77 53.45 -30.67
CA MET E 230 -43.52 54.34 -29.54
C MET E 230 -42.59 55.48 -29.93
N CYS E 231 -41.66 55.23 -30.85
CA CYS E 231 -40.68 56.23 -31.22
C CYS E 231 -41.17 57.18 -32.31
N THR E 232 -42.00 56.70 -33.24
CA THR E 232 -42.52 57.52 -34.34
C THR E 232 -43.99 57.84 -34.18
N ILE E 233 -44.46 58.11 -32.96
CA ILE E 233 -45.90 58.27 -32.75
C ILE E 233 -46.38 59.63 -33.26
N ARG E 234 -45.85 60.73 -32.71
CA ARG E 234 -46.26 62.07 -33.12
C ARG E 234 -45.33 62.65 -34.18
N GLY E 235 -45.12 61.91 -35.26
CA GLY E 235 -44.38 62.44 -36.39
C GLY E 235 -42.91 62.68 -36.16
N ILE E 236 -42.52 63.94 -36.08
CA ILE E 236 -41.11 64.32 -36.00
C ILE E 236 -40.72 64.91 -34.66
N GLU E 237 -41.69 65.28 -33.81
CA GLU E 237 -41.34 65.76 -32.49
C GLU E 237 -41.17 64.64 -31.48
N THR E 238 -40.99 63.41 -31.92
CA THR E 238 -40.65 62.32 -30.99
C THR E 238 -39.33 61.73 -31.49
N THR E 239 -39.25 61.45 -32.78
CA THR E 239 -38.02 60.89 -33.32
C THR E 239 -36.82 61.84 -33.17
N GLY E 240 -36.98 62.91 -32.40
CA GLY E 240 -35.89 63.84 -32.18
C GLY E 240 -34.96 63.33 -31.08
N LYS E 241 -35.51 63.19 -29.88
CA LYS E 241 -34.74 62.68 -28.76
C LYS E 241 -34.32 61.27 -29.14
N ALA E 242 -35.25 60.60 -29.80
CA ALA E 242 -35.04 59.26 -30.28
C ALA E 242 -33.79 59.28 -31.12
N VAL E 243 -33.78 60.03 -32.23
CA VAL E 243 -32.57 60.08 -33.06
C VAL E 243 -31.32 60.32 -32.23
N TYR E 244 -31.36 61.33 -31.36
CA TYR E 244 -30.21 61.62 -30.47
C TYR E 244 -29.58 60.34 -29.94
N ILE E 245 -30.33 59.69 -29.06
CA ILE E 245 -29.80 58.45 -28.48
C ILE E 245 -29.47 57.38 -29.52
N THR E 246 -30.45 57.05 -30.35
CA THR E 246 -30.30 56.03 -31.37
C THR E 246 -29.33 56.38 -32.47
N SER E 247 -28.52 57.41 -32.25
CA SER E 247 -27.57 57.82 -33.25
C SER E 247 -26.19 57.99 -32.66
N THR E 248 -26.11 58.27 -31.36
CA THR E 248 -24.77 58.40 -30.76
C THR E 248 -24.22 57.03 -30.29
N LEU E 249 -25.03 56.36 -29.49
CA LEU E 249 -24.82 55.06 -28.87
C LEU E 249 -24.11 54.08 -29.81
N PRO E 250 -24.67 53.91 -31.00
CA PRO E 250 -24.09 53.04 -32.01
C PRO E 250 -22.61 53.40 -32.21
N TYR E 251 -22.32 54.68 -32.35
CA TYR E 251 -20.93 55.12 -32.53
C TYR E 251 -20.00 54.73 -31.37
N VAL E 252 -20.40 55.08 -30.15
CA VAL E 252 -19.59 54.77 -28.98
C VAL E 252 -19.32 53.28 -28.85
N VAL E 253 -20.33 52.45 -29.07
CA VAL E 253 -20.13 51.01 -28.95
C VAL E 253 -19.16 50.50 -30.02
N LEU E 254 -19.33 50.99 -31.24
CA LEU E 254 -18.46 50.59 -32.32
C LEU E 254 -17.04 50.91 -31.92
N THR E 255 -16.83 52.07 -31.30
CA THR E 255 -15.49 52.43 -30.87
C THR E 255 -15.00 51.41 -29.85
N ILE E 256 -15.73 51.25 -28.74
CA ILE E 256 -15.32 50.28 -27.72
C ILE E 256 -14.95 48.94 -28.33
N PHE E 257 -15.52 48.58 -29.48
CA PHE E 257 -15.19 47.28 -30.09
C PHE E 257 -13.88 47.24 -30.87
N LEU E 258 -13.30 48.41 -31.09
CA LEU E 258 -12.04 48.59 -31.80
C LEU E 258 -10.85 48.36 -30.88
N ILE E 259 -10.87 48.94 -29.67
CA ILE E 259 -9.76 48.76 -28.74
C ILE E 259 -9.80 47.41 -28.03
N ARG E 260 -10.91 46.69 -28.12
CA ARG E 260 -10.97 45.29 -27.69
C ARG E 260 -10.62 44.36 -28.83
N GLY E 261 -11.06 44.69 -30.05
CA GLY E 261 -10.81 43.83 -31.19
C GLY E 261 -9.35 43.78 -31.59
N LEU E 262 -8.65 44.91 -31.49
CA LEU E 262 -7.24 45.02 -31.88
C LEU E 262 -6.28 44.51 -30.81
N THR E 263 -6.75 43.72 -29.85
CA THR E 263 -5.93 43.29 -28.73
C THR E 263 -5.92 41.77 -28.55
N LEU E 264 -6.76 41.03 -29.27
CA LEU E 264 -7.06 39.67 -28.80
C LEU E 264 -6.01 38.63 -29.15
N LYS E 265 -6.00 38.16 -30.40
CA LYS E 265 -4.93 37.26 -30.82
C LYS E 265 -4.55 37.46 -32.28
N GLY E 266 -5.53 37.84 -33.10
CA GLY E 266 -5.40 37.67 -34.53
C GLY E 266 -5.90 38.83 -35.35
N ALA E 267 -6.24 39.93 -34.69
CA ALA E 267 -6.33 41.18 -35.42
C ALA E 267 -4.93 41.66 -35.77
N THR E 268 -4.85 42.49 -36.81
CA THR E 268 -3.74 42.92 -37.66
C THR E 268 -3.33 41.76 -38.60
N ASN E 269 -3.90 40.57 -38.45
CA ASN E 269 -3.84 39.51 -39.43
C ASN E 269 -5.14 39.38 -40.20
N GLY E 270 -6.19 40.08 -39.78
CA GLY E 270 -7.44 40.16 -40.52
C GLY E 270 -7.65 41.55 -41.08
N ILE E 271 -6.84 42.50 -40.62
CA ILE E 271 -6.84 43.84 -41.19
C ILE E 271 -6.01 43.88 -42.46
N VAL E 272 -4.84 43.23 -42.44
CA VAL E 272 -3.99 43.08 -43.62
C VAL E 272 -4.67 42.31 -44.73
N PHE E 273 -5.40 41.24 -44.40
CA PHE E 273 -6.14 40.45 -45.36
C PHE E 273 -7.27 41.23 -46.03
N LEU E 274 -7.85 42.21 -45.33
CA LEU E 274 -8.87 43.06 -45.94
C LEU E 274 -8.27 44.02 -46.97
N PHE E 275 -7.06 44.51 -46.71
CA PHE E 275 -6.44 45.54 -47.54
C PHE E 275 -5.32 44.99 -48.43
N THR E 276 -5.49 43.78 -48.95
CA THR E 276 -4.57 43.27 -49.96
C THR E 276 -5.12 43.59 -51.35
N PRO E 277 -4.41 44.38 -52.16
CA PRO E 277 -4.96 44.78 -53.46
C PRO E 277 -4.84 43.67 -54.49
N ASN E 278 -5.94 43.43 -55.20
CA ASN E 278 -5.99 42.51 -56.33
C ASN E 278 -6.56 43.29 -57.49
N VAL E 279 -5.68 43.80 -58.36
CA VAL E 279 -6.08 44.75 -59.39
C VAL E 279 -6.81 44.08 -60.56
N THR E 280 -6.82 42.74 -60.61
CA THR E 280 -7.52 42.05 -61.69
C THR E 280 -9.04 42.19 -61.54
N GLU E 281 -9.52 42.30 -60.30
CA GLU E 281 -10.95 42.42 -60.03
C GLU E 281 -11.53 43.77 -60.45
N LEU E 282 -10.70 44.77 -60.74
CA LEU E 282 -11.19 46.06 -61.21
C LEU E 282 -11.78 45.97 -62.62
N ALA E 283 -11.25 45.05 -63.44
CA ALA E 283 -11.70 44.89 -64.80
C ALA E 283 -12.84 43.89 -64.90
N GLN E 284 -13.91 44.11 -64.14
CA GLN E 284 -15.04 43.20 -64.09
C GLN E 284 -16.34 43.99 -64.11
N PRO E 285 -17.33 43.55 -64.90
CA PRO E 285 -18.63 44.21 -64.91
C PRO E 285 -19.46 43.99 -63.66
N ASP E 286 -19.14 42.98 -62.86
CA ASP E 286 -19.86 42.72 -61.62
C ASP E 286 -19.33 43.51 -60.44
N THR E 287 -18.08 43.98 -60.52
CA THR E 287 -17.52 44.83 -59.47
C THR E 287 -18.21 46.17 -59.40
N TRP E 288 -18.30 46.89 -60.52
CA TRP E 288 -18.84 48.24 -60.55
C TRP E 288 -20.34 48.30 -60.38
N LEU E 289 -21.05 47.18 -60.47
CA LEU E 289 -22.48 47.18 -60.20
C LEU E 289 -22.78 47.23 -58.71
N ASP E 290 -22.24 46.26 -57.95
CA ASP E 290 -22.46 46.25 -56.52
C ASP E 290 -21.69 47.34 -55.80
N ALA E 291 -20.61 47.85 -56.40
CA ALA E 291 -20.02 49.09 -55.89
C ALA E 291 -20.91 50.28 -56.19
N GLY E 292 -21.68 50.22 -57.27
CA GLY E 292 -22.60 51.28 -57.61
C GLY E 292 -23.91 51.17 -56.86
N ALA E 293 -24.40 49.94 -56.66
CA ALA E 293 -25.65 49.73 -55.96
C ALA E 293 -25.50 49.78 -54.45
N GLN E 294 -24.27 49.83 -53.93
CA GLN E 294 -24.08 50.06 -52.51
C GLN E 294 -24.14 51.55 -52.19
N VAL E 295 -23.72 52.41 -53.13
CA VAL E 295 -23.76 53.86 -52.92
C VAL E 295 -25.20 54.34 -52.79
N PHE E 296 -26.11 53.78 -53.58
CA PHE E 296 -27.52 54.12 -53.41
C PHE E 296 -28.14 53.53 -52.16
N PHE E 297 -27.46 52.60 -51.49
CA PHE E 297 -27.91 52.10 -50.21
C PHE E 297 -27.00 52.49 -49.05
N SER E 298 -25.77 52.93 -49.31
CA SER E 298 -24.99 53.58 -48.25
C SER E 298 -25.62 54.91 -47.86
N PHE E 299 -26.17 55.62 -48.83
CA PHE E 299 -27.09 56.72 -48.58
C PHE E 299 -28.50 56.15 -48.53
N SER E 300 -29.51 57.00 -48.59
CA SER E 300 -30.88 56.52 -48.66
C SER E 300 -31.60 57.18 -49.82
N LEU E 301 -30.92 57.23 -50.96
CA LEU E 301 -31.45 57.92 -52.13
C LEU E 301 -32.59 57.12 -52.75
N ALA E 302 -33.48 57.84 -53.43
CA ALA E 302 -34.66 57.31 -54.12
C ALA E 302 -35.62 56.60 -53.18
N PHE E 303 -35.63 57.00 -51.90
CA PHE E 303 -36.54 56.43 -50.92
C PHE E 303 -37.67 57.37 -50.55
N GLY E 304 -37.46 58.67 -50.66
CA GLY E 304 -38.50 59.63 -50.34
C GLY E 304 -38.53 60.09 -48.91
N GLY E 305 -37.47 59.84 -48.15
CA GLY E 305 -37.43 60.27 -46.77
C GLY E 305 -36.52 61.46 -46.58
N LEU E 306 -35.48 61.56 -47.41
CA LEU E 306 -34.55 62.68 -47.33
C LEU E 306 -35.13 63.96 -47.91
N ILE E 307 -36.19 63.86 -48.71
CA ILE E 307 -36.88 65.06 -49.18
C ILE E 307 -37.85 65.57 -48.13
N SER E 308 -38.54 64.66 -47.43
CA SER E 308 -39.45 65.05 -46.38
C SER E 308 -38.74 65.55 -45.13
N PHE E 309 -37.51 65.10 -44.88
CA PHE E 309 -36.75 65.62 -43.75
C PHE E 309 -36.15 66.99 -44.07
N SER E 310 -35.77 67.22 -45.33
CA SER E 310 -35.18 68.49 -45.72
C SER E 310 -36.21 69.60 -45.85
N SER E 311 -37.48 69.26 -45.99
CA SER E 311 -38.54 70.23 -46.20
C SER E 311 -38.97 70.94 -44.91
N TYR E 312 -38.42 70.56 -43.76
CA TYR E 312 -38.75 71.21 -42.50
C TYR E 312 -37.75 72.29 -42.12
N ASN E 313 -36.67 72.46 -42.88
CA ASN E 313 -35.63 73.41 -42.54
C ASN E 313 -36.07 74.83 -42.88
N SER E 314 -35.24 75.79 -42.51
CA SER E 314 -35.47 77.17 -42.90
C SER E 314 -35.14 77.36 -44.37
N VAL E 315 -35.64 78.45 -44.94
CA VAL E 315 -35.45 78.69 -46.37
C VAL E 315 -34.02 79.10 -46.70
N HIS E 316 -33.33 79.76 -45.78
CA HIS E 316 -31.95 80.17 -46.00
C HIS E 316 -30.95 79.22 -45.36
N ASN E 317 -31.35 77.97 -45.13
CA ASN E 317 -30.44 76.97 -44.61
C ASN E 317 -29.51 76.50 -45.73
N ASN E 318 -28.23 76.34 -45.38
CA ASN E 318 -27.23 75.93 -46.35
C ASN E 318 -27.35 74.42 -46.60
N CYS E 319 -27.84 74.04 -47.76
CA CYS E 319 -27.97 72.65 -48.14
C CYS E 319 -26.79 72.14 -48.97
N GLU E 320 -25.87 73.03 -49.35
CA GLU E 320 -24.65 72.61 -50.02
C GLU E 320 -23.61 72.12 -49.04
N LYS E 321 -23.55 72.75 -47.87
CA LYS E 321 -22.63 72.30 -46.82
C LYS E 321 -23.14 71.07 -46.09
N ASP E 322 -24.45 70.81 -46.12
CA ASP E 322 -24.98 69.63 -45.45
C ASP E 322 -24.69 68.36 -46.24
N SER E 323 -24.79 68.43 -47.57
CA SER E 323 -24.61 67.23 -48.38
C SER E 323 -23.16 66.79 -48.47
N VAL E 324 -22.21 67.67 -48.18
CA VAL E 324 -20.79 67.27 -48.14
C VAL E 324 -20.44 66.69 -46.77
N ILE E 325 -20.99 67.26 -45.70
CA ILE E 325 -20.71 66.75 -44.36
C ILE E 325 -21.35 65.38 -44.15
N VAL E 326 -22.56 65.18 -44.69
CA VAL E 326 -23.25 63.90 -44.55
C VAL E 326 -22.54 62.81 -45.34
N SER E 327 -22.02 63.15 -46.52
CA SER E 327 -21.36 62.17 -47.36
C SER E 327 -19.93 61.88 -46.91
N ILE E 328 -19.26 62.82 -46.24
CA ILE E 328 -17.93 62.55 -45.72
C ILE E 328 -18.01 61.59 -44.54
N ILE E 329 -18.99 61.77 -43.66
CA ILE E 329 -19.16 60.87 -42.52
C ILE E 329 -19.63 59.49 -42.97
N ASN E 330 -20.43 59.42 -44.04
CA ASN E 330 -20.85 58.13 -44.57
C ASN E 330 -19.73 57.38 -45.29
N GLY E 331 -18.75 58.10 -45.84
CA GLY E 331 -17.64 57.44 -46.49
C GLY E 331 -16.56 57.05 -45.49
N PHE E 332 -16.50 57.76 -44.37
CA PHE E 332 -15.54 57.44 -43.33
C PHE E 332 -16.05 56.31 -42.44
N THR E 333 -17.36 56.22 -42.23
CA THR E 333 -17.91 55.18 -41.37
C THR E 333 -17.82 53.81 -42.01
N SER E 334 -18.00 53.72 -43.33
CA SER E 334 -17.99 52.43 -44.02
C SER E 334 -16.60 51.79 -44.00
N VAL E 335 -15.55 52.59 -43.98
CA VAL E 335 -14.22 52.04 -43.73
C VAL E 335 -14.07 51.66 -42.27
N TYR E 336 -14.69 52.44 -41.37
CA TYR E 336 -14.48 52.28 -39.94
C TYR E 336 -15.18 51.03 -39.40
N VAL E 337 -16.32 50.65 -39.95
CA VAL E 337 -16.96 49.41 -39.52
C VAL E 337 -16.23 48.21 -40.11
N ALA E 338 -15.60 48.35 -41.28
CA ALA E 338 -14.87 47.23 -41.87
C ALA E 338 -13.59 46.92 -41.11
N ILE E 339 -13.01 47.91 -40.43
CA ILE E 339 -11.87 47.65 -39.57
C ILE E 339 -12.30 46.86 -38.33
N VAL E 340 -13.47 47.18 -37.79
CA VAL E 340 -13.97 46.51 -36.59
C VAL E 340 -14.41 45.09 -36.91
N VAL E 341 -15.03 44.90 -38.08
CA VAL E 341 -15.57 43.58 -38.45
C VAL E 341 -14.45 42.61 -38.76
N TYR E 342 -13.48 43.02 -39.56
CA TYR E 342 -12.41 42.11 -39.94
C TYR E 342 -11.34 41.96 -38.87
N SER E 343 -11.41 42.70 -37.77
CA SER E 343 -10.59 42.38 -36.61
C SER E 343 -11.14 41.16 -35.88
N VAL E 344 -12.44 40.96 -35.93
CA VAL E 344 -13.07 39.82 -35.26
C VAL E 344 -12.99 38.57 -36.12
N ILE E 345 -13.08 38.71 -37.45
CA ILE E 345 -12.82 37.60 -38.36
C ILE E 345 -11.37 37.16 -38.26
N GLY E 346 -10.45 38.10 -38.06
CA GLY E 346 -9.05 37.72 -37.87
C GLY E 346 -8.79 37.05 -36.54
N PHE E 347 -9.62 37.31 -35.53
CA PHE E 347 -9.46 36.63 -34.26
C PHE E 347 -10.08 35.24 -34.30
N ARG E 348 -11.18 35.08 -35.02
CA ARG E 348 -11.83 33.78 -35.11
C ARG E 348 -11.03 32.82 -35.97
N ALA E 349 -10.34 33.34 -36.99
CA ALA E 349 -9.59 32.48 -37.91
C ALA E 349 -8.26 32.06 -37.29
N THR E 350 -7.70 32.90 -36.41
CA THR E 350 -6.48 32.53 -35.71
C THR E 350 -6.78 31.51 -34.62
N GLN E 351 -7.97 31.60 -34.02
CA GLN E 351 -8.36 30.64 -32.99
C GLN E 351 -8.66 29.27 -33.59
N ARG E 352 -9.35 29.25 -34.73
CA ARG E 352 -9.68 27.97 -35.36
C ARG E 352 -8.44 27.32 -35.95
N TYR E 353 -7.42 28.11 -36.29
CA TYR E 353 -6.17 27.55 -36.78
C TYR E 353 -5.36 26.96 -35.62
N ASP E 354 -5.56 27.47 -34.42
CA ASP E 354 -4.82 26.94 -33.27
C ASP E 354 -5.54 25.76 -32.64
N ASP E 355 -6.87 25.75 -32.66
CA ASP E 355 -7.58 24.56 -32.21
C ASP E 355 -7.72 23.50 -33.29
N CYS E 356 -7.20 23.74 -34.50
CA CYS E 356 -6.94 22.68 -35.47
C CYS E 356 -5.53 22.15 -35.40
N PHE E 357 -4.53 23.02 -35.25
CA PHE E 357 -3.15 22.57 -35.26
C PHE E 357 -2.76 21.85 -33.98
N SER E 358 -3.50 22.08 -32.90
CA SER E 358 -3.25 21.35 -31.66
C SER E 358 -3.84 19.94 -31.69
N THR E 359 -4.77 19.66 -32.61
CA THR E 359 -5.26 18.30 -32.77
C THR E 359 -4.36 17.48 -33.69
N ASN E 360 -3.69 18.12 -34.64
CA ASN E 360 -2.65 17.41 -35.40
C ASN E 360 -1.45 17.09 -34.52
N ILE E 361 -1.19 17.92 -33.51
CA ILE E 361 -0.19 17.59 -32.51
C ILE E 361 -0.65 16.40 -31.68
N LEU E 362 -1.92 16.41 -31.26
CA LEU E 362 -2.45 15.42 -30.33
C LEU E 362 -2.56 14.02 -30.94
N THR E 363 -2.58 13.91 -32.27
CA THR E 363 -2.70 12.60 -32.91
C THR E 363 -1.42 11.77 -32.78
N LEU E 364 -0.25 12.39 -32.99
CA LEU E 364 0.98 11.60 -33.00
C LEU E 364 1.50 11.36 -31.58
N ILE E 365 1.17 12.26 -30.65
CA ILE E 365 1.48 12.04 -29.24
C ILE E 365 0.69 10.85 -28.69
N ASN E 366 -0.52 10.67 -29.18
CA ASN E 366 -1.34 9.54 -28.79
C ASN E 366 -0.98 8.25 -29.56
N GLY E 367 -0.06 8.36 -30.53
CA GLY E 367 0.35 7.21 -31.30
C GLY E 367 1.82 6.84 -31.25
N PHE E 368 2.67 7.73 -30.74
CA PHE E 368 4.11 7.47 -30.74
C PHE E 368 4.77 7.66 -29.38
N ASP E 369 3.97 7.85 -28.34
CA ASP E 369 4.47 7.98 -26.97
C ASP E 369 5.58 8.98 -26.77
N LEU E 370 5.24 10.26 -26.91
CA LEU E 370 6.20 11.33 -26.71
C LEU E 370 5.79 12.21 -25.52
N PRO E 371 6.82 12.89 -24.90
CA PRO E 371 6.39 13.72 -23.76
C PRO E 371 5.28 14.70 -24.13
N GLU E 372 4.76 15.42 -23.14
CA GLU E 372 3.69 16.38 -23.35
C GLU E 372 4.14 17.52 -24.26
N GLY E 373 4.82 18.51 -23.67
CA GLY E 373 5.29 19.66 -24.43
C GLY E 373 6.27 19.27 -25.51
N ASN E 374 6.06 18.09 -26.11
CA ASN E 374 6.92 17.60 -27.16
C ASN E 374 6.25 17.69 -28.54
N VAL E 375 6.94 18.32 -29.48
CA VAL E 375 6.42 18.48 -30.84
C VAL E 375 5.40 19.61 -30.92
N THR E 376 5.88 20.85 -30.73
CA THR E 376 5.02 22.02 -30.80
C THR E 376 4.79 22.46 -32.24
N GLN E 377 4.52 23.74 -32.43
CA GLN E 377 4.28 24.27 -33.77
C GLN E 377 5.57 24.52 -34.53
N GLU E 378 6.63 24.90 -33.81
CA GLU E 378 7.90 25.14 -34.48
C GLU E 378 8.51 23.87 -35.05
N ASN E 379 8.18 22.71 -34.49
CA ASN E 379 8.78 21.46 -34.90
C ASN E 379 7.71 20.44 -35.28
N PHE E 380 6.83 20.79 -36.21
CA PHE E 380 5.82 19.84 -36.64
C PHE E 380 6.35 18.94 -37.75
N VAL E 381 6.83 19.54 -38.85
CA VAL E 381 7.16 18.80 -40.07
C VAL E 381 8.40 17.94 -39.91
N ASP E 382 9.41 18.40 -39.16
CA ASP E 382 10.60 17.60 -38.93
C ASP E 382 10.30 16.43 -38.00
N MET E 383 9.35 16.60 -37.08
CA MET E 383 8.92 15.48 -36.25
C MET E 383 7.89 14.59 -36.93
N GLN E 384 7.37 15.01 -38.08
CA GLN E 384 6.59 14.08 -38.92
C GLN E 384 7.48 13.01 -39.51
N GLN E 385 8.67 13.37 -39.99
CA GLN E 385 9.57 12.45 -40.66
C GLN E 385 10.49 11.71 -39.70
N ARG E 386 10.66 12.20 -38.48
CA ARG E 386 11.41 11.44 -37.49
C ARG E 386 10.64 10.19 -37.08
N CYS E 387 9.30 10.27 -37.06
CA CYS E 387 8.50 9.11 -36.68
C CYS E 387 8.42 8.08 -37.80
N ASN E 388 8.22 8.51 -39.05
CA ASN E 388 8.09 7.55 -40.15
C ASN E 388 9.43 6.95 -40.54
N ALA E 389 10.55 7.57 -40.19
CA ALA E 389 11.85 6.93 -40.35
C ALA E 389 12.20 6.04 -39.17
N SER E 390 11.55 6.24 -38.02
CA SER E 390 11.77 5.38 -36.88
C SER E 390 11.09 4.02 -37.06
N ASP E 391 9.83 4.03 -37.47
CA ASP E 391 9.07 2.81 -37.68
C ASP E 391 7.96 3.05 -38.70
N PRO E 392 8.03 2.39 -39.86
CA PRO E 392 6.94 2.47 -40.83
C PRO E 392 5.75 1.62 -40.38
N ALA E 393 4.66 1.70 -41.16
CA ALA E 393 3.36 1.07 -40.96
C ALA E 393 2.64 1.51 -39.69
N ALA E 394 3.15 2.51 -38.96
CA ALA E 394 2.42 3.16 -37.88
C ALA E 394 2.04 4.59 -38.22
N TYR E 395 2.55 5.09 -39.35
CA TYR E 395 2.18 6.42 -39.83
C TYR E 395 1.00 6.35 -40.80
N ALA E 396 0.69 5.16 -41.31
CA ALA E 396 -0.32 4.98 -42.35
C ALA E 396 -1.74 5.07 -41.82
N GLN E 397 -1.96 4.89 -40.52
CA GLN E 397 -3.28 5.05 -39.94
C GLN E 397 -3.50 6.44 -39.36
N LEU E 398 -2.50 7.31 -39.43
CA LEU E 398 -2.59 8.65 -38.86
C LEU E 398 -3.34 9.58 -39.81
N VAL E 399 -4.34 10.27 -39.29
CA VAL E 399 -5.14 11.22 -40.07
C VAL E 399 -4.73 12.63 -39.64
N PHE E 400 -4.10 13.36 -40.56
CA PHE E 400 -3.69 14.73 -40.30
C PHE E 400 -4.57 15.68 -41.08
N GLN E 401 -4.48 16.96 -40.75
CA GLN E 401 -5.30 17.99 -41.36
C GLN E 401 -4.42 18.91 -42.19
N THR E 402 -5.03 19.50 -43.22
CA THR E 402 -4.32 20.41 -44.10
C THR E 402 -4.79 21.83 -43.84
N CYS E 403 -5.02 22.16 -42.56
CA CYS E 403 -5.58 23.46 -42.22
C CYS E 403 -4.51 24.54 -42.19
N ASP E 404 -4.86 25.71 -42.70
CA ASP E 404 -3.95 26.82 -42.92
C ASP E 404 -4.77 28.10 -43.04
N ILE E 405 -4.21 29.21 -42.54
CA ILE E 405 -4.87 30.50 -42.72
C ILE E 405 -4.81 30.90 -44.20
N ASN E 406 -5.67 31.86 -44.55
CA ASN E 406 -6.19 32.27 -45.86
C ASN E 406 -7.21 31.26 -46.39
N ALA E 407 -7.42 30.15 -45.68
CA ALA E 407 -8.58 29.29 -45.89
C ALA E 407 -9.58 29.40 -44.75
N PHE E 408 -9.15 29.84 -43.58
CA PHE E 408 -10.06 30.16 -42.49
C PHE E 408 -10.48 31.62 -42.50
N LEU E 409 -9.74 32.48 -43.19
CA LEU E 409 -10.13 33.87 -43.38
C LEU E 409 -11.04 34.05 -44.59
N SER E 410 -11.26 33.00 -45.38
CA SER E 410 -11.87 33.17 -46.69
C SER E 410 -13.19 32.42 -46.84
N GLU E 411 -14.08 32.52 -45.85
CA GLU E 411 -15.45 32.10 -46.04
C GLU E 411 -16.27 33.26 -46.59
N ALA E 412 -17.26 32.92 -47.42
CA ALA E 412 -18.06 33.90 -48.14
C ALA E 412 -19.40 34.17 -47.47
N VAL E 413 -19.42 34.19 -46.13
CA VAL E 413 -20.67 34.41 -45.41
C VAL E 413 -21.05 35.88 -45.52
N GLU E 414 -22.36 36.14 -45.65
CA GLU E 414 -22.84 37.47 -46.00
C GLU E 414 -24.34 37.56 -45.71
N GLY E 415 -24.73 38.67 -45.07
CA GLY E 415 -26.10 39.12 -45.08
C GLY E 415 -26.87 38.93 -43.78
N THR E 416 -26.76 37.73 -43.19
CA THR E 416 -27.19 37.52 -41.82
C THR E 416 -26.21 36.68 -41.03
N GLY E 417 -25.34 35.92 -41.68
CA GLY E 417 -24.42 35.07 -40.99
C GLY E 417 -23.22 35.76 -40.39
N LEU E 418 -22.96 37.00 -40.79
CA LEU E 418 -21.85 37.74 -40.21
C LEU E 418 -22.17 38.26 -38.80
N ALA E 419 -23.41 38.14 -38.34
CA ALA E 419 -23.76 38.52 -36.99
C ALA E 419 -24.31 37.38 -36.14
N PHE E 420 -24.86 36.33 -36.75
CA PHE E 420 -25.55 35.29 -36.02
C PHE E 420 -24.80 33.96 -35.96
N ILE E 421 -23.85 33.70 -36.85
CA ILE E 421 -23.06 32.48 -36.81
C ILE E 421 -21.56 32.73 -36.91
N VAL E 422 -21.12 33.98 -36.98
CA VAL E 422 -19.69 34.27 -37.12
C VAL E 422 -19.25 35.22 -36.01
N PHE E 423 -19.98 36.32 -35.84
CA PHE E 423 -19.61 37.29 -34.81
C PHE E 423 -19.93 36.78 -33.42
N THR E 424 -21.03 36.06 -33.26
CA THR E 424 -21.43 35.59 -31.94
C THR E 424 -20.70 34.33 -31.51
N GLU E 425 -19.94 33.70 -32.41
CA GLU E 425 -19.07 32.60 -32.02
C GLU E 425 -17.76 33.12 -31.44
N ALA E 426 -17.25 34.23 -31.99
CA ALA E 426 -16.03 34.83 -31.47
C ALA E 426 -16.26 35.53 -30.14
N ILE E 427 -17.50 35.88 -29.81
CA ILE E 427 -17.79 36.51 -28.53
C ILE E 427 -17.69 35.51 -27.39
N THR E 428 -18.09 34.26 -27.63
CA THR E 428 -18.08 33.23 -26.59
C THR E 428 -16.67 32.84 -26.16
N LYS E 429 -15.66 33.09 -26.99
CA LYS E 429 -14.28 32.78 -26.66
C LYS E 429 -13.53 33.96 -26.08
N MET E 430 -14.21 35.05 -25.79
CA MET E 430 -13.59 36.20 -25.13
C MET E 430 -13.68 36.05 -23.62
N PRO E 431 -13.10 36.98 -22.87
CA PRO E 431 -13.10 36.87 -21.40
C PRO E 431 -14.47 36.99 -20.76
N LEU E 432 -15.18 38.09 -21.00
CA LEU E 432 -16.49 38.35 -20.41
C LEU E 432 -17.56 38.15 -21.48
N SER E 433 -18.01 36.89 -21.63
CA SER E 433 -18.90 36.56 -22.73
C SER E 433 -20.30 37.19 -22.66
N PRO E 434 -21.04 37.17 -21.54
CA PRO E 434 -22.38 37.77 -21.57
C PRO E 434 -22.41 39.29 -21.46
N LEU E 435 -21.29 39.98 -21.57
CA LEU E 435 -21.28 41.45 -21.62
C LEU E 435 -20.93 41.99 -22.99
N TRP E 436 -20.04 41.33 -23.73
CA TRP E 436 -19.78 41.72 -25.10
C TRP E 436 -20.90 41.30 -26.05
N SER E 437 -21.81 40.43 -25.61
CA SER E 437 -22.98 40.09 -26.41
C SER E 437 -24.15 41.00 -26.16
N VAL E 438 -24.26 41.61 -24.98
CA VAL E 438 -25.30 42.62 -24.77
C VAL E 438 -24.93 43.91 -25.48
N LEU E 439 -23.66 44.29 -25.43
CA LEU E 439 -23.21 45.51 -26.11
C LEU E 439 -23.25 45.37 -27.63
N PHE E 440 -23.10 44.15 -28.14
CA PHE E 440 -23.10 43.98 -29.59
C PHE E 440 -24.51 44.00 -30.16
N PHE E 441 -25.48 43.45 -29.45
CA PHE E 441 -26.82 43.37 -29.98
C PHE E 441 -27.69 44.58 -29.65
N ILE E 442 -27.23 45.50 -28.81
CA ILE E 442 -28.02 46.70 -28.59
C ILE E 442 -27.61 47.71 -29.67
N MET E 443 -26.37 47.59 -30.15
CA MET E 443 -25.85 48.47 -31.19
C MET E 443 -26.55 48.21 -32.52
N LEU E 444 -26.68 46.94 -32.87
CA LEU E 444 -27.34 46.56 -34.10
C LEU E 444 -28.79 47.03 -33.99
N PHE E 445 -29.35 46.87 -32.80
CA PHE E 445 -30.71 47.30 -32.55
C PHE E 445 -30.84 48.78 -32.89
N CYS E 446 -29.96 49.60 -32.32
CA CYS E 446 -29.98 51.03 -32.60
C CYS E 446 -29.91 51.35 -34.09
N LEU E 447 -28.99 50.70 -34.79
CA LEU E 447 -28.86 50.95 -36.24
C LEU E 447 -30.20 50.67 -36.94
N GLY E 448 -30.74 49.49 -36.67
CA GLY E 448 -32.00 49.10 -37.26
C GLY E 448 -33.05 50.14 -36.98
N LEU E 449 -33.14 50.58 -35.73
CA LEU E 449 -34.12 51.59 -35.33
C LEU E 449 -34.03 52.88 -36.12
N SER E 450 -32.82 53.41 -36.31
CA SER E 450 -32.70 54.65 -37.08
C SER E 450 -33.16 54.43 -38.54
N SER E 451 -32.75 53.30 -39.12
CA SER E 451 -33.18 53.04 -40.49
C SER E 451 -34.71 52.96 -40.57
N MET E 452 -35.30 52.38 -39.54
CA MET E 452 -36.74 52.24 -39.44
C MET E 452 -37.41 53.60 -39.40
N PHE E 453 -36.88 54.51 -38.59
CA PHE E 453 -37.42 55.86 -38.52
C PHE E 453 -37.48 56.39 -39.94
N GLY E 454 -36.35 56.28 -40.64
CA GLY E 454 -36.33 56.74 -42.02
C GLY E 454 -37.43 56.18 -42.92
N ASN E 455 -37.55 54.85 -42.97
CA ASN E 455 -38.58 54.23 -43.81
C ASN E 455 -40.03 54.55 -43.41
N MET E 456 -40.23 54.78 -42.12
CA MET E 456 -41.55 55.10 -41.61
C MET E 456 -41.90 56.51 -42.07
N GLU E 457 -40.92 57.40 -42.03
CA GLU E 457 -41.17 58.76 -42.51
C GLU E 457 -41.52 58.64 -43.97
N GLY E 458 -40.90 57.66 -44.62
CA GLY E 458 -41.15 57.41 -46.03
C GLY E 458 -42.53 56.90 -46.41
N VAL E 459 -43.21 56.15 -45.54
CA VAL E 459 -44.56 55.63 -45.88
C VAL E 459 -45.82 56.39 -45.37
N VAL E 460 -45.65 57.19 -44.33
CA VAL E 460 -46.68 57.99 -43.66
C VAL E 460 -46.96 59.31 -44.39
N VAL E 461 -45.93 60.05 -44.76
CA VAL E 461 -46.07 61.37 -45.40
C VAL E 461 -46.70 61.28 -46.80
N PRO E 462 -46.37 60.33 -47.69
CA PRO E 462 -47.17 60.21 -48.92
C PRO E 462 -48.58 59.68 -48.71
N LEU E 463 -48.88 59.08 -47.57
CA LEU E 463 -50.23 58.62 -47.29
C LEU E 463 -51.10 59.71 -46.68
N GLN E 464 -50.55 60.88 -46.40
CA GLN E 464 -51.32 62.05 -46.01
C GLN E 464 -51.66 62.94 -47.19
N ASP E 465 -50.76 63.04 -48.18
CA ASP E 465 -51.04 63.81 -49.38
C ASP E 465 -52.01 63.11 -50.32
N LEU E 466 -52.21 61.81 -50.15
CA LEU E 466 -53.26 61.09 -50.85
C LEU E 466 -54.62 61.29 -50.21
N ARG E 467 -54.63 61.64 -48.91
CA ARG E 467 -55.84 61.84 -48.10
C ARG E 467 -56.73 60.60 -48.10
N VAL E 468 -56.19 59.52 -47.56
CA VAL E 468 -56.99 58.30 -47.44
C VAL E 468 -57.90 58.35 -46.22
N ILE E 469 -57.58 59.21 -45.25
CA ILE E 469 -58.39 59.37 -44.04
C ILE E 469 -58.86 60.82 -44.01
N PRO E 470 -59.95 61.13 -43.31
CA PRO E 470 -60.42 62.53 -43.22
C PRO E 470 -59.44 63.40 -42.45
N PRO E 471 -59.54 64.73 -42.57
CA PRO E 471 -58.65 65.63 -41.81
C PRO E 471 -58.91 65.70 -40.31
N LYS E 472 -59.81 64.88 -39.77
CA LYS E 472 -59.83 64.48 -38.37
C LYS E 472 -58.81 63.37 -38.18
N TRP E 473 -58.92 62.59 -37.07
CA TRP E 473 -58.11 61.40 -36.82
C TRP E 473 -56.62 61.74 -36.73
N PRO E 474 -56.15 62.29 -35.61
CA PRO E 474 -54.80 62.86 -35.53
C PRO E 474 -53.64 61.89 -35.76
N LYS E 475 -52.41 62.40 -35.66
CA LYS E 475 -51.20 61.73 -36.09
C LYS E 475 -50.93 60.42 -35.34
N GLU E 476 -51.53 60.23 -34.16
CA GLU E 476 -51.44 58.95 -33.48
C GLU E 476 -52.21 57.85 -34.19
N VAL E 477 -53.24 58.20 -34.97
CA VAL E 477 -54.12 57.18 -35.52
C VAL E 477 -53.61 56.64 -36.84
N LEU E 478 -52.99 57.47 -37.67
CA LEU E 478 -52.51 56.99 -38.97
C LEU E 478 -51.25 56.13 -38.81
N THR E 479 -50.38 56.51 -37.87
CA THR E 479 -49.18 55.71 -37.62
C THR E 479 -49.53 54.39 -36.95
N GLY E 480 -50.63 54.36 -36.20
CA GLY E 480 -51.03 53.14 -35.53
C GLY E 480 -51.61 52.11 -36.47
N LEU E 481 -52.17 52.56 -37.59
CA LEU E 481 -52.74 51.62 -38.56
C LEU E 481 -51.69 51.17 -39.56
N ILE E 482 -50.55 51.86 -39.61
CA ILE E 482 -49.44 51.40 -40.43
C ILE E 482 -48.63 50.36 -39.67
N CYS E 483 -48.40 50.61 -38.38
CA CYS E 483 -47.63 49.69 -37.55
C CYS E 483 -48.41 48.41 -37.28
N LEU E 484 -49.74 48.49 -37.31
CA LEU E 484 -50.56 47.28 -37.13
C LEU E 484 -50.80 46.58 -38.45
N GLY E 485 -50.81 47.33 -39.55
CA GLY E 485 -51.06 46.73 -40.85
C GLY E 485 -49.85 46.04 -41.41
N THR E 486 -48.66 46.58 -41.13
CA THR E 486 -47.42 45.94 -41.57
C THR E 486 -47.03 44.80 -40.65
N PHE E 487 -47.64 44.72 -39.47
CA PHE E 487 -47.40 43.61 -38.55
C PHE E 487 -48.05 42.33 -39.07
N LEU E 488 -49.27 42.42 -39.62
CA LEU E 488 -49.98 41.22 -40.06
C LEU E 488 -49.41 40.67 -41.36
N ILE E 489 -48.83 41.51 -42.20
CA ILE E 489 -48.15 41.03 -43.39
C ILE E 489 -46.81 40.39 -43.04
N GLY E 490 -46.21 40.77 -41.91
CA GLY E 490 -44.99 40.17 -41.44
C GLY E 490 -45.11 38.79 -40.83
N PHE E 491 -46.25 38.12 -40.98
CA PHE E 491 -46.42 36.74 -40.54
C PHE E 491 -45.75 35.75 -41.48
N ILE E 492 -45.34 36.20 -42.68
CA ILE E 492 -44.72 35.32 -43.66
C ILE E 492 -43.34 34.87 -43.19
N PHE E 493 -42.58 35.78 -42.58
CA PHE E 493 -41.22 35.49 -42.17
C PHE E 493 -41.15 34.85 -40.79
N THR E 494 -42.29 34.54 -40.18
CA THR E 494 -42.30 33.79 -38.93
C THR E 494 -42.59 32.32 -39.14
N LEU E 495 -42.87 31.89 -40.37
CA LEU E 495 -43.15 30.50 -40.66
C LEU E 495 -41.86 29.67 -40.58
N ASN E 496 -41.99 28.38 -40.89
CA ASN E 496 -40.83 27.51 -40.91
C ASN E 496 -39.90 27.85 -42.07
N SER E 497 -40.47 28.19 -43.23
CA SER E 497 -39.71 28.61 -44.40
C SER E 497 -39.55 30.11 -44.48
N GLY E 498 -39.62 30.81 -43.35
CA GLY E 498 -39.61 32.26 -43.33
C GLY E 498 -38.29 32.91 -43.62
N GLN E 499 -37.19 32.17 -43.56
CA GLN E 499 -35.89 32.73 -43.90
C GLN E 499 -35.57 32.61 -45.37
N TYR E 500 -36.23 31.70 -46.09
CA TYR E 500 -36.10 31.66 -47.54
C TYR E 500 -36.90 32.76 -48.20
N TRP E 501 -37.97 33.23 -47.54
CA TRP E 501 -38.75 34.34 -48.08
C TRP E 501 -38.02 35.66 -47.91
N LEU E 502 -37.30 35.83 -46.80
CA LEU E 502 -36.62 37.09 -46.55
C LEU E 502 -35.35 37.22 -47.39
N SER E 503 -34.67 36.12 -47.67
CA SER E 503 -33.51 36.16 -48.54
C SER E 503 -33.89 36.37 -50.00
N LEU E 504 -35.13 36.06 -50.37
CA LEU E 504 -35.59 36.26 -51.74
C LEU E 504 -35.74 37.74 -52.05
N LEU E 505 -36.70 38.39 -51.39
CA LEU E 505 -37.06 39.78 -51.70
C LEU E 505 -36.04 40.90 -51.60
N ASP E 506 -35.26 40.89 -50.54
CA ASP E 506 -34.22 41.88 -50.26
C ASP E 506 -33.56 42.49 -51.51
N SER E 507 -32.45 41.84 -51.90
CA SER E 507 -31.63 42.20 -53.06
C SER E 507 -32.46 42.81 -54.17
N TYR E 508 -33.14 41.91 -54.88
CA TYR E 508 -34.01 42.23 -56.01
C TYR E 508 -34.69 43.56 -55.80
N ALA E 509 -35.67 43.51 -54.90
CA ALA E 509 -36.49 44.66 -54.53
C ALA E 509 -35.67 45.93 -54.56
N GLY E 510 -34.86 46.05 -53.49
CA GLY E 510 -33.97 47.18 -53.31
C GLY E 510 -33.40 47.63 -54.63
N SER E 511 -32.39 46.89 -55.09
CA SER E 511 -31.71 47.17 -56.34
C SER E 511 -32.57 47.80 -57.42
N ILE E 512 -33.47 47.00 -57.97
CA ILE E 512 -34.27 47.51 -59.08
C ILE E 512 -34.92 48.86 -58.78
N PRO E 513 -35.98 48.81 -57.86
CA PRO E 513 -36.55 50.13 -57.61
C PRO E 513 -35.58 51.28 -57.37
N LEU E 514 -34.60 51.11 -56.50
CA LEU E 514 -33.65 52.16 -56.23
C LEU E 514 -33.11 52.76 -57.52
N LEU E 515 -32.36 51.97 -58.27
CA LEU E 515 -31.81 52.50 -59.51
C LEU E 515 -32.82 53.25 -60.39
N ILE E 516 -33.93 52.59 -60.70
CA ILE E 516 -34.90 53.26 -61.58
C ILE E 516 -35.43 54.59 -61.04
N ILE E 517 -35.85 54.61 -59.78
CA ILE E 517 -36.39 55.85 -59.22
C ILE E 517 -35.32 56.93 -59.14
N ALA E 518 -34.08 56.51 -58.92
CA ALA E 518 -32.97 57.44 -58.82
C ALA E 518 -32.67 58.11 -60.16
N PHE E 519 -32.93 57.43 -61.27
CA PHE E 519 -32.65 58.08 -62.57
C PHE E 519 -33.61 59.20 -63.01
N CYS E 520 -34.89 59.05 -62.69
CA CYS E 520 -35.97 59.97 -63.02
C CYS E 520 -36.05 61.16 -62.08
N GLU E 521 -35.39 61.10 -60.92
CA GLU E 521 -35.24 62.29 -60.09
C GLU E 521 -34.21 63.24 -60.68
N MET E 522 -33.09 62.70 -61.15
CA MET E 522 -32.08 63.49 -61.85
C MET E 522 -32.57 63.99 -63.20
N PHE E 523 -33.52 63.30 -63.82
CA PHE E 523 -34.03 63.72 -65.11
C PHE E 523 -35.06 64.84 -64.97
N SER E 524 -36.04 64.66 -64.08
CA SER E 524 -37.18 65.57 -64.01
C SER E 524 -36.90 66.84 -63.22
N VAL E 525 -35.67 67.08 -62.79
CA VAL E 525 -35.31 68.36 -62.17
C VAL E 525 -34.53 69.15 -63.21
N VAL E 526 -33.66 68.46 -63.96
CA VAL E 526 -32.82 69.14 -64.93
C VAL E 526 -33.57 69.45 -66.23
N TYR E 527 -34.42 68.54 -66.72
CA TYR E 527 -35.02 68.71 -68.03
C TYR E 527 -36.52 68.99 -68.01
N VAL E 528 -37.20 68.82 -66.89
CA VAL E 528 -38.63 69.11 -66.78
C VAL E 528 -38.87 70.36 -65.94
N TYR E 529 -38.26 70.44 -64.76
CA TYR E 529 -38.31 71.66 -63.97
C TYR E 529 -37.44 72.74 -64.59
N GLY E 530 -36.27 72.36 -65.09
CA GLY E 530 -35.35 73.31 -65.68
C GLY E 530 -34.17 73.58 -64.76
N VAL E 531 -32.96 73.28 -65.23
CA VAL E 531 -31.78 73.50 -64.40
C VAL E 531 -31.41 74.97 -64.32
N ASP E 532 -31.97 75.82 -65.19
CA ASP E 532 -31.76 77.26 -65.07
C ASP E 532 -32.71 77.90 -64.07
N ARG E 533 -33.89 77.33 -63.86
CA ARG E 533 -34.79 77.89 -62.87
C ARG E 533 -34.23 77.45 -61.53
N PHE E 534 -33.74 76.21 -61.50
CA PHE E 534 -33.16 75.62 -60.33
C PHE E 534 -31.99 76.45 -59.80
N ASN E 535 -31.03 76.76 -60.66
CA ASN E 535 -29.89 77.55 -60.24
C ASN E 535 -30.31 78.84 -59.55
N LYS E 536 -31.19 79.59 -60.20
CA LYS E 536 -31.67 80.84 -59.64
C LYS E 536 -32.26 80.62 -58.25
N ASP E 537 -33.21 79.69 -58.17
CA ASP E 537 -33.85 79.43 -56.88
C ASP E 537 -32.84 79.03 -55.79
N ILE E 538 -31.82 78.25 -56.13
CA ILE E 538 -30.82 77.87 -55.16
C ILE E 538 -30.12 79.13 -54.70
N GLU E 539 -29.55 79.86 -55.64
CA GLU E 539 -28.86 81.10 -55.31
C GLU E 539 -29.69 81.97 -54.37
N PHE E 540 -31.01 81.94 -54.53
CA PHE E 540 -31.86 82.76 -53.66
C PHE E 540 -31.76 82.35 -52.19
N MET E 541 -31.41 81.10 -51.94
CA MET E 541 -31.33 80.56 -50.59
C MET E 541 -29.96 80.78 -49.94
N ILE E 542 -28.89 80.56 -50.70
CA ILE E 542 -27.53 80.57 -50.16
C ILE E 542 -26.72 81.76 -50.68
N GLY E 543 -26.97 82.18 -51.91
CA GLY E 543 -25.97 82.88 -52.68
C GLY E 543 -25.04 81.89 -53.35
N HIS E 544 -24.14 82.44 -54.19
CA HIS E 544 -23.08 81.72 -54.91
C HIS E 544 -23.59 80.49 -55.68
N LYS E 545 -24.27 80.73 -56.83
CA LYS E 545 -24.67 79.75 -57.83
C LYS E 545 -23.62 78.66 -58.03
N PRO E 546 -24.03 77.39 -58.06
CA PRO E 546 -23.07 76.29 -57.85
C PRO E 546 -22.03 76.18 -58.94
N ASN E 547 -20.97 75.42 -58.62
CA ASN E 547 -19.71 75.47 -59.34
C ASN E 547 -19.82 74.79 -60.71
N ILE E 548 -18.69 74.70 -61.40
CA ILE E 548 -18.65 73.96 -62.65
C ILE E 548 -18.73 72.47 -62.37
N PHE E 549 -18.30 72.04 -61.18
CA PHE E 549 -18.40 70.63 -60.81
C PHE E 549 -19.84 70.21 -60.60
N TRP E 550 -20.67 71.08 -60.04
CA TRP E 550 -22.08 70.75 -59.87
C TRP E 550 -22.84 70.79 -61.18
N GLN E 551 -22.48 71.70 -62.08
CA GLN E 551 -23.19 71.82 -63.35
C GLN E 551 -22.84 70.68 -64.30
N VAL E 552 -21.64 70.13 -64.19
CA VAL E 552 -21.24 69.05 -65.08
C VAL E 552 -21.87 67.73 -64.66
N THR E 553 -21.82 67.41 -63.36
CA THR E 553 -22.35 66.14 -62.90
C THR E 553 -23.88 66.09 -62.94
N TRP E 554 -24.56 67.23 -62.79
CA TRP E 554 -26.01 67.24 -62.88
C TRP E 554 -26.47 67.00 -64.31
N ARG E 555 -25.76 67.58 -65.28
CA ARG E 555 -26.25 67.59 -66.64
C ARG E 555 -25.86 66.34 -67.42
N VAL E 556 -24.58 65.99 -67.45
CA VAL E 556 -24.08 64.97 -68.37
C VAL E 556 -23.52 63.75 -67.65
N VAL E 557 -22.81 63.91 -66.53
CA VAL E 557 -22.01 62.81 -66.00
C VAL E 557 -22.88 61.80 -65.24
N SER E 558 -23.63 62.28 -64.24
CA SER E 558 -24.40 61.34 -63.42
C SER E 558 -25.63 60.71 -64.08
N PRO E 559 -26.37 61.37 -64.99
CA PRO E 559 -27.34 60.60 -65.79
C PRO E 559 -26.71 59.56 -66.70
N LEU E 560 -25.50 59.82 -67.22
CA LEU E 560 -24.84 58.82 -68.05
C LEU E 560 -24.29 57.68 -67.20
N LEU E 561 -23.73 58.01 -66.04
CA LEU E 561 -23.13 57.01 -65.17
C LEU E 561 -24.17 56.12 -64.51
N MET E 562 -25.41 56.60 -64.37
CA MET E 562 -26.50 55.78 -63.85
C MET E 562 -27.18 54.95 -64.91
N LEU E 563 -26.79 55.07 -66.18
CA LEU E 563 -27.31 54.18 -67.21
C LEU E 563 -26.46 52.92 -67.35
N ILE E 564 -25.14 53.02 -67.18
CA ILE E 564 -24.31 51.83 -67.29
C ILE E 564 -24.42 50.95 -66.06
N ILE E 565 -24.92 51.47 -64.94
CA ILE E 565 -25.29 50.60 -63.83
C ILE E 565 -26.59 49.88 -64.16
N PHE E 566 -27.51 50.56 -64.85
CA PHE E 566 -28.74 49.94 -65.30
C PHE E 566 -28.52 48.99 -66.47
N LEU E 567 -27.46 49.19 -67.24
CA LEU E 567 -27.16 48.26 -68.33
C LEU E 567 -26.43 47.03 -67.81
N PHE E 568 -25.62 47.17 -66.77
CA PHE E 568 -24.92 46.03 -66.19
C PHE E 568 -25.85 45.14 -65.38
N PHE E 569 -27.06 45.60 -65.05
CA PHE E 569 -28.00 44.76 -64.32
C PHE E 569 -28.52 43.63 -65.20
N PHE E 570 -28.89 43.94 -66.44
CA PHE E 570 -29.41 42.92 -67.34
C PHE E 570 -28.30 42.12 -68.01
N VAL E 571 -27.04 42.42 -67.72
CA VAL E 571 -25.93 41.56 -68.12
C VAL E 571 -25.66 40.51 -67.06
N VAL E 572 -25.67 40.90 -65.77
CA VAL E 572 -25.44 39.94 -64.70
C VAL E 572 -26.70 39.19 -64.28
N GLU E 573 -27.88 39.62 -64.73
CA GLU E 573 -29.07 38.85 -64.40
C GLU E 573 -29.27 37.67 -65.33
N VAL E 574 -28.88 37.80 -66.60
CA VAL E 574 -29.14 36.74 -67.57
C VAL E 574 -28.16 35.59 -67.47
N SER E 575 -27.01 35.77 -66.80
CA SER E 575 -26.13 34.63 -66.52
C SER E 575 -25.59 34.72 -65.08
N GLN E 576 -26.39 34.23 -64.12
CA GLN E 576 -25.87 33.85 -62.82
C GLN E 576 -26.46 32.56 -62.26
N GLU E 577 -27.43 31.94 -62.95
CA GLU E 577 -28.07 30.67 -62.56
C GLU E 577 -28.70 30.77 -61.17
N LEU E 578 -29.78 31.55 -61.10
CA LEU E 578 -30.50 31.91 -59.88
C LEU E 578 -30.90 30.73 -59.00
N THR E 579 -30.30 30.65 -57.82
CA THR E 579 -30.50 29.54 -56.88
C THR E 579 -30.61 30.10 -55.48
N TYR E 580 -30.79 29.21 -54.50
CA TYR E 580 -30.83 29.63 -53.10
C TYR E 580 -30.31 28.51 -52.22
N SER E 581 -29.91 28.87 -50.99
CA SER E 581 -29.28 27.95 -50.06
C SER E 581 -30.30 27.41 -49.06
N ILE E 582 -30.30 26.09 -48.86
CA ILE E 582 -31.14 25.46 -47.86
C ILE E 582 -30.27 24.82 -46.79
N TRP E 583 -30.91 24.28 -45.73
CA TRP E 583 -30.19 23.65 -44.64
C TRP E 583 -30.16 22.13 -44.78
N ASP E 584 -31.35 21.49 -44.80
CA ASP E 584 -31.54 20.06 -45.08
C ASP E 584 -30.71 19.14 -44.18
N PRO E 585 -31.10 18.93 -42.92
CA PRO E 585 -30.24 18.15 -42.01
C PRO E 585 -30.15 16.68 -42.36
N GLY E 586 -31.21 16.07 -42.87
CA GLY E 586 -31.17 14.69 -43.31
C GLY E 586 -30.75 14.57 -44.76
N TYR E 587 -29.47 14.80 -45.04
CA TYR E 587 -28.97 14.87 -46.40
C TYR E 587 -27.53 14.39 -46.42
N GLU E 588 -27.19 13.62 -47.46
CA GLU E 588 -25.86 13.03 -47.59
C GLU E 588 -24.83 14.12 -47.82
N GLU E 589 -23.65 13.95 -47.20
CA GLU E 589 -22.59 14.97 -47.06
C GLU E 589 -23.18 16.34 -46.66
N PHE E 590 -23.66 16.35 -45.41
CA PHE E 590 -24.56 17.43 -44.97
C PHE E 590 -23.89 18.79 -44.88
N PRO E 591 -22.89 19.05 -43.99
CA PRO E 591 -22.58 20.46 -43.68
C PRO E 591 -21.60 21.11 -44.65
N LYS E 592 -21.98 21.20 -45.93
CA LYS E 592 -21.16 21.92 -46.90
C LYS E 592 -21.81 23.17 -47.47
N SER E 593 -22.91 23.04 -48.21
CA SER E 593 -23.71 24.06 -48.89
C SER E 593 -24.78 23.30 -49.65
N GLN E 594 -25.70 24.05 -50.26
CA GLN E 594 -26.71 23.48 -51.15
C GLN E 594 -27.26 24.61 -52.01
N LYS E 595 -27.57 24.30 -53.26
CA LYS E 595 -28.23 25.23 -54.18
C LYS E 595 -29.26 24.43 -54.96
N ILE E 596 -30.55 24.72 -54.78
CA ILE E 596 -31.55 23.86 -55.42
C ILE E 596 -32.59 24.59 -56.28
N SER E 597 -32.24 25.73 -56.87
CA SER E 597 -32.89 26.21 -58.09
C SER E 597 -34.40 26.48 -57.99
N TYR E 598 -34.80 27.65 -57.45
CA TYR E 598 -36.13 28.15 -57.09
C TYR E 598 -37.26 27.68 -58.01
N PRO E 599 -38.45 27.39 -57.48
CA PRO E 599 -39.55 26.89 -58.32
C PRO E 599 -40.03 27.92 -59.34
N ASN E 600 -40.84 27.46 -60.28
CA ASN E 600 -41.24 28.32 -61.38
C ASN E 600 -42.29 29.35 -61.00
N TRP E 601 -43.00 29.17 -59.90
CA TRP E 601 -43.97 30.17 -59.46
C TRP E 601 -43.32 31.31 -58.70
N VAL E 602 -42.00 31.28 -58.47
CA VAL E 602 -41.37 32.36 -57.72
C VAL E 602 -41.09 33.56 -58.61
N TYR E 603 -41.20 33.40 -59.92
CA TYR E 603 -41.07 34.55 -60.82
C TYR E 603 -42.28 35.46 -60.73
N VAL E 604 -43.42 34.95 -60.25
CA VAL E 604 -44.55 35.81 -59.93
C VAL E 604 -44.19 36.77 -58.81
N VAL E 605 -43.48 36.28 -57.80
CA VAL E 605 -43.08 37.12 -56.67
C VAL E 605 -41.98 38.10 -57.08
N VAL E 606 -41.09 37.70 -58.00
CA VAL E 606 -39.99 38.57 -58.43
C VAL E 606 -40.53 39.71 -59.29
N VAL E 607 -41.49 39.42 -60.15
CA VAL E 607 -42.15 40.44 -60.99
C VAL E 607 -42.93 41.42 -60.12
N ILE E 608 -43.57 40.92 -59.06
CA ILE E 608 -44.40 41.77 -58.21
C ILE E 608 -43.56 42.73 -57.36
N VAL E 609 -42.48 42.25 -56.76
CA VAL E 609 -41.75 43.10 -55.81
C VAL E 609 -40.77 44.03 -56.51
N ALA E 610 -40.37 43.69 -57.75
CA ALA E 610 -39.33 44.47 -58.42
C ALA E 610 -39.88 45.21 -59.63
N GLY E 611 -40.96 44.69 -60.21
CA GLY E 611 -41.51 45.29 -61.41
C GLY E 611 -42.50 46.41 -61.18
N VAL E 612 -43.53 46.19 -60.38
CA VAL E 612 -44.58 47.19 -60.21
C VAL E 612 -44.13 48.47 -59.46
N PRO E 613 -43.07 48.52 -58.60
CA PRO E 613 -42.56 49.86 -58.26
C PRO E 613 -41.83 50.52 -59.42
N SER E 614 -41.30 49.73 -60.36
CA SER E 614 -40.62 50.31 -61.51
C SER E 614 -41.61 50.74 -62.59
N LEU E 615 -42.77 50.10 -62.64
CA LEU E 615 -43.69 50.33 -63.74
C LEU E 615 -44.77 51.35 -63.44
N THR E 616 -44.89 51.79 -62.18
CA THR E 616 -45.83 52.87 -61.87
C THR E 616 -45.31 54.23 -62.33
N ILE E 617 -44.02 54.33 -62.62
CA ILE E 617 -43.46 55.58 -63.14
C ILE E 617 -43.87 55.77 -64.61
N PRO E 618 -43.83 54.77 -65.50
CA PRO E 618 -44.52 54.98 -66.79
C PRO E 618 -46.01 54.76 -66.73
N GLY E 619 -46.48 53.87 -65.86
CA GLY E 619 -47.87 53.48 -65.81
C GLY E 619 -48.85 54.59 -65.46
N TYR E 620 -48.47 55.48 -64.55
CA TYR E 620 -49.31 56.64 -64.29
C TYR E 620 -49.15 57.69 -65.38
N ALA E 621 -47.98 57.74 -66.00
CA ALA E 621 -47.71 58.74 -67.04
C ALA E 621 -48.46 58.41 -68.33
N ILE E 622 -48.84 57.16 -68.52
CA ILE E 622 -49.67 56.81 -69.68
C ILE E 622 -51.13 57.04 -69.35
N TYR E 623 -51.51 56.86 -68.08
CA TYR E 623 -52.91 57.02 -67.70
C TYR E 623 -53.33 58.48 -67.71
N LYS E 624 -52.44 59.38 -67.26
CA LYS E 624 -52.81 60.79 -67.17
C LYS E 624 -52.82 61.45 -68.53
N LEU E 625 -51.95 60.98 -69.44
CA LEU E 625 -51.90 61.56 -70.79
C LEU E 625 -53.02 61.09 -71.69
N ILE E 626 -53.79 60.06 -71.29
CA ILE E 626 -54.94 59.64 -72.07
C ILE E 626 -56.26 59.91 -71.36
N ARG E 627 -56.23 60.47 -70.14
CA ARG E 627 -57.47 60.87 -69.51
C ARG E 627 -57.90 62.25 -69.98
N ASN E 628 -56.94 63.15 -70.20
CA ASN E 628 -57.26 64.48 -70.72
C ASN E 628 -57.52 64.44 -72.22
N HIS E 629 -56.52 64.02 -72.99
CA HIS E 629 -56.61 64.00 -74.44
C HIS E 629 -57.41 62.80 -74.93
N GLN F 30 69.06 -19.40 -28.87
CA GLN F 30 68.40 -20.01 -27.73
C GLN F 30 67.94 -18.96 -26.72
N SER F 31 68.82 -18.00 -26.43
CA SER F 31 68.51 -16.94 -25.49
C SER F 31 68.26 -17.52 -24.11
N THR F 32 69.00 -17.00 -23.13
CA THR F 32 68.87 -17.45 -21.75
C THR F 32 67.40 -17.55 -21.34
N ILE F 33 66.63 -16.52 -21.64
CA ILE F 33 65.21 -16.52 -21.29
C ILE F 33 64.52 -17.85 -21.58
N GLU F 34 64.55 -18.28 -22.84
CA GLU F 34 63.91 -19.53 -23.21
C GLU F 34 64.38 -20.69 -22.34
N GLU F 35 65.70 -20.84 -22.21
CA GLU F 35 66.25 -21.91 -21.40
C GLU F 35 65.68 -21.88 -19.99
N GLN F 36 65.76 -20.72 -19.36
CA GLN F 36 65.26 -20.54 -18.00
C GLN F 36 63.81 -21.02 -17.92
N ALA F 37 62.95 -20.51 -18.81
CA ALA F 37 61.56 -20.92 -18.82
C ALA F 37 61.42 -22.43 -18.88
N LYS F 38 62.03 -23.03 -19.91
CA LYS F 38 61.98 -24.48 -20.10
C LYS F 38 62.34 -25.22 -18.82
N THR F 39 63.45 -24.85 -18.20
CA THR F 39 63.87 -25.51 -16.96
C THR F 39 62.80 -25.37 -15.90
N PHE F 40 62.48 -24.13 -15.56
CA PHE F 40 61.45 -23.82 -14.57
C PHE F 40 60.24 -24.73 -14.75
N LEU F 41 59.88 -25.00 -16.00
CA LEU F 41 58.73 -25.85 -16.27
C LEU F 41 59.04 -27.33 -16.01
N ASP F 42 60.30 -27.71 -16.13
CA ASP F 42 60.72 -29.09 -15.92
C ASP F 42 60.69 -29.45 -14.44
N LYS F 43 61.12 -28.49 -13.62
CA LYS F 43 61.10 -28.67 -12.17
C LYS F 43 59.66 -28.44 -11.68
N PHE F 44 58.84 -27.75 -12.47
CA PHE F 44 57.46 -27.52 -12.07
C PHE F 44 56.61 -28.77 -12.24
N ASN F 45 56.70 -29.42 -13.41
CA ASN F 45 55.88 -30.59 -13.71
C ASN F 45 56.24 -31.80 -12.85
N HIS F 46 57.48 -31.88 -12.37
CA HIS F 46 57.83 -32.93 -11.42
C HIS F 46 57.12 -32.72 -10.10
N GLU F 47 57.19 -31.50 -9.56
CA GLU F 47 56.59 -31.20 -8.27
C GLU F 47 55.10 -30.91 -8.34
N ALA F 48 54.53 -30.79 -9.54
CA ALA F 48 53.08 -30.60 -9.64
C ALA F 48 52.34 -31.93 -9.71
N GLU F 49 52.93 -32.94 -10.36
CA GLU F 49 52.21 -34.19 -10.58
C GLU F 49 52.10 -35.01 -9.31
N ASP F 50 53.15 -35.03 -8.50
CA ASP F 50 53.08 -35.79 -7.25
C ASP F 50 52.24 -35.08 -6.20
N LEU F 51 52.02 -33.77 -6.37
CA LEU F 51 51.25 -33.00 -5.41
C LEU F 51 49.79 -32.89 -5.82
N PHE F 52 49.50 -32.89 -7.12
CA PHE F 52 48.12 -32.93 -7.59
C PHE F 52 47.51 -34.31 -7.38
N TYR F 53 48.35 -35.36 -7.44
CA TYR F 53 47.88 -36.72 -7.16
C TYR F 53 47.39 -36.85 -5.72
N GLN F 54 48.02 -36.13 -4.79
CA GLN F 54 47.59 -36.21 -3.40
C GLN F 54 46.32 -35.40 -3.15
N SER F 55 46.13 -34.32 -3.88
CA SER F 55 44.92 -33.54 -3.68
C SER F 55 43.71 -34.20 -4.35
N SER F 56 43.93 -35.01 -5.37
CA SER F 56 42.85 -35.70 -6.04
C SER F 56 42.49 -37.01 -5.37
N LEU F 57 43.49 -37.75 -4.89
CA LEU F 57 43.23 -39.00 -4.18
C LEU F 57 42.55 -38.74 -2.84
N ALA F 58 42.85 -37.59 -2.22
CA ALA F 58 42.16 -37.24 -0.97
C ALA F 58 40.72 -36.82 -1.24
N SER F 59 40.45 -36.27 -2.42
CA SER F 59 39.08 -35.96 -2.77
C SER F 59 38.32 -37.18 -3.27
N TRP F 60 39.03 -38.15 -3.84
CA TRP F 60 38.38 -39.41 -4.21
C TRP F 60 37.98 -40.19 -2.97
N ASN F 61 38.84 -40.20 -1.95
CA ASN F 61 38.53 -40.93 -0.72
C ASN F 61 37.42 -40.26 0.06
N TYR F 62 37.20 -38.97 -0.16
CA TYR F 62 36.05 -38.31 0.46
C TYR F 62 34.76 -38.73 -0.23
N ASN F 63 34.74 -38.73 -1.56
CA ASN F 63 33.49 -38.90 -2.28
C ASN F 63 32.99 -40.34 -2.29
N THR F 64 33.88 -41.33 -2.23
CA THR F 64 33.42 -42.70 -2.06
C THR F 64 33.09 -43.01 -0.61
N ASN F 65 33.68 -42.29 0.33
CA ASN F 65 33.59 -42.60 1.75
C ASN F 65 33.31 -41.30 2.50
N ILE F 66 32.02 -40.97 2.65
CA ILE F 66 31.64 -39.71 3.28
C ILE F 66 31.83 -39.84 4.78
N THR F 67 32.98 -39.38 5.28
CA THR F 67 33.20 -39.22 6.71
C THR F 67 33.64 -37.79 6.96
N GLU F 68 33.32 -37.29 8.16
CA GLU F 68 33.79 -35.98 8.56
C GLU F 68 35.25 -35.97 8.94
N GLU F 69 35.85 -37.16 9.12
CA GLU F 69 37.30 -37.27 9.09
C GLU F 69 37.84 -36.93 7.71
N ASN F 70 37.13 -37.34 6.66
CA ASN F 70 37.60 -37.17 5.29
C ASN F 70 37.33 -35.77 4.73
N VAL F 71 36.64 -34.91 5.47
CA VAL F 71 36.37 -33.57 4.97
C VAL F 71 37.65 -32.73 4.96
N GLN F 72 38.29 -32.59 6.10
CA GLN F 72 39.56 -31.88 6.19
C GLN F 72 40.75 -32.74 5.79
N ASN F 73 40.52 -34.01 5.45
CA ASN F 73 41.60 -34.80 4.86
C ASN F 73 41.95 -34.29 3.48
N MET F 74 40.95 -33.82 2.73
CA MET F 74 41.18 -33.23 1.43
C MET F 74 41.27 -31.71 1.47
N ASN F 75 40.95 -31.09 2.61
CA ASN F 75 40.98 -29.63 2.67
C ASN F 75 42.37 -29.11 3.01
N ASN F 76 43.14 -29.84 3.82
CA ASN F 76 44.54 -29.46 4.00
C ASN F 76 45.39 -29.90 2.83
N ALA F 77 44.99 -30.96 2.12
CA ALA F 77 45.66 -31.37 0.90
C ALA F 77 45.23 -30.54 -0.30
N GLY F 78 44.00 -30.02 -0.27
CA GLY F 78 43.58 -29.12 -1.34
C GLY F 78 44.22 -27.75 -1.23
N ASP F 79 44.37 -27.25 0.00
CA ASP F 79 45.02 -25.97 0.19
C ASP F 79 46.53 -26.06 0.02
N LYS F 80 47.10 -27.25 0.11
CA LYS F 80 48.49 -27.43 -0.28
C LYS F 80 48.66 -27.28 -1.79
N TRP F 81 47.61 -27.62 -2.55
CA TRP F 81 47.62 -27.42 -4.00
C TRP F 81 47.31 -25.97 -4.38
N SER F 82 46.31 -25.37 -3.73
CA SER F 82 45.92 -24.01 -4.10
C SER F 82 46.97 -22.99 -3.70
N ALA F 83 47.76 -23.27 -2.66
CA ALA F 83 48.86 -22.37 -2.33
C ALA F 83 50.07 -22.63 -3.23
N PHE F 84 50.24 -23.87 -3.71
CA PHE F 84 51.36 -24.19 -4.59
C PHE F 84 51.24 -23.49 -5.92
N LEU F 85 50.03 -23.28 -6.41
CA LEU F 85 49.84 -22.58 -7.67
C LEU F 85 50.16 -21.10 -7.53
N LYS F 86 49.85 -20.51 -6.37
CA LYS F 86 50.09 -19.08 -6.19
C LYS F 86 51.56 -18.77 -5.94
N GLU F 87 52.32 -19.70 -5.37
CA GLU F 87 53.77 -19.52 -5.33
C GLU F 87 54.34 -19.60 -6.74
N GLN F 88 53.98 -20.62 -7.50
CA GLN F 88 54.53 -20.83 -8.82
C GLN F 88 53.96 -19.89 -9.88
N SER F 89 52.91 -19.15 -9.56
CA SER F 89 52.42 -18.14 -10.50
C SER F 89 53.31 -16.90 -10.47
N THR F 90 53.75 -16.49 -9.29
CA THR F 90 54.60 -15.31 -9.19
C THR F 90 56.01 -15.59 -9.67
N LEU F 91 56.45 -16.85 -9.63
CA LEU F 91 57.74 -17.21 -10.18
C LEU F 91 57.73 -17.24 -11.71
N ALA F 92 56.56 -17.35 -12.33
CA ALA F 92 56.47 -17.38 -13.77
C ALA F 92 56.41 -15.99 -14.39
N GLN F 93 56.37 -14.93 -13.58
CA GLN F 93 56.33 -13.58 -14.12
C GLN F 93 57.68 -13.10 -14.62
N MET F 94 58.75 -13.80 -14.25
CA MET F 94 60.10 -13.42 -14.69
C MET F 94 60.41 -13.81 -16.14
N TYR F 95 59.47 -14.45 -16.82
CA TYR F 95 59.65 -14.86 -18.20
C TYR F 95 58.58 -14.24 -19.07
N PRO F 96 58.83 -13.11 -19.70
CA PRO F 96 57.83 -12.55 -20.63
C PRO F 96 57.74 -13.36 -21.91
N LEU F 97 56.66 -13.12 -22.64
CA LEU F 97 56.24 -13.99 -23.74
C LEU F 97 56.77 -13.56 -25.09
N GLN F 98 57.27 -12.34 -25.23
CA GLN F 98 57.62 -11.79 -26.54
C GLN F 98 58.86 -12.42 -27.14
N GLU F 99 59.64 -13.17 -26.37
CA GLU F 99 60.86 -13.77 -26.86
C GLU F 99 60.86 -15.29 -26.84
N ILE F 100 59.79 -15.91 -26.37
CA ILE F 100 59.70 -17.37 -26.40
C ILE F 100 59.31 -17.80 -27.81
N GLN F 101 60.15 -18.61 -28.43
CA GLN F 101 59.87 -19.11 -29.76
C GLN F 101 59.19 -20.47 -29.76
N ASN F 102 59.37 -21.25 -28.69
CA ASN F 102 58.70 -22.54 -28.56
C ASN F 102 57.24 -22.32 -28.17
N LEU F 103 56.34 -22.99 -28.88
CA LEU F 103 54.91 -22.82 -28.63
C LEU F 103 54.40 -23.71 -27.51
N THR F 104 55.00 -24.89 -27.32
CA THR F 104 54.61 -25.73 -26.19
C THR F 104 54.96 -25.08 -24.87
N VAL F 105 56.13 -24.44 -24.80
CA VAL F 105 56.54 -23.72 -23.60
C VAL F 105 55.70 -22.47 -23.38
N LYS F 106 55.34 -21.76 -24.46
CA LYS F 106 54.55 -20.53 -24.33
C LYS F 106 53.13 -20.82 -23.88
N LEU F 107 52.57 -21.96 -24.27
CA LEU F 107 51.20 -22.28 -23.91
C LEU F 107 51.06 -22.61 -22.43
N GLN F 108 52.09 -23.22 -21.83
CA GLN F 108 52.03 -23.49 -20.40
C GLN F 108 52.28 -22.24 -19.57
N LEU F 109 52.96 -21.24 -20.15
CA LEU F 109 53.21 -20.02 -19.41
C LEU F 109 51.98 -19.14 -19.34
N GLN F 110 51.13 -19.16 -20.37
CA GLN F 110 49.91 -18.35 -20.34
C GLN F 110 48.94 -18.87 -19.29
N ALA F 111 48.89 -20.18 -19.09
CA ALA F 111 48.01 -20.76 -18.08
C ALA F 111 48.51 -20.48 -16.68
N LEU F 112 49.79 -20.15 -16.53
CA LEU F 112 50.39 -19.99 -15.21
C LEU F 112 50.63 -18.53 -14.85
N GLN F 113 50.80 -17.65 -15.83
CA GLN F 113 51.05 -16.24 -15.55
C GLN F 113 49.78 -15.44 -15.34
N GLN F 114 48.60 -16.01 -15.60
CA GLN F 114 47.38 -15.23 -15.49
C GLN F 114 47.05 -14.97 -14.03
N ASN F 115 46.82 -13.71 -13.71
CA ASN F 115 46.68 -13.26 -12.33
C ASN F 115 45.37 -13.71 -11.70
N GLY F 116 44.25 -13.58 -12.42
CA GLY F 116 42.98 -13.99 -11.86
C GLY F 116 42.42 -12.95 -10.91
N SER F 117 41.89 -13.41 -9.78
CA SER F 117 41.35 -12.51 -8.77
C SER F 117 42.41 -12.01 -7.80
N SER F 118 43.68 -12.32 -8.04
CA SER F 118 44.77 -11.79 -7.23
C SER F 118 45.15 -10.37 -7.61
N VAL F 119 44.56 -9.82 -8.67
CA VAL F 119 44.89 -8.49 -9.14
C VAL F 119 44.03 -7.43 -8.46
N LEU F 120 42.99 -7.84 -7.73
CA LEU F 120 42.11 -6.91 -7.05
C LEU F 120 42.77 -6.38 -5.79
N SER F 121 42.08 -5.47 -5.11
CA SER F 121 42.51 -4.99 -3.80
C SER F 121 42.32 -6.07 -2.74
N GLU F 122 42.76 -5.78 -1.53
CA GLU F 122 42.60 -6.75 -0.46
C GLU F 122 41.17 -6.80 0.05
N ASP F 123 40.55 -5.65 0.26
CA ASP F 123 39.19 -5.59 0.74
C ASP F 123 38.17 -5.81 -0.37
N LYS F 124 38.56 -5.68 -1.63
CA LYS F 124 37.67 -6.00 -2.72
C LYS F 124 37.67 -7.48 -3.05
N SER F 125 38.83 -8.15 -2.90
CA SER F 125 38.87 -9.58 -3.09
C SER F 125 38.14 -10.35 -1.99
N LYS F 126 38.02 -9.77 -0.80
CA LYS F 126 37.19 -10.36 0.24
C LYS F 126 35.74 -9.94 0.12
N ARG F 127 35.46 -8.83 -0.55
CA ARG F 127 34.07 -8.47 -0.83
C ARG F 127 33.50 -9.32 -1.95
N LEU F 128 34.34 -9.71 -2.92
CA LEU F 128 33.85 -10.51 -4.04
C LEU F 128 33.53 -11.92 -3.60
N ASN F 129 34.33 -12.50 -2.71
CA ASN F 129 34.08 -13.85 -2.24
C ASN F 129 32.88 -13.93 -1.31
N THR F 130 32.48 -12.81 -0.72
CA THR F 130 31.30 -12.82 0.13
C THR F 130 30.04 -12.77 -0.71
N ILE F 131 30.07 -12.03 -1.82
CA ILE F 131 28.93 -11.95 -2.73
C ILE F 131 28.70 -13.28 -3.42
N LEU F 132 29.77 -13.94 -3.84
CA LEU F 132 29.64 -15.25 -4.48
C LEU F 132 29.15 -16.32 -3.52
N ASN F 133 29.53 -16.23 -2.25
CA ASN F 133 29.03 -17.19 -1.27
C ASN F 133 27.62 -16.85 -0.82
N THR F 134 27.21 -15.60 -0.95
CA THR F 134 25.84 -15.25 -0.60
C THR F 134 24.86 -15.68 -1.68
N MET F 135 25.23 -15.49 -2.95
CA MET F 135 24.34 -15.84 -4.05
C MET F 135 24.16 -17.34 -4.19
N SER F 136 25.21 -18.12 -3.95
CA SER F 136 25.09 -19.57 -4.04
C SER F 136 24.35 -20.16 -2.85
N THR F 137 24.23 -19.42 -1.76
CA THR F 137 23.47 -19.89 -0.60
C THR F 137 22.00 -19.50 -0.70
N ILE F 138 21.70 -18.36 -1.30
CA ILE F 138 20.31 -17.98 -1.56
C ILE F 138 19.67 -18.93 -2.54
N TYR F 139 20.44 -19.39 -3.54
CA TYR F 139 19.92 -20.28 -4.55
C TYR F 139 19.61 -21.65 -3.98
N SER F 140 20.50 -22.18 -3.14
CA SER F 140 20.35 -23.55 -2.67
C SER F 140 19.48 -23.68 -1.44
N THR F 141 19.40 -22.64 -0.61
CA THR F 141 18.63 -22.73 0.62
C THR F 141 17.40 -21.85 0.64
N GLY F 142 17.14 -21.07 -0.40
CA GLY F 142 15.93 -20.27 -0.45
C GLY F 142 14.73 -21.14 -0.76
N LYS F 143 13.62 -20.83 -0.08
CA LYS F 143 12.42 -21.64 -0.20
C LYS F 143 11.21 -20.75 -0.49
N VAL F 144 10.14 -21.42 -0.88
CA VAL F 144 8.90 -20.78 -1.32
C VAL F 144 7.74 -21.44 -0.59
N CYS F 145 6.92 -20.64 0.07
CA CYS F 145 5.85 -21.14 0.93
C CYS F 145 4.50 -21.01 0.24
N ASN F 146 3.61 -21.95 0.59
CA ASN F 146 2.26 -22.00 0.02
C ASN F 146 1.45 -20.80 0.52
N PRO F 147 0.59 -20.21 -0.31
CA PRO F 147 -0.16 -19.04 0.19
C PRO F 147 -1.29 -19.38 1.14
N ASP F 148 -1.95 -20.52 0.96
CA ASP F 148 -3.08 -20.83 1.83
C ASP F 148 -2.65 -21.63 3.06
N ASN F 149 -1.50 -22.30 2.99
CA ASN F 149 -0.93 -22.99 4.14
C ASN F 149 0.52 -22.55 4.26
N PRO F 150 0.80 -21.46 4.98
CA PRO F 150 2.17 -20.94 5.02
C PRO F 150 3.15 -21.71 5.88
N GLN F 151 2.81 -22.91 6.35
CA GLN F 151 3.77 -23.72 7.09
C GLN F 151 4.50 -24.73 6.22
N GLU F 152 4.05 -24.96 4.98
CA GLU F 152 4.74 -25.86 4.07
C GLU F 152 5.50 -25.03 3.05
N CYS F 153 6.82 -25.08 3.11
CA CYS F 153 7.68 -24.30 2.23
C CYS F 153 8.59 -25.23 1.44
N LEU F 154 8.69 -24.97 0.15
CA LEU F 154 9.37 -25.86 -0.78
C LEU F 154 10.71 -25.27 -1.20
N LEU F 155 11.77 -26.07 -1.08
CA LEU F 155 13.04 -25.74 -1.70
C LEU F 155 12.94 -25.94 -3.20
N LEU F 156 13.98 -25.52 -3.92
CA LEU F 156 13.93 -25.61 -5.37
C LEU F 156 14.16 -27.04 -5.85
N GLU F 157 15.21 -27.70 -5.38
CA GLU F 157 15.68 -28.92 -6.04
C GLU F 157 14.79 -30.12 -5.73
N PRO F 158 14.27 -30.34 -4.51
CA PRO F 158 13.07 -31.18 -4.41
C PRO F 158 11.80 -30.38 -4.26
N GLY F 159 10.74 -30.81 -4.90
CA GLY F 159 9.47 -30.13 -4.72
C GLY F 159 9.10 -29.06 -5.70
N LEU F 160 9.97 -28.08 -5.90
CA LEU F 160 9.67 -27.03 -6.87
C LEU F 160 10.11 -27.39 -8.27
N ASN F 161 11.14 -28.21 -8.42
CA ASN F 161 11.47 -28.75 -9.73
C ASN F 161 10.50 -29.84 -10.15
N GLU F 162 9.93 -30.57 -9.19
CA GLU F 162 8.99 -31.62 -9.54
C GLU F 162 7.59 -31.10 -9.79
N ILE F 163 7.32 -29.83 -9.45
CA ILE F 163 6.08 -29.22 -9.90
C ILE F 163 6.18 -28.88 -11.39
N MET F 164 7.23 -28.17 -11.77
CA MET F 164 7.38 -27.71 -13.15
C MET F 164 7.65 -28.83 -14.13
N ALA F 165 8.11 -29.99 -13.66
CA ALA F 165 8.37 -31.11 -14.55
C ALA F 165 7.21 -32.09 -14.67
N ASN F 166 6.29 -32.09 -13.71
CA ASN F 166 5.23 -33.10 -13.69
C ASN F 166 3.83 -32.53 -13.81
N SER F 167 3.57 -31.33 -13.30
CA SER F 167 2.21 -30.85 -13.20
C SER F 167 1.67 -30.41 -14.55
N LEU F 168 0.35 -30.56 -14.72
CA LEU F 168 -0.37 -30.11 -15.90
C LEU F 168 -1.37 -29.02 -15.57
N ASP F 169 -1.38 -28.55 -14.32
CA ASP F 169 -2.29 -27.51 -13.87
C ASP F 169 -1.68 -26.17 -14.20
N TYR F 170 -2.47 -25.30 -14.83
CA TYR F 170 -1.96 -23.98 -15.21
C TYR F 170 -1.70 -23.12 -13.98
N ASN F 171 -2.59 -23.17 -13.00
CA ASN F 171 -2.47 -22.28 -11.86
C ASN F 171 -1.38 -22.73 -10.90
N GLU F 172 -1.06 -24.02 -10.88
CA GLU F 172 0.01 -24.48 -10.00
C GLU F 172 1.38 -24.20 -10.61
N ARG F 173 1.47 -24.22 -11.94
CA ARG F 173 2.72 -23.90 -12.59
C ARG F 173 3.00 -22.41 -12.55
N LEU F 174 1.96 -21.59 -12.66
CA LEU F 174 2.14 -20.13 -12.60
C LEU F 174 2.49 -19.67 -11.20
N TRP F 175 2.05 -20.41 -10.19
CA TRP F 175 2.37 -20.04 -8.82
C TRP F 175 3.86 -20.22 -8.57
N ALA F 176 4.33 -21.46 -8.68
CA ALA F 176 5.73 -21.79 -8.46
C ALA F 176 6.62 -20.78 -9.14
N TRP F 177 6.53 -20.74 -10.47
CA TRP F 177 7.29 -19.83 -11.31
C TRP F 177 7.40 -18.47 -10.65
N GLU F 178 6.33 -17.69 -10.78
CA GLU F 178 6.28 -16.35 -10.21
C GLU F 178 6.90 -16.25 -8.82
N SER F 179 6.39 -17.02 -7.86
CA SER F 179 6.92 -16.97 -6.49
C SER F 179 8.44 -17.05 -6.40
N TRP F 180 8.98 -18.23 -6.72
CA TRP F 180 10.42 -18.49 -6.71
C TRP F 180 11.10 -17.32 -7.37
N ARG F 181 10.65 -17.04 -8.59
CA ARG F 181 11.13 -15.93 -9.41
C ARG F 181 11.29 -14.74 -8.52
N SER F 182 10.20 -14.03 -8.25
CA SER F 182 10.20 -12.86 -7.38
C SER F 182 11.21 -12.91 -6.24
N GLU F 183 11.08 -13.89 -5.35
CA GLU F 183 12.02 -13.97 -4.22
C GLU F 183 13.51 -14.00 -4.59
N VAL F 184 13.92 -15.10 -5.23
CA VAL F 184 15.33 -15.23 -5.58
C VAL F 184 15.74 -14.02 -6.37
N GLY F 185 14.81 -13.54 -7.17
CA GLY F 185 14.97 -12.39 -8.02
C GLY F 185 15.53 -11.29 -7.16
N LYS F 186 14.68 -10.67 -6.37
CA LYS F 186 15.07 -9.60 -5.47
C LYS F 186 16.44 -9.86 -4.83
N GLN F 187 16.61 -11.03 -4.22
CA GLN F 187 17.90 -11.29 -3.59
C GLN F 187 19.11 -11.11 -4.56
N LEU F 188 19.23 -12.06 -5.47
CA LEU F 188 20.32 -12.05 -6.44
C LEU F 188 20.43 -10.70 -7.12
N ARG F 189 19.35 -9.93 -7.13
CA ARG F 189 19.38 -8.60 -7.73
C ARG F 189 20.53 -7.72 -7.22
N PRO F 190 20.37 -7.15 -6.04
CA PRO F 190 21.40 -6.27 -5.47
C PRO F 190 22.80 -6.89 -5.52
N LEU F 191 22.91 -8.13 -5.07
CA LEU F 191 24.16 -8.85 -5.05
C LEU F 191 24.69 -8.96 -6.46
N TYR F 192 23.82 -9.34 -7.39
CA TYR F 192 24.23 -9.47 -8.78
C TYR F 192 24.83 -8.19 -9.30
N GLU F 193 24.17 -7.07 -9.07
CA GLU F 193 24.67 -5.78 -9.51
C GLU F 193 26.08 -5.54 -8.98
N GLU F 194 26.24 -5.70 -7.66
CA GLU F 194 27.56 -5.49 -7.06
C GLU F 194 28.62 -6.38 -7.72
N TYR F 195 28.27 -7.64 -7.91
CA TYR F 195 29.15 -8.63 -8.52
C TYR F 195 29.57 -8.23 -9.92
N VAL F 196 28.61 -7.77 -10.71
CA VAL F 196 28.89 -7.34 -12.07
C VAL F 196 29.87 -6.18 -12.02
N VAL F 197 29.60 -5.23 -11.13
CA VAL F 197 30.48 -4.08 -10.99
C VAL F 197 31.91 -4.47 -10.65
N LEU F 198 32.06 -5.47 -9.78
CA LEU F 198 33.40 -5.92 -9.39
C LEU F 198 34.14 -6.73 -10.45
N LYS F 199 33.54 -7.82 -10.89
CA LYS F 199 34.13 -8.71 -11.88
C LYS F 199 34.65 -7.96 -13.09
N ASN F 200 34.12 -6.77 -13.37
CA ASN F 200 34.66 -5.96 -14.45
C ASN F 200 36.01 -5.36 -14.09
N GLU F 201 36.19 -4.97 -12.83
CA GLU F 201 37.49 -4.45 -12.37
C GLU F 201 38.55 -5.55 -12.39
N MET F 202 38.16 -6.78 -12.11
CA MET F 202 39.10 -7.89 -12.17
C MET F 202 39.51 -8.18 -13.60
N ALA F 203 38.61 -7.95 -14.55
CA ALA F 203 38.93 -8.23 -15.94
C ALA F 203 39.68 -7.09 -16.61
N ARG F 204 39.36 -5.85 -16.25
CA ARG F 204 40.09 -4.72 -16.82
C ARG F 204 41.50 -4.60 -16.27
N ALA F 205 41.73 -5.06 -15.05
CA ALA F 205 43.09 -5.11 -14.52
C ALA F 205 43.87 -6.32 -15.04
N ASN F 206 43.23 -7.21 -15.79
CA ASN F 206 43.90 -8.27 -16.52
C ASN F 206 43.99 -7.98 -18.01
N HIS F 207 43.83 -6.70 -18.38
CA HIS F 207 43.95 -6.21 -19.75
C HIS F 207 42.93 -6.83 -20.70
N TYR F 208 41.70 -6.99 -20.20
CA TYR F 208 40.54 -7.31 -21.01
C TYR F 208 39.61 -6.09 -21.04
N GLU F 209 38.65 -6.12 -21.95
CA GLU F 209 37.69 -5.01 -22.03
C GLU F 209 36.70 -5.06 -20.88
N ASP F 210 36.12 -6.23 -20.62
CA ASP F 210 35.19 -6.43 -19.54
C ASP F 210 35.19 -7.91 -19.19
N TYR F 211 34.25 -8.32 -18.34
CA TYR F 211 34.20 -9.71 -17.93
C TYR F 211 33.70 -10.63 -19.03
N GLY F 212 32.89 -10.13 -19.96
CA GLY F 212 32.49 -10.93 -21.10
C GLY F 212 33.65 -11.25 -22.02
N ASP F 213 34.61 -10.32 -22.13
CA ASP F 213 35.80 -10.60 -22.90
C ASP F 213 36.73 -11.56 -22.18
N TYR F 214 36.63 -11.63 -20.86
CA TYR F 214 37.41 -12.59 -20.09
C TYR F 214 36.92 -14.01 -20.35
N TRP F 215 35.62 -14.19 -20.55
CA TRP F 215 35.06 -15.52 -20.73
C TRP F 215 35.32 -16.05 -22.12
N ARG F 216 35.39 -15.17 -23.12
CA ARG F 216 35.67 -15.59 -24.49
C ARG F 216 37.14 -15.86 -24.74
N GLY F 217 38.00 -15.65 -23.76
CA GLY F 217 39.41 -15.95 -23.89
C GLY F 217 39.75 -17.41 -23.92
N ASP F 218 38.78 -18.30 -23.68
CA ASP F 218 39.02 -19.73 -23.84
C ASP F 218 39.09 -20.14 -25.30
N TYR F 219 38.52 -19.35 -26.20
CA TYR F 219 38.50 -19.66 -27.62
C TYR F 219 39.53 -18.89 -28.41
N GLU F 220 40.37 -18.08 -27.76
CA GLU F 220 41.30 -17.21 -28.44
C GLU F 220 42.55 -17.97 -28.84
N VAL F 221 42.96 -17.82 -30.10
CA VAL F 221 44.18 -18.41 -30.63
C VAL F 221 45.00 -17.29 -31.24
N ASN F 222 46.29 -17.22 -30.86
CA ASN F 222 47.13 -16.09 -31.22
C ASN F 222 48.38 -16.57 -31.93
N GLY F 223 48.47 -16.29 -33.23
CA GLY F 223 49.68 -16.44 -34.01
C GLY F 223 50.16 -17.85 -34.26
N VAL F 224 49.33 -18.69 -34.88
CA VAL F 224 49.76 -20.04 -35.24
C VAL F 224 49.59 -20.15 -36.76
N ASP F 225 49.81 -19.02 -37.45
CA ASP F 225 50.03 -18.94 -38.90
C ASP F 225 48.82 -19.44 -39.69
N GLY F 226 47.72 -18.72 -39.56
CA GLY F 226 46.52 -19.01 -40.29
C GLY F 226 45.46 -19.77 -39.53
N TYR F 227 45.72 -20.13 -38.27
CA TYR F 227 44.72 -20.78 -37.43
C TYR F 227 44.28 -19.85 -36.31
N ASP F 228 44.45 -18.54 -36.48
CA ASP F 228 44.17 -17.58 -35.42
C ASP F 228 42.67 -17.44 -35.22
N TYR F 229 42.31 -16.92 -34.04
CA TYR F 229 40.91 -16.76 -33.67
C TYR F 229 40.82 -15.64 -32.65
N SER F 230 40.11 -14.58 -33.00
CA SER F 230 39.97 -13.44 -32.10
C SER F 230 38.92 -13.72 -31.05
N ARG F 231 38.92 -12.90 -29.99
CA ARG F 231 37.88 -13.01 -28.98
C ARG F 231 36.58 -12.37 -29.42
N GLY F 232 36.61 -11.47 -30.40
CA GLY F 232 35.40 -10.91 -30.95
C GLY F 232 34.84 -11.65 -32.13
N GLN F 233 35.61 -12.59 -32.66
CA GLN F 233 35.12 -13.44 -33.74
C GLN F 233 34.15 -14.48 -33.24
N LEU F 234 34.15 -14.77 -31.93
CA LEU F 234 33.19 -15.72 -31.38
C LEU F 234 31.78 -15.16 -31.40
N ILE F 235 31.62 -13.86 -31.17
CA ILE F 235 30.29 -13.26 -31.24
C ILE F 235 29.77 -13.26 -32.67
N GLU F 236 30.67 -13.15 -33.65
CA GLU F 236 30.25 -13.21 -35.04
C GLU F 236 29.93 -14.63 -35.47
N ASP F 237 30.73 -15.61 -35.03
CA ASP F 237 30.49 -16.99 -35.39
C ASP F 237 29.28 -17.60 -34.68
N VAL F 238 28.89 -17.05 -33.54
CA VAL F 238 27.70 -17.55 -32.87
C VAL F 238 26.45 -16.97 -33.51
N GLU F 239 26.46 -15.68 -33.83
CA GLU F 239 25.31 -15.07 -34.46
C GLU F 239 25.13 -15.47 -35.92
N HIS F 240 26.21 -15.91 -36.57
CA HIS F 240 26.07 -16.39 -37.94
C HIS F 240 25.50 -17.79 -38.00
N THR F 241 25.93 -18.66 -37.08
CA THR F 241 25.41 -20.03 -37.07
C THR F 241 24.05 -20.13 -36.41
N PHE F 242 23.62 -19.10 -35.70
CA PHE F 242 22.30 -19.15 -35.09
C PHE F 242 21.20 -18.88 -36.12
N GLU F 243 21.50 -18.09 -37.14
CA GLU F 243 20.49 -17.74 -38.13
C GLU F 243 20.16 -18.88 -39.09
N GLU F 244 20.91 -19.99 -39.02
CA GLU F 244 20.55 -21.19 -39.76
C GLU F 244 19.78 -22.19 -38.93
N ILE F 245 19.81 -22.08 -37.60
CA ILE F 245 18.96 -22.90 -36.76
C ILE F 245 17.56 -22.32 -36.71
N LYS F 246 17.43 -21.01 -36.96
CA LYS F 246 16.14 -20.34 -36.84
C LYS F 246 15.03 -20.84 -37.78
N PRO F 247 15.28 -21.35 -39.00
CA PRO F 247 14.18 -22.04 -39.69
C PRO F 247 13.77 -23.35 -39.04
N LEU F 248 14.70 -24.13 -38.49
CA LEU F 248 14.31 -25.39 -37.86
C LEU F 248 13.64 -25.14 -36.52
N TYR F 249 14.07 -24.10 -35.79
CA TYR F 249 13.49 -23.84 -34.49
C TYR F 249 12.08 -23.28 -34.60
N GLU F 250 11.78 -22.53 -35.67
CA GLU F 250 10.45 -21.97 -35.83
C GLU F 250 9.41 -23.04 -36.13
N HIS F 251 9.79 -24.08 -36.85
CA HIS F 251 8.86 -25.18 -37.10
C HIS F 251 8.68 -26.06 -35.88
N LEU F 252 9.70 -26.15 -35.03
CA LEU F 252 9.55 -26.87 -33.77
C LEU F 252 8.77 -26.04 -32.76
N HIS F 253 8.95 -24.73 -32.78
CA HIS F 253 8.19 -23.86 -31.90
C HIS F 253 6.73 -23.81 -32.27
N ALA F 254 6.44 -23.88 -33.58
CA ALA F 254 5.06 -23.85 -34.02
C ALA F 254 4.36 -25.19 -33.83
N TYR F 255 5.11 -26.30 -33.88
CA TYR F 255 4.49 -27.60 -33.66
C TYR F 255 4.20 -27.82 -32.19
N VAL F 256 5.06 -27.31 -31.31
CA VAL F 256 4.84 -27.44 -29.87
C VAL F 256 3.67 -26.57 -29.44
N ARG F 257 3.54 -25.38 -30.06
CA ARG F 257 2.44 -24.47 -29.74
C ARG F 257 1.10 -25.06 -30.15
N ALA F 258 1.07 -25.82 -31.25
CA ALA F 258 -0.17 -26.46 -31.67
C ALA F 258 -0.54 -27.61 -30.75
N LYS F 259 0.44 -28.35 -30.26
CA LYS F 259 0.15 -29.46 -29.37
C LYS F 259 -0.05 -29.01 -27.93
N LEU F 260 0.38 -27.80 -27.58
CA LEU F 260 0.12 -27.27 -26.26
C LEU F 260 -1.26 -26.64 -26.14
N MET F 261 -1.86 -26.23 -27.26
CA MET F 261 -3.21 -25.68 -27.21
C MET F 261 -4.26 -26.73 -26.92
N ASN F 262 -3.96 -28.00 -27.13
CA ASN F 262 -4.89 -29.06 -26.76
C ASN F 262 -4.79 -29.44 -25.30
N ALA F 263 -3.67 -29.12 -24.64
CA ALA F 263 -3.51 -29.38 -23.22
C ALA F 263 -3.85 -28.20 -22.35
N TYR F 264 -3.64 -26.98 -22.85
CA TYR F 264 -4.05 -25.76 -22.17
C TYR F 264 -4.90 -24.95 -23.14
N PRO F 265 -6.19 -25.27 -23.24
CA PRO F 265 -7.05 -24.47 -24.10
C PRO F 265 -7.40 -23.14 -23.45
N SER F 266 -7.68 -22.15 -24.32
CA SER F 266 -8.03 -20.77 -23.94
C SER F 266 -6.91 -20.08 -23.16
N TYR F 267 -5.67 -20.52 -23.34
CA TYR F 267 -4.52 -19.92 -22.67
C TYR F 267 -3.40 -19.53 -23.61
N ILE F 268 -3.28 -20.15 -24.77
CA ILE F 268 -2.17 -19.93 -25.69
C ILE F 268 -2.74 -19.45 -27.02
N SER F 269 -2.30 -18.28 -27.46
CA SER F 269 -2.73 -17.77 -28.75
C SER F 269 -2.03 -18.53 -29.87
N PRO F 270 -2.75 -18.88 -30.94
CA PRO F 270 -2.14 -19.66 -32.02
C PRO F 270 -1.25 -18.87 -32.96
N ILE F 271 -1.04 -17.57 -32.72
CA ILE F 271 -0.09 -16.78 -33.49
C ILE F 271 0.93 -16.08 -32.61
N GLY F 272 0.85 -16.22 -31.29
CA GLY F 272 1.72 -15.53 -30.38
C GLY F 272 2.85 -16.40 -29.86
N CYS F 273 3.49 -15.92 -28.82
CA CYS F 273 4.57 -16.66 -28.18
C CYS F 273 4.02 -17.71 -27.23
N LEU F 274 4.92 -18.43 -26.59
CA LEU F 274 4.51 -19.38 -25.58
C LEU F 274 4.69 -18.78 -24.19
N PRO F 275 3.81 -19.09 -23.25
CA PRO F 275 4.03 -18.61 -21.87
C PRO F 275 5.22 -19.30 -21.25
N ALA F 276 5.89 -18.59 -20.36
CA ALA F 276 7.19 -19.04 -19.87
C ALA F 276 7.08 -20.18 -18.87
N HIS F 277 5.93 -20.36 -18.24
CA HIS F 277 5.81 -21.34 -17.18
C HIS F 277 5.28 -22.68 -17.67
N LEU F 278 5.09 -22.83 -18.98
CA LEU F 278 4.51 -24.04 -19.54
C LEU F 278 5.52 -24.82 -20.35
N LEU F 279 6.80 -24.71 -20.03
CA LEU F 279 7.85 -25.22 -20.90
C LEU F 279 8.60 -26.43 -20.36
N GLY F 280 8.09 -27.09 -19.34
CA GLY F 280 8.64 -28.35 -18.89
C GLY F 280 9.55 -28.26 -17.70
N ASP F 281 10.17 -27.11 -17.45
CA ASP F 281 10.94 -26.91 -16.23
C ASP F 281 10.86 -25.43 -15.85
N MET F 282 11.67 -25.05 -14.88
CA MET F 282 11.52 -23.76 -14.21
C MET F 282 11.90 -22.60 -15.11
N TRP F 283 12.94 -22.76 -15.93
CA TRP F 283 13.40 -21.67 -16.78
C TRP F 283 13.11 -21.89 -18.25
N GLY F 284 12.77 -23.11 -18.66
CA GLY F 284 12.63 -23.38 -20.08
C GLY F 284 13.94 -23.66 -20.77
N ARG F 285 14.93 -24.16 -20.03
CA ARG F 285 16.21 -24.47 -20.64
C ARG F 285 16.11 -25.69 -21.56
N PHE F 286 15.50 -26.76 -21.08
CA PHE F 286 15.24 -27.93 -21.90
C PHE F 286 13.73 -28.12 -22.03
N TRP F 287 13.29 -28.45 -23.23
CA TRP F 287 11.88 -28.74 -23.49
C TRP F 287 11.59 -30.23 -23.39
N THR F 288 12.43 -30.99 -22.68
CA THR F 288 12.35 -32.44 -22.73
C THR F 288 11.19 -32.99 -21.92
N ASN F 289 10.56 -32.18 -21.09
CA ASN F 289 9.41 -32.65 -20.31
C ASN F 289 8.09 -32.35 -21.00
N LEU F 290 8.11 -31.88 -22.23
CA LEU F 290 6.90 -31.74 -23.04
C LEU F 290 6.74 -32.89 -24.01
N TYR F 291 7.48 -33.98 -23.82
CA TYR F 291 7.38 -35.09 -24.75
C TYR F 291 6.08 -35.86 -24.57
N SER F 292 5.57 -35.94 -23.33
CA SER F 292 4.33 -36.65 -23.09
C SER F 292 3.11 -35.93 -23.65
N LEU F 293 3.23 -34.64 -23.91
CA LEU F 293 2.14 -33.87 -24.52
C LEU F 293 2.28 -33.73 -26.02
N THR F 294 3.49 -33.89 -26.57
CA THR F 294 3.75 -33.56 -27.96
C THR F 294 4.23 -34.76 -28.77
N VAL F 295 4.05 -35.97 -28.25
CA VAL F 295 4.57 -37.16 -28.93
C VAL F 295 3.79 -37.40 -30.23
N PRO F 296 4.47 -37.62 -31.36
CA PRO F 296 3.76 -37.66 -32.64
C PRO F 296 2.92 -38.90 -32.84
N PHE F 297 3.41 -40.05 -32.39
CA PHE F 297 2.68 -41.32 -32.49
C PHE F 297 2.73 -41.96 -31.11
N GLY F 298 1.74 -41.64 -30.27
CA GLY F 298 1.76 -42.05 -28.89
C GLY F 298 1.51 -43.53 -28.67
N GLN F 299 0.90 -44.21 -29.64
CA GLN F 299 0.61 -45.63 -29.48
C GLN F 299 1.83 -46.51 -29.66
N LYS F 300 2.87 -46.00 -30.29
CA LYS F 300 4.07 -46.79 -30.49
C LYS F 300 5.10 -46.49 -29.41
N PRO F 301 5.52 -47.47 -28.63
CA PRO F 301 6.49 -47.21 -27.56
C PRO F 301 7.89 -47.04 -28.12
N ASN F 302 8.70 -46.30 -27.37
CA ASN F 302 10.08 -46.07 -27.77
C ASN F 302 10.91 -47.32 -27.51
N ILE F 303 12.06 -47.40 -28.16
CA ILE F 303 12.93 -48.57 -28.03
C ILE F 303 13.54 -48.58 -26.64
N ASP F 304 13.20 -49.59 -25.85
CA ASP F 304 13.69 -49.69 -24.48
C ASP F 304 14.24 -51.10 -24.27
N VAL F 305 15.43 -51.18 -23.69
CA VAL F 305 16.09 -52.46 -23.49
C VAL F 305 16.31 -52.69 -22.00
N THR F 306 15.55 -51.98 -21.16
CA THR F 306 15.75 -52.08 -19.72
C THR F 306 15.24 -53.39 -19.14
N ASP F 307 14.45 -54.17 -19.89
CA ASP F 307 13.94 -55.44 -19.40
C ASP F 307 14.73 -56.63 -19.91
N ALA F 308 15.27 -56.54 -21.13
CA ALA F 308 16.13 -57.59 -21.63
C ALA F 308 17.46 -57.66 -20.88
N MET F 309 17.90 -56.54 -20.30
CA MET F 309 19.08 -56.58 -19.44
C MET F 309 18.79 -57.28 -18.13
N VAL F 310 17.54 -57.27 -17.68
CA VAL F 310 17.15 -58.08 -16.54
C VAL F 310 17.01 -59.56 -16.93
N ASP F 311 16.42 -59.83 -18.10
CA ASP F 311 16.19 -61.22 -18.51
C ASP F 311 17.48 -61.91 -18.93
N GLN F 312 18.51 -61.15 -19.28
CA GLN F 312 19.83 -61.72 -19.52
C GLN F 312 20.74 -61.59 -18.31
N ALA F 313 20.22 -61.07 -17.19
CA ALA F 313 20.90 -60.94 -15.90
C ALA F 313 22.19 -60.13 -16.02
N TRP F 314 22.03 -58.90 -16.49
CA TRP F 314 23.17 -58.01 -16.67
C TRP F 314 23.38 -57.19 -15.41
N ASP F 315 24.44 -57.49 -14.68
CA ASP F 315 24.82 -56.76 -13.47
C ASP F 315 25.55 -55.48 -13.85
N ALA F 316 26.04 -54.76 -12.85
CA ALA F 316 26.82 -53.54 -13.13
C ALA F 316 28.31 -53.84 -13.24
N GLN F 317 28.62 -54.89 -13.99
CA GLN F 317 29.96 -55.17 -14.51
C GLN F 317 29.94 -55.61 -15.96
N ARG F 318 28.84 -56.21 -16.43
CA ARG F 318 28.75 -56.62 -17.83
C ARG F 318 28.61 -55.42 -18.75
N ILE F 319 27.80 -54.42 -18.34
CA ILE F 319 27.57 -53.28 -19.21
C ILE F 319 28.78 -52.36 -19.28
N PHE F 320 29.69 -52.43 -18.31
CA PHE F 320 30.98 -51.78 -18.46
C PHE F 320 31.95 -52.60 -19.27
N LYS F 321 31.79 -53.93 -19.27
CA LYS F 321 32.55 -54.77 -20.19
C LYS F 321 32.00 -54.72 -21.60
N GLU F 322 30.71 -54.45 -21.77
CA GLU F 322 30.19 -54.21 -23.10
C GLU F 322 30.56 -52.81 -23.59
N ALA F 323 30.73 -51.87 -22.67
CA ALA F 323 31.18 -50.54 -23.05
C ALA F 323 32.66 -50.52 -23.37
N GLU F 324 33.46 -51.32 -22.65
CA GLU F 324 34.89 -51.39 -22.95
C GLU F 324 35.15 -52.04 -24.28
N LYS F 325 34.38 -53.07 -24.64
CA LYS F 325 34.54 -53.71 -25.94
C LYS F 325 33.95 -52.87 -27.07
N PHE F 326 33.16 -51.84 -26.74
CA PHE F 326 32.74 -50.89 -27.76
C PHE F 326 33.91 -50.04 -28.22
N PHE F 327 34.84 -49.72 -27.33
CA PHE F 327 35.94 -48.84 -27.69
C PHE F 327 37.10 -49.59 -28.31
N VAL F 328 37.26 -50.88 -28.01
CA VAL F 328 38.33 -51.63 -28.67
C VAL F 328 37.93 -52.02 -30.08
N SER F 329 36.64 -51.89 -30.43
CA SER F 329 36.22 -52.18 -31.79
C SER F 329 36.61 -51.07 -32.75
N VAL F 330 36.75 -49.83 -32.26
CA VAL F 330 37.15 -48.73 -33.13
C VAL F 330 38.65 -48.46 -33.09
N GLY F 331 39.40 -49.17 -32.26
CA GLY F 331 40.84 -49.04 -32.22
C GLY F 331 41.38 -48.38 -30.99
N LEU F 332 40.51 -47.85 -30.13
CA LEU F 332 40.95 -47.30 -28.85
C LEU F 332 41.42 -48.44 -27.95
N PRO F 333 42.39 -48.17 -27.05
CA PRO F 333 42.95 -49.26 -26.24
C PRO F 333 42.02 -49.82 -25.17
N ASN F 334 42.51 -50.84 -24.47
CA ASN F 334 41.84 -51.42 -23.32
C ASN F 334 41.83 -50.43 -22.15
N MET F 335 41.19 -50.82 -21.07
CA MET F 335 41.30 -50.08 -19.82
C MET F 335 42.67 -50.32 -19.21
N THR F 336 42.99 -49.53 -18.19
CA THR F 336 44.36 -49.43 -17.72
C THR F 336 44.75 -50.46 -16.67
N GLN F 337 43.92 -51.51 -16.48
CA GLN F 337 44.18 -52.69 -15.64
C GLN F 337 44.23 -52.38 -14.15
N GLY F 338 44.08 -51.12 -13.77
CA GLY F 338 43.92 -50.73 -12.39
C GLY F 338 42.61 -49.98 -12.27
N PHE F 339 41.95 -49.84 -13.42
CA PHE F 339 40.63 -49.21 -13.46
C PHE F 339 39.57 -50.10 -12.83
N TRP F 340 39.69 -51.41 -13.00
CA TRP F 340 38.71 -52.33 -12.45
C TRP F 340 38.83 -52.47 -10.94
N GLU F 341 40.06 -52.43 -10.42
CA GLU F 341 40.26 -52.56 -8.98
C GLU F 341 39.84 -51.30 -8.25
N ASN F 342 40.33 -50.14 -8.69
CA ASN F 342 40.02 -48.86 -8.08
C ASN F 342 38.90 -48.24 -8.90
N SER F 343 37.66 -48.45 -8.45
CA SER F 343 36.50 -47.86 -9.11
C SER F 343 35.35 -47.84 -8.12
N MET F 344 34.26 -47.22 -8.53
CA MET F 344 33.04 -47.19 -7.75
C MET F 344 31.86 -47.60 -8.62
N LEU F 345 31.99 -48.71 -9.34
CA LEU F 345 30.99 -49.09 -10.34
C LEU F 345 29.65 -49.52 -9.76
N THR F 346 29.57 -49.78 -8.46
CA THR F 346 28.35 -50.29 -7.86
C THR F 346 28.20 -49.65 -6.48
N ASP F 347 26.95 -49.33 -6.12
CA ASP F 347 26.64 -48.71 -4.84
C ASP F 347 26.93 -49.67 -3.70
N PRO F 348 27.42 -49.17 -2.55
CA PRO F 348 27.54 -50.03 -1.37
C PRO F 348 26.19 -50.45 -0.81
N GLY F 349 25.29 -49.47 -0.61
CA GLY F 349 23.96 -49.70 -0.11
C GLY F 349 23.81 -49.52 1.39
N ASN F 350 24.83 -49.90 2.15
CA ASN F 350 24.84 -49.79 3.60
C ASN F 350 25.17 -48.38 4.08
N VAL F 351 25.52 -48.28 5.37
CA VAL F 351 25.77 -47.03 6.07
C VAL F 351 26.99 -46.31 5.47
N GLN F 352 27.89 -47.08 4.85
CA GLN F 352 29.01 -46.55 4.06
C GLN F 352 28.44 -45.70 2.93
N LYS F 353 28.66 -44.39 3.01
CA LYS F 353 27.96 -43.44 2.19
C LYS F 353 28.87 -42.86 1.11
N ALA F 354 28.24 -42.43 0.01
CA ALA F 354 28.94 -41.88 -1.14
C ALA F 354 28.02 -40.99 -1.96
N VAL F 355 28.59 -40.11 -2.79
CA VAL F 355 27.85 -39.24 -3.69
C VAL F 355 27.79 -39.89 -5.08
N CYS F 356 26.62 -39.82 -5.71
CA CYS F 356 26.37 -40.60 -6.91
C CYS F 356 26.36 -39.78 -8.20
N HIS F 357 27.00 -38.63 -8.25
CA HIS F 357 27.03 -37.93 -9.53
C HIS F 357 28.07 -38.58 -10.44
N PRO F 358 27.69 -38.96 -11.67
CA PRO F 358 28.60 -39.73 -12.52
C PRO F 358 29.74 -38.88 -13.04
N THR F 359 30.94 -39.10 -12.48
CA THR F 359 32.12 -38.34 -12.85
C THR F 359 33.22 -39.29 -13.29
N ALA F 360 34.03 -38.82 -14.22
CA ALA F 360 35.28 -39.49 -14.56
C ALA F 360 36.40 -38.82 -13.80
N TRP F 361 37.44 -39.58 -13.48
CA TRP F 361 38.53 -39.06 -12.66
C TRP F 361 39.87 -39.26 -13.37
N ASP F 362 40.73 -38.25 -13.19
CA ASP F 362 42.03 -38.16 -13.84
C ASP F 362 43.06 -37.81 -12.78
N LEU F 363 43.14 -38.68 -11.76
CA LEU F 363 43.97 -38.47 -10.57
C LEU F 363 45.43 -38.20 -10.89
N GLY F 364 45.97 -38.78 -11.95
CA GLY F 364 47.34 -38.55 -12.31
C GLY F 364 48.15 -39.83 -12.27
N LYS F 365 49.26 -39.85 -13.02
CA LYS F 365 50.22 -40.95 -13.07
C LYS F 365 49.57 -42.27 -13.49
N GLY F 366 48.65 -42.22 -14.44
CA GLY F 366 48.01 -43.42 -14.93
C GLY F 366 46.92 -43.97 -14.02
N ASP F 367 46.14 -43.09 -13.41
CA ASP F 367 45.06 -43.50 -12.52
C ASP F 367 43.77 -42.87 -13.01
N PHE F 368 42.88 -43.70 -13.57
CA PHE F 368 41.62 -43.26 -14.14
C PHE F 368 40.50 -44.06 -13.50
N ARG F 369 39.55 -43.38 -12.87
CA ARG F 369 38.51 -44.02 -12.08
C ARG F 369 37.14 -43.46 -12.46
N ILE F 370 36.12 -44.33 -12.40
CA ILE F 370 34.75 -43.97 -12.73
C ILE F 370 33.91 -44.16 -11.48
N LEU F 371 33.11 -43.14 -11.14
CA LEU F 371 32.31 -43.14 -9.93
C LEU F 371 30.84 -42.93 -10.31
N MET F 372 30.05 -44.00 -10.22
CA MET F 372 28.61 -43.92 -10.39
C MET F 372 27.96 -45.16 -9.79
N CYS F 373 26.85 -44.96 -9.09
CA CYS F 373 26.03 -46.06 -8.58
C CYS F 373 25.10 -46.54 -9.70
N THR F 374 25.54 -47.60 -10.38
CA THR F 374 24.94 -48.01 -11.65
C THR F 374 23.75 -48.93 -11.40
N LYS F 375 22.59 -48.55 -11.94
CA LYS F 375 21.41 -49.42 -11.92
C LYS F 375 21.41 -50.28 -13.17
N VAL F 376 20.35 -51.08 -13.35
CA VAL F 376 20.20 -51.82 -14.59
C VAL F 376 19.07 -51.17 -15.37
N THR F 377 19.42 -50.17 -16.18
CA THR F 377 18.43 -49.40 -16.92
C THR F 377 19.03 -49.16 -18.30
N MET F 378 18.26 -48.51 -19.18
CA MET F 378 18.78 -48.18 -20.50
C MET F 378 19.72 -47.00 -20.44
N ASP F 379 19.38 -45.97 -19.66
CA ASP F 379 20.19 -44.77 -19.63
C ASP F 379 21.49 -44.94 -18.87
N ASP F 380 21.51 -45.80 -17.84
CA ASP F 380 22.77 -46.13 -17.19
C ASP F 380 23.65 -47.01 -18.06
N PHE F 381 23.07 -47.72 -19.03
CA PHE F 381 23.88 -48.32 -20.08
C PHE F 381 24.44 -47.24 -21.00
N LEU F 382 23.72 -46.14 -21.19
CA LEU F 382 24.20 -45.05 -22.02
C LEU F 382 25.15 -44.14 -21.28
N THR F 383 24.90 -43.88 -20.00
CA THR F 383 25.80 -43.07 -19.20
C THR F 383 27.13 -43.76 -18.98
N ALA F 384 27.13 -45.11 -18.97
CA ALA F 384 28.38 -45.84 -18.94
C ALA F 384 29.18 -45.63 -20.22
N HIS F 385 28.51 -45.47 -21.36
CA HIS F 385 29.21 -45.11 -22.58
C HIS F 385 29.61 -43.65 -22.58
N HIS F 386 28.86 -42.80 -21.87
CA HIS F 386 29.20 -41.38 -21.83
C HIS F 386 30.41 -41.13 -20.94
N GLU F 387 30.42 -41.72 -19.74
CA GLU F 387 31.51 -41.47 -18.81
C GLU F 387 32.81 -42.15 -19.23
N MET F 388 32.72 -43.28 -19.93
CA MET F 388 33.93 -43.89 -20.46
C MET F 388 34.49 -43.12 -21.65
N GLY F 389 33.69 -42.24 -22.25
CA GLY F 389 34.23 -41.35 -23.27
C GLY F 389 35.18 -40.33 -22.70
N HIS F 390 34.95 -39.88 -21.46
CA HIS F 390 35.87 -38.97 -20.81
C HIS F 390 37.16 -39.69 -20.41
N ILE F 391 37.06 -40.96 -20.02
CA ILE F 391 38.23 -41.72 -19.63
C ILE F 391 39.11 -42.01 -20.83
N GLN F 392 38.50 -42.35 -21.97
CA GLN F 392 39.25 -42.52 -23.20
C GLN F 392 39.81 -41.21 -23.73
N TYR F 393 39.22 -40.09 -23.35
CA TYR F 393 39.81 -38.79 -23.64
C TYR F 393 40.99 -38.52 -22.73
N ASP F 394 40.86 -38.86 -21.45
CA ASP F 394 41.95 -38.62 -20.50
C ASP F 394 43.09 -39.59 -20.69
N MET F 395 42.82 -40.79 -21.20
CA MET F 395 43.89 -41.76 -21.43
C MET F 395 44.71 -41.43 -22.66
N ALA F 396 44.23 -40.52 -23.50
CA ALA F 396 44.93 -40.20 -24.74
C ALA F 396 46.01 -39.16 -24.54
N TYR F 397 45.75 -38.09 -23.79
CA TYR F 397 46.74 -37.04 -23.60
C TYR F 397 47.52 -37.22 -22.30
N ALA F 398 47.73 -38.45 -21.86
CA ALA F 398 48.55 -38.69 -20.67
C ALA F 398 50.03 -38.42 -20.91
N ALA F 399 50.47 -38.38 -22.16
CA ALA F 399 51.86 -38.06 -22.48
C ALA F 399 52.11 -36.57 -22.57
N GLN F 400 51.09 -35.74 -22.47
CA GLN F 400 51.23 -34.31 -22.53
C GLN F 400 51.79 -33.77 -21.22
N PRO F 401 52.33 -32.55 -21.23
CA PRO F 401 52.65 -31.87 -19.97
C PRO F 401 51.38 -31.59 -19.15
N PHE F 402 51.60 -31.23 -17.89
CA PHE F 402 50.51 -31.21 -16.92
C PHE F 402 49.50 -30.11 -17.21
N LEU F 403 49.96 -28.92 -17.60
CA LEU F 403 49.05 -27.82 -17.85
C LEU F 403 48.30 -27.97 -19.17
N LEU F 404 48.71 -28.92 -20.03
CA LEU F 404 48.05 -29.17 -21.30
C LEU F 404 47.27 -30.46 -21.28
N ARG F 405 46.83 -30.90 -20.10
CA ARG F 405 45.98 -32.08 -19.96
C ARG F 405 44.55 -31.60 -19.75
N ASN F 406 43.88 -31.25 -20.85
CA ASN F 406 42.51 -30.78 -20.85
C ASN F 406 41.99 -30.90 -22.27
N GLY F 407 40.73 -30.53 -22.46
CA GLY F 407 40.19 -30.43 -23.79
C GLY F 407 40.76 -29.23 -24.52
N ALA F 408 40.58 -29.23 -25.85
CA ALA F 408 41.18 -28.18 -26.67
C ALA F 408 40.51 -26.83 -26.41
N ASN F 409 39.24 -26.84 -26.06
CA ASN F 409 38.60 -25.71 -25.40
C ASN F 409 37.53 -26.30 -24.48
N GLU F 410 36.61 -25.45 -24.02
CA GLU F 410 35.65 -25.90 -23.02
C GLU F 410 34.51 -26.70 -23.62
N GLY F 411 34.43 -26.80 -24.93
CA GLY F 411 33.36 -27.56 -25.56
C GLY F 411 33.73 -28.94 -26.01
N PHE F 412 35.04 -29.21 -26.18
CA PHE F 412 35.48 -30.48 -26.73
C PHE F 412 35.30 -31.63 -25.76
N HIS F 413 35.41 -31.37 -24.46
CA HIS F 413 35.35 -32.47 -23.50
C HIS F 413 34.01 -33.18 -23.43
N GLU F 414 32.95 -32.40 -23.30
CA GLU F 414 31.63 -32.99 -23.20
C GLU F 414 30.99 -33.25 -24.56
N ALA F 415 31.71 -32.99 -25.65
CA ALA F 415 31.22 -33.34 -26.97
C ALA F 415 31.70 -34.71 -27.40
N VAL F 416 32.91 -35.11 -27.00
CA VAL F 416 33.38 -36.46 -27.28
C VAL F 416 32.60 -37.46 -26.44
N GLY F 417 32.22 -37.07 -25.22
CA GLY F 417 31.46 -37.96 -24.37
C GLY F 417 30.02 -38.14 -24.78
N GLU F 418 29.51 -37.31 -25.70
CA GLU F 418 28.13 -37.45 -26.13
C GLU F 418 27.99 -38.07 -27.52
N ILE F 419 29.08 -38.22 -28.27
CA ILE F 419 29.02 -39.02 -29.49
C ILE F 419 29.25 -40.50 -29.20
N MET F 420 29.67 -40.84 -27.98
CA MET F 420 29.75 -42.25 -27.61
C MET F 420 28.39 -42.78 -27.22
N SER F 421 27.61 -42.00 -26.48
CA SER F 421 26.26 -42.41 -26.14
C SER F 421 25.29 -42.24 -27.29
N LEU F 422 25.66 -41.45 -28.30
CA LEU F 422 24.80 -41.27 -29.46
C LEU F 422 24.80 -42.50 -30.35
N SER F 423 25.98 -43.07 -30.57
CA SER F 423 26.10 -44.27 -31.39
C SER F 423 25.67 -45.53 -30.65
N ALA F 424 25.81 -45.57 -29.33
CA ALA F 424 25.48 -46.76 -28.56
C ALA F 424 23.99 -46.95 -28.35
N ALA F 425 23.18 -45.93 -28.61
CA ALA F 425 21.74 -46.03 -28.44
C ALA F 425 21.00 -46.30 -29.74
N THR F 426 21.71 -46.56 -30.82
CA THR F 426 21.07 -46.87 -32.08
C THR F 426 20.56 -48.31 -32.07
N PRO F 427 19.43 -48.58 -32.72
CA PRO F 427 18.93 -49.96 -32.77
C PRO F 427 19.79 -50.90 -33.59
N LYS F 428 20.63 -50.38 -34.49
CA LYS F 428 21.58 -51.23 -35.19
C LYS F 428 22.65 -51.74 -34.23
N HIS F 429 23.04 -50.93 -33.25
CA HIS F 429 24.02 -51.36 -32.27
C HIS F 429 23.39 -52.24 -31.20
N LEU F 430 22.14 -51.98 -30.84
CA LEU F 430 21.49 -52.74 -29.77
C LEU F 430 21.17 -54.16 -30.20
N LYS F 431 20.79 -54.35 -31.46
CA LYS F 431 20.42 -55.68 -31.92
C LYS F 431 21.61 -56.59 -32.15
N SER F 432 22.82 -56.04 -32.19
CA SER F 432 24.03 -56.83 -32.35
C SER F 432 24.83 -56.99 -31.06
N ILE F 433 24.35 -56.41 -29.95
CA ILE F 433 25.02 -56.59 -28.68
C ILE F 433 24.44 -57.73 -27.86
N GLY F 434 23.29 -58.26 -28.26
CA GLY F 434 22.65 -59.32 -27.52
C GLY F 434 21.18 -59.03 -27.23
N LEU F 435 20.88 -57.77 -26.95
CA LEU F 435 19.51 -57.33 -26.76
C LEU F 435 18.84 -57.17 -28.11
N LEU F 436 17.53 -56.87 -28.08
CA LEU F 436 16.75 -56.40 -29.23
C LEU F 436 16.77 -57.42 -30.38
N SER F 437 16.06 -58.55 -30.15
CA SER F 437 15.98 -59.79 -30.92
C SER F 437 16.03 -59.58 -32.44
N PRO F 438 16.81 -60.39 -33.18
CA PRO F 438 17.33 -59.94 -34.48
C PRO F 438 16.30 -59.77 -35.58
N ASP F 439 15.12 -60.33 -35.46
CA ASP F 439 14.05 -60.15 -36.44
C ASP F 439 13.19 -58.99 -35.96
N PHE F 440 13.74 -57.78 -36.07
CA PHE F 440 13.09 -56.58 -35.55
C PHE F 440 13.33 -55.46 -36.55
N GLN F 441 12.31 -55.16 -37.35
CA GLN F 441 12.36 -54.04 -38.29
C GLN F 441 11.79 -52.82 -37.60
N GLU F 442 12.55 -51.73 -37.59
CA GLU F 442 12.08 -50.50 -36.98
C GLU F 442 11.12 -49.79 -37.90
N ASP F 443 10.17 -49.07 -37.31
CA ASP F 443 9.16 -48.36 -38.08
C ASP F 443 9.68 -46.96 -38.42
N ASN F 444 9.12 -46.38 -39.48
CA ASN F 444 9.46 -45.00 -39.77
C ASN F 444 8.58 -44.02 -39.00
N GLU F 445 7.74 -44.51 -38.09
CA GLU F 445 7.08 -43.67 -37.11
C GLU F 445 7.75 -43.72 -35.75
N THR F 446 8.56 -44.74 -35.50
CA THR F 446 9.43 -44.77 -34.33
C THR F 446 10.61 -43.82 -34.48
N GLU F 447 11.14 -43.68 -35.70
CA GLU F 447 12.24 -42.77 -35.93
C GLU F 447 11.83 -41.30 -35.78
N ILE F 448 10.57 -40.98 -36.06
CA ILE F 448 10.10 -39.63 -35.80
C ILE F 448 9.81 -39.45 -34.32
N ASN F 449 9.42 -40.52 -33.62
CA ASN F 449 9.29 -40.46 -32.17
C ASN F 449 10.64 -40.30 -31.50
N PHE F 450 11.70 -40.79 -32.12
CA PHE F 450 13.03 -40.63 -31.57
C PHE F 450 13.61 -39.26 -31.87
N LEU F 451 13.35 -38.75 -33.08
CA LEU F 451 13.95 -37.49 -33.49
C LEU F 451 13.31 -36.30 -32.81
N LEU F 452 12.06 -36.43 -32.38
CA LEU F 452 11.43 -35.33 -31.65
C LEU F 452 11.88 -35.29 -30.20
N LYS F 453 12.13 -36.45 -29.60
CA LYS F 453 12.66 -36.47 -28.24
C LYS F 453 14.09 -35.95 -28.20
N GLN F 454 14.83 -36.08 -29.30
CA GLN F 454 16.15 -35.46 -29.37
C GLN F 454 16.03 -33.97 -29.57
N ALA F 455 15.12 -33.52 -30.44
CA ALA F 455 15.02 -32.11 -30.76
C ALA F 455 14.41 -31.29 -29.64
N LEU F 456 13.72 -31.92 -28.70
CA LEU F 456 13.21 -31.17 -27.55
C LEU F 456 14.32 -30.83 -26.57
N THR F 457 15.41 -31.58 -26.60
CA THR F 457 16.56 -31.32 -25.74
C THR F 457 17.69 -30.63 -26.48
N ILE F 458 17.97 -31.03 -27.71
CA ILE F 458 19.09 -30.48 -28.47
C ILE F 458 18.72 -29.12 -29.05
N VAL F 459 17.70 -29.09 -29.90
CA VAL F 459 17.34 -27.85 -30.58
C VAL F 459 16.60 -26.91 -29.64
N GLY F 460 15.88 -27.44 -28.66
CA GLY F 460 15.10 -26.60 -27.77
C GLY F 460 15.93 -25.78 -26.80
N THR F 461 17.19 -26.11 -26.62
CA THR F 461 18.06 -25.39 -25.70
C THR F 461 18.97 -24.39 -26.39
N LEU F 462 19.05 -24.40 -27.72
CA LEU F 462 19.97 -23.52 -28.41
C LEU F 462 19.52 -22.05 -28.49
N PRO F 463 18.24 -21.71 -28.65
CA PRO F 463 17.89 -20.29 -28.48
C PRO F 463 17.93 -19.82 -27.04
N PHE F 464 17.79 -20.71 -26.07
CA PHE F 464 17.93 -20.30 -24.68
C PHE F 464 19.39 -20.05 -24.34
N THR F 465 20.28 -20.92 -24.80
CA THR F 465 21.71 -20.76 -24.54
C THR F 465 22.27 -19.55 -25.25
N TYR F 466 21.77 -19.25 -26.45
CA TYR F 466 22.27 -18.10 -27.19
C TYR F 466 21.80 -16.80 -26.57
N MET F 467 20.55 -16.74 -26.14
CA MET F 467 20.00 -15.49 -25.60
C MET F 467 20.61 -15.16 -24.25
N LEU F 468 20.93 -16.18 -23.45
CA LEU F 468 21.42 -15.91 -22.10
C LEU F 468 22.84 -15.38 -22.13
N GLU F 469 23.70 -15.94 -22.97
CA GLU F 469 25.04 -15.40 -23.08
C GLU F 469 25.05 -14.08 -23.82
N LYS F 470 24.12 -13.87 -24.75
CA LYS F 470 24.05 -12.57 -25.41
C LYS F 470 23.55 -11.50 -24.47
N TRP F 471 22.73 -11.88 -23.48
CA TRP F 471 22.32 -10.91 -22.48
C TRP F 471 23.45 -10.59 -21.54
N ARG F 472 24.23 -11.61 -21.15
CA ARG F 472 25.30 -11.38 -20.19
C ARG F 472 26.48 -10.65 -20.81
N TRP F 473 26.74 -10.88 -22.10
CA TRP F 473 27.82 -10.17 -22.78
C TRP F 473 27.51 -8.68 -22.92
N MET F 474 26.24 -8.34 -23.08
CA MET F 474 25.85 -6.94 -23.22
C MET F 474 25.73 -6.24 -21.88
N VAL F 475 25.45 -6.97 -20.80
CA VAL F 475 25.42 -6.38 -19.47
C VAL F 475 26.83 -6.06 -19.00
N PHE F 476 27.78 -6.96 -19.28
CA PHE F 476 29.13 -6.79 -18.77
C PHE F 476 29.87 -5.66 -19.46
N LYS F 477 29.62 -5.42 -20.74
CA LYS F 477 30.28 -4.35 -21.46
C LYS F 477 29.50 -3.04 -21.44
N GLY F 478 28.38 -2.99 -20.71
CA GLY F 478 27.66 -1.75 -20.54
C GLY F 478 26.75 -1.37 -21.68
N GLU F 479 26.45 -2.28 -22.60
CA GLU F 479 25.50 -1.96 -23.66
C GLU F 479 24.07 -1.95 -23.15
N ILE F 480 23.81 -2.54 -21.99
CA ILE F 480 22.52 -2.51 -21.34
C ILE F 480 22.69 -1.78 -20.01
N PRO F 481 22.07 -0.61 -19.82
CA PRO F 481 22.21 0.10 -18.56
C PRO F 481 21.46 -0.60 -17.43
N LYS F 482 21.77 -0.19 -16.20
CA LYS F 482 21.28 -0.89 -15.03
C LYS F 482 19.80 -0.69 -14.78
N ASP F 483 19.17 0.29 -15.41
CA ASP F 483 17.74 0.49 -15.32
C ASP F 483 16.97 -0.19 -16.43
N GLN F 484 17.65 -0.95 -17.28
CA GLN F 484 17.01 -1.66 -18.38
C GLN F 484 17.44 -3.12 -18.44
N TRP F 485 17.79 -3.72 -17.30
CA TRP F 485 18.19 -5.12 -17.28
C TRP F 485 17.00 -6.03 -17.56
N MET F 486 15.90 -5.82 -16.84
CA MET F 486 14.74 -6.67 -16.99
C MET F 486 13.84 -6.23 -18.14
N LYS F 487 14.05 -5.04 -18.68
CA LYS F 487 13.35 -4.68 -19.91
C LYS F 487 13.98 -5.38 -21.09
N LYS F 488 15.32 -5.46 -21.11
CA LYS F 488 16.01 -6.11 -22.22
C LYS F 488 15.99 -7.62 -22.09
N TRP F 489 15.71 -8.16 -20.91
CA TRP F 489 15.66 -9.61 -20.78
C TRP F 489 14.42 -10.18 -21.44
N TRP F 490 13.27 -9.57 -21.21
CA TRP F 490 12.04 -10.04 -21.81
C TRP F 490 11.81 -9.49 -23.21
N GLU F 491 12.55 -8.45 -23.62
CA GLU F 491 12.53 -8.09 -25.02
C GLU F 491 13.29 -9.10 -25.86
N MET F 492 14.37 -9.65 -25.33
CA MET F 492 15.13 -10.66 -26.05
C MET F 492 14.49 -12.04 -25.99
N LYS F 493 13.61 -12.28 -25.02
CA LYS F 493 12.96 -13.58 -24.95
C LYS F 493 11.79 -13.67 -25.91
N ARG F 494 11.10 -12.55 -26.16
CA ARG F 494 10.03 -12.56 -27.13
C ARG F 494 10.57 -12.63 -28.55
N GLU F 495 11.74 -12.06 -28.79
CA GLU F 495 12.29 -11.96 -30.13
C GLU F 495 13.13 -13.16 -30.52
N ILE F 496 14.06 -13.56 -29.66
CA ILE F 496 14.96 -14.67 -30.00
C ILE F 496 14.36 -16.00 -29.61
N VAL F 497 13.96 -16.16 -28.36
CA VAL F 497 13.46 -17.45 -27.89
C VAL F 497 12.01 -17.68 -28.30
N GLY F 498 11.20 -16.63 -28.33
CA GLY F 498 9.80 -16.80 -28.62
C GLY F 498 8.98 -17.18 -27.42
N VAL F 499 9.30 -16.60 -26.27
CA VAL F 499 8.72 -16.98 -24.99
C VAL F 499 8.31 -15.71 -24.26
N VAL F 500 7.06 -15.64 -23.83
CA VAL F 500 6.50 -14.44 -23.22
C VAL F 500 6.34 -14.68 -21.73
N GLU F 501 6.49 -13.61 -20.94
CA GLU F 501 6.29 -13.73 -19.50
C GLU F 501 4.80 -13.74 -19.19
N PRO F 502 4.37 -14.42 -18.15
CA PRO F 502 2.95 -14.39 -17.80
C PRO F 502 2.60 -13.26 -16.85
N VAL F 503 3.60 -12.71 -16.18
CA VAL F 503 3.43 -11.59 -15.24
C VAL F 503 4.53 -10.57 -15.49
N PRO F 504 4.14 -9.30 -15.66
CA PRO F 504 5.14 -8.27 -15.96
C PRO F 504 6.11 -8.02 -14.82
N HIS F 505 7.38 -7.96 -15.16
CA HIS F 505 8.47 -7.91 -14.20
C HIS F 505 9.24 -6.61 -14.38
N ASP F 506 9.27 -5.79 -13.34
CA ASP F 506 9.96 -4.51 -13.38
C ASP F 506 11.41 -4.70 -12.96
N GLU F 507 12.10 -3.59 -12.69
CA GLU F 507 13.53 -3.62 -12.39
C GLU F 507 13.85 -3.96 -10.95
N THR F 508 12.92 -4.53 -10.20
CA THR F 508 13.23 -5.06 -8.88
C THR F 508 13.56 -6.55 -8.92
N TYR F 509 13.34 -7.20 -10.05
CA TYR F 509 13.59 -8.62 -10.23
C TYR F 509 14.96 -8.84 -10.87
N CYS F 510 15.47 -10.05 -10.75
CA CYS F 510 16.71 -10.46 -11.42
C CYS F 510 16.53 -11.87 -11.97
N ASP F 511 15.47 -12.07 -12.74
CA ASP F 511 15.12 -13.37 -13.35
C ASP F 511 16.23 -14.13 -14.06
N PRO F 512 17.25 -13.52 -14.68
CA PRO F 512 18.39 -14.34 -15.11
C PRO F 512 19.18 -14.94 -13.96
N ALA F 513 19.28 -14.26 -12.82
CA ALA F 513 20.06 -14.79 -11.71
C ALA F 513 19.36 -15.90 -10.95
N SER F 514 18.11 -16.21 -11.29
CA SER F 514 17.44 -17.36 -10.70
C SER F 514 17.83 -18.67 -11.35
N LEU F 515 18.72 -18.64 -12.34
CA LEU F 515 19.30 -19.85 -12.90
C LEU F 515 20.63 -20.13 -12.20
N PHE F 516 21.00 -21.41 -12.16
CA PHE F 516 22.16 -21.85 -11.39
C PHE F 516 23.46 -21.30 -11.97
N HIS F 517 23.58 -21.29 -13.29
CA HIS F 517 24.83 -20.89 -13.91
C HIS F 517 25.08 -19.39 -13.85
N VAL F 518 24.04 -18.60 -13.63
CA VAL F 518 24.22 -17.16 -13.58
C VAL F 518 24.63 -16.72 -12.18
N SER F 519 23.97 -17.24 -11.16
CA SER F 519 24.26 -16.85 -9.79
C SER F 519 25.45 -17.57 -9.20
N ASN F 520 25.98 -18.59 -9.86
CA ASN F 520 27.16 -19.30 -9.37
C ASN F 520 28.37 -19.10 -10.26
N ASP F 521 28.33 -18.09 -11.15
CA ASP F 521 29.48 -17.61 -11.92
C ASP F 521 30.04 -18.69 -12.85
N TYR F 522 29.22 -19.13 -13.79
CA TYR F 522 29.64 -20.13 -14.75
C TYR F 522 29.43 -19.60 -16.16
N SER F 523 30.37 -19.95 -17.05
CA SER F 523 30.22 -19.61 -18.45
C SER F 523 29.18 -20.49 -19.09
N PHE F 524 28.30 -19.89 -19.88
CA PHE F 524 27.18 -20.60 -20.47
C PHE F 524 27.32 -20.82 -21.96
N ILE F 525 28.34 -20.26 -22.61
CA ILE F 525 28.51 -20.48 -24.04
C ILE F 525 29.08 -21.85 -24.34
N ARG F 526 29.57 -22.56 -23.32
CA ARG F 526 30.11 -23.89 -23.52
C ARG F 526 29.05 -24.93 -23.84
N TYR F 527 27.77 -24.60 -23.67
CA TYR F 527 26.69 -25.49 -24.05
C TYR F 527 26.20 -25.25 -25.47
N TYR F 528 26.46 -24.08 -26.03
CA TYR F 528 26.13 -23.84 -27.43
C TYR F 528 27.14 -24.52 -28.34
N THR F 529 28.43 -24.29 -28.08
CA THR F 529 29.46 -24.83 -28.94
C THR F 529 29.64 -26.34 -28.78
N ARG F 530 29.28 -26.88 -27.61
CA ARG F 530 29.31 -28.33 -27.44
C ARG F 530 28.25 -29.00 -28.31
N THR F 531 27.13 -28.34 -28.53
CA THR F 531 26.09 -28.90 -29.37
C THR F 531 26.51 -28.90 -30.84
N LEU F 532 27.28 -27.90 -31.25
CA LEU F 532 27.66 -27.82 -32.66
C LEU F 532 28.84 -28.73 -32.97
N TYR F 533 29.77 -28.91 -32.02
CA TYR F 533 30.87 -29.83 -32.24
C TYR F 533 30.42 -31.28 -32.20
N GLN F 534 29.31 -31.54 -31.50
CA GLN F 534 28.87 -32.91 -31.29
C GLN F 534 28.39 -33.55 -32.58
N PHE F 535 27.66 -32.80 -33.41
CA PHE F 535 27.21 -33.33 -34.68
C PHE F 535 28.23 -33.13 -35.79
N GLN F 536 29.17 -32.21 -35.62
CA GLN F 536 30.29 -32.14 -36.55
C GLN F 536 31.21 -33.34 -36.38
N PHE F 537 31.37 -33.80 -35.14
CA PHE F 537 32.18 -34.99 -34.91
C PHE F 537 31.46 -36.24 -35.40
N GLN F 538 30.13 -36.26 -35.30
CA GLN F 538 29.39 -37.44 -35.71
C GLN F 538 29.36 -37.59 -37.22
N GLU F 539 29.14 -36.50 -37.94
CA GLU F 539 29.12 -36.57 -39.39
C GLU F 539 30.50 -36.88 -39.95
N ALA F 540 31.56 -36.41 -39.30
CA ALA F 540 32.91 -36.67 -39.80
C ALA F 540 33.33 -38.10 -39.50
N LEU F 541 32.73 -38.73 -38.50
CA LEU F 541 33.08 -40.12 -38.19
C LEU F 541 32.24 -41.12 -38.98
N CYS F 542 31.01 -40.77 -39.34
CA CYS F 542 30.18 -41.68 -40.12
C CYS F 542 30.60 -41.75 -41.57
N GLN F 543 31.23 -40.70 -42.11
CA GLN F 543 31.81 -40.79 -43.44
C GLN F 543 33.04 -41.68 -43.46
N ALA F 544 33.80 -41.70 -42.36
CA ALA F 544 34.95 -42.57 -42.28
C ALA F 544 34.55 -44.03 -42.12
N ALA F 545 33.43 -44.28 -41.46
CA ALA F 545 32.94 -45.64 -41.25
C ALA F 545 32.08 -46.13 -42.41
N LYS F 546 31.99 -45.36 -43.50
CA LYS F 546 31.24 -45.70 -44.71
C LYS F 546 29.77 -45.96 -44.41
N HIS F 547 29.12 -44.95 -43.85
CA HIS F 547 27.70 -45.04 -43.55
C HIS F 547 26.88 -44.61 -44.75
N GLU F 548 25.76 -45.28 -44.95
CA GLU F 548 24.95 -45.13 -46.16
C GLU F 548 23.64 -44.40 -45.93
N GLY F 549 22.91 -44.74 -44.88
CA GLY F 549 21.59 -44.19 -44.67
C GLY F 549 21.60 -42.79 -44.10
N PRO F 550 20.58 -42.45 -43.31
CA PRO F 550 20.57 -41.15 -42.64
C PRO F 550 21.59 -41.09 -41.52
N LEU F 551 21.80 -39.88 -41.00
CA LEU F 551 22.84 -39.67 -40.01
C LEU F 551 22.42 -40.21 -38.63
N HIS F 552 21.14 -40.17 -38.32
CA HIS F 552 20.71 -40.53 -36.98
C HIS F 552 20.63 -42.03 -36.74
N LYS F 553 20.93 -42.85 -37.74
CA LYS F 553 21.01 -44.30 -37.58
C LYS F 553 22.42 -44.82 -37.72
N CYS F 554 23.42 -44.01 -37.37
CA CYS F 554 24.80 -44.36 -37.68
C CYS F 554 25.49 -45.01 -36.48
N ASP F 555 26.41 -45.91 -36.80
CA ASP F 555 27.26 -46.56 -35.80
C ASP F 555 28.70 -46.41 -36.24
N ILE F 556 29.59 -46.12 -35.30
CA ILE F 556 31.01 -46.04 -35.57
C ILE F 556 31.75 -47.28 -35.11
N SER F 557 31.06 -48.23 -34.48
CA SER F 557 31.68 -49.45 -34.00
C SER F 557 32.08 -50.33 -35.19
N ASN F 558 33.06 -51.20 -34.91
CA ASN F 558 33.72 -52.05 -35.92
C ASN F 558 34.30 -51.24 -37.07
N SER F 559 34.88 -50.09 -36.77
CA SER F 559 35.47 -49.24 -37.79
C SER F 559 36.74 -48.62 -37.21
N THR F 560 37.88 -49.21 -37.52
CA THR F 560 39.16 -48.73 -37.00
C THR F 560 39.55 -47.40 -37.64
N GLU F 561 39.22 -47.20 -38.91
CA GLU F 561 39.57 -45.97 -39.60
C GLU F 561 38.74 -44.77 -39.14
N ALA F 562 37.69 -44.98 -38.37
CA ALA F 562 37.01 -43.86 -37.72
C ALA F 562 37.60 -43.57 -36.36
N GLY F 563 38.05 -44.59 -35.63
CA GLY F 563 38.77 -44.34 -34.40
C GLY F 563 40.14 -43.74 -34.59
N GLN F 564 40.73 -43.91 -35.76
CA GLN F 564 41.98 -43.23 -36.08
C GLN F 564 41.80 -41.74 -36.28
N LYS F 565 40.67 -41.33 -36.88
CA LYS F 565 40.41 -39.91 -37.04
C LYS F 565 40.05 -39.26 -35.71
N LEU F 566 39.57 -40.04 -34.75
CA LEU F 566 39.23 -39.48 -33.46
C LEU F 566 40.45 -39.40 -32.54
N PHE F 567 41.29 -40.44 -32.57
CA PHE F 567 42.46 -40.49 -31.70
C PHE F 567 43.50 -39.45 -32.06
N ASN F 568 43.56 -39.04 -33.33
CA ASN F 568 44.50 -38.00 -33.74
C ASN F 568 44.15 -36.62 -33.17
N MET F 569 42.91 -36.42 -32.76
CA MET F 569 42.53 -35.22 -32.02
C MET F 569 42.57 -35.45 -30.51
N LEU F 570 42.33 -36.68 -30.08
CA LEU F 570 42.28 -37.01 -28.67
C LEU F 570 43.64 -36.85 -28.00
N ARG F 571 44.71 -37.24 -28.69
CA ARG F 571 46.04 -37.23 -28.10
C ARG F 571 46.68 -35.85 -28.05
N LEU F 572 46.02 -34.81 -28.55
CA LEU F 572 46.63 -33.50 -28.60
C LEU F 572 46.53 -32.79 -27.25
N GLY F 573 45.35 -32.82 -26.63
CA GLY F 573 45.13 -32.01 -25.45
C GLY F 573 45.01 -30.56 -25.85
N LYS F 574 45.73 -29.67 -25.19
CA LYS F 574 45.83 -28.28 -25.61
C LYS F 574 47.18 -27.95 -26.22
N SER F 575 47.90 -28.95 -26.71
CA SER F 575 49.20 -28.70 -27.31
C SER F 575 49.06 -27.99 -28.65
N GLU F 576 47.95 -28.19 -29.34
CA GLU F 576 47.63 -27.53 -30.59
C GLU F 576 46.37 -26.69 -30.37
N PRO F 577 46.14 -25.65 -31.17
CA PRO F 577 44.90 -24.88 -31.03
C PRO F 577 43.68 -25.69 -31.43
N TRP F 578 42.52 -25.25 -30.93
CA TRP F 578 41.29 -25.99 -31.19
C TRP F 578 40.84 -25.86 -32.64
N THR F 579 41.27 -24.81 -33.35
CA THR F 579 40.97 -24.72 -34.77
C THR F 579 41.79 -25.73 -35.56
N LEU F 580 42.98 -26.08 -35.07
CA LEU F 580 43.75 -27.15 -35.68
C LEU F 580 43.28 -28.52 -35.22
N ALA F 581 42.71 -28.62 -34.02
CA ALA F 581 42.15 -29.88 -33.57
C ALA F 581 40.87 -30.23 -34.31
N LEU F 582 40.12 -29.23 -34.79
CA LEU F 582 38.93 -29.53 -35.59
C LEU F 582 39.31 -30.07 -36.96
N GLU F 583 40.40 -29.57 -37.54
CA GLU F 583 40.79 -30.01 -38.87
C GLU F 583 41.37 -31.43 -38.86
N ASN F 584 41.76 -31.93 -37.68
CA ASN F 584 42.16 -33.32 -37.58
C ASN F 584 40.97 -34.27 -37.57
N VAL F 585 39.74 -33.77 -37.49
CA VAL F 585 38.56 -34.62 -37.54
C VAL F 585 37.67 -34.24 -38.71
N VAL F 586 37.18 -33.00 -38.71
CA VAL F 586 36.14 -32.63 -39.67
C VAL F 586 36.67 -31.98 -40.94
N GLY F 587 37.95 -31.63 -40.98
CA GLY F 587 38.49 -30.98 -42.16
C GLY F 587 38.13 -29.53 -42.32
N ALA F 588 37.76 -28.85 -41.22
CA ALA F 588 37.44 -27.44 -41.26
C ALA F 588 38.15 -26.74 -40.11
N LYS F 589 38.01 -25.42 -40.05
CA LYS F 589 38.68 -24.63 -39.02
C LYS F 589 37.73 -23.88 -38.11
N ASN F 590 36.48 -23.68 -38.51
CA ASN F 590 35.48 -23.03 -37.68
C ASN F 590 34.37 -24.01 -37.36
N MET F 591 33.46 -23.61 -36.50
CA MET F 591 32.33 -24.48 -36.18
C MET F 591 31.23 -24.31 -37.21
N ASN F 592 30.62 -25.42 -37.60
CA ASN F 592 29.66 -25.46 -38.67
C ASN F 592 28.34 -25.99 -38.13
N VAL F 593 27.24 -25.54 -38.75
CA VAL F 593 25.91 -25.92 -38.29
C VAL F 593 25.19 -26.80 -39.31
N ARG F 594 25.74 -26.95 -40.52
CA ARG F 594 25.18 -27.90 -41.46
C ARG F 594 25.20 -29.37 -41.04
N PRO F 595 26.15 -29.87 -40.25
CA PRO F 595 25.96 -31.23 -39.71
C PRO F 595 24.82 -31.35 -38.71
N LEU F 596 24.41 -30.26 -38.06
CA LEU F 596 23.28 -30.36 -37.14
C LEU F 596 21.97 -30.48 -37.90
N LEU F 597 21.85 -29.76 -39.02
CA LEU F 597 20.61 -29.80 -39.78
C LEU F 597 20.48 -31.06 -40.62
N ASN F 598 21.58 -31.74 -40.91
CA ASN F 598 21.50 -33.05 -41.54
C ASN F 598 21.04 -34.12 -40.57
N TYR F 599 21.25 -33.92 -39.27
CA TYR F 599 20.76 -34.88 -38.30
C TYR F 599 19.24 -34.81 -38.19
N PHE F 600 18.68 -33.62 -38.10
CA PHE F 600 17.25 -33.44 -37.98
C PHE F 600 16.58 -33.18 -39.32
N GLU F 601 17.15 -33.74 -40.39
CA GLU F 601 16.51 -33.63 -41.70
C GLU F 601 15.27 -34.51 -41.88
N PRO F 602 15.19 -35.75 -41.39
CA PRO F 602 13.89 -36.46 -41.45
C PRO F 602 12.82 -35.84 -40.57
N LEU F 603 13.18 -35.08 -39.55
CA LEU F 603 12.18 -34.38 -38.75
C LEU F 603 11.75 -33.08 -39.41
N PHE F 604 12.67 -32.39 -40.08
CA PHE F 604 12.35 -31.08 -40.65
C PHE F 604 11.41 -31.20 -41.84
N THR F 605 11.53 -32.27 -42.63
CA THR F 605 10.57 -32.46 -43.71
C THR F 605 9.23 -32.92 -43.17
N TRP F 606 9.22 -33.61 -42.05
CA TRP F 606 7.97 -34.03 -41.43
C TRP F 606 7.27 -32.87 -40.75
N LEU F 607 8.02 -31.90 -40.21
CA LEU F 607 7.39 -30.77 -39.54
C LEU F 607 6.79 -29.80 -40.55
N LYS F 608 7.35 -29.71 -41.75
CA LYS F 608 6.79 -28.85 -42.77
C LYS F 608 5.50 -29.40 -43.35
N ASP F 609 5.24 -30.69 -43.19
CA ASP F 609 3.94 -31.26 -43.54
C ASP F 609 2.92 -31.07 -42.43
N GLN F 610 3.35 -31.05 -41.18
CA GLN F 610 2.43 -30.85 -40.08
C GLN F 610 2.06 -29.40 -39.86
N ASN F 611 2.83 -28.47 -40.42
CA ASN F 611 2.55 -27.05 -40.31
C ASN F 611 2.10 -26.47 -41.65
N LYS F 612 1.30 -27.23 -42.38
CA LYS F 612 0.74 -26.73 -43.63
C LYS F 612 -0.33 -25.68 -43.35
N ASN F 613 -1.21 -25.96 -42.38
CA ASN F 613 -2.28 -25.06 -42.03
C ASN F 613 -1.92 -24.11 -40.90
N SER F 614 -1.01 -24.51 -40.02
CA SER F 614 -0.68 -23.69 -38.86
C SER F 614 0.22 -22.53 -39.26
N PHE F 615 0.46 -21.65 -38.29
CA PHE F 615 1.25 -20.45 -38.52
C PHE F 615 2.65 -20.63 -37.95
N VAL F 616 3.65 -20.52 -38.81
CA VAL F 616 5.05 -20.68 -38.42
C VAL F 616 5.61 -19.31 -38.12
N GLY F 617 6.06 -19.12 -36.88
CA GLY F 617 6.50 -17.83 -36.39
C GLY F 617 5.69 -17.38 -35.20
N TRP F 618 6.14 -16.26 -34.63
CA TRP F 618 5.46 -15.69 -33.48
C TRP F 618 5.49 -14.18 -33.57
N SER F 619 4.50 -13.56 -32.95
CA SER F 619 4.42 -12.11 -32.85
C SER F 619 4.73 -11.69 -31.43
N THR F 620 5.55 -10.65 -31.29
CA THR F 620 6.05 -10.21 -30.00
C THR F 620 5.14 -9.17 -29.34
N ASP F 621 3.85 -9.19 -29.67
CA ASP F 621 2.90 -8.24 -29.11
C ASP F 621 1.86 -8.88 -28.22
N TRP F 622 1.47 -10.13 -28.49
CA TRP F 622 0.51 -10.82 -27.64
C TRP F 622 1.13 -11.13 -26.29
N SER F 623 0.30 -11.09 -25.26
CA SER F 623 0.74 -11.30 -23.90
C SER F 623 -0.38 -11.98 -23.14
N PRO F 624 -0.07 -12.84 -22.16
CA PRO F 624 -1.13 -13.55 -21.43
C PRO F 624 -1.99 -12.65 -20.57
N TYR F 625 -1.55 -11.44 -20.25
CA TYR F 625 -2.31 -10.50 -19.45
C TYR F 625 -2.85 -9.35 -20.30
N ALA F 626 -2.83 -9.48 -21.62
CA ALA F 626 -3.08 -8.32 -22.48
C ALA F 626 -4.56 -8.06 -22.72
N ASP F 627 -5.39 -9.08 -22.70
CA ASP F 627 -6.82 -8.91 -22.93
C ASP F 627 -7.59 -8.48 -21.69
N GLN F 628 -6.93 -8.39 -20.54
CA GLN F 628 -7.55 -7.89 -19.31
C GLN F 628 -6.89 -6.62 -18.83
N SER F 629 -6.11 -5.94 -19.67
CA SER F 629 -5.39 -4.75 -19.28
C SER F 629 -6.21 -3.50 -19.59
N ILE F 630 -5.93 -2.44 -18.83
CA ILE F 630 -6.56 -1.13 -19.03
C ILE F 630 -5.45 -0.11 -19.22
N LYS F 631 -5.45 0.58 -20.35
CA LYS F 631 -4.41 1.54 -20.63
C LYS F 631 -4.76 2.90 -20.03
N VAL F 632 -3.81 3.47 -19.30
CA VAL F 632 -3.98 4.75 -18.63
C VAL F 632 -3.07 5.75 -19.32
N ARG F 633 -3.60 6.92 -19.66
CA ARG F 633 -2.82 7.96 -20.33
C ARG F 633 -2.96 9.25 -19.55
N ILE F 634 -1.84 9.82 -19.12
CA ILE F 634 -1.81 10.97 -18.22
C ILE F 634 -1.10 12.12 -18.89
N SER F 635 -1.76 13.27 -18.97
CA SER F 635 -1.20 14.48 -19.56
C SER F 635 -1.09 15.52 -18.45
N LEU F 636 0.11 15.63 -17.87
CA LEU F 636 0.27 16.48 -16.69
C LEU F 636 0.35 17.96 -17.05
N LYS F 637 1.04 18.30 -18.13
CA LYS F 637 1.27 19.71 -18.43
C LYS F 637 0.12 20.37 -19.19
N SER F 638 -1.02 19.70 -19.32
CA SER F 638 -2.22 20.34 -19.83
C SER F 638 -3.24 20.65 -18.75
N ALA F 639 -3.33 19.79 -17.73
CA ALA F 639 -4.23 20.08 -16.62
C ALA F 639 -3.65 21.10 -15.66
N LEU F 640 -2.32 21.17 -15.58
CA LEU F 640 -1.64 22.11 -14.71
C LEU F 640 -0.79 23.11 -15.48
N GLY F 641 0.03 22.65 -16.41
CA GLY F 641 0.92 23.53 -17.12
C GLY F 641 2.11 23.91 -16.25
N ASP F 642 2.11 25.13 -15.74
CA ASP F 642 2.99 25.45 -14.64
C ASP F 642 2.38 24.91 -13.35
N LYS F 643 3.17 24.93 -12.27
CA LYS F 643 2.87 24.27 -11.00
C LYS F 643 2.52 22.79 -11.19
N ALA F 644 3.22 22.13 -12.11
CA ALA F 644 3.00 20.72 -12.41
C ALA F 644 4.14 19.90 -11.83
N TYR F 645 3.78 18.88 -11.06
CA TYR F 645 4.76 18.07 -10.38
C TYR F 645 5.41 17.09 -11.34
N GLU F 646 6.52 16.50 -10.90
CA GLU F 646 7.25 15.52 -11.68
C GLU F 646 6.70 14.13 -11.36
N TRP F 647 6.63 13.27 -12.36
CA TRP F 647 6.07 11.94 -12.21
C TRP F 647 7.22 10.94 -12.03
N ASN F 648 7.62 10.74 -10.78
CA ASN F 648 8.63 9.76 -10.43
C ASN F 648 7.97 8.46 -9.97
N ASP F 649 8.77 7.55 -9.42
CA ASP F 649 8.28 6.27 -8.95
C ASP F 649 7.39 6.37 -7.72
N ASN F 650 7.46 7.47 -6.98
CA ASN F 650 6.56 7.65 -5.84
C ASN F 650 5.14 7.98 -6.29
N GLU F 651 4.99 8.64 -7.44
CA GLU F 651 3.66 8.90 -7.95
C GLU F 651 3.02 7.64 -8.50
N MET F 652 3.83 6.71 -9.01
CA MET F 652 3.29 5.42 -9.43
C MET F 652 2.89 4.56 -8.25
N TYR F 653 3.48 4.81 -7.07
CA TYR F 653 3.03 4.13 -5.87
C TYR F 653 1.66 4.63 -5.45
N LEU F 654 1.43 5.94 -5.56
CA LEU F 654 0.15 6.51 -5.18
C LEU F 654 -0.95 6.10 -6.15
N PHE F 655 -0.60 5.88 -7.42
CA PHE F 655 -1.60 5.42 -8.37
C PHE F 655 -2.00 3.98 -8.09
N ARG F 656 -1.04 3.14 -7.72
CA ARG F 656 -1.36 1.74 -7.45
C ARG F 656 -2.14 1.59 -6.15
N SER F 657 -1.97 2.51 -5.20
CA SER F 657 -2.77 2.48 -3.99
C SER F 657 -4.14 3.10 -4.20
N SER F 658 -4.30 3.95 -5.20
CA SER F 658 -5.61 4.51 -5.49
C SER F 658 -6.49 3.52 -6.24
N VAL F 659 -5.89 2.74 -7.14
CA VAL F 659 -6.63 1.68 -7.81
C VAL F 659 -6.99 0.58 -6.82
N ALA F 660 -6.07 0.26 -5.90
CA ALA F 660 -6.36 -0.73 -4.87
C ALA F 660 -7.41 -0.23 -3.89
N TYR F 661 -7.50 1.08 -3.70
CA TYR F 661 -8.61 1.64 -2.92
C TYR F 661 -9.92 1.51 -3.68
N ALA F 662 -9.88 1.70 -5.01
CA ALA F 662 -11.09 1.65 -5.81
C ALA F 662 -11.64 0.24 -5.92
N MET F 663 -10.77 -0.77 -5.92
CA MET F 663 -11.25 -2.15 -5.95
C MET F 663 -11.80 -2.57 -4.60
N ARG F 664 -11.28 -2.01 -3.51
CA ARG F 664 -11.78 -2.35 -2.19
C ARG F 664 -13.19 -1.81 -1.97
N GLN F 665 -13.49 -0.64 -2.49
CA GLN F 665 -14.81 -0.06 -2.30
C GLN F 665 -15.86 -0.71 -3.18
N TYR F 666 -15.48 -1.18 -4.36
CA TYR F 666 -16.45 -1.79 -5.26
C TYR F 666 -16.87 -3.16 -4.76
N PHE F 667 -15.94 -3.91 -4.19
CA PHE F 667 -16.30 -5.24 -3.69
C PHE F 667 -17.06 -5.17 -2.38
N LEU F 668 -17.02 -4.04 -1.68
CA LEU F 668 -17.76 -3.88 -0.44
C LEU F 668 -19.17 -3.34 -0.67
N LYS F 669 -19.32 -2.39 -1.58
CA LYS F 669 -20.59 -1.71 -1.77
C LYS F 669 -21.47 -2.33 -2.85
N VAL F 670 -20.94 -3.26 -3.64
CA VAL F 670 -21.72 -3.94 -4.67
C VAL F 670 -21.86 -5.42 -4.37
N LYS F 671 -20.76 -6.08 -4.00
CA LYS F 671 -20.77 -7.53 -3.82
C LYS F 671 -20.71 -7.97 -2.37
N ASN F 672 -20.59 -7.04 -1.43
CA ASN F 672 -20.59 -7.29 0.02
C ASN F 672 -19.47 -8.25 0.45
N GLN F 673 -18.35 -8.23 -0.25
CA GLN F 673 -17.18 -9.00 0.14
C GLN F 673 -16.10 -8.06 0.64
N MET F 674 -15.27 -8.56 1.54
CA MET F 674 -14.14 -7.80 2.08
C MET F 674 -12.87 -8.46 1.57
N ILE F 675 -12.33 -7.90 0.49
CA ILE F 675 -11.13 -8.43 -0.15
C ILE F 675 -10.05 -7.37 -0.03
N LEU F 676 -8.94 -7.72 0.63
CA LEU F 676 -7.91 -6.75 0.96
C LEU F 676 -6.92 -6.65 -0.20
N PHE F 677 -7.30 -5.87 -1.21
CA PHE F 677 -6.38 -5.55 -2.28
C PHE F 677 -5.28 -4.63 -1.77
N GLY F 678 -4.04 -4.90 -2.17
CA GLY F 678 -2.91 -4.07 -1.86
C GLY F 678 -2.36 -3.44 -3.13
N GLU F 679 -1.30 -2.65 -2.94
CA GLU F 679 -0.67 -2.02 -4.09
C GLU F 679 0.21 -2.98 -4.86
N GLU F 680 0.51 -4.15 -4.31
CA GLU F 680 1.26 -5.16 -5.04
C GLU F 680 0.38 -6.01 -5.94
N ASP F 681 -0.94 -5.87 -5.86
CA ASP F 681 -1.85 -6.59 -6.72
C ASP F 681 -2.16 -5.83 -8.00
N VAL F 682 -1.67 -4.61 -8.13
CA VAL F 682 -1.84 -3.80 -9.33
C VAL F 682 -0.55 -3.90 -10.12
N ARG F 683 -0.60 -4.61 -11.24
CA ARG F 683 0.60 -4.92 -12.02
C ARG F 683 0.70 -3.97 -13.21
N VAL F 684 1.73 -3.15 -13.22
CA VAL F 684 1.91 -2.09 -14.21
C VAL F 684 2.94 -2.53 -15.23
N ALA F 685 2.58 -2.44 -16.52
CA ALA F 685 3.49 -2.76 -17.61
C ALA F 685 3.53 -1.61 -18.61
N ASN F 686 4.61 -1.57 -19.39
CA ASN F 686 4.78 -0.70 -20.55
C ASN F 686 4.77 0.79 -20.19
N LEU F 687 5.60 1.16 -19.22
CA LEU F 687 5.67 2.55 -18.80
C LEU F 687 6.40 3.39 -19.84
N LYS F 688 5.74 4.45 -20.31
CA LYS F 688 6.32 5.34 -21.31
C LYS F 688 6.51 6.75 -20.76
N PRO F 689 7.25 7.59 -21.50
CA PRO F 689 7.51 8.97 -21.06
C PRO F 689 6.25 9.83 -21.05
N ARG F 690 5.39 9.64 -22.04
CA ARG F 690 4.15 10.40 -22.16
C ARG F 690 3.21 10.04 -21.03
N ILE F 691 3.69 9.20 -20.12
CA ILE F 691 2.88 8.74 -18.99
C ILE F 691 1.76 7.89 -19.55
N SER F 692 2.11 6.63 -19.77
CA SER F 692 1.25 5.60 -20.32
C SER F 692 1.68 4.27 -19.77
N PHE F 693 0.70 3.46 -19.37
CA PHE F 693 0.97 2.11 -18.91
C PHE F 693 -0.32 1.33 -19.02
N ASN F 694 -0.17 0.01 -19.07
CA ASN F 694 -1.28 -0.90 -18.93
C ASN F 694 -1.25 -1.46 -17.51
N PHE F 695 -2.43 -1.72 -16.96
CA PHE F 695 -2.45 -2.34 -15.64
C PHE F 695 -3.55 -3.39 -15.61
N PHE F 696 -3.43 -4.31 -14.65
CA PHE F 696 -4.45 -5.29 -14.38
C PHE F 696 -4.34 -5.68 -12.91
N VAL F 697 -5.47 -6.08 -12.34
CA VAL F 697 -5.58 -6.31 -10.91
C VAL F 697 -5.79 -7.80 -10.68
N THR F 698 -5.01 -8.38 -9.79
CA THR F 698 -5.14 -9.78 -9.43
C THR F 698 -5.69 -9.90 -8.01
N ALA F 699 -5.96 -11.15 -7.62
CA ALA F 699 -6.35 -11.45 -6.25
C ALA F 699 -5.19 -11.16 -5.30
N PRO F 700 -5.47 -10.90 -4.00
CA PRO F 700 -4.39 -10.46 -3.09
C PRO F 700 -3.24 -11.43 -2.90
N LYS F 701 -3.48 -12.73 -2.84
CA LYS F 701 -2.40 -13.69 -2.68
C LYS F 701 -2.61 -14.87 -3.63
N ASN F 702 -3.08 -14.55 -4.84
CA ASN F 702 -3.33 -15.58 -5.85
C ASN F 702 -3.04 -14.94 -7.20
N VAL F 703 -1.83 -15.16 -7.70
CA VAL F 703 -1.38 -14.51 -8.93
C VAL F 703 -2.10 -15.07 -10.16
N SER F 704 -2.70 -16.25 -10.06
CA SER F 704 -3.42 -16.82 -11.18
C SER F 704 -4.79 -16.20 -11.38
N ASP F 705 -5.31 -15.46 -10.39
CA ASP F 705 -6.69 -15.01 -10.38
C ASP F 705 -6.73 -13.54 -10.79
N ILE F 706 -6.74 -13.31 -12.09
CA ILE F 706 -6.88 -11.95 -12.62
C ILE F 706 -8.35 -11.56 -12.55
N ILE F 707 -8.62 -10.42 -11.94
CA ILE F 707 -9.97 -9.84 -11.97
C ILE F 707 -10.32 -9.49 -13.40
N PRO F 708 -11.52 -9.84 -13.89
CA PRO F 708 -11.87 -9.53 -15.28
C PRO F 708 -11.99 -8.03 -15.51
N ARG F 709 -11.79 -7.64 -16.77
CA ARG F 709 -11.69 -6.22 -17.09
C ARG F 709 -13.03 -5.50 -16.93
N THR F 710 -14.14 -6.21 -17.10
CA THR F 710 -15.44 -5.58 -16.99
C THR F 710 -15.79 -5.19 -15.55
N GLU F 711 -15.16 -5.83 -14.56
CA GLU F 711 -15.39 -5.46 -13.18
C GLU F 711 -14.38 -4.44 -12.67
N VAL F 712 -13.21 -4.36 -13.30
CA VAL F 712 -12.30 -3.25 -12.98
C VAL F 712 -12.82 -1.96 -13.59
N GLU F 713 -13.51 -2.05 -14.73
CA GLU F 713 -14.10 -0.87 -15.33
C GLU F 713 -15.27 -0.34 -14.49
N LYS F 714 -16.01 -1.21 -13.83
CA LYS F 714 -17.07 -0.75 -12.95
C LYS F 714 -16.53 -0.23 -11.64
N ALA F 715 -15.35 -0.69 -11.23
CA ALA F 715 -14.75 -0.19 -10.00
C ALA F 715 -14.17 1.20 -10.19
N ILE F 716 -13.59 1.47 -11.35
CA ILE F 716 -13.03 2.78 -11.61
C ILE F 716 -14.14 3.79 -11.89
N ARG F 717 -15.24 3.34 -12.51
CA ARG F 717 -16.36 4.23 -12.80
C ARG F 717 -17.03 4.72 -11.53
N MET F 718 -17.00 3.92 -10.46
CA MET F 718 -17.55 4.37 -9.19
C MET F 718 -16.67 5.42 -8.54
N SER F 719 -15.35 5.25 -8.59
CA SER F 719 -14.44 6.09 -7.84
C SER F 719 -13.55 6.93 -8.74
N ARG F 720 -14.01 7.29 -9.94
CA ARG F 720 -13.18 8.10 -10.82
C ARG F 720 -13.07 9.54 -10.32
N SER F 721 -14.09 10.00 -9.60
CA SER F 721 -14.03 11.34 -9.02
C SER F 721 -13.04 11.40 -7.87
N ARG F 722 -12.75 10.26 -7.25
CA ARG F 722 -11.83 10.23 -6.12
C ARG F 722 -10.39 10.04 -6.55
N ILE F 723 -10.15 9.24 -7.59
CA ILE F 723 -8.79 9.08 -8.13
C ILE F 723 -8.33 10.37 -8.80
N ASN F 724 -9.25 11.11 -9.42
CA ASN F 724 -8.91 12.35 -10.09
C ASN F 724 -8.44 13.42 -9.11
N ASP F 725 -9.03 13.44 -7.91
CA ASP F 725 -8.69 14.50 -6.97
C ASP F 725 -7.36 14.26 -6.29
N ALA F 726 -6.87 13.02 -6.28
CA ALA F 726 -5.58 12.74 -5.65
C ALA F 726 -4.42 13.21 -6.51
N PHE F 727 -4.64 13.43 -7.81
CA PHE F 727 -3.58 13.83 -8.71
C PHE F 727 -3.83 15.18 -9.36
N ARG F 728 -4.89 15.89 -8.96
CA ARG F 728 -5.29 17.19 -9.50
C ARG F 728 -5.55 17.16 -11.00
N LEU F 729 -6.07 16.05 -11.51
CA LEU F 729 -6.47 15.92 -12.90
C LEU F 729 -7.99 15.84 -12.96
N ASN F 730 -8.56 16.15 -14.12
CA ASN F 730 -10.02 16.14 -14.27
C ASN F 730 -10.43 15.49 -15.59
N ASP F 731 -10.51 14.16 -15.60
CA ASP F 731 -11.32 13.35 -16.52
C ASP F 731 -10.94 13.43 -17.99
N ASN F 732 -9.99 14.30 -18.35
CA ASN F 732 -9.49 14.43 -19.71
C ASN F 732 -7.98 14.39 -19.75
N SER F 733 -7.31 14.72 -18.66
CA SER F 733 -5.88 14.50 -18.50
C SER F 733 -5.58 13.20 -17.79
N LEU F 734 -6.61 12.47 -17.34
CA LEU F 734 -6.46 11.14 -16.78
C LEU F 734 -7.55 10.30 -17.42
N GLU F 735 -7.23 9.69 -18.55
CA GLU F 735 -8.19 8.91 -19.32
C GLU F 735 -7.80 7.45 -19.30
N PHE F 736 -8.82 6.59 -19.31
CA PHE F 736 -8.62 5.16 -19.11
C PHE F 736 -8.86 4.32 -20.35
N LEU F 737 -9.19 4.95 -21.48
CA LEU F 737 -9.18 4.35 -22.82
C LEU F 737 -10.10 3.13 -22.92
N GLY F 738 -11.38 3.41 -22.77
CA GLY F 738 -12.40 2.38 -22.79
C GLY F 738 -13.43 2.68 -21.74
N ILE F 739 -13.12 3.64 -20.90
CA ILE F 739 -14.02 4.15 -19.88
C ILE F 739 -14.25 5.63 -20.19
N GLN F 740 -15.47 5.96 -20.60
CA GLN F 740 -15.76 7.32 -20.97
C GLN F 740 -16.78 7.93 -20.01
N PRO F 741 -16.68 9.22 -19.71
CA PRO F 741 -17.69 9.85 -18.85
C PRO F 741 -19.00 10.04 -19.60
N THR F 742 -20.11 9.69 -18.93
CA THR F 742 -21.42 9.67 -19.55
C THR F 742 -22.40 10.64 -18.91
N LEU F 743 -22.47 10.69 -17.58
CA LEU F 743 -23.60 11.26 -16.88
C LEU F 743 -23.58 12.79 -16.94
N GLY F 744 -24.71 13.37 -16.51
CA GLY F 744 -24.85 14.80 -16.36
C GLY F 744 -25.82 15.43 -17.35
N PRO F 745 -27.06 15.64 -16.93
CA PRO F 745 -28.01 16.38 -17.75
C PRO F 745 -27.97 17.87 -17.44
N PRO F 746 -27.92 18.73 -18.45
CA PRO F 746 -27.87 20.18 -18.21
C PRO F 746 -29.25 20.83 -18.19
N ASN F 747 -29.98 20.63 -17.10
CA ASN F 747 -31.28 21.27 -16.91
C ASN F 747 -31.08 22.49 -16.00
N GLN F 748 -30.72 23.61 -16.62
CA GLN F 748 -30.55 24.85 -15.86
C GLN F 748 -31.88 25.52 -15.50
N PRO F 749 -32.72 25.96 -16.44
CA PRO F 749 -33.74 26.96 -16.07
C PRO F 749 -35.00 26.34 -15.50
N PRO F 750 -35.47 26.83 -14.35
CA PRO F 750 -36.87 26.65 -13.97
C PRO F 750 -37.78 27.78 -14.41
N VAL F 751 -37.22 28.84 -15.00
CA VAL F 751 -37.98 30.04 -15.30
C VAL F 751 -38.03 30.36 -16.79
N SER F 752 -37.23 29.69 -17.62
CA SER F 752 -37.06 29.98 -19.06
C SER F 752 -36.64 31.45 -19.26
N ILE F 753 -35.39 31.71 -18.87
CA ILE F 753 -34.78 33.02 -18.63
C ILE F 753 -35.00 34.04 -19.76
N TRP F 754 -35.17 33.57 -21.00
CA TRP F 754 -35.47 34.51 -22.07
C TRP F 754 -36.89 35.08 -22.00
N LEU F 755 -37.79 34.43 -21.25
CA LEU F 755 -39.12 35.00 -21.05
C LEU F 755 -39.11 36.22 -20.13
N ILE F 756 -38.31 36.20 -19.07
CA ILE F 756 -38.42 37.25 -18.08
C ILE F 756 -37.71 38.52 -18.55
N VAL F 757 -36.72 38.39 -19.44
CA VAL F 757 -36.10 39.59 -20.02
C VAL F 757 -37.03 40.20 -21.06
N PHE F 758 -37.81 39.35 -21.74
CA PHE F 758 -38.89 39.84 -22.59
C PHE F 758 -39.93 40.60 -21.79
N GLY F 759 -40.24 40.12 -20.58
CA GLY F 759 -41.29 40.70 -19.76
C GLY F 759 -40.99 42.08 -19.26
N VAL F 760 -39.75 42.32 -18.84
CA VAL F 760 -39.38 43.64 -18.33
C VAL F 760 -39.13 44.61 -19.47
N VAL F 761 -38.96 44.09 -20.69
CA VAL F 761 -38.86 44.97 -21.86
C VAL F 761 -40.25 45.28 -22.40
N MET F 762 -41.09 44.26 -22.53
CA MET F 762 -42.46 44.46 -23.00
C MET F 762 -43.30 45.22 -21.99
N GLY F 763 -42.88 45.24 -20.73
CA GLY F 763 -43.51 46.08 -19.73
C GLY F 763 -43.27 47.56 -19.96
N VAL F 764 -42.03 47.91 -20.32
CA VAL F 764 -41.65 49.32 -20.45
C VAL F 764 -42.30 49.95 -21.67
N ILE F 765 -42.48 49.15 -22.73
CA ILE F 765 -42.92 49.70 -24.02
C ILE F 765 -44.41 50.05 -23.99
N VAL F 766 -45.23 49.22 -23.33
CA VAL F 766 -46.67 49.49 -23.31
C VAL F 766 -46.99 50.62 -22.33
N VAL F 767 -46.20 50.75 -21.26
CA VAL F 767 -46.38 51.90 -20.38
C VAL F 767 -45.65 53.10 -20.96
N GLY F 768 -44.71 52.87 -21.88
CA GLY F 768 -44.13 53.96 -22.63
C GLY F 768 -45.08 54.49 -23.69
N ILE F 769 -45.97 53.62 -24.17
CA ILE F 769 -46.92 53.99 -25.19
C ILE F 769 -48.12 54.70 -24.56
N VAL F 770 -48.63 54.09 -23.49
CA VAL F 770 -49.76 54.65 -22.76
C VAL F 770 -49.53 56.14 -22.49
N ILE F 771 -48.54 56.43 -21.66
CA ILE F 771 -48.22 57.81 -21.32
C ILE F 771 -48.13 58.66 -22.59
N LEU F 772 -47.54 58.08 -23.64
CA LEU F 772 -47.38 58.77 -24.91
C LEU F 772 -48.74 59.29 -25.38
N ILE F 773 -49.59 58.37 -25.81
CA ILE F 773 -50.93 58.73 -26.28
C ILE F 773 -51.58 59.70 -25.31
N PHE F 774 -51.39 59.45 -24.02
CA PHE F 774 -51.96 60.30 -22.98
C PHE F 774 -51.58 61.76 -23.23
N THR F 775 -50.33 62.10 -22.93
CA THR F 775 -49.85 63.46 -23.12
C THR F 775 -50.27 64.00 -24.48
N GLY F 776 -50.25 63.12 -25.48
CA GLY F 776 -50.65 63.49 -26.82
C GLY F 776 -52.03 64.12 -26.81
N ILE F 777 -53.05 63.27 -26.70
CA ILE F 777 -54.43 63.74 -26.68
C ILE F 777 -54.58 64.92 -25.73
N ARG F 778 -53.78 64.92 -24.66
CA ARG F 778 -53.81 65.99 -23.68
C ARG F 778 -53.52 67.33 -24.33
N ASP F 779 -52.25 67.59 -24.61
CA ASP F 779 -51.85 68.84 -25.22
C ASP F 779 -52.54 69.01 -26.58
N ARG F 780 -53.32 68.00 -26.96
CA ARG F 780 -54.04 68.00 -28.23
C ARG F 780 -55.30 68.86 -28.14
N GLU G 1 80.20 -21.71 5.09
CA GLU G 1 79.60 -20.80 4.13
C GLU G 1 79.59 -21.42 2.74
N VAL G 2 79.06 -20.70 1.77
CA VAL G 2 78.97 -21.19 0.41
C VAL G 2 80.35 -21.19 -0.23
N GLN G 3 80.85 -22.39 -0.52
CA GLN G 3 82.12 -22.58 -1.19
C GLN G 3 81.94 -23.70 -2.21
N LEU G 4 82.79 -23.72 -3.22
CA LEU G 4 82.91 -24.88 -4.07
C LEU G 4 84.31 -25.45 -3.93
N GLU G 5 84.43 -26.76 -3.95
CA GLU G 5 85.70 -27.42 -3.75
C GLU G 5 86.13 -28.10 -5.04
N GLU G 6 87.41 -27.98 -5.37
CA GLU G 6 88.00 -28.57 -6.55
C GLU G 6 88.84 -29.76 -6.11
N SER G 7 89.45 -30.45 -7.07
CA SER G 7 90.21 -31.64 -6.75
C SER G 7 91.27 -31.91 -7.80
N GLY G 8 92.53 -31.84 -7.40
CA GLY G 8 93.60 -32.45 -8.16
C GLY G 8 94.18 -31.63 -9.29
N ALA G 9 95.51 -31.47 -9.29
CA ALA G 9 96.22 -30.87 -10.42
C ALA G 9 96.79 -32.02 -11.25
N GLU G 10 95.91 -32.63 -12.03
CA GLU G 10 96.18 -33.95 -12.59
C GLU G 10 97.03 -33.87 -13.84
N LEU G 11 98.09 -34.69 -13.86
CA LEU G 11 98.98 -34.83 -14.99
C LEU G 11 98.53 -36.13 -15.62
N VAL G 12 98.11 -36.09 -16.87
CA VAL G 12 97.60 -37.26 -17.56
C VAL G 12 98.40 -37.51 -18.82
N ARG G 13 98.66 -38.79 -19.11
CA ARG G 13 99.20 -39.14 -20.41
C ARG G 13 98.17 -38.84 -21.50
N PRO G 14 98.59 -38.25 -22.62
CA PRO G 14 97.63 -37.93 -23.68
C PRO G 14 97.01 -39.16 -24.32
N GLY G 15 95.76 -38.98 -24.77
CA GLY G 15 94.98 -40.07 -25.32
C GLY G 15 94.07 -40.76 -24.33
N ALA G 16 94.27 -40.55 -23.03
CA ALA G 16 93.51 -41.21 -21.99
C ALA G 16 92.26 -40.41 -21.65
N SER G 17 91.64 -40.74 -20.53
CA SER G 17 90.48 -40.01 -20.01
C SER G 17 90.81 -39.48 -18.62
N VAL G 18 90.06 -38.47 -18.20
CA VAL G 18 90.32 -37.77 -16.95
C VAL G 18 89.02 -37.68 -16.15
N LYS G 19 89.14 -37.38 -14.87
CA LYS G 19 87.99 -37.23 -13.98
C LYS G 19 88.18 -36.00 -13.10
N ILE G 20 87.45 -34.93 -13.41
CA ILE G 20 87.50 -33.69 -12.64
C ILE G 20 86.27 -33.64 -11.75
N SER G 21 86.48 -33.46 -10.45
CA SER G 21 85.41 -33.49 -9.47
C SER G 21 85.26 -32.10 -8.87
N CYS G 22 84.02 -31.65 -8.70
CA CYS G 22 83.74 -30.37 -8.06
C CYS G 22 82.79 -30.63 -6.89
N LYS G 23 83.29 -30.43 -5.68
CA LYS G 23 82.51 -30.68 -4.47
C LYS G 23 81.87 -29.40 -3.97
N ALA G 24 80.64 -29.50 -3.48
CA ALA G 24 79.88 -28.34 -3.03
C ALA G 24 79.89 -28.23 -1.52
N PHE G 25 79.60 -27.02 -1.04
CA PHE G 25 79.57 -26.70 0.39
C PHE G 25 78.70 -25.46 0.61
N GLY G 26 77.94 -25.46 1.70
CA GLY G 26 77.09 -24.34 2.03
C GLY G 26 75.67 -24.50 1.50
N TYR G 27 75.37 -23.80 0.42
CA TYR G 27 74.05 -23.86 -0.19
C TYR G 27 73.62 -25.32 -0.32
N THR G 28 72.32 -25.53 -0.52
CA THR G 28 71.76 -26.86 -0.66
C THR G 28 72.60 -27.71 -1.63
N PHE G 29 72.25 -27.64 -2.91
CA PHE G 29 72.94 -28.39 -3.96
C PHE G 29 72.06 -28.47 -5.19
N THR G 30 71.11 -29.41 -5.17
CA THR G 30 70.18 -29.60 -6.28
C THR G 30 69.30 -28.37 -6.46
N ASN G 31 69.90 -27.19 -6.35
CA ASN G 31 69.17 -25.93 -6.50
C ASN G 31 70.02 -24.86 -7.18
N HIS G 32 71.04 -25.29 -7.91
CA HIS G 32 71.92 -24.37 -8.61
C HIS G 32 72.68 -25.14 -9.69
N HIS G 33 72.48 -24.77 -10.95
CA HIS G 33 73.18 -25.47 -12.02
C HIS G 33 74.67 -25.34 -11.83
N ILE G 34 75.41 -26.33 -12.30
CA ILE G 34 76.87 -26.31 -12.21
C ILE G 34 77.43 -26.25 -13.62
N ASN G 35 78.18 -25.20 -13.90
CA ASN G 35 78.79 -24.98 -15.19
C ASN G 35 80.24 -25.38 -15.17
N TRP G 36 80.87 -25.35 -16.33
CA TRP G 36 82.31 -25.58 -16.42
C TRP G 36 82.86 -24.68 -17.50
N MET G 37 84.03 -24.12 -17.27
CA MET G 37 84.69 -23.29 -18.25
C MET G 37 86.14 -23.71 -18.40
N LYS G 38 86.70 -23.40 -19.57
CA LYS G 38 88.09 -23.67 -19.89
C LYS G 38 88.81 -22.35 -20.04
N GLN G 39 90.03 -22.26 -19.51
CA GLN G 39 90.84 -21.06 -19.68
C GLN G 39 92.25 -21.49 -20.03
N ARG G 40 92.61 -21.33 -21.29
CA ARG G 40 94.00 -21.53 -21.70
C ARG G 40 94.87 -20.45 -21.07
N PRO G 41 96.08 -20.79 -20.63
CA PRO G 41 96.93 -19.80 -19.96
C PRO G 41 97.39 -18.74 -20.94
N GLY G 42 97.17 -17.48 -20.59
CA GLY G 42 97.40 -16.40 -21.52
C GLY G 42 96.35 -16.26 -22.58
N GLN G 43 95.15 -16.78 -22.35
CA GLN G 43 94.04 -16.64 -23.29
C GLN G 43 92.76 -16.39 -22.53
N GLY G 44 91.71 -16.05 -23.26
CA GLY G 44 90.42 -15.79 -22.68
C GLY G 44 89.66 -17.06 -22.34
N LEU G 45 88.55 -16.88 -21.66
CA LEU G 45 87.73 -18.00 -21.23
C LEU G 45 86.75 -18.37 -22.33
N ASP G 46 86.28 -19.61 -22.28
CA ASP G 46 85.18 -20.05 -23.12
C ASP G 46 84.39 -21.11 -22.36
N TRP G 47 83.26 -21.50 -22.92
CA TRP G 47 82.25 -22.25 -22.20
C TRP G 47 82.25 -23.71 -22.61
N ILE G 48 82.08 -24.59 -21.63
CA ILE G 48 81.97 -26.02 -21.89
C ILE G 48 80.51 -26.38 -22.00
N GLY G 49 79.77 -26.16 -20.92
CA GLY G 49 78.38 -26.58 -20.83
C GLY G 49 77.96 -26.56 -19.38
N TYR G 50 76.89 -27.28 -19.09
CA TYR G 50 76.47 -27.41 -17.70
C TYR G 50 75.72 -28.72 -17.50
N VAL G 51 75.69 -29.17 -16.25
CA VAL G 51 74.86 -30.28 -15.84
C VAL G 51 73.92 -29.79 -14.75
N ASN G 52 72.64 -29.99 -14.96
CA ASN G 52 71.65 -29.68 -13.95
C ASN G 52 71.69 -30.79 -12.92
N PRO G 53 71.87 -30.51 -11.62
CA PRO G 53 71.87 -31.61 -10.65
C PRO G 53 70.50 -32.25 -10.50
N TYR G 54 69.46 -31.46 -10.39
CA TYR G 54 68.10 -31.94 -10.64
C TYR G 54 68.01 -32.42 -12.08
N ASN G 55 67.27 -33.50 -12.32
CA ASN G 55 67.05 -34.05 -13.67
C ASN G 55 68.25 -34.49 -14.54
N ASP G 56 69.46 -34.37 -14.00
CA ASP G 56 70.69 -34.75 -14.71
C ASP G 56 70.73 -34.30 -16.17
N TYR G 57 70.13 -33.16 -16.48
CA TYR G 57 70.12 -32.67 -17.85
C TYR G 57 71.42 -31.94 -18.18
N THR G 58 71.94 -32.18 -19.37
CA THR G 58 73.19 -31.58 -19.81
C THR G 58 72.95 -30.75 -21.07
N LYS G 59 73.85 -29.79 -21.27
CA LYS G 59 73.87 -28.91 -22.43
C LYS G 59 75.35 -28.69 -22.77
N TYR G 60 75.69 -28.55 -24.06
CA TYR G 60 77.09 -28.38 -24.42
C TYR G 60 77.21 -27.29 -25.47
N SER G 61 78.39 -26.68 -25.52
CA SER G 61 78.74 -25.89 -26.67
C SER G 61 79.17 -26.81 -27.80
N GLN G 62 79.22 -26.26 -29.01
CA GLN G 62 79.44 -27.08 -30.19
C GLN G 62 80.88 -27.59 -30.29
N ASN G 63 81.83 -26.90 -29.66
CA ASN G 63 83.22 -27.34 -29.70
C ASN G 63 83.53 -28.44 -28.70
N PHE G 64 82.53 -28.93 -27.95
CA PHE G 64 82.81 -29.91 -26.91
C PHE G 64 81.81 -31.06 -26.90
N LYS G 65 80.86 -31.11 -27.83
CA LYS G 65 79.96 -32.24 -27.93
C LYS G 65 80.73 -33.47 -28.37
N GLY G 66 80.63 -34.54 -27.58
CA GLY G 66 81.41 -35.73 -27.83
C GLY G 66 82.82 -35.69 -27.31
N LYS G 67 83.22 -34.60 -26.68
CA LYS G 67 84.54 -34.47 -26.07
C LYS G 67 84.51 -34.74 -24.57
N ALA G 68 83.58 -34.11 -23.86
CA ALA G 68 83.51 -34.22 -22.41
C ALA G 68 82.09 -34.60 -22.00
N THR G 69 82.00 -35.39 -20.94
CA THR G 69 80.70 -35.71 -20.34
C THR G 69 80.61 -35.10 -18.96
N LEU G 70 79.38 -34.89 -18.50
CA LEU G 70 79.11 -34.24 -17.23
C LEU G 70 78.18 -35.12 -16.42
N SER G 71 78.60 -35.45 -15.20
CA SER G 71 77.79 -36.29 -14.31
C SER G 71 77.72 -35.64 -12.95
N VAL G 72 76.86 -36.18 -12.09
CA VAL G 72 76.58 -35.57 -10.79
C VAL G 72 76.07 -36.66 -9.86
N ASP G 73 76.48 -36.58 -8.59
CA ASP G 73 76.03 -37.50 -7.54
C ASP G 73 75.27 -36.71 -6.50
N ARG G 74 73.96 -36.90 -6.44
CA ARG G 74 73.13 -36.19 -5.46
C ARG G 74 73.41 -36.62 -4.04
N SER G 75 73.83 -37.88 -3.83
CA SER G 75 74.03 -38.41 -2.50
C SER G 75 75.32 -37.92 -1.84
N SER G 76 76.23 -37.33 -2.60
CA SER G 76 77.50 -36.89 -2.05
C SER G 76 77.82 -35.44 -2.38
N SER G 77 76.95 -34.75 -3.13
CA SER G 77 77.09 -33.33 -3.49
C SER G 77 78.36 -33.06 -4.29
N THR G 78 78.72 -33.98 -5.16
CA THR G 78 79.86 -33.82 -6.06
C THR G 78 79.39 -33.80 -7.50
N ALA G 79 79.95 -32.90 -8.29
CA ALA G 79 79.72 -32.86 -9.73
C ALA G 79 80.97 -33.31 -10.45
N TYR G 80 80.77 -34.03 -11.56
CA TYR G 80 81.88 -34.62 -12.28
C TYR G 80 81.97 -34.02 -13.66
N MET G 81 83.19 -33.68 -14.08
CA MET G 81 83.50 -33.43 -15.47
C MET G 81 84.53 -34.45 -15.91
N GLU G 82 84.24 -35.16 -16.99
CA GLU G 82 85.13 -36.19 -17.50
C GLU G 82 85.35 -35.91 -18.98
N LEU G 83 86.57 -35.55 -19.34
CA LEU G 83 86.94 -35.47 -20.74
C LEU G 83 87.53 -36.78 -21.21
N SER G 84 87.41 -37.04 -22.50
CA SER G 84 87.96 -38.24 -23.12
C SER G 84 88.64 -37.87 -24.41
N SER G 85 89.48 -38.79 -24.89
CA SER G 85 90.36 -38.62 -26.05
C SER G 85 91.20 -37.35 -25.92
N LEU G 86 92.00 -37.31 -24.86
CA LEU G 86 92.75 -36.13 -24.52
C LEU G 86 93.91 -35.94 -25.47
N THR G 87 93.89 -34.84 -26.23
CA THR G 87 95.01 -34.47 -27.07
C THR G 87 96.00 -33.66 -26.26
N SER G 88 96.97 -33.05 -26.94
CA SER G 88 97.86 -32.11 -26.29
C SER G 88 97.23 -30.75 -26.11
N GLU G 89 96.11 -30.48 -26.78
CA GLU G 89 95.48 -29.18 -26.73
C GLU G 89 94.70 -28.95 -25.45
N ASP G 90 94.02 -29.97 -24.92
CA ASP G 90 93.22 -29.81 -23.71
C ASP G 90 94.14 -29.78 -22.49
N SER G 91 94.83 -28.65 -22.36
CA SER G 91 95.80 -28.42 -21.29
C SER G 91 95.53 -27.02 -20.77
N ALA G 92 94.63 -26.90 -19.81
CA ALA G 92 94.18 -25.59 -19.37
C ALA G 92 93.68 -25.70 -17.94
N VAL G 93 93.34 -24.55 -17.38
CA VAL G 93 92.71 -24.49 -16.07
C VAL G 93 91.21 -24.64 -16.27
N TYR G 94 90.61 -25.59 -15.57
CA TYR G 94 89.18 -25.89 -15.71
C TYR G 94 88.47 -25.42 -14.46
N TYR G 95 87.58 -24.44 -14.62
CA TYR G 95 86.82 -23.88 -13.52
C TYR G 95 85.45 -24.54 -13.44
N CYS G 96 84.99 -24.79 -12.23
CA CYS G 96 83.61 -25.17 -11.99
C CYS G 96 82.92 -24.04 -11.25
N ALA G 97 81.85 -23.53 -11.82
CA ALA G 97 81.16 -22.39 -11.23
C ALA G 97 79.67 -22.60 -11.34
N ARG G 98 78.95 -22.08 -10.37
CA ARG G 98 77.50 -22.16 -10.37
C ARG G 98 76.93 -20.77 -10.56
N TRP G 99 75.68 -20.74 -10.97
CA TRP G 99 74.89 -19.52 -10.85
C TRP G 99 73.75 -19.75 -9.88
N ARG G 100 73.30 -18.69 -9.23
CA ARG G 100 72.28 -18.82 -8.22
C ARG G 100 70.91 -19.02 -8.85
N ASP G 101 69.91 -19.25 -8.01
CA ASP G 101 68.55 -19.44 -8.46
C ASP G 101 68.31 -20.87 -8.99
N TYR G 102 68.06 -20.98 -10.29
CA TYR G 102 67.81 -22.27 -10.91
C TYR G 102 67.18 -22.01 -12.27
N ASP G 103 66.53 -20.86 -12.39
CA ASP G 103 65.88 -20.44 -13.63
C ASP G 103 65.72 -18.93 -13.62
N ARG G 104 65.83 -18.34 -12.43
CA ARG G 104 65.72 -16.89 -12.27
C ARG G 104 66.92 -16.16 -12.85
N ASP G 105 67.88 -15.83 -11.99
CA ASP G 105 69.09 -15.13 -12.44
C ASP G 105 70.16 -16.07 -12.98
N TRP G 106 70.46 -15.92 -14.27
CA TRP G 106 71.46 -16.73 -14.91
C TRP G 106 72.84 -16.14 -15.02
N TYR G 107 73.36 -15.62 -13.91
CA TYR G 107 74.75 -15.14 -13.92
C TYR G 107 75.53 -15.80 -12.79
N PHE G 108 76.81 -16.10 -13.06
CA PHE G 108 77.66 -16.82 -12.11
C PHE G 108 77.81 -16.07 -10.80
N ASP G 109 77.96 -16.82 -9.71
CA ASP G 109 78.25 -16.21 -8.41
C ASP G 109 79.56 -16.67 -7.82
N VAL G 110 79.72 -17.96 -7.58
CA VAL G 110 80.87 -18.47 -6.85
C VAL G 110 81.56 -19.53 -7.70
N TRP G 111 82.88 -19.58 -7.54
CA TRP G 111 83.73 -20.31 -8.46
C TRP G 111 84.57 -21.29 -7.68
N GLY G 112 85.22 -22.20 -8.39
CA GLY G 112 86.20 -23.06 -7.77
C GLY G 112 87.55 -22.36 -7.73
N ALA G 113 88.62 -23.13 -7.72
CA ALA G 113 89.95 -22.56 -7.88
C ALA G 113 90.67 -23.08 -9.10
N GLY G 114 90.02 -23.92 -9.91
CA GLY G 114 90.64 -24.39 -11.12
C GLY G 114 91.52 -25.59 -10.90
N THR G 115 91.29 -26.64 -11.67
CA THR G 115 92.12 -27.83 -11.62
C THR G 115 93.02 -27.84 -12.83
N THR G 116 94.32 -27.68 -12.60
CA THR G 116 95.28 -27.61 -13.70
C THR G 116 95.45 -28.99 -14.30
N VAL G 117 95.05 -29.15 -15.55
CA VAL G 117 95.13 -30.42 -16.26
C VAL G 117 96.24 -30.31 -17.28
N ILE G 118 97.26 -31.14 -17.15
CA ILE G 118 98.42 -31.14 -18.03
C ILE G 118 98.45 -32.46 -18.77
N VAL G 119 98.70 -32.42 -20.07
CA VAL G 119 98.69 -33.63 -20.89
C VAL G 119 100.10 -33.84 -21.45
N SER G 120 100.84 -34.75 -20.82
CA SER G 120 102.20 -35.05 -21.25
C SER G 120 102.70 -36.36 -20.63
N SER G 121 103.49 -37.10 -21.39
CA SER G 121 104.03 -38.37 -20.92
C SER G 121 105.49 -38.21 -20.46
N ALA G 122 106.25 -39.29 -20.56
CA ALA G 122 107.64 -39.28 -20.16
C ALA G 122 107.78 -39.21 -18.64
N SER G 123 106.68 -39.42 -17.94
CA SER G 123 106.67 -39.39 -16.48
C SER G 123 107.34 -38.11 -15.97
N THR G 124 107.83 -38.17 -14.73
CA THR G 124 108.50 -37.03 -14.13
C THR G 124 110.00 -37.04 -14.42
N LYS G 125 110.62 -35.86 -14.35
CA LYS G 125 112.05 -35.74 -14.60
C LYS G 125 112.67 -34.63 -13.75
N GLY G 126 113.93 -34.83 -13.36
CA GLY G 126 114.63 -33.86 -12.56
C GLY G 126 115.26 -32.76 -13.39
N PRO G 127 115.54 -31.63 -12.76
CA PRO G 127 116.06 -30.49 -13.51
C PRO G 127 117.55 -30.59 -13.76
N SER G 128 117.99 -30.02 -14.88
CA SER G 128 119.40 -29.84 -15.17
C SER G 128 119.76 -28.38 -14.98
N VAL G 129 120.82 -28.11 -14.22
CA VAL G 129 121.14 -26.76 -13.79
C VAL G 129 122.46 -26.34 -14.42
N PHE G 130 122.52 -25.09 -14.88
CA PHE G 130 123.73 -24.40 -15.29
C PHE G 130 123.81 -23.04 -14.62
N PRO G 131 124.99 -22.53 -14.31
CA PRO G 131 125.10 -21.15 -13.84
C PRO G 131 125.39 -20.21 -15.00
N LEU G 132 124.61 -19.12 -15.04
CA LEU G 132 124.77 -18.05 -16.01
C LEU G 132 125.70 -17.09 -15.27
N ALA G 133 126.92 -16.99 -15.77
CA ALA G 133 127.96 -16.19 -15.15
C ALA G 133 127.71 -14.69 -15.35
N PRO G 134 128.11 -13.86 -14.40
CA PRO G 134 128.11 -12.42 -14.64
C PRO G 134 129.20 -12.07 -15.64
N SER G 135 128.85 -11.24 -16.61
CA SER G 135 129.81 -10.85 -17.63
C SER G 135 129.67 -9.39 -18.00
N SER G 136 130.70 -8.85 -18.63
CA SER G 136 130.70 -7.45 -19.05
C SER G 136 129.56 -7.17 -20.03
N LYS G 137 129.13 -8.20 -20.75
CA LYS G 137 128.00 -8.06 -21.65
C LYS G 137 126.79 -7.74 -20.78
N SER G 138 126.72 -8.39 -19.62
CA SER G 138 125.65 -8.17 -18.66
C SER G 138 125.95 -7.00 -17.72
N THR G 139 127.22 -6.62 -17.62
CA THR G 139 127.60 -5.52 -16.75
C THR G 139 127.32 -4.19 -17.42
N SER G 140 126.86 -3.22 -16.60
CA SER G 140 126.62 -1.85 -17.07
C SER G 140 126.79 -0.91 -15.88
N GLY G 141 127.93 -0.24 -15.83
CA GLY G 141 128.14 0.78 -14.81
C GLY G 141 128.29 0.17 -13.44
N GLY G 142 127.32 0.44 -12.57
CA GLY G 142 127.43 0.08 -11.17
C GLY G 142 127.01 -1.34 -10.84
N THR G 143 126.28 -2.01 -11.72
CA THR G 143 125.71 -3.31 -11.43
C THR G 143 125.99 -4.30 -12.56
N ALA G 144 125.91 -5.59 -12.21
CA ALA G 144 126.06 -6.68 -13.17
C ALA G 144 125.17 -7.83 -12.70
N ALA G 145 124.64 -8.58 -13.66
CA ALA G 145 123.63 -9.60 -13.39
C ALA G 145 124.22 -11.00 -13.57
N LEU G 146 123.80 -11.93 -12.70
CA LEU G 146 124.16 -13.33 -12.78
C LEU G 146 122.96 -14.18 -12.38
N GLY G 147 122.94 -15.44 -12.80
CA GLY G 147 121.78 -16.24 -12.51
C GLY G 147 122.02 -17.73 -12.68
N CYS G 148 120.91 -18.47 -12.65
CA CYS G 148 120.95 -19.93 -12.75
C CYS G 148 119.84 -20.38 -13.69
N LEU G 149 120.19 -21.26 -14.62
CA LEU G 149 119.27 -21.81 -15.60
C LEU G 149 118.93 -23.23 -15.19
N VAL G 150 117.67 -23.48 -14.88
CA VAL G 150 117.20 -24.79 -14.46
C VAL G 150 116.19 -25.26 -15.50
N LYS G 151 116.53 -26.32 -16.22
CA LYS G 151 115.78 -26.69 -17.41
C LYS G 151 115.40 -28.17 -17.41
N ASP G 152 114.57 -28.54 -18.38
CA ASP G 152 114.16 -29.91 -18.65
C ASP G 152 113.65 -30.65 -17.42
N TYR G 153 112.50 -30.25 -16.92
CA TYR G 153 111.81 -30.99 -15.88
C TYR G 153 110.32 -31.01 -16.15
N PHE G 154 109.66 -32.13 -15.90
CA PHE G 154 108.20 -32.18 -16.01
C PHE G 154 107.47 -31.66 -14.78
N PRO G 155 107.81 -32.10 -13.56
CA PRO G 155 106.92 -31.83 -12.42
C PRO G 155 106.91 -30.37 -12.01
N GLU G 156 105.98 -29.63 -12.60
CA GLU G 156 105.85 -28.18 -12.67
C GLU G 156 106.37 -27.42 -11.44
N PRO G 157 105.93 -27.74 -10.22
CA PRO G 157 106.42 -26.95 -9.08
C PRO G 157 107.89 -27.20 -8.79
N VAL G 158 108.72 -26.20 -9.07
CA VAL G 158 110.16 -26.25 -8.83
C VAL G 158 110.57 -24.90 -8.28
N THR G 159 111.59 -24.85 -7.43
CA THR G 159 111.96 -23.57 -6.86
C THR G 159 113.47 -23.42 -6.90
N VAL G 160 113.91 -22.18 -7.11
CA VAL G 160 115.31 -21.82 -7.04
C VAL G 160 115.41 -20.58 -6.16
N SER G 161 116.21 -20.68 -5.11
CA SER G 161 116.46 -19.56 -4.22
C SER G 161 117.91 -19.10 -4.40
N TRP G 162 118.21 -17.92 -3.87
CA TRP G 162 119.56 -17.39 -3.91
C TRP G 162 120.14 -17.33 -2.51
N ASN G 163 121.22 -18.08 -2.31
CA ASN G 163 121.94 -18.11 -1.05
C ASN G 163 121.01 -18.48 0.10
N SER G 164 120.34 -19.63 -0.06
CA SER G 164 119.47 -20.20 0.97
C SER G 164 118.37 -19.22 1.39
N GLY G 165 117.98 -18.33 0.48
CA GLY G 165 116.97 -17.34 0.78
C GLY G 165 117.48 -16.01 1.28
N ALA G 166 118.78 -15.75 1.15
CA ALA G 166 119.36 -14.51 1.67
C ALA G 166 119.06 -13.29 0.80
N LEU G 167 119.39 -13.33 -0.48
CA LEU G 167 119.27 -12.17 -1.36
C LEU G 167 117.83 -12.06 -1.84
N THR G 168 117.21 -10.91 -1.58
CA THR G 168 115.86 -10.64 -2.05
C THR G 168 115.87 -9.43 -2.99
N SER G 169 117.02 -8.80 -3.12
CA SER G 169 117.20 -7.65 -3.99
C SER G 169 117.66 -8.10 -5.37
N GLY G 170 116.88 -7.75 -6.40
CA GLY G 170 117.20 -8.09 -7.76
C GLY G 170 116.91 -9.52 -8.16
N VAL G 171 116.64 -10.40 -7.20
CA VAL G 171 116.32 -11.79 -7.49
C VAL G 171 114.96 -11.85 -8.16
N HIS G 172 114.94 -12.32 -9.41
CA HIS G 172 113.71 -12.45 -10.17
C HIS G 172 113.67 -13.75 -10.97
N THR G 173 112.78 -14.67 -10.59
CA THR G 173 112.62 -15.94 -11.27
C THR G 173 111.58 -15.77 -12.36
N PHE G 174 111.92 -16.12 -13.56
CA PHE G 174 111.01 -15.89 -14.66
C PHE G 174 110.08 -17.08 -14.84
N PRO G 175 108.89 -16.86 -15.39
CA PRO G 175 107.96 -17.97 -15.57
C PRO G 175 108.58 -19.09 -16.38
N ALA G 176 108.33 -20.32 -15.93
CA ALA G 176 108.85 -21.47 -16.64
C ALA G 176 108.26 -21.54 -18.03
N VAL G 177 109.04 -22.07 -18.95
CA VAL G 177 108.59 -22.20 -20.33
C VAL G 177 108.44 -23.69 -20.66
N LEU G 178 107.40 -23.99 -21.42
CA LEU G 178 107.10 -25.36 -21.81
C LEU G 178 107.57 -25.58 -23.24
N GLN G 179 108.55 -26.45 -23.41
CA GLN G 179 109.16 -26.69 -24.70
C GLN G 179 108.31 -27.66 -25.53
N SER G 180 108.73 -27.86 -26.77
CA SER G 180 108.09 -28.87 -27.60
C SER G 180 108.37 -30.27 -27.10
N SER G 181 109.53 -30.47 -26.45
CA SER G 181 109.85 -31.77 -25.88
C SER G 181 108.86 -32.18 -24.81
N GLY G 182 108.06 -31.25 -24.30
CA GLY G 182 107.12 -31.53 -23.24
C GLY G 182 107.62 -31.23 -21.85
N LEU G 183 108.87 -30.79 -21.70
CA LEU G 183 109.44 -30.50 -20.40
C LEU G 183 109.57 -29.00 -20.18
N TYR G 184 109.50 -28.61 -18.92
CA TYR G 184 109.58 -27.19 -18.59
C TYR G 184 111.03 -26.75 -18.48
N SER G 185 111.21 -25.43 -18.43
CA SER G 185 112.51 -24.82 -18.24
C SER G 185 112.32 -23.39 -17.77
N LEU G 186 113.27 -22.91 -16.97
CA LEU G 186 113.22 -21.53 -16.50
C LEU G 186 114.63 -21.09 -16.14
N SER G 187 114.75 -19.80 -15.86
CA SER G 187 116.02 -19.17 -15.48
C SER G 187 115.75 -18.03 -14.50
N SER G 188 116.46 -18.01 -13.39
CA SER G 188 116.29 -16.97 -12.38
C SER G 188 117.56 -16.15 -12.30
N VAL G 189 117.42 -14.83 -12.35
CA VAL G 189 118.57 -13.94 -12.43
C VAL G 189 118.47 -12.87 -11.36
N VAL G 190 119.62 -12.40 -10.90
CA VAL G 190 119.72 -11.35 -9.90
C VAL G 190 120.89 -10.45 -10.25
N THR G 191 120.69 -9.15 -10.08
CA THR G 191 121.73 -8.15 -10.29
C THR G 191 122.40 -7.82 -8.96
N VAL G 192 123.68 -7.46 -9.02
CA VAL G 192 124.51 -7.25 -7.84
C VAL G 192 125.60 -6.27 -8.26
N PRO G 193 126.04 -5.35 -7.40
CA PRO G 193 127.01 -4.35 -7.81
C PRO G 193 128.21 -4.94 -8.53
N SER G 194 128.64 -4.26 -9.61
CA SER G 194 129.72 -4.78 -10.43
C SER G 194 131.04 -4.80 -9.68
N SER G 195 131.16 -4.04 -8.60
CA SER G 195 132.32 -4.17 -7.74
C SER G 195 132.33 -5.52 -7.02
N SER G 196 131.18 -6.18 -6.97
CA SER G 196 131.00 -7.43 -6.24
C SER G 196 130.77 -8.63 -7.16
N LEU G 197 131.52 -8.73 -8.27
CA LEU G 197 131.34 -9.86 -9.18
C LEU G 197 131.53 -11.20 -8.49
N GLY G 198 132.74 -11.48 -8.01
CA GLY G 198 132.98 -12.75 -7.35
C GLY G 198 133.07 -12.62 -5.84
N THR G 199 133.02 -11.39 -5.32
CA THR G 199 133.41 -11.10 -3.95
C THR G 199 132.62 -11.92 -2.93
N GLN G 200 131.29 -11.87 -2.98
CA GLN G 200 130.49 -12.52 -1.96
C GLN G 200 129.92 -13.83 -2.51
N THR G 201 129.07 -14.47 -1.72
CA THR G 201 128.49 -15.75 -2.08
C THR G 201 127.20 -15.55 -2.87
N TYR G 202 127.12 -16.22 -4.02
CA TYR G 202 125.90 -16.25 -4.82
C TYR G 202 125.69 -17.68 -5.27
N ILE G 203 125.00 -18.46 -4.44
CA ILE G 203 124.74 -19.87 -4.72
C ILE G 203 123.25 -20.07 -4.85
N CYS G 204 122.81 -20.55 -6.01
CA CYS G 204 121.42 -20.85 -6.24
C CYS G 204 121.09 -22.24 -5.71
N ASN G 205 120.05 -22.30 -4.90
CA ASN G 205 119.59 -23.51 -4.23
C ASN G 205 118.38 -23.99 -5.02
N VAL G 206 118.56 -25.10 -5.73
CA VAL G 206 117.53 -25.68 -6.58
C VAL G 206 116.87 -26.81 -5.83
N ASN G 207 115.56 -26.72 -5.63
CA ASN G 207 114.77 -27.77 -4.98
C ASN G 207 113.59 -28.15 -5.86
N HIS G 208 113.44 -29.46 -6.07
CA HIS G 208 112.38 -30.05 -6.88
C HIS G 208 111.55 -30.92 -5.94
N LYS G 209 110.35 -30.45 -5.61
CA LYS G 209 109.53 -31.05 -4.55
C LYS G 209 108.81 -32.33 -4.95
N PRO G 210 108.27 -32.46 -6.17
CA PRO G 210 107.73 -33.77 -6.55
C PRO G 210 108.78 -34.86 -6.54
N SER G 211 109.97 -34.59 -7.08
CA SER G 211 111.11 -35.44 -6.84
C SER G 211 111.75 -34.99 -5.53
N ASN G 212 112.98 -35.39 -5.26
CA ASN G 212 113.71 -34.96 -4.07
C ASN G 212 115.08 -34.40 -4.44
N THR G 213 115.11 -33.53 -5.44
CA THR G 213 116.36 -32.94 -5.91
C THR G 213 116.66 -31.66 -5.16
N LYS G 214 117.89 -31.56 -4.66
CA LYS G 214 118.39 -30.38 -3.95
C LYS G 214 119.85 -30.19 -4.31
N VAL G 215 120.16 -29.15 -5.05
CA VAL G 215 121.52 -28.88 -5.51
C VAL G 215 121.83 -27.39 -5.39
N ASP G 216 123.02 -27.06 -4.90
CA ASP G 216 123.48 -25.68 -4.80
C ASP G 216 124.56 -25.44 -5.84
N LYS G 217 124.37 -24.42 -6.67
CA LYS G 217 125.30 -24.09 -7.74
C LYS G 217 125.81 -22.66 -7.58
N LYS G 218 127.13 -22.50 -7.61
CA LYS G 218 127.75 -21.18 -7.47
C LYS G 218 127.93 -20.56 -8.84
N VAL G 219 127.66 -19.25 -8.94
CA VAL G 219 127.82 -18.51 -10.17
C VAL G 219 128.98 -17.53 -10.01
N GLU G 220 129.96 -17.62 -10.89
CA GLU G 220 131.16 -16.80 -10.84
C GLU G 220 131.39 -16.18 -12.21
N PRO G 221 132.10 -15.06 -12.27
CA PRO G 221 132.38 -14.44 -13.57
C PRO G 221 133.07 -15.40 -14.53
N LYS G 222 132.94 -15.13 -15.82
CA LYS G 222 133.55 -15.96 -16.85
C LYS G 222 135.02 -16.24 -16.53
N SER G 223 135.26 -17.25 -15.72
CA SER G 223 136.62 -17.63 -15.35
C SER G 223 137.44 -16.40 -14.97
N ASP H 1 79.42 -18.11 -31.61
CA ASP H 1 78.27 -17.41 -32.14
C ASP H 1 78.45 -15.91 -32.05
N ILE H 2 77.96 -15.32 -30.96
CA ILE H 2 78.12 -13.89 -30.74
C ILE H 2 79.58 -13.60 -30.41
N VAL H 3 80.17 -12.65 -31.12
CA VAL H 3 81.55 -12.25 -30.88
C VAL H 3 81.59 -11.02 -29.98
N MET H 4 82.07 -11.20 -28.76
CA MET H 4 82.16 -10.13 -27.80
C MET H 4 83.57 -9.56 -27.84
N THR H 5 83.69 -8.30 -28.24
CA THR H 5 84.97 -7.64 -28.33
C THR H 5 85.08 -6.55 -27.28
N GLN H 6 86.30 -6.30 -26.81
CA GLN H 6 86.59 -5.26 -25.86
C GLN H 6 87.33 -4.14 -26.58
N SER H 7 86.84 -2.91 -26.42
CA SER H 7 87.35 -1.76 -27.16
C SER H 7 88.81 -1.40 -26.81
N PRO H 8 89.27 -1.43 -25.54
CA PRO H 8 90.73 -1.39 -25.36
C PRO H 8 91.28 -2.80 -25.28
N ALA H 9 92.60 -2.93 -25.16
CA ALA H 9 93.21 -4.24 -25.03
C ALA H 9 94.13 -4.28 -23.81
N THR H 10 94.79 -3.16 -23.54
CA THR H 10 95.63 -3.03 -22.35
C THR H 10 95.64 -1.58 -21.92
N LEU H 11 95.44 -1.33 -20.63
CA LEU H 11 95.56 -0.01 -20.06
C LEU H 11 96.63 -0.03 -18.98
N SER H 12 97.31 1.11 -18.81
CA SER H 12 98.38 1.22 -17.83
C SER H 12 98.22 2.51 -17.05
N VAL H 13 97.02 2.77 -16.57
CA VAL H 13 96.66 4.07 -16.04
C VAL H 13 97.18 4.21 -14.61
N THR H 14 97.57 5.42 -14.24
CA THR H 14 98.04 5.74 -12.91
C THR H 14 96.88 5.69 -11.91
N PRO H 15 97.17 5.55 -10.61
CA PRO H 15 96.09 5.63 -9.62
C PRO H 15 95.48 7.01 -9.52
N GLY H 16 94.33 7.06 -8.86
CA GLY H 16 93.60 8.30 -8.70
C GLY H 16 92.96 8.81 -9.98
N ASP H 17 92.68 7.93 -10.93
CA ASP H 17 92.18 8.34 -12.23
C ASP H 17 90.85 7.68 -12.52
N ARG H 18 89.93 8.46 -13.11
CA ARG H 18 88.64 7.94 -13.54
C ARG H 18 88.74 7.41 -14.97
N VAL H 19 88.51 6.12 -15.15
CA VAL H 19 88.70 5.47 -16.43
C VAL H 19 87.38 4.87 -16.90
N SER H 20 87.42 4.30 -18.10
CA SER H 20 86.26 3.68 -18.71
C SER H 20 86.70 2.55 -19.61
N LEU H 21 86.08 1.38 -19.45
CA LEU H 21 86.41 0.18 -20.21
C LEU H 21 85.18 -0.26 -20.95
N SER H 22 85.29 -0.45 -22.26
CA SER H 22 84.15 -0.68 -23.12
C SER H 22 84.20 -2.06 -23.76
N CYS H 23 83.14 -2.83 -23.59
CA CYS H 23 82.90 -4.04 -24.35
C CYS H 23 81.82 -3.75 -25.38
N ARG H 24 82.18 -3.86 -26.65
CA ARG H 24 81.19 -3.74 -27.71
C ARG H 24 80.60 -5.11 -28.00
N ALA H 25 79.38 -5.09 -28.48
CA ALA H 25 78.59 -6.29 -28.70
C ALA H 25 78.84 -6.85 -30.09
N SER H 26 78.06 -7.86 -30.43
CA SER H 26 77.99 -8.37 -31.79
C SER H 26 76.63 -8.13 -32.43
N GLN H 27 75.55 -8.58 -31.79
CA GLN H 27 74.25 -8.54 -32.44
C GLN H 27 73.25 -7.63 -31.74
N SER H 28 72.71 -8.00 -30.57
CA SER H 28 71.67 -7.16 -29.98
C SER H 28 71.53 -7.30 -28.47
N ILE H 29 72.61 -7.57 -27.75
CA ILE H 29 72.50 -8.18 -26.42
C ILE H 29 71.91 -7.18 -25.43
N ARG H 30 70.66 -7.42 -25.06
CA ARG H 30 69.82 -6.48 -24.34
C ARG H 30 70.12 -6.61 -22.84
N ASP H 31 71.01 -5.74 -22.36
CA ASP H 31 71.45 -5.55 -20.98
C ASP H 31 71.77 -6.82 -20.19
N TYR H 32 72.19 -7.88 -20.88
CA TYR H 32 72.52 -9.13 -20.24
C TYR H 32 74.00 -9.45 -20.29
N LEU H 33 74.87 -8.48 -20.05
CA LEU H 33 76.27 -8.79 -19.90
C LEU H 33 76.65 -8.68 -18.43
N TYR H 34 77.72 -9.37 -18.06
CA TYR H 34 78.19 -9.32 -16.68
C TYR H 34 79.69 -9.10 -16.73
N TRP H 35 80.19 -8.25 -15.83
CA TRP H 35 81.61 -7.92 -15.79
C TRP H 35 82.30 -8.73 -14.71
N TYR H 36 83.48 -9.25 -15.03
CA TYR H 36 84.19 -10.14 -14.13
C TYR H 36 85.57 -9.60 -13.89
N GLN H 37 85.95 -9.49 -12.62
CA GLN H 37 87.30 -9.12 -12.24
C GLN H 37 88.03 -10.38 -11.84
N GLN H 38 89.10 -10.72 -12.57
CA GLN H 38 89.91 -11.88 -12.24
C GLN H 38 91.32 -11.40 -11.94
N LYS H 39 91.76 -11.57 -10.70
CA LYS H 39 93.13 -11.23 -10.36
C LYS H 39 94.06 -12.38 -10.77
N SER H 40 95.35 -12.19 -10.53
CA SER H 40 96.34 -13.16 -10.95
C SER H 40 96.29 -14.41 -10.09
N HIS H 41 96.28 -15.57 -10.74
CA HIS H 41 96.25 -16.89 -10.12
C HIS H 41 95.05 -17.07 -9.20
N GLU H 42 93.91 -16.53 -9.60
CA GLU H 42 92.68 -16.69 -8.84
C GLU H 42 91.54 -16.97 -9.79
N SER H 43 90.36 -17.06 -9.22
CA SER H 43 89.05 -17.23 -9.83
C SER H 43 88.37 -15.87 -9.92
N PRO H 44 87.69 -15.59 -11.03
CA PRO H 44 87.04 -14.29 -11.20
C PRO H 44 85.87 -14.08 -10.26
N ARG H 45 85.61 -12.82 -9.96
CA ARG H 45 84.52 -12.38 -9.12
C ARG H 45 83.53 -11.60 -9.98
N LEU H 46 82.56 -10.98 -9.34
CA LEU H 46 81.53 -10.24 -10.06
C LEU H 46 81.73 -8.75 -9.93
N LEU H 47 81.28 -8.03 -10.92
CA LEU H 47 81.38 -6.58 -10.85
C LEU H 47 80.07 -5.86 -11.11
N ILE H 48 79.26 -6.34 -12.05
CA ILE H 48 78.05 -5.65 -12.46
C ILE H 48 76.97 -6.70 -12.68
N LYS H 49 75.81 -6.51 -12.04
CA LYS H 49 74.72 -7.47 -12.14
C LYS H 49 74.14 -7.59 -13.55
N TYR H 50 73.50 -6.55 -14.07
CA TYR H 50 72.96 -6.67 -15.42
C TYR H 50 73.50 -5.61 -16.37
N ALA H 51 73.35 -4.34 -16.06
CA ALA H 51 74.10 -3.32 -16.77
C ALA H 51 74.68 -2.24 -15.88
N SER H 52 74.04 -1.91 -14.76
CA SER H 52 74.56 -0.95 -13.82
C SER H 52 74.39 -1.36 -12.37
N GLN H 53 73.62 -2.41 -12.09
CA GLN H 53 73.41 -2.84 -10.72
C GLN H 53 74.65 -3.52 -10.20
N SER H 54 74.97 -3.29 -8.93
CA SER H 54 76.21 -3.79 -8.35
C SER H 54 75.94 -4.90 -7.35
N ILE H 55 76.94 -5.76 -7.18
CA ILE H 55 76.92 -6.83 -6.21
C ILE H 55 77.40 -6.27 -4.88
N SER H 56 76.66 -6.57 -3.81
CA SER H 56 77.08 -6.17 -2.47
C SER H 56 78.36 -6.89 -2.08
N GLY H 57 79.28 -6.15 -1.47
CA GLY H 57 80.60 -6.63 -1.14
C GLY H 57 81.70 -6.00 -1.98
N ILE H 58 81.36 -5.58 -3.19
CA ILE H 58 82.27 -4.76 -3.99
C ILE H 58 82.46 -3.40 -3.32
N PRO H 59 83.62 -2.77 -3.42
CA PRO H 59 83.74 -1.36 -3.04
C PRO H 59 82.99 -0.44 -3.99
N SER H 60 83.11 0.87 -3.78
CA SER H 60 82.46 1.83 -4.64
C SER H 60 83.22 1.96 -5.96
N ARG H 61 82.89 3.00 -6.73
CA ARG H 61 83.52 3.46 -7.97
C ARG H 61 83.33 2.51 -9.15
N PHE H 62 82.76 1.33 -8.90
CA PHE H 62 82.54 0.34 -9.94
C PHE H 62 81.12 0.51 -10.46
N SER H 63 81.00 1.04 -11.67
CA SER H 63 79.69 1.32 -12.23
C SER H 63 79.69 0.98 -13.71
N GLY H 64 78.62 0.33 -14.15
CA GLY H 64 78.45 0.07 -15.57
C GLY H 64 77.41 0.99 -16.16
N SER H 65 77.36 1.09 -17.48
CA SER H 65 76.37 1.92 -18.15
C SER H 65 76.08 1.32 -19.52
N GLY H 66 75.10 1.91 -20.20
CA GLY H 66 74.78 1.52 -21.55
C GLY H 66 73.87 0.30 -21.62
N SER H 67 73.28 0.11 -22.80
CA SER H 67 72.44 -1.04 -23.06
C SER H 67 72.40 -1.28 -24.57
N GLY H 68 71.75 -2.37 -24.94
CA GLY H 68 71.52 -2.66 -26.34
C GLY H 68 72.70 -3.28 -27.04
N SER H 69 73.71 -2.48 -27.37
CA SER H 69 74.94 -3.02 -27.93
C SER H 69 76.20 -2.30 -27.48
N ASP H 70 76.11 -1.30 -26.62
CA ASP H 70 77.28 -0.55 -26.18
C ASP H 70 77.26 -0.48 -24.66
N PHE H 71 78.33 -0.96 -24.04
CA PHE H 71 78.44 -0.98 -22.60
C PHE H 71 79.78 -0.40 -22.18
N THR H 72 79.83 0.11 -20.96
CA THR H 72 81.05 0.73 -20.46
C THR H 72 81.17 0.41 -18.98
N LEU H 73 82.26 -0.25 -18.60
CA LEU H 73 82.62 -0.37 -17.21
C LEU H 73 83.41 0.87 -16.83
N SER H 74 82.96 1.56 -15.80
CA SER H 74 83.58 2.81 -15.37
C SER H 74 84.17 2.61 -13.98
N ILE H 75 85.46 2.94 -13.84
CA ILE H 75 86.16 2.94 -12.58
C ILE H 75 86.59 4.37 -12.31
N ASN H 76 86.31 4.87 -11.11
CA ASN H 76 86.59 6.27 -10.76
C ASN H 76 87.65 6.32 -9.67
N SER H 77 88.80 6.93 -9.97
CA SER H 77 89.93 7.11 -9.05
C SER H 77 90.41 5.76 -8.53
N VAL H 78 91.02 5.01 -9.45
CA VAL H 78 91.29 3.58 -9.27
C VAL H 78 92.23 3.31 -8.10
N GLU H 79 92.15 2.12 -7.58
CA GLU H 79 92.96 1.57 -6.52
C GLU H 79 94.29 1.11 -7.09
N PRO H 80 95.32 0.95 -6.25
CA PRO H 80 96.53 0.27 -6.73
C PRO H 80 96.35 -1.23 -6.86
N GLU H 81 95.37 -1.81 -6.18
CA GLU H 81 95.10 -3.24 -6.22
C GLU H 81 93.97 -3.59 -7.18
N ASP H 82 93.55 -2.65 -8.02
CA ASP H 82 92.55 -2.91 -9.04
C ASP H 82 93.27 -3.28 -10.32
N VAL H 83 93.99 -4.40 -10.27
CA VAL H 83 94.64 -4.97 -11.44
C VAL H 83 93.89 -6.24 -11.80
N GLY H 84 94.12 -6.74 -13.01
CA GLY H 84 93.49 -7.97 -13.41
C GLY H 84 92.92 -7.85 -14.79
N VAL H 85 92.42 -8.98 -15.28
CA VAL H 85 91.86 -9.07 -16.61
C VAL H 85 90.34 -8.95 -16.47
N TYR H 86 89.77 -7.92 -17.06
CA TYR H 86 88.37 -7.57 -16.83
C TYR H 86 87.56 -8.07 -18.01
N TYR H 87 86.76 -9.10 -17.78
CA TYR H 87 86.00 -9.75 -18.84
C TYR H 87 84.58 -9.22 -18.90
N CYS H 88 83.88 -9.60 -19.94
CA CYS H 88 82.46 -9.30 -20.08
C CYS H 88 81.77 -10.52 -20.67
N GLN H 89 80.73 -10.98 -19.99
CA GLN H 89 80.07 -12.21 -20.39
C GLN H 89 78.89 -11.88 -21.29
N ASN H 90 78.17 -12.89 -21.74
CA ASN H 90 77.06 -12.75 -22.66
C ASN H 90 75.78 -13.25 -22.01
N GLY H 91 74.65 -12.86 -22.57
CA GLY H 91 73.35 -13.30 -22.15
C GLY H 91 72.67 -14.18 -23.17
N HIS H 92 71.86 -13.56 -24.01
CA HIS H 92 71.11 -14.24 -25.06
C HIS H 92 71.63 -15.64 -25.37
N SER H 93 72.27 -15.79 -26.52
CA SER H 93 72.82 -17.08 -26.93
C SER H 93 73.38 -17.85 -25.74
N PHE H 94 73.18 -19.16 -25.76
CA PHE H 94 73.67 -20.02 -24.67
C PHE H 94 75.19 -20.01 -24.60
N PRO H 95 75.84 -20.47 -25.74
CA PRO H 95 77.31 -20.44 -25.64
C PRO H 95 77.83 -19.06 -25.25
N TYR H 96 77.86 -18.78 -23.95
CA TYR H 96 78.34 -17.49 -23.45
C TYR H 96 79.83 -17.31 -23.73
N THR H 97 80.15 -16.68 -24.86
CA THR H 97 81.53 -16.44 -25.24
C THR H 97 82.13 -15.29 -24.43
N PHE H 98 83.08 -15.61 -23.57
CA PHE H 98 83.73 -14.59 -22.75
C PHE H 98 84.50 -13.60 -23.60
N GLY H 99 84.43 -12.33 -23.23
CA GLY H 99 85.12 -11.28 -23.96
C GLY H 99 86.62 -11.54 -24.08
N GLY H 100 87.33 -10.59 -24.68
CA GLY H 100 88.76 -10.71 -24.86
C GLY H 100 89.52 -10.61 -23.55
N GLY H 101 89.82 -9.37 -23.14
CA GLY H 101 90.53 -9.14 -21.91
C GLY H 101 91.20 -7.78 -21.93
N THR H 102 91.23 -7.11 -20.77
CA THR H 102 91.82 -5.78 -20.66
C THR H 102 92.65 -5.73 -19.40
N LYS H 103 93.96 -5.93 -19.53
CA LYS H 103 94.86 -5.87 -18.40
C LYS H 103 94.99 -4.45 -17.90
N LEU H 104 95.30 -4.30 -16.62
CA LEU H 104 95.41 -3.00 -15.99
C LEU H 104 96.79 -2.88 -15.34
N GLU H 105 97.61 -2.01 -15.91
CA GLU H 105 98.94 -1.73 -15.39
C GLU H 105 98.90 -0.33 -14.77
N ILE H 106 100.04 0.16 -14.31
CA ILE H 106 100.12 1.49 -13.70
C ILE H 106 101.42 2.18 -14.11
N LYS H 107 101.87 3.13 -13.27
CA LYS H 107 103.09 3.87 -13.54
C LYS H 107 102.86 4.94 -14.61
N ARG H 108 103.72 5.96 -14.61
CA ARG H 108 103.61 7.04 -15.57
C ARG H 108 104.91 7.23 -16.35
N THR H 109 106.03 7.16 -15.62
CA THR H 109 107.35 7.32 -16.24
C THR H 109 107.94 5.97 -16.65
N VAL H 110 108.62 5.95 -17.78
CA VAL H 110 109.24 4.73 -18.29
C VAL H 110 110.75 4.73 -18.06
N ALA H 111 111.24 3.69 -17.39
CA ALA H 111 112.67 3.58 -17.12
C ALA H 111 113.30 2.47 -17.94
N ALA H 112 114.24 2.85 -18.80
CA ALA H 112 114.93 1.89 -19.66
C ALA H 112 115.46 0.71 -18.84
N PRO H 113 115.33 -0.49 -19.38
CA PRO H 113 115.79 -1.70 -18.70
C PRO H 113 117.29 -1.67 -18.47
N SER H 114 117.71 -2.25 -17.35
CA SER H 114 119.08 -2.71 -17.24
C SER H 114 119.20 -3.97 -18.08
N VAL H 115 120.19 -4.04 -18.97
CA VAL H 115 120.39 -5.22 -19.80
C VAL H 115 121.62 -5.97 -19.33
N PHE H 116 121.61 -7.30 -19.47
CA PHE H 116 122.73 -8.14 -19.08
C PHE H 116 122.73 -9.45 -19.86
N ILE H 117 123.89 -9.81 -20.40
CA ILE H 117 124.05 -11.03 -21.17
C ILE H 117 124.89 -12.03 -20.39
N PHE H 118 124.48 -13.29 -20.38
CA PHE H 118 125.22 -14.32 -19.66
C PHE H 118 125.59 -15.48 -20.57
N PRO H 119 126.89 -15.71 -20.75
CA PRO H 119 127.33 -16.81 -21.62
C PRO H 119 127.02 -18.16 -20.98
N PRO H 120 127.09 -19.26 -21.72
CA PRO H 120 126.77 -20.56 -21.15
C PRO H 120 127.85 -21.02 -20.17
N SER H 121 127.41 -21.66 -19.09
CA SER H 121 128.35 -22.15 -18.10
C SER H 121 129.16 -23.33 -18.62
N ASP H 122 130.39 -23.45 -18.14
CA ASP H 122 131.27 -24.53 -18.60
C ASP H 122 130.67 -25.89 -18.35
N GLU H 123 129.85 -26.02 -17.30
CA GLU H 123 129.22 -27.31 -17.00
C GLU H 123 128.28 -27.74 -18.12
N GLN H 124 127.54 -26.78 -18.66
CA GLN H 124 126.58 -27.03 -19.73
C GLN H 124 127.25 -27.48 -21.03
N LEU H 125 128.37 -26.86 -21.37
CA LEU H 125 129.07 -27.21 -22.60
C LEU H 125 129.62 -28.63 -22.54
N LYS H 126 129.87 -29.15 -21.34
CA LYS H 126 130.17 -30.58 -21.22
C LYS H 126 128.99 -31.40 -21.70
N SER H 127 127.79 -31.07 -21.20
CA SER H 127 126.58 -31.80 -21.53
C SER H 127 126.30 -31.82 -23.02
N GLY H 128 126.72 -30.79 -23.75
CA GLY H 128 126.58 -30.73 -25.19
C GLY H 128 125.57 -29.74 -25.71
N THR H 129 125.19 -28.75 -24.91
CA THR H 129 124.22 -27.73 -25.31
C THR H 129 124.62 -26.40 -24.66
N ALA H 130 124.26 -25.29 -25.31
CA ALA H 130 124.62 -23.94 -24.84
C ALA H 130 123.37 -23.07 -24.71
N SER H 131 123.02 -22.68 -23.49
CA SER H 131 121.99 -21.65 -23.29
C SER H 131 122.68 -20.30 -23.11
N VAL H 132 122.19 -19.30 -23.83
CA VAL H 132 122.73 -17.95 -23.76
C VAL H 132 121.60 -17.07 -23.27
N VAL H 133 121.69 -16.59 -22.04
CA VAL H 133 120.61 -15.85 -21.43
C VAL H 133 120.88 -14.37 -21.57
N CYS H 134 119.83 -13.60 -21.79
CA CYS H 134 119.90 -12.15 -21.83
C CYS H 134 118.77 -11.64 -20.95
N LEU H 135 119.11 -10.78 -20.01
CA LEU H 135 118.15 -10.30 -19.01
C LEU H 135 117.86 -8.82 -19.23
N LEU H 136 116.59 -8.42 -19.10
CA LEU H 136 116.16 -7.03 -19.16
C LEU H 136 115.49 -6.71 -17.83
N ASN H 137 116.08 -5.85 -17.04
CA ASN H 137 115.66 -5.68 -15.65
C ASN H 137 114.84 -4.42 -15.49
N ASN H 138 113.76 -4.51 -14.71
CA ASN H 138 112.88 -3.38 -14.47
C ASN H 138 112.63 -2.57 -15.74
N PHE H 139 111.35 -2.31 -16.03
CA PHE H 139 110.97 -1.56 -17.21
C PHE H 139 109.45 -1.49 -17.36
N TYR H 140 108.94 -0.28 -17.54
CA TYR H 140 107.50 -0.08 -17.70
C TYR H 140 106.99 -0.66 -19.01
N PRO H 141 107.20 0.13 -20.14
CA PRO H 141 106.70 -0.46 -21.39
C PRO H 141 107.26 -1.86 -21.62
N ARG H 142 106.39 -2.87 -21.59
CA ARG H 142 106.80 -4.25 -21.79
C ARG H 142 107.01 -4.56 -23.27
N GLU H 143 106.55 -3.65 -24.12
CA GLU H 143 106.68 -3.81 -25.57
C GLU H 143 108.14 -3.72 -26.00
N ALA H 144 109.00 -4.42 -25.28
CA ALA H 144 110.43 -4.43 -25.58
C ALA H 144 110.72 -5.48 -26.65
N LYS H 145 111.75 -5.23 -27.45
CA LYS H 145 112.23 -6.18 -28.46
C LYS H 145 113.61 -6.70 -28.07
N VAL H 146 113.79 -8.02 -28.13
CA VAL H 146 115.08 -8.67 -27.90
C VAL H 146 115.52 -9.30 -29.22
N GLN H 147 116.54 -8.73 -29.84
CA GLN H 147 117.13 -9.29 -31.05
C GLN H 147 118.46 -9.94 -30.67
N TRP H 148 118.53 -11.26 -30.81
CA TRP H 148 119.80 -11.97 -30.73
C TRP H 148 120.54 -11.83 -32.04
N LYS H 149 121.86 -11.72 -31.95
CA LYS H 149 122.71 -11.71 -33.12
C LYS H 149 123.87 -12.63 -32.82
N VAL H 150 124.24 -13.46 -33.78
CA VAL H 150 125.41 -14.30 -33.65
C VAL H 150 126.35 -13.97 -34.79
N ASP H 151 127.52 -13.41 -34.47
CA ASP H 151 128.43 -12.89 -35.47
C ASP H 151 127.73 -11.92 -36.40
N ASN H 152 126.81 -11.12 -35.83
CA ASN H 152 126.07 -10.08 -36.55
C ASN H 152 124.99 -10.64 -37.46
N ALA H 153 124.56 -11.89 -37.26
CA ALA H 153 123.47 -12.46 -38.01
C ALA H 153 122.26 -12.50 -37.10
N LEU H 154 121.17 -11.86 -37.50
CA LEU H 154 120.00 -11.86 -36.64
C LEU H 154 119.46 -13.29 -36.56
N GLN H 155 119.27 -13.77 -35.33
CA GLN H 155 118.90 -15.15 -35.04
C GLN H 155 117.39 -15.28 -34.89
N SER H 156 116.79 -16.13 -35.68
CA SER H 156 115.33 -16.30 -35.64
C SER H 156 114.98 -17.75 -35.35
N GLY H 157 114.18 -17.97 -34.32
CA GLY H 157 113.58 -19.26 -34.10
C GLY H 157 114.33 -20.21 -33.20
N ASN H 158 115.27 -19.73 -32.42
CA ASN H 158 115.92 -20.55 -31.42
C ASN H 158 115.96 -19.84 -30.06
N SER H 159 115.03 -18.92 -29.83
CA SER H 159 114.98 -18.20 -28.55
C SER H 159 113.60 -18.39 -27.93
N GLN H 160 113.55 -18.16 -26.62
CA GLN H 160 112.30 -18.11 -25.86
C GLN H 160 112.41 -16.99 -24.82
N GLU H 161 111.30 -16.28 -24.61
CA GLU H 161 111.22 -15.22 -23.62
C GLU H 161 110.19 -15.59 -22.57
N SER H 162 110.34 -15.01 -21.38
CA SER H 162 109.21 -14.87 -20.47
C SER H 162 109.39 -13.58 -19.68
N VAL H 163 108.28 -13.12 -19.12
CA VAL H 163 108.16 -11.79 -18.54
C VAL H 163 107.46 -11.93 -17.19
N THR H 164 107.80 -11.06 -16.26
CA THR H 164 107.24 -11.18 -14.93
C THR H 164 105.96 -10.37 -14.82
N GLU H 165 105.20 -10.66 -13.78
CA GLU H 165 104.04 -9.82 -13.49
C GLU H 165 104.51 -8.43 -13.08
N GLN H 166 103.71 -7.43 -13.43
CA GLN H 166 104.01 -6.06 -13.05
C GLN H 166 104.31 -5.98 -11.56
N ASP H 167 105.47 -5.41 -11.22
CA ASP H 167 105.97 -5.42 -9.86
C ASP H 167 105.10 -4.59 -8.92
N SER H 168 104.74 -5.17 -7.77
CA SER H 168 103.86 -4.49 -6.83
C SER H 168 104.50 -3.27 -6.18
N LYS H 169 105.83 -3.17 -6.17
CA LYS H 169 106.48 -1.98 -5.60
C LYS H 169 106.65 -0.86 -6.63
N ASP H 170 107.41 -1.11 -7.69
CA ASP H 170 107.76 -0.06 -8.64
C ASP H 170 107.06 -0.19 -9.98
N SER H 171 106.09 -1.11 -10.10
CA SER H 171 105.22 -1.21 -11.28
C SER H 171 106.00 -1.43 -12.58
N THR H 172 107.12 -2.13 -12.52
CA THR H 172 107.95 -2.41 -13.69
C THR H 172 107.81 -3.85 -14.13
N TYR H 173 108.40 -4.17 -15.28
CA TYR H 173 108.44 -5.52 -15.78
C TYR H 173 109.89 -5.98 -15.87
N SER H 174 110.10 -7.28 -15.94
CA SER H 174 111.43 -7.82 -16.17
C SER H 174 111.31 -8.99 -17.14
N LEU H 175 112.30 -9.13 -18.03
CA LEU H 175 112.19 -10.08 -19.14
C LEU H 175 113.47 -10.86 -19.29
N SER H 176 113.32 -12.16 -19.58
CA SER H 176 114.45 -13.05 -19.75
C SER H 176 114.30 -13.77 -21.08
N SER H 177 115.26 -13.60 -21.98
CA SER H 177 115.27 -14.31 -23.25
C SER H 177 116.41 -15.31 -23.27
N THR H 178 116.12 -16.55 -23.64
CA THR H 178 117.11 -17.62 -23.67
C THR H 178 117.32 -18.10 -25.12
N LEU H 179 118.57 -18.08 -25.57
CA LEU H 179 118.95 -18.59 -26.88
C LEU H 179 119.57 -19.95 -26.69
N THR H 180 119.08 -20.97 -27.41
CA THR H 180 119.56 -22.33 -27.20
C THR H 180 120.22 -22.88 -28.46
N LEU H 181 121.47 -23.34 -28.30
CA LEU H 181 122.31 -23.85 -29.35
C LEU H 181 122.91 -25.19 -28.93
N SER H 182 123.42 -25.92 -29.91
CA SER H 182 124.20 -27.09 -29.58
C SER H 182 125.63 -26.67 -29.23
N LYS H 183 126.35 -27.53 -28.50
CA LYS H 183 127.77 -27.24 -28.27
C LYS H 183 128.48 -27.07 -29.58
N ALA H 184 128.26 -28.01 -30.51
CA ALA H 184 128.90 -27.96 -31.83
C ALA H 184 128.64 -26.63 -32.54
N ASP H 185 127.37 -26.24 -32.66
CA ASP H 185 127.05 -24.98 -33.35
C ASP H 185 127.52 -23.77 -32.55
N TYR H 186 127.54 -23.87 -31.22
CA TYR H 186 128.02 -22.77 -30.40
C TYR H 186 129.48 -22.45 -30.75
N GLU H 187 130.33 -23.47 -30.74
CA GLU H 187 131.75 -23.43 -31.08
C GLU H 187 132.05 -23.04 -32.53
N LYS H 188 131.05 -22.72 -33.36
CA LYS H 188 131.27 -22.30 -34.74
C LYS H 188 131.27 -20.79 -34.93
N HIS H 189 130.94 -20.01 -33.90
CA HIS H 189 130.83 -18.56 -33.99
C HIS H 189 131.53 -17.91 -32.80
N LYS H 190 131.73 -16.58 -32.89
CA LYS H 190 132.51 -15.86 -31.88
C LYS H 190 131.66 -14.90 -31.05
N VAL H 191 131.12 -13.84 -31.65
CA VAL H 191 130.42 -12.80 -30.91
C VAL H 191 128.98 -13.22 -30.69
N TYR H 192 128.55 -13.24 -29.43
CA TYR H 192 127.14 -13.40 -29.10
C TYR H 192 126.65 -12.08 -28.52
N ALA H 193 125.60 -11.54 -29.12
CA ALA H 193 125.08 -10.22 -28.82
C ALA H 193 123.60 -10.30 -28.57
N CYS H 194 123.10 -9.36 -27.78
CA CYS H 194 121.70 -9.27 -27.41
C CYS H 194 121.34 -7.80 -27.53
N GLU H 195 120.51 -7.43 -28.49
CA GLU H 195 120.21 -6.01 -28.76
C GLU H 195 118.79 -5.72 -28.33
N VAL H 196 118.64 -4.85 -27.33
CA VAL H 196 117.33 -4.53 -26.74
C VAL H 196 116.84 -3.18 -27.24
N THR H 197 115.60 -3.16 -27.72
CA THR H 197 114.93 -1.94 -28.17
C THR H 197 113.82 -1.60 -27.18
N HIS H 198 113.67 -0.32 -26.83
CA HIS H 198 112.71 0.06 -25.81
C HIS H 198 112.53 1.57 -25.83
N GLN H 199 111.35 2.00 -25.37
CA GLN H 199 110.98 3.40 -25.48
C GLN H 199 111.85 4.29 -24.59
N GLY H 200 112.34 3.77 -23.47
CA GLY H 200 113.24 4.52 -22.63
C GLY H 200 114.68 4.58 -23.13
N LEU H 201 114.99 3.88 -24.22
CA LEU H 201 116.28 3.95 -24.87
C LEU H 201 116.18 4.81 -26.13
N SER H 202 117.08 5.78 -26.27
CA SER H 202 117.08 6.61 -27.46
C SER H 202 117.54 5.82 -28.69
N SER H 203 118.49 4.91 -28.52
CA SER H 203 118.83 3.94 -29.55
C SER H 203 119.15 2.63 -28.86
N PRO H 204 119.01 1.50 -29.56
CA PRO H 204 119.01 0.21 -28.87
C PRO H 204 120.34 -0.07 -28.19
N VAL H 205 120.25 -0.85 -27.13
CA VAL H 205 121.40 -1.22 -26.33
C VAL H 205 121.76 -2.63 -26.71
N THR H 206 123.04 -2.88 -26.93
CA THR H 206 123.56 -4.22 -27.18
C THR H 206 124.52 -4.59 -26.08
N LYS H 207 124.26 -5.71 -25.41
CA LYS H 207 125.23 -6.34 -24.53
C LYS H 207 125.76 -7.59 -25.22
N SER H 208 127.08 -7.78 -25.20
CA SER H 208 127.65 -8.86 -25.98
C SER H 208 128.92 -9.38 -25.31
N PHE H 209 129.24 -10.63 -25.61
CA PHE H 209 130.48 -11.24 -25.18
C PHE H 209 131.11 -11.97 -26.36
N ASN H 210 132.34 -12.43 -26.17
CA ASN H 210 133.10 -13.12 -27.19
C ASN H 210 133.42 -14.49 -26.65
N ARG H 211 132.82 -15.52 -27.25
CA ARG H 211 133.01 -16.90 -26.78
C ARG H 211 134.48 -17.20 -26.59
N GLY H 212 134.83 -17.57 -25.36
CA GLY H 212 136.17 -18.03 -25.08
C GLY H 212 137.14 -16.97 -24.64
N GLU H 213 136.66 -15.82 -24.16
CA GLU H 213 137.52 -14.74 -23.69
C GLU H 213 137.21 -14.48 -22.20
N CYS H 214 138.06 -15.00 -21.32
CA CYS H 214 137.97 -14.73 -19.87
C CYS H 214 137.86 -13.23 -19.63
#